data_2DLX
#
_entry.id   2DLX
#
_entity_poly.entity_id   1
_entity_poly.type   'polypeptide(L)'
_entity_poly.pdbx_seq_one_letter_code
;GSSGSSGIDKKLTTLADLFRPPIDLMHKGSFETAKECGQMQNKWLMINIQNVQDFACQCLNRDVWSNEAVKNIIREHFIF
WQVYHDSEEGQRYIQFYKLGDFPYVSILDPRTGQKLVEWHQLDVSSFLDQVTGFLGEHGQLDGLSSSSGPSSG
;
_entity_poly.pdbx_strand_id   A
#
# COMPACT_ATOMS: atom_id res chain seq x y z
N GLY A 1 20.79 24.89 10.61
CA GLY A 1 19.39 24.80 10.98
C GLY A 1 19.00 25.82 12.02
N SER A 2 18.53 26.98 11.57
CA SER A 2 18.11 28.04 12.48
C SER A 2 16.96 27.59 13.37
N SER A 3 15.85 27.21 12.74
CA SER A 3 14.68 26.75 13.48
C SER A 3 13.91 25.71 12.68
N GLY A 4 13.13 24.89 13.39
CA GLY A 4 12.35 23.86 12.73
C GLY A 4 10.90 23.88 13.13
N SER A 5 10.04 24.38 12.24
CA SER A 5 8.62 24.46 12.51
C SER A 5 7.98 23.08 12.51
N SER A 6 7.12 22.83 13.49
CA SER A 6 6.44 21.54 13.60
C SER A 6 4.93 21.72 13.64
N GLY A 7 4.22 20.85 12.93
CA GLY A 7 2.77 20.92 12.89
C GLY A 7 2.12 19.56 12.81
N ILE A 8 1.83 18.98 13.96
CA ILE A 8 1.20 17.66 14.02
C ILE A 8 -0.32 17.78 14.08
N ASP A 9 -1.01 16.97 13.29
CA ASP A 9 -2.46 16.98 13.26
C ASP A 9 -3.02 15.56 13.30
N LYS A 10 -3.97 15.33 14.21
CA LYS A 10 -4.58 14.02 14.34
C LYS A 10 -5.85 13.91 13.50
N LYS A 11 -6.02 12.76 12.85
CA LYS A 11 -7.19 12.53 12.00
C LYS A 11 -7.73 11.12 12.21
N LEU A 12 -9.03 11.04 12.51
CA LEU A 12 -9.67 9.74 12.73
C LEU A 12 -11.19 9.88 12.65
N THR A 13 -11.87 8.75 12.50
CA THR A 13 -13.33 8.73 12.40
C THR A 13 -13.94 7.97 13.58
N THR A 14 -14.91 8.61 14.24
CA THR A 14 -15.57 7.99 15.39
C THR A 14 -16.72 7.09 14.93
N LEU A 15 -17.66 7.66 14.18
CA LEU A 15 -18.80 6.90 13.68
C LEU A 15 -18.35 5.86 12.65
N ALA A 16 -18.76 4.62 12.86
CA ALA A 16 -18.40 3.54 11.94
C ALA A 16 -19.46 2.43 11.96
N ASP A 17 -19.64 1.78 10.83
CA ASP A 17 -20.62 0.70 10.71
C ASP A 17 -20.43 -0.06 9.40
N LEU A 18 -21.24 -1.10 9.21
CA LEU A 18 -21.17 -1.91 8.00
C LEU A 18 -21.41 -1.06 6.75
N PHE A 19 -22.40 -0.19 6.83
CA PHE A 19 -22.74 0.69 5.72
C PHE A 19 -21.49 1.16 4.99
N ARG A 20 -20.37 1.20 5.72
CA ARG A 20 -19.10 1.64 5.16
C ARG A 20 -18.09 0.50 5.16
N PRO A 21 -17.24 0.47 4.11
CA PRO A 21 -16.22 -0.57 3.97
C PRO A 21 -15.09 -0.43 4.99
N PRO A 22 -14.24 -1.46 5.08
CA PRO A 22 -13.13 -1.48 6.03
C PRO A 22 -12.04 -0.49 5.65
N ILE A 23 -12.25 0.78 5.98
CA ILE A 23 -11.28 1.83 5.68
C ILE A 23 -9.91 1.48 6.24
N ASP A 24 -9.88 0.79 7.37
CA ASP A 24 -8.63 0.40 8.00
C ASP A 24 -7.59 0.03 6.96
N LEU A 25 -8.03 -0.67 5.92
CA LEU A 25 -7.13 -1.09 4.84
C LEU A 25 -6.86 0.06 3.88
N MET A 26 -7.94 0.64 3.36
CA MET A 26 -7.82 1.75 2.42
C MET A 26 -7.33 3.01 3.13
N HIS A 27 -6.07 3.37 2.90
CA HIS A 27 -5.49 4.55 3.52
C HIS A 27 -6.09 5.83 2.93
N LYS A 28 -5.79 6.95 3.56
CA LYS A 28 -6.30 8.24 3.10
C LYS A 28 -5.73 8.60 1.74
N GLY A 29 -6.45 9.42 0.98
CA GLY A 29 -6.00 9.82 -0.34
C GLY A 29 -4.91 10.87 -0.27
N SER A 30 -3.90 10.61 0.55
CA SER A 30 -2.78 11.54 0.70
C SER A 30 -1.45 10.82 0.55
N PHE A 31 -0.46 11.52 0.01
CA PHE A 31 0.88 10.94 -0.18
C PHE A 31 1.77 11.21 1.03
N GLU A 32 1.73 12.44 1.53
CA GLU A 32 2.53 12.82 2.69
C GLU A 32 2.29 11.87 3.86
N THR A 33 1.02 11.72 4.23
CA THR A 33 0.65 10.84 5.33
C THR A 33 1.24 9.45 5.15
N ALA A 34 0.96 8.84 4.00
CA ALA A 34 1.47 7.51 3.71
C ALA A 34 2.90 7.33 4.21
N LYS A 35 3.80 8.16 3.71
CA LYS A 35 5.20 8.10 4.11
C LYS A 35 5.36 8.45 5.59
N GLU A 36 4.64 9.49 6.02
CA GLU A 36 4.70 9.93 7.40
C GLU A 36 4.41 8.77 8.36
N CYS A 37 3.17 8.28 8.32
CA CYS A 37 2.77 7.18 9.19
C CYS A 37 3.89 6.14 9.31
N GLY A 38 4.41 5.71 8.18
CA GLY A 38 5.48 4.72 8.18
C GLY A 38 6.44 4.92 9.33
N GLN A 39 6.77 6.18 9.62
CA GLN A 39 7.69 6.50 10.71
C GLN A 39 7.07 6.17 12.06
N MET A 40 6.04 6.92 12.43
CA MET A 40 5.36 6.71 13.70
C MET A 40 5.02 5.23 13.89
N GLN A 41 4.33 4.65 12.92
CA GLN A 41 3.95 3.25 12.99
C GLN A 41 5.16 2.34 12.83
N ASN A 42 6.20 2.86 12.19
CA ASN A 42 7.42 2.10 11.98
C ASN A 42 7.16 0.89 11.09
N LYS A 43 6.46 1.12 9.98
CA LYS A 43 6.14 0.04 9.05
C LYS A 43 6.62 0.39 7.65
N TRP A 44 6.62 -0.61 6.76
CA TRP A 44 7.06 -0.42 5.39
C TRP A 44 5.97 0.26 4.56
N LEU A 45 6.37 0.86 3.44
CA LEU A 45 5.43 1.53 2.56
C LEU A 45 5.30 0.81 1.22
N MET A 46 4.09 0.35 0.92
CA MET A 46 3.85 -0.36 -0.34
C MET A 46 2.97 0.47 -1.26
N ILE A 47 3.54 0.88 -2.39
CA ILE A 47 2.81 1.68 -3.37
C ILE A 47 2.17 0.80 -4.44
N ASN A 48 0.97 1.18 -4.87
CA ASN A 48 0.26 0.42 -5.90
C ASN A 48 -0.42 1.36 -6.89
N ILE A 49 0.01 1.29 -8.14
CA ILE A 49 -0.56 2.12 -9.20
C ILE A 49 -1.42 1.31 -10.15
N GLN A 50 -2.55 1.87 -10.56
CA GLN A 50 -3.46 1.19 -11.48
C GLN A 50 -4.05 2.17 -12.48
N ASN A 51 -3.76 1.97 -13.76
CA ASN A 51 -4.26 2.83 -14.82
C ASN A 51 -5.78 2.82 -14.85
N VAL A 52 -6.37 3.93 -15.30
CA VAL A 52 -7.83 4.04 -15.39
C VAL A 52 -8.46 2.72 -15.79
N GLN A 53 -7.83 2.03 -16.74
CA GLN A 53 -8.34 0.74 -17.21
C GLN A 53 -8.04 -0.37 -16.21
N ASP A 54 -9.09 -0.93 -15.63
CA ASP A 54 -8.93 -2.00 -14.65
C ASP A 54 -8.77 -3.34 -15.34
N PHE A 55 -8.47 -3.30 -16.63
CA PHE A 55 -8.28 -4.52 -17.41
C PHE A 55 -7.10 -5.34 -16.88
N ALA A 56 -6.01 -4.64 -16.57
CA ALA A 56 -4.82 -5.29 -16.06
C ALA A 56 -4.96 -5.62 -14.57
N CYS A 57 -5.56 -4.70 -13.83
CA CYS A 57 -5.76 -4.89 -12.39
C CYS A 57 -6.70 -6.07 -12.13
N GLN A 58 -7.88 -6.03 -12.75
CA GLN A 58 -8.86 -7.09 -12.58
C GLN A 58 -8.19 -8.45 -12.49
N CYS A 59 -7.11 -8.62 -13.23
CA CYS A 59 -6.36 -9.89 -13.24
C CYS A 59 -5.78 -10.17 -11.86
N LEU A 60 -5.07 -9.20 -11.31
CA LEU A 60 -4.45 -9.36 -9.99
C LEU A 60 -5.51 -9.33 -8.89
N ASN A 61 -6.39 -8.34 -8.96
CA ASN A 61 -7.45 -8.20 -7.97
C ASN A 61 -8.25 -9.50 -7.83
N ARG A 62 -8.02 -10.42 -8.77
CA ARG A 62 -8.71 -11.70 -8.75
C ARG A 62 -8.22 -12.58 -7.60
N ASP A 63 -6.94 -12.94 -7.64
CA ASP A 63 -6.34 -13.77 -6.61
C ASP A 63 -5.21 -13.02 -5.90
N VAL A 64 -4.45 -12.25 -6.67
CA VAL A 64 -3.34 -11.49 -6.11
C VAL A 64 -3.77 -10.70 -4.88
N TRP A 65 -4.58 -9.67 -5.11
CA TRP A 65 -5.07 -8.83 -4.03
C TRP A 65 -6.18 -9.53 -3.26
N SER A 66 -7.15 -10.08 -3.99
CA SER A 66 -8.28 -10.77 -3.37
C SER A 66 -7.82 -11.58 -2.16
N ASN A 67 -6.61 -12.12 -2.24
CA ASN A 67 -6.05 -12.92 -1.15
C ASN A 67 -6.12 -12.15 0.17
N GLU A 68 -7.03 -12.59 1.05
CA GLU A 68 -7.19 -11.95 2.35
C GLU A 68 -5.86 -11.79 3.05
N ALA A 69 -4.95 -12.74 2.82
CA ALA A 69 -3.63 -12.70 3.43
C ALA A 69 -2.81 -11.54 2.90
N VAL A 70 -2.85 -11.33 1.59
CA VAL A 70 -2.12 -10.25 0.95
C VAL A 70 -2.59 -8.89 1.46
N LYS A 71 -3.90 -8.76 1.63
CA LYS A 71 -4.48 -7.51 2.11
C LYS A 71 -4.15 -7.28 3.58
N ASN A 72 -4.28 -8.34 4.37
CA ASN A 72 -3.99 -8.25 5.80
C ASN A 72 -2.52 -7.92 6.04
N ILE A 73 -1.66 -8.39 5.14
CA ILE A 73 -0.23 -8.13 5.26
C ILE A 73 0.13 -6.74 4.76
N ILE A 74 -0.33 -6.41 3.56
CA ILE A 74 -0.06 -5.10 2.98
C ILE A 74 -0.66 -3.98 3.83
N ARG A 75 -1.66 -4.32 4.63
CA ARG A 75 -2.30 -3.35 5.51
C ARG A 75 -1.59 -3.27 6.85
N GLU A 76 -1.16 -4.42 7.36
CA GLU A 76 -0.47 -4.49 8.64
C GLU A 76 1.03 -4.21 8.47
N HIS A 77 1.72 -5.13 7.82
CA HIS A 77 3.16 -4.99 7.59
C HIS A 77 3.46 -3.69 6.85
N PHE A 78 2.88 -3.54 5.67
CA PHE A 78 3.08 -2.34 4.86
C PHE A 78 1.87 -1.41 4.94
N ILE A 79 1.96 -0.26 4.28
CA ILE A 79 0.89 0.72 4.28
C ILE A 79 0.13 0.69 2.96
N PHE A 80 -1.04 0.07 2.96
CA PHE A 80 -1.86 -0.03 1.76
C PHE A 80 -2.17 1.36 1.20
N TRP A 81 -1.55 1.69 0.08
CA TRP A 81 -1.76 2.99 -0.56
C TRP A 81 -1.79 2.86 -2.07
N GLN A 82 -2.97 3.04 -2.66
CA GLN A 82 -3.12 2.94 -4.11
C GLN A 82 -3.78 4.20 -4.67
N VAL A 83 -3.33 4.61 -5.85
CA VAL A 83 -3.88 5.80 -6.50
C VAL A 83 -3.80 5.69 -8.02
N TYR A 84 -4.86 6.09 -8.69
CA TYR A 84 -4.90 6.03 -10.15
C TYR A 84 -3.93 7.04 -10.77
N HIS A 85 -3.48 6.74 -11.98
CA HIS A 85 -2.55 7.61 -12.69
C HIS A 85 -3.23 8.92 -13.08
N ASP A 86 -4.42 8.82 -13.64
CA ASP A 86 -5.18 9.99 -14.07
C ASP A 86 -5.14 11.07 -13.00
N SER A 87 -5.43 10.69 -11.75
CA SER A 87 -5.43 11.63 -10.64
C SER A 87 -4.09 12.36 -10.55
N GLU A 88 -4.04 13.37 -9.68
CA GLU A 88 -2.82 14.15 -9.49
C GLU A 88 -1.72 13.31 -8.86
N GLU A 89 -2.00 12.75 -7.69
CA GLU A 89 -1.04 11.92 -6.99
C GLU A 89 -0.37 10.93 -7.94
N GLY A 90 -1.18 10.29 -8.78
CA GLY A 90 -0.65 9.33 -9.73
C GLY A 90 0.26 9.97 -10.76
N GLN A 91 -0.18 11.08 -11.34
CA GLN A 91 0.59 11.79 -12.35
C GLN A 91 2.01 12.06 -11.85
N ARG A 92 2.11 12.63 -10.65
CA ARG A 92 3.40 12.95 -10.06
C ARG A 92 4.22 11.67 -9.83
N TYR A 93 3.67 10.76 -9.03
CA TYR A 93 4.35 9.50 -8.72
C TYR A 93 5.12 9.00 -9.94
N ILE A 94 4.53 9.15 -11.11
CA ILE A 94 5.16 8.71 -12.35
C ILE A 94 6.55 9.32 -12.51
N GLN A 95 6.60 10.64 -12.59
CA GLN A 95 7.86 11.35 -12.74
C GLN A 95 8.86 10.92 -11.66
N PHE A 96 8.34 10.63 -10.47
CA PHE A 96 9.19 10.21 -9.36
C PHE A 96 10.16 9.12 -9.78
N TYR A 97 9.62 8.00 -10.24
CA TYR A 97 10.43 6.88 -10.69
C TYR A 97 10.38 6.73 -12.20
N LYS A 98 9.85 7.75 -12.87
CA LYS A 98 9.74 7.74 -14.32
C LYS A 98 8.97 6.51 -14.80
N LEU A 99 7.88 6.18 -14.12
CA LEU A 99 7.06 5.03 -14.47
C LEU A 99 6.58 5.12 -15.93
N GLY A 100 6.26 3.97 -16.51
CA GLY A 100 5.79 3.96 -17.88
C GLY A 100 4.90 2.75 -18.17
N ASP A 101 5.18 1.64 -17.51
CA ASP A 101 4.41 0.42 -17.71
C ASP A 101 3.47 0.18 -16.53
N PHE A 102 2.59 -0.80 -16.67
CA PHE A 102 1.64 -1.13 -15.61
C PHE A 102 1.20 -2.59 -15.70
N PRO A 103 0.82 -3.17 -14.56
CA PRO A 103 0.84 -2.46 -13.28
C PRO A 103 2.25 -2.16 -12.79
N TYR A 104 2.35 -1.38 -11.71
CA TYR A 104 3.63 -1.01 -11.15
C TYR A 104 3.61 -1.13 -9.62
N VAL A 105 4.41 -2.04 -9.10
CA VAL A 105 4.49 -2.25 -7.66
C VAL A 105 5.93 -2.18 -7.17
N SER A 106 6.13 -1.49 -6.06
CA SER A 106 7.48 -1.34 -5.49
C SER A 106 7.39 -1.02 -3.99
N ILE A 107 8.49 -1.26 -3.28
CA ILE A 107 8.54 -1.01 -1.84
C ILE A 107 9.45 0.18 -1.53
N LEU A 108 8.87 1.23 -0.99
CA LEU A 108 9.63 2.43 -0.64
C LEU A 108 9.79 2.56 0.87
N ASP A 109 10.84 3.24 1.30
CA ASP A 109 11.09 3.44 2.72
C ASP A 109 10.53 4.78 3.20
N PRO A 110 9.64 4.72 4.20
CA PRO A 110 9.01 5.92 4.77
C PRO A 110 10.00 6.77 5.56
N ARG A 111 11.21 6.27 5.72
CA ARG A 111 12.24 6.97 6.47
C ARG A 111 13.17 7.73 5.52
N THR A 112 13.66 7.03 4.49
CA THR A 112 14.56 7.62 3.52
C THR A 112 13.84 7.91 2.21
N GLY A 113 12.91 7.04 1.85
CA GLY A 113 12.16 7.22 0.61
C GLY A 113 12.94 6.78 -0.61
N GLN A 114 13.71 5.71 -0.47
CA GLN A 114 14.52 5.20 -1.57
C GLN A 114 14.05 3.81 -1.99
N LYS A 115 13.74 3.66 -3.27
CA LYS A 115 13.28 2.39 -3.81
C LYS A 115 14.26 1.27 -3.48
N LEU A 116 13.79 0.26 -2.77
CA LEU A 116 14.62 -0.87 -2.39
C LEU A 116 14.43 -2.04 -3.35
N VAL A 117 13.18 -2.29 -3.74
CA VAL A 117 12.86 -3.36 -4.67
C VAL A 117 11.91 -2.90 -5.75
N GLU A 118 11.93 -3.58 -6.89
CA GLU A 118 11.06 -3.24 -8.01
C GLU A 118 10.54 -4.50 -8.70
N TRP A 119 9.22 -4.59 -8.83
CA TRP A 119 8.60 -5.74 -9.47
C TRP A 119 7.54 -5.29 -10.48
N HIS A 120 7.61 -5.84 -11.69
CA HIS A 120 6.66 -5.50 -12.75
C HIS A 120 5.43 -6.40 -12.68
N GLN A 121 5.66 -7.72 -12.69
CA GLN A 121 4.57 -8.68 -12.64
C GLN A 121 4.56 -9.41 -11.30
N LEU A 122 3.45 -9.30 -10.58
CA LEU A 122 3.30 -9.95 -9.28
C LEU A 122 2.36 -11.15 -9.37
N ASP A 123 2.43 -12.02 -8.37
CA ASP A 123 1.58 -13.20 -8.34
C ASP A 123 1.30 -13.63 -6.90
N VAL A 124 0.25 -14.43 -6.71
CA VAL A 124 -0.13 -14.90 -5.39
C VAL A 124 1.06 -15.56 -4.69
N SER A 125 1.79 -16.40 -5.41
CA SER A 125 2.95 -17.09 -4.86
C SER A 125 4.17 -16.18 -4.85
N SER A 126 4.42 -15.50 -5.96
CA SER A 126 5.56 -14.60 -6.08
C SER A 126 5.47 -13.49 -5.04
N PHE A 127 4.43 -12.68 -5.13
CA PHE A 127 4.23 -11.57 -4.19
C PHE A 127 4.60 -11.99 -2.77
N LEU A 128 3.94 -13.04 -2.28
CA LEU A 128 4.20 -13.54 -0.93
C LEU A 128 5.68 -13.84 -0.74
N ASP A 129 6.22 -14.74 -1.56
CA ASP A 129 7.62 -15.12 -1.47
C ASP A 129 8.50 -13.89 -1.33
N GLN A 130 8.38 -12.97 -2.29
CA GLN A 130 9.18 -11.74 -2.27
C GLN A 130 8.99 -11.00 -0.96
N VAL A 131 7.76 -10.60 -0.67
CA VAL A 131 7.44 -9.88 0.56
C VAL A 131 8.03 -10.59 1.77
N THR A 132 7.52 -11.79 2.04
CA THR A 132 7.99 -12.58 3.18
C THR A 132 9.51 -12.58 3.26
N GLY A 133 10.16 -12.81 2.12
CA GLY A 133 11.61 -12.83 2.09
C GLY A 133 12.22 -11.52 2.53
N PHE A 134 11.59 -10.41 2.12
CA PHE A 134 12.09 -9.09 2.48
C PHE A 134 11.86 -8.80 3.97
N LEU A 135 10.70 -9.22 4.47
CA LEU A 135 10.35 -9.01 5.87
C LEU A 135 11.30 -9.79 6.79
N GLY A 136 11.61 -11.02 6.39
CA GLY A 136 12.50 -11.85 7.19
C GLY A 136 13.96 -11.50 6.99
N GLU A 137 14.30 -11.09 5.76
CA GLU A 137 15.68 -10.73 5.44
C GLU A 137 16.06 -9.41 6.10
N HIS A 138 15.31 -8.36 5.79
CA HIS A 138 15.56 -7.04 6.34
C HIS A 138 14.93 -6.90 7.72
N GLY A 139 13.59 -6.89 7.75
CA GLY A 139 12.89 -6.76 9.01
C GLY A 139 12.20 -5.41 9.15
N GLN A 140 11.14 -5.37 9.97
CA GLN A 140 10.39 -4.14 10.19
C GLN A 140 11.32 -3.01 10.64
N LEU A 141 10.83 -1.78 10.57
CA LEU A 141 11.61 -0.62 10.97
C LEU A 141 12.08 -0.76 12.42
N ASP A 142 12.95 0.15 12.83
CA ASP A 142 13.48 0.14 14.20
C ASP A 142 12.84 1.23 15.05
N GLY A 143 12.83 1.01 16.36
CA GLY A 143 12.24 1.99 17.26
C GLY A 143 11.63 1.35 18.49
N LEU A 144 10.36 1.62 18.75
CA LEU A 144 9.68 1.07 19.91
C LEU A 144 9.05 -0.28 19.58
N SER A 145 9.05 -1.19 20.54
CA SER A 145 8.49 -2.52 20.35
C SER A 145 7.06 -2.59 20.90
N SER A 146 6.15 -3.10 20.10
CA SER A 146 4.75 -3.23 20.50
C SER A 146 4.25 -4.65 20.32
N SER A 147 3.82 -5.27 21.41
CA SER A 147 3.32 -6.64 21.37
C SER A 147 1.93 -6.69 20.75
N SER A 148 1.79 -7.40 19.64
CA SER A 148 0.52 -7.52 18.96
C SER A 148 0.01 -8.97 19.00
N GLY A 149 -1.25 -9.15 19.38
CA GLY A 149 -1.83 -10.48 19.45
C GLY A 149 -1.30 -11.27 20.63
N PRO A 150 -2.15 -12.15 21.19
CA PRO A 150 -1.79 -12.99 22.33
C PRO A 150 -0.77 -14.07 21.95
N SER A 151 -0.37 -14.87 22.93
CA SER A 151 0.59 -15.93 22.71
C SER A 151 -0.10 -17.29 22.64
N SER A 152 0.31 -18.11 21.69
CA SER A 152 -0.27 -19.44 21.52
C SER A 152 0.75 -20.53 21.85
N GLY A 153 0.26 -21.69 22.26
CA GLY A 153 1.14 -22.79 22.60
C GLY A 153 1.66 -22.72 24.02
N GLY A 1 -10.77 -21.00 -21.22
CA GLY A 1 -11.54 -19.80 -20.94
C GLY A 1 -11.94 -19.05 -22.19
N SER A 2 -13.14 -19.30 -22.68
CA SER A 2 -13.62 -18.65 -23.89
C SER A 2 -13.98 -17.19 -23.62
N SER A 3 -13.76 -16.34 -24.62
CA SER A 3 -14.05 -14.92 -24.49
C SER A 3 -15.04 -14.46 -25.56
N GLY A 4 -15.64 -13.29 -25.35
CA GLY A 4 -16.59 -12.76 -26.30
C GLY A 4 -17.14 -11.42 -25.88
N SER A 5 -18.23 -11.00 -26.52
CA SER A 5 -18.86 -9.71 -26.21
C SER A 5 -20.36 -9.88 -25.98
N SER A 6 -20.76 -9.86 -24.72
CA SER A 6 -22.18 -10.02 -24.37
C SER A 6 -22.66 -8.81 -23.57
N GLY A 7 -23.98 -8.60 -23.58
CA GLY A 7 -24.55 -7.48 -22.85
C GLY A 7 -24.18 -7.49 -21.38
N ILE A 8 -23.16 -6.72 -21.03
CA ILE A 8 -22.70 -6.63 -19.66
C ILE A 8 -23.09 -5.31 -19.02
N ASP A 9 -23.42 -5.35 -17.73
CA ASP A 9 -23.81 -4.14 -17.01
C ASP A 9 -23.57 -4.31 -15.51
N LYS A 10 -23.70 -3.21 -14.78
CA LYS A 10 -23.50 -3.23 -13.33
C LYS A 10 -24.60 -2.47 -12.61
N LYS A 11 -25.36 -3.18 -11.78
CA LYS A 11 -26.46 -2.57 -11.03
C LYS A 11 -26.35 -2.91 -9.55
N LEU A 12 -27.17 -2.24 -8.74
CA LEU A 12 -27.18 -2.47 -7.30
C LEU A 12 -28.39 -3.30 -6.89
N THR A 13 -28.46 -3.64 -5.60
CA THR A 13 -29.56 -4.42 -5.07
C THR A 13 -29.61 -4.34 -3.55
N THR A 14 -30.82 -4.49 -3.00
CA THR A 14 -31.00 -4.43 -1.56
C THR A 14 -30.18 -5.50 -0.85
N LEU A 15 -29.68 -5.17 0.34
CA LEU A 15 -28.86 -6.10 1.12
C LEU A 15 -28.85 -5.70 2.59
N ALA A 16 -28.23 -6.55 3.42
CA ALA A 16 -28.14 -6.28 4.84
C ALA A 16 -27.35 -5.01 5.12
N ASP A 17 -27.95 -4.08 5.84
CA ASP A 17 -27.30 -2.82 6.18
C ASP A 17 -25.94 -3.06 6.80
N LEU A 18 -24.89 -2.78 6.04
CA LEU A 18 -23.52 -2.98 6.52
C LEU A 18 -23.29 -2.21 7.82
N PHE A 19 -22.41 -2.76 8.67
CA PHE A 19 -22.11 -2.13 9.95
C PHE A 19 -20.83 -1.30 9.85
N ARG A 20 -19.81 -1.85 9.19
CA ARG A 20 -18.54 -1.16 9.03
C ARG A 20 -18.09 -1.19 7.57
N PRO A 21 -17.64 -0.03 7.07
CA PRO A 21 -17.17 0.09 5.69
C PRO A 21 -15.84 -0.64 5.46
N PRO A 22 -15.69 -1.23 4.27
CA PRO A 22 -14.48 -1.96 3.89
C PRO A 22 -13.28 -1.03 3.70
N ILE A 23 -13.47 0.24 4.00
CA ILE A 23 -12.40 1.23 3.86
C ILE A 23 -11.36 1.07 4.97
N ASP A 24 -11.51 0.02 5.77
CA ASP A 24 -10.58 -0.24 6.85
C ASP A 24 -9.16 -0.42 6.33
N LEU A 25 -9.03 -1.15 5.23
CA LEU A 25 -7.74 -1.40 4.62
C LEU A 25 -7.26 -0.18 3.82
N MET A 26 -8.19 0.44 3.10
CA MET A 26 -7.88 1.60 2.29
C MET A 26 -7.67 2.84 3.17
N HIS A 27 -6.47 3.39 3.13
CA HIS A 27 -6.14 4.56 3.92
C HIS A 27 -6.49 5.84 3.18
N LYS A 28 -7.02 6.82 3.89
CA LYS A 28 -7.40 8.09 3.29
C LYS A 28 -6.69 9.25 3.97
N GLY A 29 -6.35 10.27 3.20
CA GLY A 29 -5.66 11.42 3.75
C GLY A 29 -4.89 12.20 2.69
N SER A 30 -3.58 11.96 2.62
CA SER A 30 -2.72 12.64 1.66
C SER A 30 -1.52 11.78 1.29
N PHE A 31 -1.10 11.87 0.04
CA PHE A 31 0.04 11.09 -0.45
C PHE A 31 1.20 11.16 0.55
N GLU A 32 1.53 12.38 0.98
CA GLU A 32 2.62 12.57 1.93
C GLU A 32 2.47 11.65 3.14
N THR A 33 1.26 11.60 3.68
CA THR A 33 0.98 10.77 4.85
C THR A 33 1.59 9.38 4.68
N ALA A 34 1.17 8.67 3.64
CA ALA A 34 1.68 7.33 3.38
C ALA A 34 3.15 7.21 3.77
N LYS A 35 3.93 8.25 3.46
CA LYS A 35 5.35 8.27 3.79
C LYS A 35 5.57 8.56 5.27
N GLU A 36 4.79 9.50 5.80
CA GLU A 36 4.89 9.87 7.21
C GLU A 36 4.42 8.74 8.11
N CYS A 37 3.16 8.35 7.94
CA CYS A 37 2.58 7.28 8.74
C CYS A 37 3.57 6.13 8.92
N GLY A 38 4.22 5.75 7.82
CA GLY A 38 5.19 4.66 7.88
C GLY A 38 6.18 4.83 9.02
N GLN A 39 6.60 6.07 9.26
CA GLN A 39 7.56 6.36 10.33
C GLN A 39 6.92 6.14 11.69
N MET A 40 5.97 6.99 12.04
CA MET A 40 5.29 6.89 13.33
C MET A 40 4.85 5.46 13.59
N GLN A 41 4.20 4.85 12.62
CA GLN A 41 3.72 3.47 12.75
C GLN A 41 4.87 2.48 12.61
N ASN A 42 5.93 2.91 11.94
CA ASN A 42 7.11 2.06 11.73
C ASN A 42 6.75 0.87 10.85
N LYS A 43 6.08 1.14 9.74
CA LYS A 43 5.69 0.09 8.80
C LYS A 43 6.10 0.46 7.37
N TRP A 44 6.35 -0.56 6.56
CA TRP A 44 6.74 -0.34 5.18
C TRP A 44 5.62 0.33 4.39
N LEU A 45 5.92 0.72 3.16
CA LEU A 45 4.93 1.37 2.30
C LEU A 45 4.90 0.74 0.91
N MET A 46 3.78 0.13 0.57
CA MET A 46 3.62 -0.51 -0.72
C MET A 46 2.80 0.36 -1.67
N ILE A 47 3.45 0.86 -2.71
CA ILE A 47 2.79 1.72 -3.69
C ILE A 47 2.20 0.90 -4.83
N ASN A 48 0.88 0.94 -4.96
CA ASN A 48 0.19 0.20 -6.02
C ASN A 48 -0.59 1.14 -6.93
N ILE A 49 -0.13 1.28 -8.16
CA ILE A 49 -0.78 2.15 -9.13
C ILE A 49 -1.93 1.43 -9.84
N GLN A 50 -2.97 2.18 -10.19
CA GLN A 50 -4.12 1.60 -10.86
C GLN A 50 -4.40 2.33 -12.18
N ASN A 51 -4.62 1.56 -13.24
CA ASN A 51 -4.89 2.13 -14.55
C ASN A 51 -6.37 1.99 -14.91
N VAL A 52 -6.96 3.09 -15.37
CA VAL A 52 -8.37 3.10 -15.74
C VAL A 52 -8.58 2.43 -17.10
N GLN A 53 -7.62 2.59 -17.99
CA GLN A 53 -7.69 2.00 -19.32
C GLN A 53 -7.16 0.58 -19.32
N ASP A 54 -5.94 0.40 -18.81
CA ASP A 54 -5.32 -0.91 -18.74
C ASP A 54 -6.03 -1.80 -17.74
N PHE A 55 -6.43 -2.99 -18.19
CA PHE A 55 -7.13 -3.93 -17.32
C PHE A 55 -6.15 -4.72 -16.47
N ALA A 56 -5.05 -5.16 -17.08
CA ALA A 56 -4.03 -5.93 -16.38
C ALA A 56 -3.89 -5.46 -14.94
N CYS A 57 -3.97 -4.15 -14.74
CA CYS A 57 -3.85 -3.57 -13.41
C CYS A 57 -4.91 -4.14 -12.48
N GLN A 58 -6.17 -4.03 -12.88
CA GLN A 58 -7.28 -4.53 -12.08
C GLN A 58 -7.22 -6.05 -11.96
N CYS A 59 -6.72 -6.70 -13.00
CA CYS A 59 -6.61 -8.15 -13.02
C CYS A 59 -5.88 -8.66 -11.78
N LEU A 60 -4.93 -7.88 -11.30
CA LEU A 60 -4.14 -8.24 -10.12
C LEU A 60 -5.03 -8.24 -8.87
N ASN A 61 -5.61 -7.08 -8.56
CA ASN A 61 -6.48 -6.96 -7.40
C ASN A 61 -7.50 -8.08 -7.36
N ARG A 62 -7.70 -8.74 -8.49
CA ARG A 62 -8.65 -9.83 -8.59
C ARG A 62 -8.38 -10.90 -7.54
N ASP A 63 -7.21 -11.54 -7.65
CA ASP A 63 -6.82 -12.58 -6.70
C ASP A 63 -5.56 -12.19 -5.95
N VAL A 64 -4.73 -11.36 -6.59
CA VAL A 64 -3.49 -10.91 -5.98
C VAL A 64 -3.76 -10.11 -4.71
N TRP A 65 -4.28 -8.90 -4.88
CA TRP A 65 -4.58 -8.04 -3.74
C TRP A 65 -5.95 -8.37 -3.16
N SER A 66 -6.45 -9.57 -3.47
CA SER A 66 -7.75 -10.01 -2.98
C SER A 66 -7.57 -11.02 -1.85
N ASN A 67 -6.54 -11.84 -1.93
CA ASN A 67 -6.26 -12.85 -0.92
C ASN A 67 -6.11 -12.21 0.46
N GLU A 68 -7.09 -12.45 1.33
CA GLU A 68 -7.06 -11.90 2.67
C GLU A 68 -5.67 -12.00 3.28
N ALA A 69 -5.01 -13.14 3.06
CA ALA A 69 -3.67 -13.37 3.58
C ALA A 69 -2.73 -12.23 3.20
N VAL A 70 -2.74 -11.88 1.92
CA VAL A 70 -1.89 -10.81 1.42
C VAL A 70 -2.28 -9.47 2.03
N LYS A 71 -3.57 -9.16 2.01
CA LYS A 71 -4.08 -7.91 2.56
C LYS A 71 -3.54 -7.68 3.96
N ASN A 72 -3.55 -8.73 4.78
CA ASN A 72 -3.06 -8.64 6.16
C ASN A 72 -1.58 -8.29 6.18
N ILE A 73 -0.90 -8.53 5.06
CA ILE A 73 0.52 -8.24 4.97
C ILE A 73 0.75 -6.78 4.58
N ILE A 74 0.00 -6.30 3.60
CA ILE A 74 0.13 -4.92 3.15
C ILE A 74 -0.56 -3.96 4.11
N ARG A 75 -1.38 -4.51 5.00
CA ARG A 75 -2.09 -3.71 5.98
C ARG A 75 -1.31 -3.61 7.28
N GLU A 76 -0.54 -4.65 7.58
CA GLU A 76 0.27 -4.69 8.79
C GLU A 76 1.71 -4.28 8.51
N HIS A 77 2.42 -5.12 7.77
CA HIS A 77 3.82 -4.84 7.43
C HIS A 77 3.93 -3.53 6.66
N PHE A 78 3.23 -3.44 5.55
CA PHE A 78 3.26 -2.24 4.71
C PHE A 78 2.01 -1.40 4.93
N ILE A 79 1.94 -0.26 4.26
CA ILE A 79 0.79 0.63 4.37
C ILE A 79 -0.03 0.66 3.09
N PHE A 80 -1.18 -0.01 3.12
CA PHE A 80 -2.05 -0.07 1.95
C PHE A 80 -2.36 1.33 1.43
N TRP A 81 -1.85 1.63 0.24
CA TRP A 81 -2.07 2.93 -0.37
C TRP A 81 -2.25 2.80 -1.88
N GLN A 82 -3.49 2.97 -2.34
CA GLN A 82 -3.80 2.87 -3.76
C GLN A 82 -4.19 4.22 -4.33
N VAL A 83 -3.77 4.49 -5.56
CA VAL A 83 -4.08 5.75 -6.22
C VAL A 83 -4.00 5.61 -7.74
N TYR A 84 -5.01 6.14 -8.43
CA TYR A 84 -5.05 6.07 -9.88
C TYR A 84 -4.06 7.06 -10.51
N HIS A 85 -3.19 6.54 -11.37
CA HIS A 85 -2.19 7.37 -12.04
C HIS A 85 -2.81 8.70 -12.49
N ASP A 86 -3.98 8.63 -13.11
CA ASP A 86 -4.67 9.82 -13.59
C ASP A 86 -4.64 10.92 -12.54
N SER A 87 -4.96 10.56 -11.29
CA SER A 87 -4.97 11.52 -10.20
C SER A 87 -3.61 12.20 -10.06
N GLU A 88 -3.63 13.45 -9.60
CA GLU A 88 -2.39 14.21 -9.42
C GLU A 88 -1.34 13.37 -8.70
N GLU A 89 -1.68 12.88 -7.51
CA GLU A 89 -0.76 12.07 -6.73
C GLU A 89 -0.04 11.04 -7.61
N GLY A 90 -0.80 10.43 -8.51
CA GLY A 90 -0.24 9.43 -9.41
C GLY A 90 0.73 10.03 -10.40
N GLN A 91 0.32 11.15 -11.02
CA GLN A 91 1.15 11.82 -12.00
C GLN A 91 2.52 12.16 -11.41
N ARG A 92 2.53 12.73 -10.22
CA ARG A 92 3.76 13.11 -9.55
C ARG A 92 4.64 11.88 -9.30
N TYR A 93 4.00 10.73 -9.13
CA TYR A 93 4.73 9.49 -8.88
C TYR A 93 5.38 8.97 -10.15
N ILE A 94 4.69 9.16 -11.28
CA ILE A 94 5.20 8.71 -12.57
C ILE A 94 6.51 9.41 -12.91
N GLN A 95 6.52 10.74 -12.80
CA GLN A 95 7.71 11.53 -13.09
C GLN A 95 8.84 11.19 -12.12
N PHE A 96 8.48 10.85 -10.89
CA PHE A 96 9.46 10.50 -9.87
C PHE A 96 10.55 9.60 -10.45
N TYR A 97 10.19 8.37 -10.76
CA TYR A 97 11.14 7.41 -11.31
C TYR A 97 10.76 7.04 -12.75
N LYS A 98 9.92 7.87 -13.36
CA LYS A 98 9.48 7.65 -14.73
C LYS A 98 8.75 6.32 -14.85
N LEU A 99 7.90 6.03 -13.87
CA LEU A 99 7.12 4.79 -13.87
C LEU A 99 6.76 4.37 -15.30
N GLY A 100 5.87 5.13 -15.92
CA GLY A 100 5.45 4.83 -17.28
C GLY A 100 5.50 3.34 -17.58
N ASP A 101 4.96 2.54 -16.67
CA ASP A 101 4.93 1.10 -16.84
C ASP A 101 3.83 0.47 -16.00
N PHE A 102 3.17 -0.54 -16.56
CA PHE A 102 2.09 -1.23 -15.86
C PHE A 102 1.87 -2.62 -16.43
N PRO A 103 1.55 -3.59 -15.55
CA PRO A 103 1.41 -3.32 -14.12
C PRO A 103 2.74 -3.03 -13.46
N TYR A 104 2.71 -2.24 -12.37
CA TYR A 104 3.91 -1.88 -11.65
C TYR A 104 3.71 -2.03 -10.15
N VAL A 105 4.77 -2.43 -9.45
CA VAL A 105 4.71 -2.61 -8.00
C VAL A 105 6.07 -2.34 -7.36
N SER A 106 6.09 -1.40 -6.42
CA SER A 106 7.32 -1.03 -5.73
C SER A 106 7.05 -0.73 -4.26
N ILE A 107 8.11 -0.69 -3.47
CA ILE A 107 7.99 -0.42 -2.04
C ILE A 107 8.94 0.69 -1.61
N LEU A 108 8.37 1.76 -1.05
CA LEU A 108 9.17 2.89 -0.60
C LEU A 108 9.31 2.89 0.92
N ASP A 109 10.43 3.41 1.42
CA ASP A 109 10.68 3.48 2.85
C ASP A 109 10.25 4.82 3.42
N PRO A 110 9.39 4.78 4.44
CA PRO A 110 8.88 5.99 5.10
C PRO A 110 9.96 6.71 5.91
N ARG A 111 11.08 6.03 6.11
CA ARG A 111 12.19 6.61 6.87
C ARG A 111 13.12 7.40 5.96
N THR A 112 13.66 6.73 4.94
CA THR A 112 14.57 7.37 4.00
C THR A 112 13.81 7.93 2.80
N GLY A 113 12.87 7.15 2.28
CA GLY A 113 12.08 7.57 1.14
C GLY A 113 12.72 7.19 -0.18
N GLN A 114 13.38 6.03 -0.21
CA GLN A 114 14.04 5.57 -1.41
C GLN A 114 13.47 4.22 -1.85
N LYS A 115 13.59 3.92 -3.14
CA LYS A 115 13.09 2.67 -3.69
C LYS A 115 13.83 1.48 -3.09
N LEU A 116 13.06 0.53 -2.54
CA LEU A 116 13.66 -0.66 -1.93
C LEU A 116 13.65 -1.83 -2.91
N VAL A 117 12.52 -2.03 -3.58
CA VAL A 117 12.38 -3.11 -4.55
C VAL A 117 11.46 -2.70 -5.70
N GLU A 118 11.39 -3.56 -6.72
CA GLU A 118 10.55 -3.29 -7.88
C GLU A 118 10.15 -4.58 -8.58
N TRP A 119 8.85 -4.72 -8.84
CA TRP A 119 8.33 -5.92 -9.50
C TRP A 119 7.30 -5.55 -10.55
N HIS A 120 7.60 -5.86 -11.81
CA HIS A 120 6.68 -5.55 -12.91
C HIS A 120 5.55 -6.58 -12.96
N GLN A 121 5.88 -7.84 -12.69
CA GLN A 121 4.89 -8.91 -12.71
C GLN A 121 4.86 -9.65 -11.38
N LEU A 122 3.69 -9.67 -10.74
CA LEU A 122 3.53 -10.34 -9.46
C LEU A 122 2.36 -11.33 -9.51
N ASP A 123 2.32 -12.24 -8.54
CA ASP A 123 1.26 -13.23 -8.46
C ASP A 123 0.85 -13.49 -7.02
N VAL A 124 -0.25 -14.22 -6.83
CA VAL A 124 -0.73 -14.54 -5.50
C VAL A 124 0.36 -15.18 -4.65
N SER A 125 0.90 -16.29 -5.15
CA SER A 125 1.96 -17.01 -4.43
C SER A 125 3.29 -16.29 -4.58
N SER A 126 3.64 -15.96 -5.83
CA SER A 126 4.90 -15.28 -6.10
C SER A 126 5.08 -14.06 -5.20
N PHE A 127 4.03 -13.24 -5.09
CA PHE A 127 4.07 -12.06 -4.25
C PHE A 127 4.46 -12.41 -2.82
N LEU A 128 3.62 -13.21 -2.18
CA LEU A 128 3.88 -13.63 -0.80
C LEU A 128 5.29 -14.16 -0.64
N ASP A 129 5.59 -15.26 -1.33
CA ASP A 129 6.92 -15.86 -1.26
C ASP A 129 8.00 -14.79 -1.15
N GLN A 130 7.98 -13.84 -2.08
CA GLN A 130 8.96 -12.77 -2.08
C GLN A 130 8.77 -11.85 -0.87
N VAL A 131 7.63 -11.17 -0.83
CA VAL A 131 7.32 -10.26 0.27
C VAL A 131 7.62 -10.91 1.62
N THR A 132 6.87 -11.96 1.94
CA THR A 132 7.05 -12.68 3.19
C THR A 132 8.53 -12.76 3.58
N GLY A 133 9.37 -13.09 2.60
CA GLY A 133 10.79 -13.19 2.86
C GLY A 133 11.45 -11.84 3.05
N PHE A 134 11.30 -10.97 2.06
CA PHE A 134 11.89 -9.63 2.13
C PHE A 134 11.76 -9.05 3.54
N LEU A 135 10.61 -9.26 4.15
CA LEU A 135 10.36 -8.76 5.51
C LEU A 135 11.33 -9.39 6.50
N GLY A 136 11.33 -10.72 6.56
CA GLY A 136 12.22 -11.42 7.47
C GLY A 136 13.69 -11.17 7.16
N GLU A 137 14.07 -11.39 5.92
CA GLU A 137 15.46 -11.20 5.50
C GLU A 137 15.96 -9.81 5.93
N HIS A 138 15.32 -8.77 5.41
CA HIS A 138 15.70 -7.40 5.74
C HIS A 138 15.53 -7.14 7.23
N GLY A 139 14.32 -7.33 7.73
CA GLY A 139 14.03 -7.12 9.13
C GLY A 139 12.99 -6.03 9.35
N GLN A 140 12.20 -6.19 10.40
CA GLN A 140 11.15 -5.22 10.72
C GLN A 140 11.76 -3.90 11.18
N LEU A 141 10.99 -2.82 11.04
CA LEU A 141 11.45 -1.49 11.44
C LEU A 141 11.79 -1.47 12.92
N ASP A 142 12.60 -0.49 13.32
CA ASP A 142 13.00 -0.34 14.71
C ASP A 142 11.79 -0.07 15.60
N GLY A 143 11.62 -0.88 16.64
CA GLY A 143 10.50 -0.71 17.54
C GLY A 143 9.89 -2.03 17.98
N LEU A 144 9.57 -2.13 19.26
CA LEU A 144 8.98 -3.35 19.80
C LEU A 144 7.75 -3.76 18.99
N SER A 145 7.88 -4.82 18.21
CA SER A 145 6.78 -5.31 17.39
C SER A 145 6.34 -6.69 17.85
N SER A 146 5.15 -7.10 17.42
CA SER A 146 4.60 -8.41 17.79
C SER A 146 4.88 -9.43 16.71
N SER A 147 4.43 -9.14 15.49
CA SER A 147 4.62 -10.05 14.36
C SER A 147 6.03 -10.63 14.37
N SER A 148 6.99 -9.85 14.86
CA SER A 148 8.38 -10.28 14.91
C SER A 148 8.72 -10.82 16.30
N GLY A 149 9.45 -11.94 16.32
CA GLY A 149 9.84 -12.53 17.59
C GLY A 149 9.75 -14.05 17.56
N PRO A 150 8.84 -14.61 18.37
CA PRO A 150 8.64 -16.06 18.45
C PRO A 150 8.00 -16.62 17.18
N SER A 151 8.83 -17.24 16.34
CA SER A 151 8.35 -17.83 15.10
C SER A 151 7.42 -18.99 15.37
N SER A 152 7.84 -19.91 16.23
CA SER A 152 7.04 -21.07 16.59
C SER A 152 6.63 -21.83 15.33
N GLY A 153 7.56 -21.98 14.39
CA GLY A 153 7.27 -22.68 13.16
C GLY A 153 8.46 -22.74 12.23
N GLY A 1 -4.92 13.54 13.89
CA GLY A 1 -6.31 13.16 14.00
C GLY A 1 -7.23 14.33 14.20
N SER A 2 -7.67 14.54 15.45
CA SER A 2 -8.57 15.64 15.77
C SER A 2 -7.78 16.92 16.06
N SER A 3 -6.92 16.85 17.08
CA SER A 3 -6.11 18.01 17.45
C SER A 3 -4.75 17.97 16.77
N GLY A 4 -3.97 19.03 16.95
CA GLY A 4 -2.66 19.09 16.33
C GLY A 4 -1.62 19.74 17.24
N SER A 5 -0.38 19.27 17.15
CA SER A 5 0.69 19.82 17.97
C SER A 5 1.87 20.26 17.10
N SER A 6 2.61 21.25 17.59
CA SER A 6 3.77 21.77 16.85
C SER A 6 5.05 21.60 17.67
N GLY A 7 6.18 21.82 17.02
CA GLY A 7 7.46 21.70 17.70
C GLY A 7 7.89 20.25 17.86
N ILE A 8 7.82 19.74 19.08
CA ILE A 8 8.21 18.37 19.36
C ILE A 8 6.98 17.46 19.47
N ASP A 9 7.13 16.21 19.04
CA ASP A 9 6.04 15.25 19.08
C ASP A 9 6.16 14.35 20.30
N LYS A 10 5.09 13.66 20.64
CA LYS A 10 5.07 12.76 21.79
C LYS A 10 4.61 11.37 21.38
N LYS A 11 5.10 10.36 22.11
CA LYS A 11 4.75 8.98 21.82
C LYS A 11 3.70 8.47 22.81
N LEU A 12 2.50 8.18 22.31
CA LEU A 12 1.41 7.69 23.15
C LEU A 12 1.35 6.17 23.12
N THR A 13 1.42 5.60 21.91
CA THR A 13 1.37 4.15 21.75
C THR A 13 0.02 3.60 22.16
N THR A 14 -1.04 4.30 21.79
CA THR A 14 -2.40 3.88 22.13
C THR A 14 -3.42 4.49 21.17
N LEU A 15 -4.21 3.64 20.54
CA LEU A 15 -5.23 4.10 19.61
C LEU A 15 -6.46 3.19 19.65
N ALA A 16 -7.62 3.78 19.92
CA ALA A 16 -8.86 3.03 19.99
C ALA A 16 -9.90 3.59 19.02
N ASP A 17 -10.47 2.71 18.21
CA ASP A 17 -11.47 3.11 17.22
C ASP A 17 -12.59 2.08 17.13
N LEU A 18 -13.72 2.39 17.76
CA LEU A 18 -14.87 1.48 17.74
C LEU A 18 -16.03 2.08 16.96
N PHE A 19 -16.22 3.39 17.10
CA PHE A 19 -17.29 4.09 16.40
C PHE A 19 -17.15 3.92 14.89
N ARG A 20 -15.94 4.11 14.39
CA ARG A 20 -15.68 3.99 12.96
C ARG A 20 -15.36 2.54 12.59
N PRO A 21 -15.65 2.17 11.33
CA PRO A 21 -15.40 0.82 10.83
C PRO A 21 -13.91 0.52 10.66
N PRO A 22 -13.58 -0.76 10.45
CA PRO A 22 -12.20 -1.20 10.28
C PRO A 22 -11.59 -0.72 8.96
N ILE A 23 -10.71 0.26 9.05
CA ILE A 23 -10.05 0.81 7.85
C ILE A 23 -8.55 0.57 7.90
N ASP A 24 -8.11 -0.26 8.84
CA ASP A 24 -6.70 -0.57 8.98
C ASP A 24 -6.04 -0.76 7.61
N LEU A 25 -6.66 -1.59 6.78
CA LEU A 25 -6.14 -1.87 5.44
C LEU A 25 -6.45 -0.72 4.50
N MET A 26 -7.72 -0.34 4.42
CA MET A 26 -8.14 0.74 3.56
C MET A 26 -7.53 2.07 4.00
N HIS A 27 -6.63 2.61 3.18
CA HIS A 27 -5.97 3.87 3.49
C HIS A 27 -5.85 4.75 2.25
N LYS A 28 -6.52 5.89 2.27
CA LYS A 28 -6.50 6.81 1.14
C LYS A 28 -6.59 8.26 1.61
N GLY A 29 -5.90 9.15 0.91
CA GLY A 29 -5.93 10.56 1.28
C GLY A 29 -4.85 11.35 0.58
N SER A 30 -3.77 11.67 1.30
CA SER A 30 -2.66 12.44 0.74
C SER A 30 -1.41 11.58 0.64
N PHE A 31 -0.74 11.67 -0.50
CA PHE A 31 0.48 10.90 -0.73
C PHE A 31 1.51 11.17 0.37
N GLU A 32 1.65 12.44 0.72
CA GLU A 32 2.61 12.84 1.76
C GLU A 32 2.35 12.05 3.05
N THR A 33 1.08 11.87 3.39
CA THR A 33 0.72 11.15 4.60
C THR A 33 1.21 9.71 4.55
N ALA A 34 1.02 9.06 3.40
CA ALA A 34 1.45 7.68 3.22
C ALA A 34 2.81 7.44 3.86
N LYS A 35 3.77 8.29 3.53
CA LYS A 35 5.12 8.18 4.08
C LYS A 35 5.14 8.57 5.56
N GLU A 36 4.45 9.64 5.89
CA GLU A 36 4.39 10.12 7.27
C GLU A 36 4.00 8.98 8.22
N CYS A 37 2.84 8.38 7.98
CA CYS A 37 2.36 7.29 8.81
C CYS A 37 3.42 6.21 8.96
N GLY A 38 3.87 5.67 7.82
CA GLY A 38 4.88 4.63 7.85
C GLY A 38 5.89 4.84 8.95
N GLN A 39 6.24 6.09 9.22
CA GLN A 39 7.20 6.41 10.27
C GLN A 39 6.64 6.10 11.64
N MET A 40 5.58 6.81 12.03
CA MET A 40 4.95 6.60 13.32
C MET A 40 4.52 5.15 13.49
N GLN A 41 3.83 4.62 12.50
CA GLN A 41 3.36 3.24 12.54
C GLN A 41 4.52 2.26 12.48
N ASN A 42 5.65 2.74 11.95
CA ASN A 42 6.84 1.90 11.83
C ASN A 42 6.59 0.71 10.91
N LYS A 43 6.00 0.99 9.75
CA LYS A 43 5.70 -0.06 8.79
C LYS A 43 6.24 0.30 7.41
N TRP A 44 6.18 -0.66 6.48
CA TRP A 44 6.67 -0.43 5.13
C TRP A 44 5.60 0.21 4.26
N LEU A 45 6.03 0.96 3.25
CA LEU A 45 5.11 1.64 2.36
C LEU A 45 4.99 0.89 1.03
N MET A 46 3.75 0.64 0.61
CA MET A 46 3.49 -0.08 -0.64
C MET A 46 2.76 0.82 -1.62
N ILE A 47 3.47 1.27 -2.66
CA ILE A 47 2.88 2.13 -3.68
C ILE A 47 2.26 1.31 -4.80
N ASN A 48 1.05 1.70 -5.20
CA ASN A 48 0.33 0.99 -6.27
C ASN A 48 -0.41 1.98 -7.16
N ILE A 49 -0.07 1.96 -8.45
CA ILE A 49 -0.72 2.86 -9.41
C ILE A 49 -1.60 2.08 -10.37
N GLN A 50 -2.80 2.60 -10.62
CA GLN A 50 -3.74 1.95 -11.52
C GLN A 50 -3.99 2.81 -12.76
N ASN A 51 -4.12 2.16 -13.91
CA ASN A 51 -4.35 2.87 -15.17
C ASN A 51 -5.83 2.84 -15.53
N VAL A 52 -6.31 3.95 -16.09
CA VAL A 52 -7.72 4.06 -16.49
C VAL A 52 -7.93 3.50 -17.89
N GLN A 53 -6.96 3.73 -18.77
CA GLN A 53 -7.04 3.25 -20.14
C GLN A 53 -7.21 1.73 -20.19
N ASP A 54 -6.30 1.02 -19.50
CA ASP A 54 -6.35 -0.43 -19.46
C ASP A 54 -6.54 -0.93 -18.02
N PHE A 55 -7.05 -2.15 -17.89
CA PHE A 55 -7.27 -2.73 -16.58
C PHE A 55 -6.13 -3.68 -16.19
N ALA A 56 -5.26 -3.19 -15.31
CA ALA A 56 -4.13 -3.98 -14.86
C ALA A 56 -4.42 -4.65 -13.52
N CYS A 57 -4.52 -3.85 -12.46
CA CYS A 57 -4.80 -4.36 -11.13
C CYS A 57 -6.03 -5.28 -11.15
N GLN A 58 -6.94 -5.02 -12.08
CA GLN A 58 -8.15 -5.81 -12.19
C GLN A 58 -7.82 -7.30 -12.32
N CYS A 59 -6.72 -7.59 -13.00
CA CYS A 59 -6.29 -8.97 -13.21
C CYS A 59 -5.72 -9.56 -11.91
N LEU A 60 -4.69 -8.93 -11.39
CA LEU A 60 -4.05 -9.39 -10.15
C LEU A 60 -5.06 -9.42 -9.01
N ASN A 61 -5.65 -8.25 -8.72
CA ASN A 61 -6.62 -8.14 -7.65
C ASN A 61 -7.58 -9.33 -7.65
N ARG A 62 -7.82 -9.89 -8.83
CA ARG A 62 -8.71 -11.03 -8.97
C ARG A 62 -8.44 -12.07 -7.88
N ASP A 63 -7.23 -12.63 -7.90
CA ASP A 63 -6.84 -13.63 -6.92
C ASP A 63 -5.68 -13.14 -6.07
N VAL A 64 -4.75 -12.42 -6.70
CA VAL A 64 -3.59 -11.89 -6.01
C VAL A 64 -3.98 -11.16 -4.74
N TRP A 65 -4.64 -10.02 -4.90
CA TRP A 65 -5.07 -9.21 -3.77
C TRP A 65 -6.38 -9.76 -3.19
N SER A 66 -6.69 -11.00 -3.53
CA SER A 66 -7.92 -11.64 -3.04
C SER A 66 -7.65 -12.45 -1.77
N ASN A 67 -6.44 -13.02 -1.69
CA ASN A 67 -6.06 -13.81 -0.53
C ASN A 67 -5.94 -12.94 0.72
N GLU A 68 -6.64 -13.33 1.78
CA GLU A 68 -6.61 -12.58 3.02
C GLU A 68 -5.19 -12.45 3.56
N ALA A 69 -4.45 -13.56 3.53
CA ALA A 69 -3.07 -13.58 4.00
C ALA A 69 -2.28 -12.41 3.43
N VAL A 70 -2.41 -12.20 2.12
CA VAL A 70 -1.71 -11.11 1.45
C VAL A 70 -2.21 -9.76 1.93
N LYS A 71 -3.52 -9.64 2.12
CA LYS A 71 -4.12 -8.39 2.58
C LYS A 71 -3.63 -8.04 3.98
N ASN A 72 -3.93 -8.90 4.94
CA ASN A 72 -3.51 -8.69 6.32
C ASN A 72 -2.03 -8.31 6.40
N ILE A 73 -1.28 -8.72 5.39
CA ILE A 73 0.15 -8.45 5.33
C ILE A 73 0.41 -7.05 4.76
N ILE A 74 -0.27 -6.73 3.66
CA ILE A 74 -0.11 -5.44 3.02
C ILE A 74 -0.61 -4.32 3.91
N ARG A 75 -1.40 -4.67 4.92
CA ARG A 75 -1.94 -3.69 5.85
C ARG A 75 -1.05 -3.56 7.08
N GLU A 76 -0.61 -4.69 7.62
CA GLU A 76 0.26 -4.69 8.80
C GLU A 76 1.70 -4.42 8.40
N HIS A 77 2.31 -5.37 7.70
CA HIS A 77 3.69 -5.24 7.27
C HIS A 77 3.88 -3.99 6.40
N PHE A 78 2.97 -3.79 5.45
CA PHE A 78 3.03 -2.64 4.57
C PHE A 78 1.80 -1.75 4.74
N ILE A 79 1.77 -0.64 4.02
CA ILE A 79 0.65 0.28 4.08
C ILE A 79 -0.09 0.36 2.75
N PHE A 80 -1.24 -0.30 2.68
CA PHE A 80 -2.04 -0.31 1.47
C PHE A 80 -2.39 1.11 1.04
N TRP A 81 -1.70 1.60 0.03
CA TRP A 81 -1.94 2.95 -0.48
C TRP A 81 -1.81 2.99 -2.01
N GLN A 82 -2.95 3.05 -2.69
CA GLN A 82 -2.96 3.09 -4.15
C GLN A 82 -3.67 4.34 -4.65
N VAL A 83 -3.20 4.88 -5.76
CA VAL A 83 -3.79 6.07 -6.35
C VAL A 83 -3.72 6.03 -7.88
N TYR A 84 -4.72 6.64 -8.52
CA TYR A 84 -4.77 6.66 -9.98
C TYR A 84 -3.74 7.63 -10.54
N HIS A 85 -3.34 7.40 -11.79
CA HIS A 85 -2.35 8.25 -12.45
C HIS A 85 -2.93 9.63 -12.74
N ASP A 86 -4.14 9.66 -13.29
CA ASP A 86 -4.80 10.91 -13.62
C ASP A 86 -4.77 11.87 -12.44
N SER A 87 -4.91 11.32 -11.23
CA SER A 87 -4.90 12.13 -10.02
C SER A 87 -3.67 13.03 -9.97
N GLU A 88 -3.62 13.90 -8.97
CA GLU A 88 -2.50 14.81 -8.81
C GLU A 88 -1.30 14.11 -8.20
N GLU A 89 -1.57 13.23 -7.24
CA GLU A 89 -0.51 12.47 -6.56
C GLU A 89 0.03 11.38 -7.47
N GLY A 90 -0.82 10.87 -8.35
CA GLY A 90 -0.41 9.82 -9.26
C GLY A 90 0.62 10.29 -10.27
N GLN A 91 0.43 11.50 -10.78
CA GLN A 91 1.35 12.06 -11.77
C GLN A 91 2.75 12.24 -11.16
N ARG A 92 2.83 13.05 -10.10
CA ARG A 92 4.10 13.31 -9.43
C ARG A 92 4.93 12.04 -9.35
N TYR A 93 4.37 11.01 -8.72
CA TYR A 93 5.05 9.73 -8.56
C TYR A 93 5.75 9.32 -9.85
N ILE A 94 5.01 9.38 -10.95
CA ILE A 94 5.55 9.01 -12.26
C ILE A 94 6.91 9.65 -12.48
N GLN A 95 7.00 10.96 -12.24
CA GLN A 95 8.25 11.68 -12.42
C GLN A 95 9.32 11.17 -11.46
N PHE A 96 8.92 10.91 -10.22
CA PHE A 96 9.85 10.42 -9.20
C PHE A 96 10.88 9.48 -9.82
N TYR A 97 10.41 8.32 -10.29
CA TYR A 97 11.29 7.34 -10.90
C TYR A 97 11.01 7.21 -12.39
N LYS A 98 10.34 8.21 -12.95
CA LYS A 98 10.01 8.21 -14.37
C LYS A 98 9.27 6.94 -14.76
N LEU A 99 8.34 6.52 -13.92
CA LEU A 99 7.56 5.31 -14.18
C LEU A 99 6.91 5.37 -15.56
N GLY A 100 6.83 4.22 -16.22
CA GLY A 100 6.23 4.16 -17.54
C GLY A 100 5.76 2.76 -17.90
N ASP A 101 5.12 2.10 -16.95
CA ASP A 101 4.62 0.74 -17.17
C ASP A 101 3.62 0.35 -16.10
N PHE A 102 2.82 -0.68 -16.39
CA PHE A 102 1.81 -1.15 -15.44
C PHE A 102 1.47 -2.62 -15.70
N PRO A 103 1.07 -3.32 -14.63
CA PRO A 103 0.96 -2.75 -13.29
C PRO A 103 2.32 -2.42 -12.69
N TYR A 104 2.31 -1.72 -11.56
CA TYR A 104 3.54 -1.34 -10.87
C TYR A 104 3.43 -1.58 -9.37
N VAL A 105 4.49 -2.14 -8.80
CA VAL A 105 4.51 -2.43 -7.36
C VAL A 105 5.93 -2.40 -6.82
N SER A 106 6.17 -1.54 -5.83
CA SER A 106 7.49 -1.41 -5.23
C SER A 106 7.38 -1.12 -3.74
N ILE A 107 8.43 -1.45 -2.99
CA ILE A 107 8.45 -1.22 -1.56
C ILE A 107 9.35 -0.03 -1.20
N LEU A 108 8.73 1.04 -0.73
CA LEU A 108 9.47 2.24 -0.35
C LEU A 108 9.51 2.39 1.17
N ASP A 109 10.61 2.98 1.66
CA ASP A 109 10.77 3.20 3.10
C ASP A 109 10.31 4.59 3.49
N PRO A 110 9.39 4.65 4.46
CA PRO A 110 8.85 5.93 4.97
C PRO A 110 9.88 6.74 5.75
N ARG A 111 11.07 6.15 5.93
CA ARG A 111 12.14 6.82 6.66
C ARG A 111 13.08 7.53 5.70
N THR A 112 13.64 6.79 4.75
CA THR A 112 14.56 7.35 3.78
C THR A 112 13.87 7.61 2.45
N GLY A 113 12.94 6.74 2.09
CA GLY A 113 12.21 6.89 0.85
C GLY A 113 13.02 6.43 -0.36
N GLN A 114 13.77 5.36 -0.19
CA GLN A 114 14.60 4.84 -1.27
C GLN A 114 14.05 3.51 -1.78
N LYS A 115 13.75 3.47 -3.07
CA LYS A 115 13.21 2.25 -3.70
C LYS A 115 14.12 1.06 -3.45
N LEU A 116 13.67 0.15 -2.60
CA LEU A 116 14.46 -1.05 -2.28
C LEU A 116 14.25 -2.13 -3.34
N VAL A 117 12.99 -2.50 -3.56
CA VAL A 117 12.66 -3.52 -4.54
C VAL A 117 11.62 -3.02 -5.54
N GLU A 118 11.52 -3.69 -6.67
CA GLU A 118 10.57 -3.31 -7.71
C GLU A 118 10.11 -4.52 -8.51
N TRP A 119 8.81 -4.63 -8.72
CA TRP A 119 8.24 -5.75 -9.46
C TRP A 119 7.16 -5.26 -10.43
N HIS A 120 6.98 -6.01 -11.52
CA HIS A 120 5.97 -5.66 -12.52
C HIS A 120 4.66 -6.40 -12.26
N GLN A 121 4.75 -7.73 -12.22
CA GLN A 121 3.57 -8.55 -11.98
C GLN A 121 3.74 -9.39 -10.71
N LEU A 122 2.78 -9.27 -9.80
CA LEU A 122 2.83 -10.01 -8.54
C LEU A 122 1.74 -11.08 -8.51
N ASP A 123 2.09 -12.24 -7.96
CA ASP A 123 1.14 -13.35 -7.87
C ASP A 123 0.92 -13.75 -6.42
N VAL A 124 -0.11 -14.56 -6.18
CA VAL A 124 -0.43 -15.02 -4.83
C VAL A 124 0.80 -15.59 -4.14
N SER A 125 1.33 -16.68 -4.70
CA SER A 125 2.51 -17.34 -4.14
C SER A 125 3.75 -16.48 -4.34
N SER A 126 4.04 -16.14 -5.59
CA SER A 126 5.20 -15.33 -5.92
C SER A 126 5.31 -14.14 -4.98
N PHE A 127 4.24 -13.36 -4.90
CA PHE A 127 4.21 -12.18 -4.04
C PHE A 127 4.77 -12.51 -2.65
N LEU A 128 4.12 -13.45 -1.98
CA LEU A 128 4.54 -13.86 -0.64
C LEU A 128 6.02 -14.24 -0.63
N ASP A 129 6.37 -15.24 -1.44
CA ASP A 129 7.75 -15.70 -1.52
C ASP A 129 8.72 -14.53 -1.46
N GLN A 130 8.43 -13.48 -2.23
CA GLN A 130 9.28 -12.29 -2.26
C GLN A 130 9.13 -11.49 -0.97
N VAL A 131 7.90 -11.14 -0.63
CA VAL A 131 7.63 -10.37 0.59
C VAL A 131 8.20 -11.07 1.81
N THR A 132 7.67 -12.25 2.12
CA THR A 132 8.12 -13.01 3.28
C THR A 132 9.64 -12.94 3.41
N GLY A 133 10.34 -13.35 2.36
CA GLY A 133 11.79 -13.33 2.39
C GLY A 133 12.35 -11.93 2.58
N PHE A 134 11.79 -10.97 1.84
CA PHE A 134 12.23 -9.59 1.93
C PHE A 134 12.15 -9.07 3.36
N LEU A 135 11.05 -9.39 4.03
CA LEU A 135 10.85 -8.96 5.41
C LEU A 135 12.01 -9.39 6.29
N GLY A 136 12.37 -10.67 6.21
CA GLY A 136 13.46 -11.19 7.00
C GLY A 136 14.81 -10.68 6.53
N GLU A 137 15.00 -10.64 5.22
CA GLU A 137 16.26 -10.16 4.64
C GLU A 137 16.66 -8.82 5.25
N HIS A 138 15.76 -7.84 5.14
CA HIS A 138 16.02 -6.51 5.68
C HIS A 138 15.53 -6.39 7.11
N GLY A 139 14.23 -6.59 7.30
CA GLY A 139 13.65 -6.50 8.63
C GLY A 139 12.76 -5.28 8.80
N GLN A 140 11.77 -5.38 9.68
CA GLN A 140 10.86 -4.28 9.93
C GLN A 140 11.60 -3.05 10.46
N LEU A 141 10.94 -1.90 10.43
CA LEU A 141 11.53 -0.66 10.92
C LEU A 141 11.95 -0.79 12.38
N ASP A 142 12.66 0.21 12.87
CA ASP A 142 13.12 0.22 14.26
C ASP A 142 14.07 -0.95 14.52
N GLY A 143 14.83 -1.34 13.50
CA GLY A 143 15.75 -2.44 13.65
C GLY A 143 15.11 -3.79 13.36
N LEU A 144 14.89 -4.57 14.41
CA LEU A 144 14.28 -5.89 14.25
C LEU A 144 12.89 -5.91 14.88
N SER A 145 12.06 -6.84 14.42
CA SER A 145 10.70 -6.98 14.93
C SER A 145 10.65 -6.63 16.41
N SER A 146 11.42 -7.36 17.21
CA SER A 146 11.45 -7.13 18.66
C SER A 146 10.07 -7.35 19.27
N SER A 147 9.38 -8.38 18.80
CA SER A 147 8.04 -8.69 19.30
C SER A 147 7.76 -10.18 19.18
N SER A 148 7.08 -10.73 20.19
CA SER A 148 6.75 -12.15 20.20
C SER A 148 5.39 -12.39 19.56
N GLY A 149 4.37 -11.68 20.05
CA GLY A 149 3.04 -11.84 19.51
C GLY A 149 2.52 -13.26 19.63
N PRO A 150 1.45 -13.45 20.41
CA PRO A 150 0.85 -14.77 20.62
C PRO A 150 0.15 -15.29 19.37
N SER A 151 0.88 -16.02 18.53
CA SER A 151 0.34 -16.56 17.30
C SER A 151 0.87 -17.97 17.04
N SER A 152 0.37 -18.60 15.99
CA SER A 152 0.79 -19.96 15.64
C SER A 152 2.06 -19.93 14.81
N GLY A 153 2.26 -18.84 14.06
CA GLY A 153 3.44 -18.72 13.23
C GLY A 153 4.73 -18.92 14.02
N GLY A 1 -12.65 15.39 72.27
CA GLY A 1 -11.86 15.22 71.06
C GLY A 1 -12.63 14.51 69.97
N SER A 2 -12.29 14.81 68.71
CA SER A 2 -12.97 14.20 67.57
C SER A 2 -12.01 14.07 66.39
N SER A 3 -12.39 13.25 65.41
CA SER A 3 -11.57 13.03 64.24
C SER A 3 -12.36 12.31 63.15
N GLY A 4 -11.98 12.52 61.89
CA GLY A 4 -12.66 11.88 60.79
C GLY A 4 -11.71 11.52 59.66
N SER A 5 -12.26 10.98 58.58
CA SER A 5 -11.46 10.57 57.44
C SER A 5 -12.33 10.34 56.21
N SER A 6 -11.70 10.16 55.06
CA SER A 6 -12.42 9.93 53.81
C SER A 6 -11.63 9.03 52.88
N GLY A 7 -12.22 8.69 51.73
CA GLY A 7 -11.56 7.84 50.77
C GLY A 7 -11.90 8.20 49.34
N ILE A 8 -11.04 7.79 48.41
CA ILE A 8 -11.26 8.07 47.00
C ILE A 8 -11.64 6.81 46.23
N ASP A 9 -12.48 6.97 45.22
CA ASP A 9 -12.92 5.83 44.40
C ASP A 9 -12.64 6.09 42.93
N LYS A 10 -12.79 5.05 42.11
CA LYS A 10 -12.55 5.15 40.68
C LYS A 10 -13.84 5.47 39.94
N LYS A 11 -13.94 6.70 39.44
CA LYS A 11 -15.13 7.12 38.70
C LYS A 11 -15.09 6.62 37.26
N LEU A 12 -13.89 6.58 36.68
CA LEU A 12 -13.72 6.12 35.32
C LEU A 12 -14.17 4.67 35.17
N THR A 13 -14.77 4.36 34.02
CA THR A 13 -15.26 3.00 33.77
C THR A 13 -14.86 2.54 32.36
N THR A 14 -14.80 1.23 32.18
CA THR A 14 -14.42 0.66 30.89
C THR A 14 -15.29 1.22 29.77
N LEU A 15 -14.64 1.78 28.76
CA LEU A 15 -15.35 2.35 27.62
C LEU A 15 -14.38 2.66 26.48
N ALA A 16 -14.90 2.62 25.25
CA ALA A 16 -14.08 2.91 24.07
C ALA A 16 -13.62 4.36 24.06
N ASP A 17 -12.44 4.59 23.51
CA ASP A 17 -11.89 5.94 23.42
C ASP A 17 -12.20 6.57 22.07
N LEU A 18 -11.63 6.00 21.01
CA LEU A 18 -11.85 6.51 19.66
C LEU A 18 -13.05 5.83 19.01
N PHE A 19 -13.47 6.36 17.86
CA PHE A 19 -14.60 5.81 17.14
C PHE A 19 -14.18 5.29 15.77
N ARG A 20 -13.26 6.01 15.13
CA ARG A 20 -12.77 5.62 13.81
C ARG A 20 -11.97 4.32 13.89
N PRO A 21 -12.05 3.51 12.82
CA PRO A 21 -11.34 2.22 12.74
C PRO A 21 -9.83 2.40 12.62
N PRO A 22 -9.09 1.29 12.76
CA PRO A 22 -7.64 1.30 12.67
C PRO A 22 -7.14 1.57 11.26
N ILE A 23 -8.07 1.77 10.33
CA ILE A 23 -7.73 2.05 8.94
C ILE A 23 -6.49 1.28 8.52
N ASP A 24 -6.31 0.09 9.10
CA ASP A 24 -5.15 -0.74 8.78
C ASP A 24 -4.85 -0.71 7.28
N LEU A 25 -5.86 -1.03 6.48
CA LEU A 25 -5.71 -1.05 5.04
C LEU A 25 -5.94 0.35 4.46
N MET A 26 -7.14 0.88 4.64
CA MET A 26 -7.48 2.20 4.13
C MET A 26 -6.49 3.25 4.64
N HIS A 27 -6.28 4.29 3.83
CA HIS A 27 -5.36 5.35 4.20
C HIS A 27 -5.69 6.64 3.45
N LYS A 28 -5.40 7.78 4.07
CA LYS A 28 -5.67 9.07 3.47
C LYS A 28 -5.06 9.16 2.07
N GLY A 29 -5.83 9.65 1.12
CA GLY A 29 -5.36 9.78 -0.25
C GLY A 29 -4.03 10.50 -0.33
N SER A 30 -3.85 11.50 0.52
CA SER A 30 -2.62 12.28 0.53
C SER A 30 -1.41 11.37 0.66
N PHE A 31 -0.43 11.57 -0.22
CA PHE A 31 0.79 10.77 -0.21
C PHE A 31 1.66 11.12 0.99
N GLU A 32 2.05 12.39 1.08
CA GLU A 32 2.88 12.86 2.19
C GLU A 32 2.48 12.20 3.50
N THR A 33 1.17 12.19 3.77
CA THR A 33 0.66 11.60 4.99
C THR A 33 1.10 10.14 5.13
N ALA A 34 0.99 9.38 4.05
CA ALA A 34 1.38 7.98 4.03
C ALA A 34 2.80 7.82 4.57
N LYS A 35 3.74 8.58 4.02
CA LYS A 35 5.12 8.51 4.43
C LYS A 35 5.25 8.74 5.94
N GLU A 36 4.67 9.83 6.41
CA GLU A 36 4.72 10.17 7.83
C GLU A 36 4.17 9.03 8.68
N CYS A 37 3.00 8.53 8.29
CA CYS A 37 2.36 7.43 9.02
C CYS A 37 3.25 6.20 9.03
N GLY A 38 3.85 5.89 7.88
CA GLY A 38 4.72 4.73 7.79
C GLY A 38 5.74 4.67 8.91
N GLN A 39 6.32 5.82 9.24
CA GLN A 39 7.32 5.90 10.30
C GLN A 39 6.68 5.68 11.67
N MET A 40 5.79 6.59 12.05
CA MET A 40 5.11 6.49 13.34
C MET A 40 4.57 5.08 13.56
N GLN A 41 4.01 4.49 12.52
CA GLN A 41 3.46 3.14 12.61
C GLN A 41 4.57 2.10 12.54
N ASN A 42 5.74 2.51 12.02
CA ASN A 42 6.87 1.61 11.90
C ASN A 42 6.56 0.47 10.94
N LYS A 43 6.03 0.81 9.77
CA LYS A 43 5.68 -0.18 8.76
C LYS A 43 6.10 0.30 7.38
N TRP A 44 6.53 -0.63 6.53
CA TRP A 44 6.95 -0.30 5.18
C TRP A 44 5.82 0.37 4.40
N LEU A 45 6.14 0.89 3.22
CA LEU A 45 5.15 1.56 2.38
C LEU A 45 4.98 0.83 1.05
N MET A 46 3.76 0.42 0.76
CA MET A 46 3.46 -0.28 -0.48
C MET A 46 2.54 0.56 -1.37
N ILE A 47 3.02 0.88 -2.58
CA ILE A 47 2.24 1.67 -3.51
C ILE A 47 1.90 0.86 -4.77
N ASN A 48 0.65 0.97 -5.21
CA ASN A 48 0.20 0.25 -6.40
C ASN A 48 -0.63 1.15 -7.30
N ILE A 49 -0.09 1.48 -8.46
CA ILE A 49 -0.79 2.33 -9.42
C ILE A 49 -1.80 1.53 -10.24
N GLN A 50 -3.07 1.79 -10.02
CA GLN A 50 -4.14 1.10 -10.74
C GLN A 50 -4.33 1.69 -12.13
N ASN A 51 -3.83 0.99 -13.14
CA ASN A 51 -3.95 1.45 -14.52
C ASN A 51 -5.32 1.08 -15.10
N VAL A 52 -6.10 2.09 -15.43
CA VAL A 52 -7.43 1.88 -16.00
C VAL A 52 -7.34 1.41 -17.44
N GLN A 53 -6.28 1.83 -18.13
CA GLN A 53 -6.08 1.44 -19.52
C GLN A 53 -5.61 0.00 -19.63
N ASP A 54 -4.50 -0.30 -18.98
CA ASP A 54 -3.95 -1.66 -19.00
C ASP A 54 -4.87 -2.63 -18.27
N PHE A 55 -4.87 -3.88 -18.72
CA PHE A 55 -5.71 -4.91 -18.11
C PHE A 55 -4.92 -5.73 -17.10
N ALA A 56 -3.65 -6.00 -17.43
CA ALA A 56 -2.79 -6.78 -16.55
C ALA A 56 -3.14 -6.53 -15.09
N CYS A 57 -2.92 -5.31 -14.62
CA CYS A 57 -3.21 -4.95 -13.24
C CYS A 57 -4.51 -5.59 -12.77
N GLN A 58 -5.60 -5.26 -13.45
CA GLN A 58 -6.91 -5.80 -13.10
C GLN A 58 -6.81 -7.29 -12.77
N CYS A 59 -6.34 -8.07 -13.73
CA CYS A 59 -6.19 -9.51 -13.54
C CYS A 59 -5.64 -9.83 -12.16
N LEU A 60 -4.56 -9.14 -11.79
CA LEU A 60 -3.92 -9.34 -10.50
C LEU A 60 -4.90 -9.07 -9.36
N ASN A 61 -5.40 -7.85 -9.29
CA ASN A 61 -6.35 -7.46 -8.25
C ASN A 61 -7.36 -8.56 -8.01
N ARG A 62 -7.61 -9.37 -9.03
CA ARG A 62 -8.56 -10.47 -8.92
C ARG A 62 -8.32 -11.28 -7.66
N ASP A 63 -7.14 -11.90 -7.58
CA ASP A 63 -6.77 -12.71 -6.43
C ASP A 63 -5.56 -12.13 -5.71
N VAL A 64 -4.64 -11.58 -6.49
CA VAL A 64 -3.42 -10.98 -5.93
C VAL A 64 -3.75 -9.97 -4.85
N TRP A 65 -4.36 -8.85 -5.26
CA TRP A 65 -4.73 -7.79 -4.32
C TRP A 65 -6.07 -8.09 -3.69
N SER A 66 -6.51 -9.34 -3.77
CA SER A 66 -7.79 -9.74 -3.20
C SER A 66 -7.59 -10.67 -2.02
N ASN A 67 -6.58 -11.53 -2.10
CA ASN A 67 -6.28 -12.47 -1.04
C ASN A 67 -6.13 -11.75 0.31
N GLU A 68 -7.05 -12.04 1.22
CA GLU A 68 -7.01 -11.41 2.54
C GLU A 68 -5.60 -11.42 3.12
N ALA A 69 -4.99 -12.61 3.16
CA ALA A 69 -3.64 -12.75 3.68
C ALA A 69 -2.74 -11.61 3.19
N VAL A 70 -2.71 -11.41 1.88
CA VAL A 70 -1.90 -10.36 1.28
C VAL A 70 -2.29 -8.99 1.83
N LYS A 71 -3.58 -8.73 1.90
CA LYS A 71 -4.09 -7.46 2.41
C LYS A 71 -3.63 -7.22 3.85
N ASN A 72 -3.72 -8.27 4.67
CA ASN A 72 -3.30 -8.18 6.07
C ASN A 72 -1.82 -7.85 6.18
N ILE A 73 -1.05 -8.26 5.18
CA ILE A 73 0.38 -8.00 5.16
C ILE A 73 0.69 -6.60 4.65
N ILE A 74 -0.01 -6.18 3.60
CA ILE A 74 0.18 -4.87 3.02
C ILE A 74 -0.39 -3.78 3.92
N ARG A 75 -1.15 -4.19 4.93
CA ARG A 75 -1.75 -3.25 5.87
C ARG A 75 -0.96 -3.21 7.17
N GLU A 76 -0.48 -4.38 7.61
CA GLU A 76 0.29 -4.47 8.84
C GLU A 76 1.77 -4.19 8.59
N HIS A 77 2.40 -5.03 7.77
CA HIS A 77 3.81 -4.87 7.44
C HIS A 77 4.03 -3.61 6.60
N PHE A 78 3.19 -3.44 5.57
CA PHE A 78 3.31 -2.28 4.69
C PHE A 78 2.07 -1.40 4.80
N ILE A 79 2.05 -0.31 4.04
CA ILE A 79 0.94 0.62 4.04
C ILE A 79 0.16 0.53 2.74
N PHE A 80 -1.07 0.02 2.81
CA PHE A 80 -1.92 -0.11 1.64
C PHE A 80 -2.29 1.26 1.08
N TRP A 81 -1.69 1.62 -0.05
CA TRP A 81 -1.95 2.90 -0.68
C TRP A 81 -2.07 2.74 -2.20
N GLN A 82 -3.30 2.81 -2.70
CA GLN A 82 -3.54 2.67 -4.13
C GLN A 82 -4.12 3.96 -4.72
N VAL A 83 -3.74 4.27 -5.94
CA VAL A 83 -4.22 5.48 -6.61
C VAL A 83 -4.15 5.32 -8.13
N TYR A 84 -4.88 6.18 -8.83
CA TYR A 84 -4.90 6.15 -10.29
C TYR A 84 -3.80 7.03 -10.88
N HIS A 85 -3.36 6.69 -12.09
CA HIS A 85 -2.31 7.44 -12.76
C HIS A 85 -2.88 8.70 -13.41
N ASP A 86 -4.10 9.06 -13.03
CA ASP A 86 -4.77 10.24 -13.57
C ASP A 86 -4.92 11.33 -12.51
N SER A 87 -5.19 10.90 -11.28
CA SER A 87 -5.36 11.85 -10.18
C SER A 87 -4.09 12.64 -9.94
N GLU A 88 -4.22 13.75 -9.22
CA GLU A 88 -3.08 14.61 -8.91
C GLU A 88 -2.01 13.83 -8.16
N GLU A 89 -2.42 13.15 -7.10
CA GLU A 89 -1.50 12.36 -6.29
C GLU A 89 -0.77 11.33 -7.13
N GLY A 90 -1.53 10.52 -7.86
CA GLY A 90 -0.94 9.51 -8.71
C GLY A 90 0.21 10.03 -9.53
N GLN A 91 -0.07 10.99 -10.41
CA GLN A 91 0.96 11.57 -11.27
C GLN A 91 2.28 11.69 -10.52
N ARG A 92 2.22 12.14 -9.27
CA ARG A 92 3.41 12.29 -8.45
C ARG A 92 4.29 11.06 -8.53
N TYR A 93 3.72 9.90 -8.20
CA TYR A 93 4.46 8.65 -8.22
C TYR A 93 5.11 8.43 -9.59
N ILE A 94 4.32 8.61 -10.65
CA ILE A 94 4.83 8.43 -12.00
C ILE A 94 6.03 9.32 -12.26
N GLN A 95 5.87 10.62 -12.05
CA GLN A 95 6.94 11.58 -12.26
C GLN A 95 8.12 11.27 -11.35
N PHE A 96 7.84 10.80 -10.14
CA PHE A 96 8.88 10.47 -9.18
C PHE A 96 10.02 9.72 -9.85
N TYR A 97 9.73 8.53 -10.36
CA TYR A 97 10.74 7.72 -11.03
C TYR A 97 10.49 7.67 -12.53
N LYS A 98 9.68 8.60 -13.02
CA LYS A 98 9.36 8.67 -14.44
C LYS A 98 8.85 7.33 -14.95
N LEU A 99 7.94 6.73 -14.21
CA LEU A 99 7.37 5.44 -14.58
C LEU A 99 6.85 5.47 -16.02
N GLY A 100 6.88 4.32 -16.69
CA GLY A 100 6.40 4.23 -18.05
C GLY A 100 6.04 2.82 -18.45
N ASP A 101 5.48 2.06 -17.52
CA ASP A 101 5.09 0.68 -17.78
C ASP A 101 4.11 0.19 -16.72
N PHE A 102 3.56 -1.00 -16.94
CA PHE A 102 2.61 -1.59 -16.01
C PHE A 102 2.44 -3.08 -16.27
N PRO A 103 2.07 -3.83 -15.23
CA PRO A 103 1.84 -3.27 -13.89
C PRO A 103 3.13 -2.79 -13.23
N TYR A 104 2.99 -2.04 -12.14
CA TYR A 104 4.14 -1.53 -11.42
C TYR A 104 3.96 -1.70 -9.91
N VAL A 105 4.98 -2.26 -9.26
CA VAL A 105 4.93 -2.48 -7.82
C VAL A 105 6.31 -2.31 -7.20
N SER A 106 6.46 -1.27 -6.38
CA SER A 106 7.74 -0.99 -5.71
C SER A 106 7.52 -0.64 -4.25
N ILE A 107 8.52 -0.94 -3.42
CA ILE A 107 8.43 -0.66 -1.99
C ILE A 107 9.33 0.51 -1.62
N LEU A 108 8.74 1.50 -0.94
CA LEU A 108 9.49 2.69 -0.52
C LEU A 108 9.60 2.75 1.01
N ASP A 109 10.65 3.39 1.49
CA ASP A 109 10.86 3.53 2.93
C ASP A 109 10.31 4.85 3.44
N PRO A 110 9.43 4.77 4.45
CA PRO A 110 8.80 5.96 5.04
C PRO A 110 9.80 6.80 5.84
N ARG A 111 11.01 6.27 6.00
CA ARG A 111 12.05 6.96 6.76
C ARG A 111 12.92 7.80 5.82
N THR A 112 13.44 7.17 4.77
CA THR A 112 14.29 7.86 3.81
C THR A 112 13.52 8.20 2.54
N GLY A 113 12.67 7.28 2.10
CA GLY A 113 11.88 7.51 0.91
C GLY A 113 12.64 7.18 -0.36
N GLN A 114 13.44 6.12 -0.31
CA GLN A 114 14.23 5.71 -1.47
C GLN A 114 13.88 4.29 -1.89
N LYS A 115 13.80 4.08 -3.20
CA LYS A 115 13.47 2.76 -3.74
C LYS A 115 14.46 1.71 -3.26
N LEU A 116 13.93 0.59 -2.76
CA LEU A 116 14.77 -0.50 -2.27
C LEU A 116 14.63 -1.74 -3.15
N VAL A 117 13.42 -1.98 -3.63
CA VAL A 117 13.15 -3.13 -4.49
C VAL A 117 12.26 -2.74 -5.67
N GLU A 118 12.29 -3.57 -6.71
CA GLU A 118 11.49 -3.31 -7.91
C GLU A 118 11.02 -4.62 -8.54
N TRP A 119 9.71 -4.78 -8.65
CA TRP A 119 9.13 -5.98 -9.24
C TRP A 119 8.14 -5.63 -10.35
N HIS A 120 7.69 -6.64 -11.08
CA HIS A 120 6.74 -6.43 -12.17
C HIS A 120 5.96 -7.70 -12.45
N GLN A 121 4.65 -7.56 -12.63
CA GLN A 121 3.78 -8.70 -12.91
C GLN A 121 3.74 -9.65 -11.72
N LEU A 122 3.54 -9.10 -10.53
CA LEU A 122 3.49 -9.89 -9.31
C LEU A 122 2.39 -10.96 -9.41
N ASP A 123 2.29 -11.78 -8.37
CA ASP A 123 1.27 -12.84 -8.33
C ASP A 123 0.91 -13.19 -6.90
N VAL A 124 -0.22 -13.87 -6.73
CA VAL A 124 -0.68 -14.26 -5.41
C VAL A 124 0.45 -14.87 -4.59
N SER A 125 1.07 -15.92 -5.12
CA SER A 125 2.17 -16.58 -4.44
C SER A 125 3.46 -15.78 -4.57
N SER A 126 3.90 -15.58 -5.81
CA SER A 126 5.12 -14.83 -6.08
C SER A 126 5.23 -13.63 -5.14
N PHE A 127 4.20 -12.81 -5.13
CA PHE A 127 4.18 -11.61 -4.28
C PHE A 127 4.53 -11.96 -2.84
N LEU A 128 3.74 -12.84 -2.24
CA LEU A 128 3.96 -13.26 -0.86
C LEU A 128 5.40 -13.73 -0.67
N ASP A 129 5.87 -14.57 -1.59
CA ASP A 129 7.23 -15.10 -1.52
C ASP A 129 8.25 -13.96 -1.47
N GLN A 130 8.13 -13.02 -2.39
CA GLN A 130 9.04 -11.88 -2.44
C GLN A 130 9.02 -11.10 -1.12
N VAL A 131 7.83 -10.86 -0.62
CA VAL A 131 7.66 -10.12 0.63
C VAL A 131 8.23 -10.92 1.82
N THR A 132 7.63 -12.06 2.09
CA THR A 132 8.08 -12.92 3.18
C THR A 132 9.59 -12.96 3.26
N GLY A 133 10.24 -13.14 2.11
CA GLY A 133 11.68 -13.20 2.08
C GLY A 133 12.33 -11.85 2.32
N PHE A 134 11.84 -10.83 1.62
CA PHE A 134 12.38 -9.48 1.76
C PHE A 134 12.34 -9.03 3.22
N LEU A 135 11.19 -9.17 3.85
CA LEU A 135 11.03 -8.78 5.25
C LEU A 135 12.16 -9.34 6.10
N GLY A 136 12.53 -10.60 5.85
CA GLY A 136 13.60 -11.22 6.60
C GLY A 136 14.97 -10.76 6.15
N GLU A 137 15.15 -10.61 4.85
CA GLU A 137 16.42 -10.18 4.29
C GLU A 137 16.76 -8.76 4.75
N HIS A 138 15.88 -7.82 4.42
CA HIS A 138 16.07 -6.42 4.79
C HIS A 138 15.75 -6.20 6.25
N GLY A 139 14.53 -6.59 6.65
CA GLY A 139 14.11 -6.42 8.03
C GLY A 139 13.03 -5.38 8.19
N GLN A 140 12.46 -5.29 9.40
CA GLN A 140 11.40 -4.33 9.67
C GLN A 140 11.97 -2.93 9.89
N LEU A 141 11.10 -1.94 9.92
CA LEU A 141 11.52 -0.55 10.12
C LEU A 141 12.66 -0.48 11.13
N ASP A 142 12.40 -0.94 12.34
CA ASP A 142 13.41 -0.93 13.40
C ASP A 142 14.00 0.47 13.56
N GLY A 143 13.15 1.48 13.41
CA GLY A 143 13.62 2.86 13.54
C GLY A 143 12.66 3.71 14.36
N LEU A 144 13.22 4.59 15.18
CA LEU A 144 12.42 5.47 16.02
C LEU A 144 12.01 6.74 15.25
N SER A 145 10.75 7.11 15.36
CA SER A 145 10.23 8.30 14.69
C SER A 145 9.25 9.05 15.58
N SER A 146 9.42 10.37 15.64
CA SER A 146 8.56 11.21 16.45
C SER A 146 7.17 11.34 15.82
N SER A 147 6.14 11.19 16.64
CA SER A 147 4.76 11.29 16.15
C SER A 147 3.92 12.15 17.09
N SER A 148 2.86 12.73 16.55
CA SER A 148 1.98 13.58 17.34
C SER A 148 0.69 13.88 16.58
N GLY A 149 -0.38 14.19 17.32
CA GLY A 149 -1.65 14.49 16.69
C GLY A 149 -2.59 15.23 17.62
N PRO A 150 -2.22 16.47 17.98
CA PRO A 150 -3.03 17.31 18.88
C PRO A 150 -4.33 17.77 18.22
N SER A 151 -5.37 16.94 18.33
CA SER A 151 -6.67 17.26 17.74
C SER A 151 -7.80 16.78 18.64
N SER A 152 -9.02 17.15 18.28
CA SER A 152 -10.20 16.76 19.06
C SER A 152 -11.40 16.54 18.15
N GLY A 153 -11.98 15.34 18.21
CA GLY A 153 -13.12 15.03 17.37
C GLY A 153 -12.90 13.82 16.50
N GLY A 1 28.42 17.41 14.59
CA GLY A 1 27.36 17.93 13.75
C GLY A 1 26.42 18.86 14.50
N SER A 2 25.36 19.29 13.83
CA SER A 2 24.39 20.20 14.45
C SER A 2 22.97 19.67 14.26
N SER A 3 22.00 20.38 14.82
CA SER A 3 20.60 19.99 14.74
C SER A 3 19.68 21.14 15.11
N GLY A 4 18.38 20.93 14.97
CA GLY A 4 17.41 21.96 15.30
C GLY A 4 15.98 21.46 15.25
N SER A 5 15.07 22.18 15.90
CA SER A 5 13.67 21.80 15.93
C SER A 5 12.79 22.98 16.33
N SER A 6 11.50 22.87 16.07
CA SER A 6 10.55 23.93 16.41
C SER A 6 9.20 23.35 16.79
N GLY A 7 8.35 24.17 17.40
CA GLY A 7 7.04 23.72 17.81
C GLY A 7 6.45 24.57 18.91
N ILE A 8 5.68 25.59 18.54
CA ILE A 8 5.06 26.48 19.51
C ILE A 8 3.66 26.01 19.87
N ASP A 9 2.88 25.67 18.85
CA ASP A 9 1.50 25.21 19.05
C ASP A 9 1.48 23.71 19.33
N LYS A 10 0.56 23.30 20.19
CA LYS A 10 0.43 21.88 20.54
C LYS A 10 -1.02 21.54 20.86
N LYS A 11 -1.63 20.72 20.02
CA LYS A 11 -3.02 20.31 20.22
C LYS A 11 -3.18 18.82 20.00
N LEU A 12 -3.50 18.09 21.07
CA LEU A 12 -3.68 16.65 21.00
C LEU A 12 -4.72 16.17 22.01
N THR A 13 -5.12 14.92 21.89
CA THR A 13 -6.11 14.34 22.79
C THR A 13 -5.45 13.62 23.96
N THR A 14 -6.15 13.54 25.08
CA THR A 14 -5.63 12.89 26.27
C THR A 14 -6.10 11.44 26.34
N LEU A 15 -7.42 11.25 26.41
CA LEU A 15 -7.99 9.91 26.48
C LEU A 15 -9.31 9.84 25.70
N ALA A 16 -9.30 9.10 24.60
CA ALA A 16 -10.48 8.95 23.77
C ALA A 16 -10.59 7.54 23.20
N ASP A 17 -11.72 7.23 22.59
CA ASP A 17 -11.93 5.92 22.00
C ASP A 17 -11.81 5.98 20.48
N LEU A 18 -11.97 4.82 19.82
CA LEU A 18 -11.87 4.74 18.37
C LEU A 18 -13.00 5.54 17.71
N PHE A 19 -14.22 5.04 17.83
CA PHE A 19 -15.38 5.70 17.25
C PHE A 19 -15.24 5.79 15.73
N ARG A 20 -14.69 4.74 15.12
CA ARG A 20 -14.50 4.70 13.68
C ARG A 20 -14.45 3.26 13.18
N PRO A 21 -14.85 3.06 11.91
CA PRO A 21 -14.86 1.74 11.29
C PRO A 21 -13.45 1.21 11.02
N PRO A 22 -13.36 -0.08 10.68
CA PRO A 22 -12.08 -0.73 10.38
C PRO A 22 -11.45 -0.23 9.09
N ILE A 23 -10.52 0.72 9.22
CA ILE A 23 -9.83 1.28 8.06
C ILE A 23 -8.37 0.87 8.03
N ASP A 24 -7.97 0.03 8.98
CA ASP A 24 -6.60 -0.45 9.06
C ASP A 24 -6.01 -0.66 7.66
N LEU A 25 -6.77 -1.31 6.80
CA LEU A 25 -6.34 -1.58 5.43
C LEU A 25 -6.59 -0.37 4.53
N MET A 26 -7.86 0.05 4.47
CA MET A 26 -8.23 1.19 3.65
C MET A 26 -7.61 2.48 4.18
N HIS A 27 -6.66 3.03 3.44
CA HIS A 27 -6.00 4.26 3.84
C HIS A 27 -6.43 5.43 2.95
N LYS A 28 -6.94 6.48 3.58
CA LYS A 28 -7.39 7.65 2.85
C LYS A 28 -6.70 8.91 3.36
N GLY A 29 -6.30 9.78 2.44
CA GLY A 29 -5.63 11.01 2.82
C GLY A 29 -4.65 11.48 1.77
N SER A 30 -3.65 12.26 2.19
CA SER A 30 -2.64 12.78 1.28
C SER A 30 -1.56 11.74 1.00
N PHE A 31 -0.79 11.96 -0.05
CA PHE A 31 0.28 11.04 -0.42
C PHE A 31 1.47 11.18 0.53
N GLU A 32 1.87 12.42 0.79
CA GLU A 32 2.99 12.68 1.68
C GLU A 32 2.83 11.94 2.99
N THR A 33 1.59 11.80 3.45
CA THR A 33 1.29 11.12 4.70
C THR A 33 1.82 9.68 4.66
N ALA A 34 1.42 8.92 3.64
CA ALA A 34 1.85 7.54 3.50
C ALA A 34 3.30 7.37 3.97
N LYS A 35 4.09 8.41 3.82
CA LYS A 35 5.49 8.38 4.23
C LYS A 35 5.62 8.60 5.73
N GLU A 36 4.99 9.65 6.24
CA GLU A 36 5.04 9.98 7.66
C GLU A 36 4.42 8.85 8.49
N CYS A 37 3.28 8.35 8.05
CA CYS A 37 2.59 7.28 8.75
C CYS A 37 3.53 6.10 8.99
N GLY A 38 4.27 5.72 7.95
CA GLY A 38 5.19 4.60 8.07
C GLY A 38 6.10 4.72 9.28
N GLN A 39 6.55 5.94 9.56
CA GLN A 39 7.42 6.19 10.70
C GLN A 39 6.71 5.89 12.02
N MET A 40 5.66 6.65 12.30
CA MET A 40 4.89 6.46 13.52
C MET A 40 4.44 5.02 13.67
N GLN A 41 3.73 4.51 12.65
CA GLN A 41 3.25 3.14 12.66
C GLN A 41 4.40 2.15 12.55
N ASN A 42 5.53 2.62 12.03
CA ASN A 42 6.71 1.77 11.87
C ASN A 42 6.42 0.63 10.90
N LYS A 43 5.84 0.96 9.76
CA LYS A 43 5.52 -0.04 8.75
C LYS A 43 6.08 0.36 7.39
N TRP A 44 6.30 -0.64 6.54
CA TRP A 44 6.84 -0.38 5.20
C TRP A 44 5.81 0.33 4.32
N LEU A 45 6.26 0.79 3.15
CA LEU A 45 5.37 1.49 2.23
C LEU A 45 5.19 0.68 0.94
N MET A 46 3.93 0.45 0.56
CA MET A 46 3.62 -0.30 -0.64
C MET A 46 2.53 0.40 -1.45
N ILE A 47 2.90 0.97 -2.58
CA ILE A 47 1.96 1.67 -3.44
C ILE A 47 1.54 0.80 -4.61
N ASN A 48 0.34 1.04 -5.13
CA ASN A 48 -0.17 0.27 -6.26
C ASN A 48 -0.94 1.17 -7.23
N ILE A 49 -0.39 1.35 -8.43
CA ILE A 49 -1.02 2.19 -9.44
C ILE A 49 -2.12 1.42 -10.17
N GLN A 50 -3.37 1.75 -9.86
CA GLN A 50 -4.52 1.11 -10.49
C GLN A 50 -4.81 1.73 -11.84
N ASN A 51 -4.53 0.98 -12.91
CA ASN A 51 -4.77 1.46 -14.26
C ASN A 51 -6.24 1.33 -14.64
N VAL A 52 -6.95 2.46 -14.65
CA VAL A 52 -8.36 2.48 -14.98
C VAL A 52 -8.59 2.02 -16.42
N GLN A 53 -7.62 2.31 -17.29
CA GLN A 53 -7.72 1.91 -18.69
C GLN A 53 -7.20 0.51 -18.89
N ASP A 54 -5.95 0.28 -18.49
CA ASP A 54 -5.33 -1.04 -18.63
C ASP A 54 -6.20 -2.13 -18.01
N PHE A 55 -5.98 -3.37 -18.45
CA PHE A 55 -6.76 -4.50 -17.95
C PHE A 55 -5.90 -5.37 -17.04
N ALA A 56 -4.63 -5.54 -17.40
CA ALA A 56 -3.71 -6.35 -16.63
C ALA A 56 -4.00 -6.24 -15.13
N CYS A 57 -4.00 -5.01 -14.63
CA CYS A 57 -4.27 -4.77 -13.21
C CYS A 57 -5.45 -5.61 -12.73
N GLN A 58 -6.61 -5.38 -13.33
CA GLN A 58 -7.82 -6.11 -12.96
C GLN A 58 -7.49 -7.57 -12.62
N CYS A 59 -6.95 -8.29 -13.60
CA CYS A 59 -6.60 -9.69 -13.41
C CYS A 59 -5.88 -9.89 -12.08
N LEU A 60 -4.87 -9.05 -11.82
CA LEU A 60 -4.11 -9.13 -10.58
C LEU A 60 -5.01 -8.97 -9.37
N ASN A 61 -5.78 -7.89 -9.36
CA ASN A 61 -6.70 -7.61 -8.25
C ASN A 61 -7.68 -8.77 -8.06
N ARG A 62 -7.70 -9.68 -9.02
CA ARG A 62 -8.60 -10.84 -8.95
C ARG A 62 -8.25 -11.72 -7.75
N ASP A 63 -7.00 -12.16 -7.70
CA ASP A 63 -6.54 -13.01 -6.61
C ASP A 63 -5.42 -12.34 -5.82
N VAL A 64 -4.55 -11.62 -6.54
CA VAL A 64 -3.43 -10.93 -5.90
C VAL A 64 -3.94 -9.94 -4.85
N TRP A 65 -4.56 -8.87 -5.31
CA TRP A 65 -5.10 -7.85 -4.41
C TRP A 65 -6.45 -8.25 -3.86
N SER A 66 -6.76 -9.55 -3.95
CA SER A 66 -8.03 -10.07 -3.46
C SER A 66 -7.82 -10.96 -2.23
N ASN A 67 -6.68 -11.65 -2.20
CA ASN A 67 -6.36 -12.53 -1.09
C ASN A 67 -6.34 -11.77 0.23
N GLU A 68 -7.32 -12.03 1.08
CA GLU A 68 -7.43 -11.37 2.37
C GLU A 68 -6.05 -11.26 3.03
N ALA A 69 -5.38 -12.40 3.17
CA ALA A 69 -4.06 -12.43 3.79
C ALA A 69 -3.17 -11.32 3.25
N VAL A 70 -3.15 -11.18 1.92
CA VAL A 70 -2.33 -10.16 1.28
C VAL A 70 -2.77 -8.76 1.72
N LYS A 71 -4.03 -8.62 2.10
CA LYS A 71 -4.57 -7.34 2.54
C LYS A 71 -4.03 -6.98 3.91
N ASN A 72 -4.24 -7.86 4.89
CA ASN A 72 -3.77 -7.62 6.25
C ASN A 72 -2.26 -7.41 6.27
N ILE A 73 -1.58 -7.91 5.24
CA ILE A 73 -0.13 -7.77 5.14
C ILE A 73 0.26 -6.40 4.59
N ILE A 74 -0.38 -6.00 3.50
CA ILE A 74 -0.10 -4.71 2.89
C ILE A 74 -0.47 -3.57 3.83
N ARG A 75 -1.26 -3.87 4.85
CA ARG A 75 -1.69 -2.86 5.81
C ARG A 75 -0.81 -2.92 7.07
N GLU A 76 -0.61 -4.12 7.59
CA GLU A 76 0.21 -4.30 8.79
C GLU A 76 1.68 -4.07 8.48
N HIS A 77 2.26 -4.96 7.68
CA HIS A 77 3.67 -4.85 7.31
C HIS A 77 3.91 -3.61 6.46
N PHE A 78 3.00 -3.33 5.53
CA PHE A 78 3.12 -2.17 4.66
C PHE A 78 1.90 -1.26 4.82
N ILE A 79 1.92 -0.14 4.08
CA ILE A 79 0.83 0.82 4.13
C ILE A 79 0.02 0.80 2.84
N PHE A 80 -1.14 0.16 2.88
CA PHE A 80 -2.00 0.08 1.71
C PHE A 80 -2.39 1.48 1.22
N TRP A 81 -1.78 1.91 0.12
CA TRP A 81 -2.07 3.22 -0.44
C TRP A 81 -2.05 3.17 -1.97
N GLN A 82 -3.24 3.14 -2.57
CA GLN A 82 -3.35 3.10 -4.02
C GLN A 82 -3.95 4.39 -4.56
N VAL A 83 -3.65 4.69 -5.82
CA VAL A 83 -4.16 5.90 -6.46
C VAL A 83 -4.17 5.76 -7.98
N TYR A 84 -5.16 6.38 -8.62
CA TYR A 84 -5.28 6.32 -10.07
C TYR A 84 -4.22 7.18 -10.74
N HIS A 85 -3.79 6.77 -11.94
CA HIS A 85 -2.78 7.50 -12.68
C HIS A 85 -3.38 8.70 -13.39
N ASP A 86 -4.59 9.08 -12.97
CA ASP A 86 -5.28 10.23 -13.56
C ASP A 86 -5.36 11.38 -12.57
N SER A 87 -5.55 11.05 -11.30
CA SER A 87 -5.65 12.06 -10.26
C SER A 87 -4.35 12.85 -10.12
N GLU A 88 -4.34 13.82 -9.22
CA GLU A 88 -3.15 14.64 -9.00
C GLU A 88 -2.00 13.80 -8.45
N GLU A 89 -2.15 13.34 -7.20
CA GLU A 89 -1.13 12.53 -6.57
C GLU A 89 -0.60 11.47 -7.53
N GLY A 90 -1.51 10.63 -8.02
CA GLY A 90 -1.13 9.57 -8.94
C GLY A 90 -0.12 10.05 -9.98
N GLN A 91 -0.44 11.15 -10.64
CA GLN A 91 0.44 11.72 -11.66
C GLN A 91 1.87 11.85 -11.14
N ARG A 92 2.00 12.25 -9.89
CA ARG A 92 3.31 12.43 -9.27
C ARG A 92 4.06 11.10 -9.22
N TYR A 93 3.46 10.11 -8.57
CA TYR A 93 4.08 8.80 -8.44
C TYR A 93 4.81 8.41 -9.73
N ILE A 94 4.17 8.70 -10.87
CA ILE A 94 4.76 8.38 -12.16
C ILE A 94 6.15 8.97 -12.29
N GLN A 95 6.23 10.30 -12.26
CA GLN A 95 7.51 10.99 -12.36
C GLN A 95 8.48 10.54 -11.28
N PHE A 96 7.95 10.28 -10.09
CA PHE A 96 8.76 9.85 -8.97
C PHE A 96 9.74 8.76 -9.40
N TYR A 97 9.19 7.65 -9.90
CA TYR A 97 10.01 6.53 -10.35
C TYR A 97 10.03 6.45 -11.87
N LYS A 98 9.49 7.47 -12.52
CA LYS A 98 9.45 7.52 -13.97
C LYS A 98 8.71 6.30 -14.53
N LEU A 99 7.54 6.02 -13.96
CA LEU A 99 6.73 4.88 -14.41
C LEU A 99 6.50 4.94 -15.92
N GLY A 100 6.32 3.77 -16.52
CA GLY A 100 6.09 3.71 -17.95
C GLY A 100 5.23 2.53 -18.35
N ASP A 101 5.38 1.42 -17.63
CA ASP A 101 4.61 0.21 -17.92
C ASP A 101 3.77 -0.19 -16.70
N PHE A 102 2.89 -1.16 -16.91
CA PHE A 102 2.01 -1.63 -15.84
C PHE A 102 1.81 -3.14 -15.93
N PRO A 103 1.50 -3.77 -14.79
CA PRO A 103 1.37 -3.07 -13.51
C PRO A 103 2.71 -2.56 -12.99
N TYR A 104 2.66 -1.76 -11.93
CA TYR A 104 3.86 -1.20 -11.34
C TYR A 104 3.82 -1.30 -9.81
N VAL A 105 4.84 -1.92 -9.23
CA VAL A 105 4.92 -2.08 -7.78
C VAL A 105 6.35 -1.94 -7.30
N SER A 106 6.53 -1.17 -6.23
CA SER A 106 7.87 -0.95 -5.66
C SER A 106 7.77 -0.64 -4.17
N ILE A 107 8.68 -1.22 -3.40
CA ILE A 107 8.71 -0.99 -1.95
C ILE A 107 9.72 0.09 -1.57
N LEU A 108 9.30 1.01 -0.72
CA LEU A 108 10.17 2.09 -0.28
C LEU A 108 10.10 2.27 1.23
N ASP A 109 11.05 3.01 1.79
CA ASP A 109 11.09 3.25 3.23
C ASP A 109 10.45 4.60 3.56
N PRO A 110 9.55 4.59 4.56
CA PRO A 110 8.85 5.81 5.00
C PRO A 110 9.77 6.78 5.72
N ARG A 111 11.02 6.36 5.92
CA ARG A 111 12.00 7.20 6.60
C ARG A 111 12.89 7.92 5.59
N THR A 112 13.47 7.16 4.67
CA THR A 112 14.33 7.72 3.64
C THR A 112 13.59 7.95 2.34
N GLY A 113 12.74 6.98 1.98
CA GLY A 113 11.97 7.09 0.76
C GLY A 113 12.76 6.65 -0.46
N GLN A 114 13.55 5.59 -0.30
CA GLN A 114 14.36 5.07 -1.40
C GLN A 114 13.87 3.69 -1.83
N LYS A 115 13.90 3.44 -3.13
CA LYS A 115 13.46 2.16 -3.66
C LYS A 115 14.43 1.05 -3.28
N LEU A 116 13.90 0.01 -2.64
CA LEU A 116 14.71 -1.12 -2.21
C LEU A 116 14.52 -2.31 -3.13
N VAL A 117 13.30 -2.49 -3.61
CA VAL A 117 12.98 -3.60 -4.52
C VAL A 117 12.02 -3.16 -5.61
N GLU A 118 12.07 -3.84 -6.75
CA GLU A 118 11.21 -3.51 -7.88
C GLU A 118 10.67 -4.78 -8.54
N TRP A 119 9.35 -4.88 -8.64
CA TRP A 119 8.72 -6.05 -9.24
C TRP A 119 7.76 -5.62 -10.36
N HIS A 120 7.97 -6.16 -11.55
CA HIS A 120 7.13 -5.83 -12.70
C HIS A 120 5.80 -6.57 -12.60
N GLN A 121 5.85 -7.87 -12.30
CA GLN A 121 4.65 -8.68 -12.19
C GLN A 121 4.53 -9.27 -10.79
N LEU A 122 3.30 -9.35 -10.29
CA LEU A 122 3.05 -9.91 -8.96
C LEU A 122 1.96 -10.98 -9.02
N ASP A 123 2.11 -12.00 -8.18
CA ASP A 123 1.14 -13.08 -8.13
C ASP A 123 0.84 -13.48 -6.69
N VAL A 124 -0.15 -14.34 -6.51
CA VAL A 124 -0.55 -14.80 -5.18
C VAL A 124 0.61 -15.52 -4.50
N SER A 125 1.20 -16.49 -5.19
CA SER A 125 2.30 -17.26 -4.64
C SER A 125 3.60 -16.45 -4.68
N SER A 126 3.85 -15.81 -5.81
CA SER A 126 5.06 -15.01 -5.99
C SER A 126 5.10 -13.88 -4.97
N PHE A 127 4.07 -13.05 -4.97
CA PHE A 127 3.99 -11.93 -4.05
C PHE A 127 4.30 -12.36 -2.62
N LEU A 128 3.46 -13.24 -2.08
CA LEU A 128 3.65 -13.74 -0.72
C LEU A 128 5.06 -14.29 -0.54
N ASP A 129 5.45 -15.21 -1.43
CA ASP A 129 6.78 -15.81 -1.36
C ASP A 129 7.85 -14.73 -1.22
N GLN A 130 7.77 -13.71 -2.05
CA GLN A 130 8.74 -12.61 -2.01
C GLN A 130 8.62 -11.83 -0.72
N VAL A 131 7.48 -11.19 -0.51
CA VAL A 131 7.24 -10.40 0.69
C VAL A 131 7.73 -11.14 1.93
N THR A 132 7.19 -12.34 2.15
CA THR A 132 7.57 -13.15 3.30
C THR A 132 9.07 -13.26 3.42
N GLY A 133 9.76 -13.31 2.28
CA GLY A 133 11.20 -13.42 2.28
C GLY A 133 11.89 -12.10 2.59
N PHE A 134 11.43 -11.04 1.94
CA PHE A 134 12.01 -9.71 2.16
C PHE A 134 11.85 -9.28 3.62
N LEU A 135 10.64 -9.39 4.13
CA LEU A 135 10.36 -9.01 5.52
C LEU A 135 11.40 -9.59 6.46
N GLY A 136 11.71 -10.87 6.28
CA GLY A 136 12.70 -11.52 7.13
C GLY A 136 14.12 -11.14 6.77
N GLU A 137 14.46 -11.26 5.48
CA GLU A 137 15.79 -10.92 5.01
C GLU A 137 16.21 -9.54 5.50
N HIS A 138 15.37 -8.55 5.23
CA HIS A 138 15.66 -7.18 5.64
C HIS A 138 15.25 -6.94 7.08
N GLY A 139 13.97 -7.16 7.38
CA GLY A 139 13.47 -6.98 8.72
C GLY A 139 12.59 -5.74 8.85
N GLN A 140 11.48 -5.89 9.57
CA GLN A 140 10.54 -4.77 9.76
C GLN A 140 11.24 -3.61 10.45
N LEU A 141 10.64 -2.43 10.33
CA LEU A 141 11.21 -1.22 10.95
C LEU A 141 11.50 -1.45 12.43
N ASP A 142 10.52 -2.02 13.14
CA ASP A 142 10.68 -2.30 14.56
C ASP A 142 11.59 -3.51 14.79
N GLY A 143 12.50 -3.39 15.74
CA GLY A 143 13.41 -4.48 16.02
C GLY A 143 12.77 -5.56 16.87
N LEU A 144 12.21 -6.57 16.21
CA LEU A 144 11.55 -7.67 16.90
C LEU A 144 12.40 -8.94 16.84
N SER A 145 12.40 -9.69 17.93
CA SER A 145 13.17 -10.93 18.00
C SER A 145 12.62 -11.98 17.04
N SER A 146 11.29 -12.11 17.02
CA SER A 146 10.63 -13.08 16.15
C SER A 146 9.92 -12.37 15.00
N SER A 147 9.37 -13.16 14.08
CA SER A 147 8.67 -12.61 12.93
C SER A 147 7.35 -13.33 12.71
N SER A 148 6.55 -12.82 11.77
CA SER A 148 5.26 -13.41 11.46
C SER A 148 5.13 -13.69 9.98
N GLY A 149 4.01 -14.31 9.58
CA GLY A 149 3.79 -14.63 8.19
C GLY A 149 3.51 -16.11 7.96
N PRO A 150 2.62 -16.41 7.02
CA PRO A 150 2.26 -17.79 6.68
C PRO A 150 3.38 -18.54 5.99
N SER A 151 3.12 -19.78 5.61
CA SER A 151 4.11 -20.60 4.94
C SER A 151 4.10 -20.36 3.43
N SER A 152 5.21 -20.70 2.78
CA SER A 152 5.33 -20.51 1.33
C SER A 152 4.61 -21.62 0.58
N GLY A 153 5.02 -22.86 0.83
CA GLY A 153 4.41 -24.00 0.17
C GLY A 153 5.23 -25.27 0.31
N GLY A 1 -26.15 49.01 -20.39
CA GLY A 1 -24.99 48.60 -19.61
C GLY A 1 -24.97 47.10 -19.35
N SER A 2 -23.99 46.67 -18.56
CA SER A 2 -23.86 45.25 -18.24
C SER A 2 -23.07 45.06 -16.94
N SER A 3 -23.17 43.86 -16.37
CA SER A 3 -22.47 43.55 -15.12
C SER A 3 -22.30 42.05 -14.95
N GLY A 4 -21.33 41.65 -14.15
CA GLY A 4 -21.08 40.24 -13.91
C GLY A 4 -20.68 39.95 -12.47
N SER A 5 -20.83 38.69 -12.07
CA SER A 5 -20.50 38.29 -10.70
C SER A 5 -19.87 36.90 -10.69
N SER A 6 -19.13 36.60 -9.63
CA SER A 6 -18.47 35.31 -9.50
C SER A 6 -18.21 34.98 -8.03
N GLY A 7 -18.15 33.69 -7.72
CA GLY A 7 -17.90 33.27 -6.35
C GLY A 7 -18.52 31.92 -6.05
N ILE A 8 -17.72 31.01 -5.53
CA ILE A 8 -18.19 29.67 -5.18
C ILE A 8 -17.56 29.17 -3.89
N ASP A 9 -18.40 28.77 -2.94
CA ASP A 9 -17.92 28.27 -1.65
C ASP A 9 -18.86 27.21 -1.10
N LYS A 10 -18.29 26.09 -0.68
CA LYS A 10 -19.07 24.99 -0.13
C LYS A 10 -18.59 24.61 1.27
N LYS A 11 -19.47 24.73 2.25
CA LYS A 11 -19.12 24.39 3.63
C LYS A 11 -20.36 23.96 4.41
N LEU A 12 -20.40 22.68 4.80
CA LEU A 12 -21.52 22.14 5.55
C LEU A 12 -21.05 21.09 6.56
N THR A 13 -21.64 21.11 7.74
CA THR A 13 -21.29 20.17 8.79
C THR A 13 -22.53 19.63 9.50
N THR A 14 -22.67 18.31 9.52
CA THR A 14 -23.81 17.68 10.17
C THR A 14 -23.50 16.24 10.57
N LEU A 15 -23.75 15.91 11.82
CA LEU A 15 -23.49 14.56 12.33
C LEU A 15 -24.36 13.54 11.60
N ALA A 16 -23.82 12.34 11.42
CA ALA A 16 -24.54 11.26 10.76
C ALA A 16 -23.83 9.93 10.94
N ASP A 17 -24.59 8.84 10.76
CA ASP A 17 -24.03 7.50 10.90
C ASP A 17 -23.10 7.17 9.74
N LEU A 18 -21.98 6.53 10.05
CA LEU A 18 -21.01 6.16 9.02
C LEU A 18 -21.49 4.95 8.22
N PHE A 19 -21.63 5.15 6.91
CA PHE A 19 -22.08 4.07 6.03
C PHE A 19 -20.96 3.61 5.11
N ARG A 20 -20.06 4.53 4.78
CA ARG A 20 -18.94 4.21 3.90
C ARG A 20 -18.12 3.04 4.46
N PRO A 21 -17.40 2.36 3.57
CA PRO A 21 -16.57 1.21 3.94
C PRO A 21 -15.36 1.61 4.76
N PRO A 22 -14.66 0.62 5.33
CA PRO A 22 -13.47 0.85 6.15
C PRO A 22 -12.28 1.32 5.32
N ILE A 23 -12.07 2.63 5.29
CA ILE A 23 -10.96 3.21 4.53
C ILE A 23 -9.64 3.02 5.25
N ASP A 24 -9.67 2.25 6.33
CA ASP A 24 -8.46 1.98 7.12
C ASP A 24 -7.40 1.29 6.27
N LEU A 25 -7.83 0.34 5.44
CA LEU A 25 -6.93 -0.40 4.58
C LEU A 25 -6.44 0.48 3.42
N MET A 26 -7.39 0.97 2.62
CA MET A 26 -7.06 1.83 1.49
C MET A 26 -6.22 3.01 1.93
N HIS A 27 -6.17 3.25 3.24
CA HIS A 27 -5.40 4.36 3.78
C HIS A 27 -5.77 5.68 3.09
N LYS A 28 -7.05 5.85 2.80
CA LYS A 28 -7.53 7.07 2.14
C LYS A 28 -7.12 8.31 2.92
N GLY A 29 -6.66 9.33 2.22
CA GLY A 29 -6.26 10.56 2.86
C GLY A 29 -5.29 11.37 2.02
N SER A 30 -4.00 11.17 2.25
CA SER A 30 -2.96 11.88 1.51
C SER A 30 -1.82 10.95 1.13
N PHE A 31 -1.00 11.39 0.18
CA PHE A 31 0.14 10.59 -0.26
C PHE A 31 1.36 10.82 0.62
N GLU A 32 1.70 12.09 0.82
CA GLU A 32 2.85 12.45 1.65
C GLU A 32 2.73 11.84 3.04
N THR A 33 1.50 11.80 3.56
CA THR A 33 1.25 11.24 4.88
C THR A 33 1.66 9.77 4.95
N ALA A 34 1.15 8.99 4.00
CA ALA A 34 1.47 7.55 3.95
C ALA A 34 2.89 7.30 4.40
N LYS A 35 3.78 8.24 4.14
CA LYS A 35 5.18 8.11 4.53
C LYS A 35 5.36 8.32 6.02
N GLU A 36 4.85 9.44 6.52
CA GLU A 36 4.95 9.75 7.94
C GLU A 36 4.15 8.76 8.78
N CYS A 37 2.93 8.48 8.36
CA CYS A 37 2.07 7.54 9.08
C CYS A 37 2.79 6.21 9.30
N GLY A 38 3.48 5.74 8.26
CA GLY A 38 4.20 4.48 8.37
C GLY A 38 5.29 4.52 9.41
N GLN A 39 6.11 5.57 9.36
CA GLN A 39 7.21 5.72 10.30
C GLN A 39 6.71 5.58 11.73
N MET A 40 5.57 6.19 12.02
CA MET A 40 5.00 6.13 13.36
C MET A 40 5.13 4.72 13.95
N GLN A 41 4.59 3.74 13.25
CA GLN A 41 4.64 2.36 13.70
C GLN A 41 5.76 1.60 12.99
N ASN A 42 6.68 2.34 12.37
CA ASN A 42 7.79 1.72 11.65
C ASN A 42 7.28 0.68 10.65
N LYS A 43 6.28 1.06 9.87
CA LYS A 43 5.72 0.16 8.88
C LYS A 43 6.23 0.50 7.48
N TRP A 44 6.45 -0.53 6.67
CA TRP A 44 6.94 -0.34 5.31
C TRP A 44 5.86 0.30 4.43
N LEU A 45 6.30 0.96 3.36
CA LEU A 45 5.39 1.61 2.43
C LEU A 45 5.26 0.82 1.14
N MET A 46 4.02 0.52 0.75
CA MET A 46 3.77 -0.23 -0.47
C MET A 46 2.84 0.54 -1.40
N ILE A 47 3.39 0.99 -2.53
CA ILE A 47 2.61 1.74 -3.51
C ILE A 47 2.18 0.85 -4.67
N ASN A 48 1.07 1.21 -5.30
CA ASN A 48 0.56 0.44 -6.44
C ASN A 48 -0.05 1.38 -7.49
N ILE A 49 0.36 1.21 -8.73
CA ILE A 49 -0.15 2.03 -9.82
C ILE A 49 -0.96 1.20 -10.81
N GLN A 50 -2.26 1.44 -10.84
CA GLN A 50 -3.15 0.71 -11.74
C GLN A 50 -3.33 1.45 -13.06
N ASN A 51 -3.19 0.73 -14.16
CA ASN A 51 -3.33 1.33 -15.49
C ASN A 51 -4.69 0.99 -16.09
N VAL A 52 -5.57 1.98 -16.15
CA VAL A 52 -6.90 1.79 -16.71
C VAL A 52 -6.83 1.18 -18.11
N GLN A 53 -5.76 1.49 -18.83
CA GLN A 53 -5.57 0.97 -20.18
C GLN A 53 -5.23 -0.52 -20.15
N ASP A 54 -4.08 -0.85 -19.58
CA ASP A 54 -3.63 -2.22 -19.48
C ASP A 54 -4.58 -3.04 -18.59
N PHE A 55 -4.78 -4.30 -18.95
CA PHE A 55 -5.65 -5.18 -18.18
C PHE A 55 -4.87 -5.95 -17.12
N ALA A 56 -3.83 -6.65 -17.56
CA ALA A 56 -2.99 -7.43 -16.65
C ALA A 56 -2.88 -6.74 -15.30
N CYS A 57 -2.69 -5.42 -15.33
CA CYS A 57 -2.57 -4.64 -14.09
C CYS A 57 -3.76 -4.88 -13.18
N GLN A 58 -4.93 -4.45 -13.63
CA GLN A 58 -6.16 -4.61 -12.85
C GLN A 58 -6.36 -6.07 -12.44
N CYS A 59 -5.93 -6.98 -13.30
CA CYS A 59 -6.06 -8.42 -13.04
C CYS A 59 -5.52 -8.76 -11.65
N LEU A 60 -4.42 -8.13 -11.28
CA LEU A 60 -3.80 -8.38 -9.99
C LEU A 60 -4.77 -8.07 -8.86
N ASN A 61 -5.22 -6.83 -8.78
CA ASN A 61 -6.16 -6.40 -7.74
C ASN A 61 -7.30 -7.42 -7.59
N ARG A 62 -7.49 -8.22 -8.63
CA ARG A 62 -8.55 -9.23 -8.62
C ARG A 62 -8.41 -10.16 -7.41
N ASP A 63 -7.30 -10.89 -7.37
CA ASP A 63 -7.05 -11.81 -6.27
C ASP A 63 -5.78 -11.42 -5.51
N VAL A 64 -4.80 -10.92 -6.24
CA VAL A 64 -3.53 -10.50 -5.64
C VAL A 64 -3.77 -9.52 -4.50
N TRP A 65 -4.17 -8.29 -4.84
CA TRP A 65 -4.43 -7.27 -3.83
C TRP A 65 -5.84 -7.40 -3.28
N SER A 66 -6.45 -8.57 -3.47
CA SER A 66 -7.80 -8.82 -3.00
C SER A 66 -7.79 -9.86 -1.89
N ASN A 67 -6.87 -10.81 -1.98
CA ASN A 67 -6.76 -11.87 -0.98
C ASN A 67 -6.56 -11.28 0.42
N GLU A 68 -7.56 -11.48 1.28
CA GLU A 68 -7.49 -10.98 2.65
C GLU A 68 -6.11 -11.22 3.25
N ALA A 69 -5.57 -12.40 3.03
CA ALA A 69 -4.25 -12.76 3.54
C ALA A 69 -3.21 -11.73 3.14
N VAL A 70 -3.30 -11.25 1.91
CA VAL A 70 -2.36 -10.25 1.41
C VAL A 70 -2.71 -8.86 1.90
N LYS A 71 -3.99 -8.52 1.83
CA LYS A 71 -4.46 -7.21 2.28
C LYS A 71 -4.09 -6.97 3.74
N ASN A 72 -4.41 -7.92 4.59
CA ASN A 72 -4.09 -7.81 6.01
C ASN A 72 -2.60 -7.57 6.23
N ILE A 73 -1.79 -8.07 5.30
CA ILE A 73 -0.34 -7.91 5.38
C ILE A 73 0.09 -6.55 4.83
N ILE A 74 -0.51 -6.16 3.71
CA ILE A 74 -0.19 -4.88 3.08
C ILE A 74 -0.73 -3.72 3.88
N ARG A 75 -1.61 -4.02 4.84
CA ARG A 75 -2.21 -2.99 5.68
C ARG A 75 -1.48 -2.90 7.01
N GLU A 76 -1.19 -4.04 7.61
CA GLU A 76 -0.50 -4.09 8.89
C GLU A 76 0.99 -3.85 8.71
N HIS A 77 1.67 -4.81 8.08
CA HIS A 77 3.10 -4.71 7.84
C HIS A 77 3.42 -3.52 6.95
N PHE A 78 2.64 -3.36 5.88
CA PHE A 78 2.85 -2.26 4.94
C PHE A 78 1.62 -1.34 4.92
N ILE A 79 1.70 -0.28 4.12
CA ILE A 79 0.60 0.68 4.00
C ILE A 79 -0.01 0.63 2.60
N PHE A 80 -1.20 0.05 2.50
CA PHE A 80 -1.89 -0.05 1.22
C PHE A 80 -2.27 1.33 0.70
N TRP A 81 -1.55 1.79 -0.31
CA TRP A 81 -1.82 3.10 -0.90
C TRP A 81 -1.62 3.06 -2.42
N GLN A 82 -2.74 3.10 -3.15
CA GLN A 82 -2.69 3.07 -4.60
C GLN A 82 -3.55 4.18 -5.21
N VAL A 83 -3.22 4.58 -6.43
CA VAL A 83 -3.97 5.62 -7.11
C VAL A 83 -3.91 5.45 -8.62
N TYR A 84 -5.03 5.67 -9.29
CA TYR A 84 -5.10 5.54 -10.74
C TYR A 84 -4.20 6.56 -11.43
N HIS A 85 -3.37 6.08 -12.35
CA HIS A 85 -2.46 6.95 -13.08
C HIS A 85 -3.17 8.22 -13.54
N ASP A 86 -4.37 8.07 -14.08
CA ASP A 86 -5.16 9.20 -14.55
C ASP A 86 -5.31 10.25 -13.46
N SER A 87 -5.67 9.80 -12.26
CA SER A 87 -5.87 10.70 -11.13
C SER A 87 -4.63 11.57 -10.92
N GLU A 88 -4.84 12.73 -10.32
CA GLU A 88 -3.74 13.66 -10.05
C GLU A 88 -2.63 12.98 -9.26
N GLU A 89 -3.02 12.22 -8.23
CA GLU A 89 -2.05 11.52 -7.40
C GLU A 89 -1.16 10.61 -8.24
N GLY A 90 -1.78 9.79 -9.07
CA GLY A 90 -1.03 8.89 -9.92
C GLY A 90 -0.04 9.61 -10.81
N GLN A 91 -0.51 10.64 -11.51
CA GLN A 91 0.35 11.41 -12.40
C GLN A 91 1.65 11.79 -11.71
N ARG A 92 1.54 12.31 -10.49
CA ARG A 92 2.72 12.71 -9.73
C ARG A 92 3.67 11.53 -9.52
N TYR A 93 3.17 10.49 -8.87
CA TYR A 93 3.98 9.30 -8.61
C TYR A 93 4.82 8.93 -9.82
N ILE A 94 4.19 8.96 -10.99
CA ILE A 94 4.88 8.63 -12.24
C ILE A 94 6.23 9.34 -12.32
N GLN A 95 6.19 10.67 -12.35
CA GLN A 95 7.40 11.47 -12.43
C GLN A 95 8.43 11.00 -11.39
N PHE A 96 7.96 10.72 -10.19
CA PHE A 96 8.83 10.27 -9.11
C PHE A 96 9.89 9.31 -9.64
N TYR A 97 9.43 8.18 -10.19
CA TYR A 97 10.34 7.18 -10.72
C TYR A 97 10.23 7.10 -12.24
N LYS A 98 9.60 8.11 -12.83
CA LYS A 98 9.43 8.17 -14.28
C LYS A 98 8.76 6.90 -14.80
N LEU A 99 7.73 6.46 -14.09
CA LEU A 99 7.00 5.25 -14.48
C LEU A 99 6.56 5.33 -15.94
N GLY A 100 6.34 4.16 -16.54
CA GLY A 100 5.91 4.12 -17.93
C GLY A 100 5.32 2.79 -18.32
N ASP A 101 5.79 1.72 -17.67
CA ASP A 101 5.30 0.38 -17.95
C ASP A 101 4.34 -0.08 -16.86
N PHE A 102 3.62 -1.17 -17.14
CA PHE A 102 2.66 -1.71 -16.18
C PHE A 102 2.54 -3.22 -16.33
N PRO A 103 2.18 -3.91 -15.23
CA PRO A 103 1.92 -3.26 -13.95
C PRO A 103 3.19 -2.71 -13.31
N TYR A 104 3.02 -1.89 -12.28
CA TYR A 104 4.15 -1.30 -11.57
C TYR A 104 3.97 -1.38 -10.06
N VAL A 105 4.88 -2.09 -9.40
CA VAL A 105 4.82 -2.24 -7.96
C VAL A 105 6.22 -2.25 -7.35
N SER A 106 6.36 -1.56 -6.21
CA SER A 106 7.64 -1.48 -5.53
C SER A 106 7.46 -1.10 -4.07
N ILE A 107 8.45 -1.43 -3.23
CA ILE A 107 8.39 -1.12 -1.81
C ILE A 107 9.41 -0.04 -1.45
N LEU A 108 8.90 1.15 -1.13
CA LEU A 108 9.74 2.27 -0.76
C LEU A 108 9.88 2.38 0.75
N ASP A 109 10.91 3.08 1.21
CA ASP A 109 11.15 3.26 2.63
C ASP A 109 10.61 4.61 3.11
N PRO A 110 9.72 4.56 4.12
CA PRO A 110 9.11 5.76 4.69
C PRO A 110 10.11 6.62 5.46
N ARG A 111 11.28 6.05 5.74
CA ARG A 111 12.32 6.75 6.48
C ARG A 111 13.25 7.50 5.53
N THR A 112 13.76 6.78 4.53
CA THR A 112 14.66 7.38 3.55
C THR A 112 13.91 7.77 2.28
N GLY A 113 13.06 6.88 1.80
CA GLY A 113 12.29 7.14 0.60
C GLY A 113 13.05 6.79 -0.66
N GLN A 114 13.81 5.70 -0.60
CA GLN A 114 14.59 5.25 -1.75
C GLN A 114 14.16 3.86 -2.20
N LYS A 115 13.91 3.71 -3.49
CA LYS A 115 13.48 2.44 -4.05
C LYS A 115 14.48 1.34 -3.69
N LEU A 116 14.05 0.40 -2.85
CA LEU A 116 14.90 -0.71 -2.43
C LEU A 116 14.69 -1.92 -3.32
N VAL A 117 13.42 -2.24 -3.61
CA VAL A 117 13.09 -3.37 -4.45
C VAL A 117 12.20 -2.95 -5.62
N GLU A 118 12.14 -3.78 -6.64
CA GLU A 118 11.33 -3.49 -7.83
C GLU A 118 10.82 -4.78 -8.46
N TRP A 119 9.50 -4.91 -8.54
CA TRP A 119 8.88 -6.08 -9.14
C TRP A 119 7.98 -5.71 -10.30
N HIS A 120 8.21 -6.34 -11.45
CA HIS A 120 7.41 -6.06 -12.65
C HIS A 120 6.07 -6.77 -12.57
N GLN A 121 6.10 -8.09 -12.51
CA GLN A 121 4.87 -8.88 -12.44
C GLN A 121 4.80 -9.65 -11.13
N LEU A 122 3.67 -9.54 -10.44
CA LEU A 122 3.46 -10.23 -9.17
C LEU A 122 2.32 -11.22 -9.27
N ASP A 123 2.13 -12.00 -8.21
CA ASP A 123 1.07 -13.00 -8.16
C ASP A 123 0.60 -13.24 -6.74
N VAL A 124 -0.46 -14.04 -6.59
CA VAL A 124 -1.01 -14.34 -5.27
C VAL A 124 0.01 -15.08 -4.40
N SER A 125 0.51 -16.20 -4.92
CA SER A 125 1.49 -17.00 -4.20
C SER A 125 2.88 -16.37 -4.27
N SER A 126 3.27 -15.97 -5.48
CA SER A 126 4.58 -15.34 -5.69
C SER A 126 4.78 -14.16 -4.74
N PHE A 127 3.91 -13.17 -4.86
CA PHE A 127 3.98 -11.98 -4.01
C PHE A 127 4.30 -12.37 -2.57
N LEU A 128 3.40 -13.11 -1.96
CA LEU A 128 3.57 -13.54 -0.57
C LEU A 128 5.00 -14.01 -0.33
N ASP A 129 5.44 -14.97 -1.14
CA ASP A 129 6.79 -15.51 -1.01
C ASP A 129 7.82 -14.39 -0.90
N GLN A 130 7.70 -13.39 -1.77
CA GLN A 130 8.62 -12.26 -1.76
C GLN A 130 8.49 -11.45 -0.46
N VAL A 131 7.28 -10.97 -0.20
CA VAL A 131 7.02 -10.19 0.99
C VAL A 131 7.46 -10.93 2.25
N THR A 132 6.83 -12.07 2.50
CA THR A 132 7.16 -12.88 3.67
C THR A 132 8.66 -12.94 3.89
N GLY A 133 9.41 -13.18 2.80
CA GLY A 133 10.85 -13.25 2.90
C GLY A 133 11.50 -11.90 3.11
N PHE A 134 10.91 -10.87 2.49
CA PHE A 134 11.45 -9.52 2.60
C PHE A 134 11.35 -9.02 4.04
N LEU A 135 10.25 -9.35 4.71
CA LEU A 135 10.03 -8.94 6.09
C LEU A 135 11.19 -9.38 6.98
N GLY A 136 11.60 -10.64 6.82
CA GLY A 136 12.71 -11.17 7.61
C GLY A 136 14.05 -10.74 7.07
N GLU A 137 14.21 -10.81 5.76
CA GLU A 137 15.48 -10.44 5.11
C GLU A 137 15.90 -9.04 5.51
N HIS A 138 14.96 -8.09 5.42
CA HIS A 138 15.24 -6.71 5.78
C HIS A 138 14.98 -6.47 7.26
N GLY A 139 13.85 -6.94 7.75
CA GLY A 139 13.50 -6.76 9.15
C GLY A 139 12.53 -5.62 9.38
N GLN A 140 12.26 -5.32 10.64
CA GLN A 140 11.34 -4.24 10.99
C GLN A 140 12.10 -2.92 11.15
N LEU A 141 11.61 -1.88 10.47
CA LEU A 141 12.23 -0.56 10.53
C LEU A 141 12.71 -0.27 11.94
N ASP A 142 11.84 -0.46 12.93
CA ASP A 142 12.19 -0.22 14.32
C ASP A 142 13.61 -0.67 14.61
N GLY A 143 13.94 -1.89 14.21
CA GLY A 143 15.26 -2.42 14.44
C GLY A 143 15.46 -3.80 13.84
N LEU A 144 16.65 -4.37 14.02
CA LEU A 144 16.95 -5.68 13.48
C LEU A 144 16.09 -6.76 14.13
N SER A 145 16.17 -7.97 13.62
CA SER A 145 15.39 -9.09 14.15
C SER A 145 16.09 -9.71 15.35
N SER A 146 15.51 -9.51 16.53
CA SER A 146 16.08 -10.05 17.76
C SER A 146 16.17 -11.57 17.69
N SER A 147 15.07 -12.21 17.31
CA SER A 147 15.03 -13.66 17.20
C SER A 147 15.92 -14.15 16.06
N SER A 148 16.20 -15.45 16.06
CA SER A 148 17.05 -16.05 15.03
C SER A 148 16.58 -17.46 14.68
N GLY A 149 17.12 -17.99 13.60
CA GLY A 149 16.73 -19.33 13.16
C GLY A 149 16.63 -19.45 11.66
N PRO A 150 16.85 -20.67 11.13
CA PRO A 150 16.78 -20.94 9.70
C PRO A 150 15.35 -20.86 9.16
N SER A 151 14.43 -20.41 10.00
CA SER A 151 13.04 -20.29 9.62
C SER A 151 12.71 -18.86 9.19
N SER A 152 11.76 -18.72 8.27
CA SER A 152 11.36 -17.41 7.77
C SER A 152 12.48 -16.77 6.97
N GLY A 153 13.13 -17.56 6.13
CA GLY A 153 14.22 -17.05 5.32
C GLY A 153 15.20 -18.14 4.90
N GLY A 1 -38.07 41.39 -31.18
CA GLY A 1 -37.43 40.20 -30.66
C GLY A 1 -36.31 40.51 -29.69
N SER A 2 -36.12 39.65 -28.70
CA SER A 2 -35.07 39.85 -27.71
C SER A 2 -34.82 38.56 -26.92
N SER A 3 -33.70 38.53 -26.20
CA SER A 3 -33.34 37.35 -25.42
C SER A 3 -32.20 37.68 -24.45
N GLY A 4 -31.95 36.77 -23.51
CA GLY A 4 -30.89 36.99 -22.55
C GLY A 4 -31.13 36.22 -21.25
N SER A 5 -30.05 35.77 -20.64
CA SER A 5 -30.14 35.01 -19.39
C SER A 5 -28.77 34.88 -18.73
N SER A 6 -28.77 34.65 -17.42
CA SER A 6 -27.53 34.51 -16.67
C SER A 6 -27.75 33.65 -15.43
N GLY A 7 -26.77 32.79 -15.13
CA GLY A 7 -26.88 31.92 -13.98
C GLY A 7 -26.96 30.46 -14.35
N ILE A 8 -25.84 29.76 -14.28
CA ILE A 8 -25.80 28.34 -14.61
C ILE A 8 -24.86 27.58 -13.68
N ASP A 9 -25.43 26.71 -12.86
CA ASP A 9 -24.65 25.91 -11.93
C ASP A 9 -25.01 24.43 -12.02
N LYS A 10 -24.04 23.60 -12.37
CA LYS A 10 -24.26 22.17 -12.51
C LYS A 10 -23.06 21.39 -11.98
N LYS A 11 -23.31 20.50 -11.02
CA LYS A 11 -22.25 19.68 -10.44
C LYS A 11 -22.52 18.20 -10.68
N LEU A 12 -21.52 17.50 -11.19
CA LEU A 12 -21.64 16.07 -11.47
C LEU A 12 -21.02 15.25 -10.35
N THR A 13 -20.54 15.93 -9.32
CA THR A 13 -19.91 15.27 -8.19
C THR A 13 -20.94 14.50 -7.35
N THR A 14 -20.82 13.18 -7.34
CA THR A 14 -21.73 12.34 -6.59
C THR A 14 -21.00 11.21 -5.87
N LEU A 15 -21.34 11.01 -4.61
CA LEU A 15 -20.71 9.96 -3.80
C LEU A 15 -21.70 9.37 -2.81
N ALA A 16 -21.55 8.08 -2.53
CA ALA A 16 -22.42 7.37 -1.61
C ALA A 16 -22.28 7.94 -0.20
N ASP A 17 -23.40 8.33 0.39
CA ASP A 17 -23.41 8.88 1.74
C ASP A 17 -23.54 7.78 2.79
N LEU A 18 -24.46 6.86 2.55
CA LEU A 18 -24.70 5.75 3.47
C LEU A 18 -24.16 4.44 2.89
N PHE A 19 -24.26 3.37 3.67
CA PHE A 19 -23.80 2.06 3.22
C PHE A 19 -22.40 2.16 2.62
N ARG A 20 -21.61 3.10 3.12
CA ARG A 20 -20.26 3.30 2.61
C ARG A 20 -19.30 2.27 3.22
N PRO A 21 -18.33 1.83 2.40
CA PRO A 21 -17.33 0.85 2.83
C PRO A 21 -16.35 1.41 3.84
N PRO A 22 -15.88 0.55 4.77
CA PRO A 22 -14.94 0.94 5.81
C PRO A 22 -13.54 1.24 5.25
N ILE A 23 -13.42 1.16 3.93
CA ILE A 23 -12.14 1.42 3.27
C ILE A 23 -10.98 0.86 4.08
N ASP A 24 -11.23 -0.24 4.79
CA ASP A 24 -10.20 -0.88 5.60
C ASP A 24 -8.85 -0.84 4.90
N LEU A 25 -8.81 -1.37 3.68
CA LEU A 25 -7.57 -1.40 2.90
C LEU A 25 -7.33 -0.06 2.20
N MET A 26 -8.31 0.38 1.41
CA MET A 26 -8.20 1.63 0.69
C MET A 26 -7.87 2.78 1.66
N HIS A 27 -6.63 3.24 1.60
CA HIS A 27 -6.20 4.34 2.47
C HIS A 27 -5.87 5.59 1.65
N LYS A 28 -6.73 6.60 1.76
CA LYS A 28 -6.54 7.85 1.04
C LYS A 28 -5.20 8.49 1.41
N GLY A 29 -4.83 8.38 2.68
CA GLY A 29 -3.58 8.96 3.13
C GLY A 29 -3.21 10.21 2.37
N SER A 30 -1.95 10.30 1.93
CA SER A 30 -1.48 11.46 1.20
C SER A 30 -0.12 11.18 0.55
N PHE A 31 0.20 11.93 -0.49
CA PHE A 31 1.46 11.76 -1.20
C PHE A 31 2.63 11.74 -0.22
N GLU A 32 2.66 12.71 0.68
CA GLU A 32 3.73 12.80 1.67
C GLU A 32 3.37 12.00 2.92
N THR A 33 2.16 12.19 3.42
CA THR A 33 1.70 11.49 4.61
C THR A 33 1.99 10.00 4.51
N ALA A 34 1.58 9.39 3.40
CA ALA A 34 1.80 7.97 3.19
C ALA A 34 3.12 7.51 3.80
N LYS A 35 4.17 8.29 3.57
CA LYS A 35 5.49 7.97 4.10
C LYS A 35 5.55 8.23 5.61
N GLU A 36 4.95 9.34 6.04
CA GLU A 36 4.93 9.70 7.45
C GLU A 36 4.36 8.56 8.29
N CYS A 37 3.12 8.18 8.00
CA CYS A 37 2.47 7.10 8.74
C CYS A 37 3.44 5.97 9.03
N GLY A 38 4.09 5.47 7.98
CA GLY A 38 5.03 4.38 8.14
C GLY A 38 5.83 4.49 9.43
N GLN A 39 6.23 5.71 9.76
CA GLN A 39 7.01 5.94 10.98
C GLN A 39 6.19 5.61 12.22
N MET A 40 5.15 6.39 12.47
CA MET A 40 4.28 6.17 13.63
C MET A 40 3.88 4.70 13.73
N GLN A 41 3.22 4.20 12.70
CA GLN A 41 2.79 2.80 12.69
C GLN A 41 3.99 1.86 12.66
N ASN A 42 5.13 2.37 12.23
CA ASN A 42 6.35 1.57 12.16
C ASN A 42 6.19 0.42 11.16
N LYS A 43 5.69 0.74 9.98
CA LYS A 43 5.48 -0.26 8.94
C LYS A 43 6.07 0.21 7.62
N TRP A 44 6.10 -0.69 6.64
CA TRP A 44 6.63 -0.37 5.32
C TRP A 44 5.56 0.25 4.43
N LEU A 45 5.99 0.98 3.41
CA LEU A 45 5.06 1.63 2.49
C LEU A 45 4.96 0.86 1.18
N MET A 46 3.75 0.50 0.79
CA MET A 46 3.52 -0.24 -0.45
C MET A 46 2.77 0.62 -1.47
N ILE A 47 3.44 0.93 -2.57
CA ILE A 47 2.82 1.74 -3.62
C ILE A 47 2.05 0.87 -4.61
N ASN A 48 0.91 1.37 -5.07
CA ASN A 48 0.08 0.64 -6.02
C ASN A 48 -0.59 1.59 -7.00
N ILE A 49 -0.17 1.51 -8.26
CA ILE A 49 -0.73 2.37 -9.31
C ILE A 49 -1.66 1.59 -10.21
N GLN A 50 -2.96 1.81 -10.05
CA GLN A 50 -3.97 1.13 -10.87
C GLN A 50 -4.33 1.96 -12.10
N ASN A 51 -4.30 1.32 -13.27
CA ASN A 51 -4.63 2.00 -14.51
C ASN A 51 -6.12 2.28 -14.60
N VAL A 52 -6.49 3.18 -15.51
CA VAL A 52 -7.89 3.54 -15.70
C VAL A 52 -8.66 2.42 -16.39
N GLN A 53 -8.00 1.73 -17.31
CA GLN A 53 -8.64 0.64 -18.04
C GLN A 53 -7.58 -0.34 -18.56
N ASP A 54 -7.65 -1.58 -18.08
CA ASP A 54 -6.71 -2.61 -18.49
C ASP A 54 -7.21 -3.99 -18.11
N PHE A 55 -6.51 -5.03 -18.58
CA PHE A 55 -6.90 -6.40 -18.29
C PHE A 55 -6.07 -6.96 -17.13
N ALA A 56 -4.76 -6.73 -17.17
CA ALA A 56 -3.87 -7.20 -16.13
C ALA A 56 -4.27 -6.65 -14.76
N CYS A 57 -4.74 -5.41 -14.75
CA CYS A 57 -5.16 -4.77 -13.51
C CYS A 57 -6.33 -5.52 -12.88
N GLN A 58 -7.29 -5.90 -13.69
CA GLN A 58 -8.47 -6.61 -13.22
C GLN A 58 -8.11 -8.06 -12.88
N CYS A 59 -7.15 -8.61 -13.59
CA CYS A 59 -6.72 -9.99 -13.38
C CYS A 59 -5.95 -10.11 -12.05
N LEU A 60 -5.17 -9.09 -11.74
CA LEU A 60 -4.38 -9.09 -10.51
C LEU A 60 -5.28 -9.13 -9.28
N ASN A 61 -6.04 -8.05 -9.07
CA ASN A 61 -6.95 -7.97 -7.93
C ASN A 61 -7.77 -9.26 -7.79
N ARG A 62 -7.94 -9.96 -8.91
CA ARG A 62 -8.71 -11.20 -8.92
C ARG A 62 -8.34 -12.07 -7.71
N ASP A 63 -7.07 -12.47 -7.65
CA ASP A 63 -6.60 -13.31 -6.55
C ASP A 63 -5.52 -12.58 -5.75
N VAL A 64 -4.69 -11.82 -6.45
CA VAL A 64 -3.61 -11.08 -5.80
C VAL A 64 -4.14 -10.22 -4.66
N TRP A 65 -4.91 -9.20 -5.00
CA TRP A 65 -5.48 -8.30 -4.00
C TRP A 65 -6.74 -8.91 -3.38
N SER A 66 -6.92 -10.21 -3.58
CA SER A 66 -8.09 -10.90 -3.05
C SER A 66 -7.69 -11.80 -1.89
N ASN A 67 -6.49 -12.37 -1.95
CA ASN A 67 -6.00 -13.24 -0.91
C ASN A 67 -6.05 -12.55 0.46
N GLU A 68 -6.81 -13.14 1.38
CA GLU A 68 -6.95 -12.58 2.73
C GLU A 68 -5.57 -12.30 3.34
N ALA A 69 -4.65 -13.24 3.16
CA ALA A 69 -3.30 -13.09 3.69
C ALA A 69 -2.61 -11.86 3.10
N VAL A 70 -2.38 -11.89 1.79
CA VAL A 70 -1.72 -10.78 1.12
C VAL A 70 -2.27 -9.44 1.60
N LYS A 71 -3.59 -9.35 1.71
CA LYS A 71 -4.24 -8.13 2.16
C LYS A 71 -3.87 -7.82 3.61
N ASN A 72 -4.08 -8.78 4.49
CA ASN A 72 -3.76 -8.61 5.91
C ASN A 72 -2.29 -8.22 6.09
N ILE A 73 -1.45 -8.66 5.16
CA ILE A 73 -0.02 -8.36 5.23
C ILE A 73 0.26 -6.95 4.70
N ILE A 74 -0.15 -6.69 3.47
CA ILE A 74 0.07 -5.39 2.85
C ILE A 74 -0.56 -4.28 3.69
N ARG A 75 -1.56 -4.65 4.49
CA ARG A 75 -2.24 -3.67 5.34
C ARG A 75 -1.54 -3.55 6.69
N GLU A 76 -1.11 -4.69 7.24
CA GLU A 76 -0.42 -4.70 8.52
C GLU A 76 1.06 -4.42 8.35
N HIS A 77 1.77 -5.34 7.71
CA HIS A 77 3.20 -5.20 7.47
C HIS A 77 3.49 -3.96 6.64
N PHE A 78 2.61 -3.67 5.69
CA PHE A 78 2.77 -2.52 4.82
C PHE A 78 1.55 -1.61 4.89
N ILE A 79 1.59 -0.49 4.17
CA ILE A 79 0.49 0.46 4.14
C ILE A 79 -0.19 0.47 2.78
N PHE A 80 -1.42 -0.03 2.75
CA PHE A 80 -2.19 -0.08 1.50
C PHE A 80 -2.51 1.32 1.00
N TRP A 81 -1.88 1.70 -0.11
CA TRP A 81 -2.09 3.02 -0.69
C TRP A 81 -2.40 2.91 -2.18
N GLN A 82 -3.66 3.13 -2.53
CA GLN A 82 -4.10 3.06 -3.92
C GLN A 82 -4.33 4.45 -4.48
N VAL A 83 -3.68 4.74 -5.60
CA VAL A 83 -3.82 6.05 -6.26
C VAL A 83 -3.58 5.94 -7.76
N TYR A 84 -4.52 6.45 -8.54
CA TYR A 84 -4.41 6.41 -10.00
C TYR A 84 -3.35 7.40 -10.48
N HIS A 85 -2.90 7.20 -11.73
CA HIS A 85 -1.89 8.08 -12.31
C HIS A 85 -2.51 9.41 -12.73
N ASP A 86 -3.75 9.36 -13.21
CA ASP A 86 -4.44 10.56 -13.65
C ASP A 86 -4.52 11.58 -12.53
N SER A 87 -4.88 11.13 -11.33
CA SER A 87 -4.99 12.00 -10.17
C SER A 87 -3.65 12.66 -9.85
N GLU A 88 -3.69 13.78 -9.14
CA GLU A 88 -2.48 14.50 -8.77
C GLU A 88 -1.49 13.57 -8.06
N GLU A 89 -1.97 12.89 -7.02
CA GLU A 89 -1.13 11.96 -6.26
C GLU A 89 -0.26 11.12 -7.20
N GLY A 90 -0.90 10.54 -8.20
CA GLY A 90 -0.18 9.70 -9.16
C GLY A 90 0.68 10.52 -10.11
N GLN A 91 0.13 11.63 -10.59
CA GLN A 91 0.85 12.50 -11.51
C GLN A 91 2.26 12.77 -11.01
N ARG A 92 2.40 12.99 -9.71
CA ARG A 92 3.70 13.25 -9.11
C ARG A 92 4.56 11.99 -9.09
N TYR A 93 3.94 10.88 -8.72
CA TYR A 93 4.65 9.60 -8.64
C TYR A 93 5.37 9.30 -9.94
N ILE A 94 4.67 9.50 -11.06
CA ILE A 94 5.26 9.27 -12.38
C ILE A 94 6.61 9.95 -12.51
N GLN A 95 6.65 11.24 -12.23
CA GLN A 95 7.89 12.01 -12.32
C GLN A 95 8.94 11.47 -11.36
N PHE A 96 8.50 11.11 -10.15
CA PHE A 96 9.40 10.57 -9.13
C PHE A 96 10.50 9.74 -9.78
N TYR A 97 10.13 8.61 -10.35
CA TYR A 97 11.10 7.71 -10.99
C TYR A 97 10.88 7.68 -12.50
N LYS A 98 10.16 8.67 -13.01
CA LYS A 98 9.87 8.75 -14.45
C LYS A 98 9.18 7.49 -14.94
N LEU A 99 8.25 6.99 -14.13
CA LEU A 99 7.50 5.78 -14.49
C LEU A 99 6.81 5.95 -15.84
N GLY A 100 6.56 4.83 -16.51
CA GLY A 100 5.90 4.88 -17.80
C GLY A 100 5.42 3.51 -18.25
N ASP A 101 4.94 2.71 -17.30
CA ASP A 101 4.45 1.37 -17.61
C ASP A 101 3.55 0.86 -16.49
N PHE A 102 2.85 -0.24 -16.75
CA PHE A 102 1.95 -0.83 -15.77
C PHE A 102 1.68 -2.30 -16.10
N PRO A 103 1.38 -3.09 -15.06
CA PRO A 103 1.32 -2.59 -13.68
C PRO A 103 2.69 -2.22 -13.12
N TYR A 104 2.71 -1.40 -12.08
CA TYR A 104 3.95 -0.96 -11.47
C TYR A 104 3.87 -1.05 -9.94
N VAL A 105 4.90 -1.62 -9.34
CA VAL A 105 4.94 -1.76 -7.88
C VAL A 105 6.36 -1.62 -7.36
N SER A 106 6.51 -0.93 -6.22
CA SER A 106 7.82 -0.71 -5.62
C SER A 106 7.68 -0.42 -4.13
N ILE A 107 8.67 -0.88 -3.36
CA ILE A 107 8.66 -0.66 -1.92
C ILE A 107 9.59 0.49 -1.53
N LEU A 108 9.06 1.47 -0.83
CA LEU A 108 9.84 2.63 -0.38
C LEU A 108 9.97 2.65 1.14
N ASP A 109 10.89 3.47 1.63
CA ASP A 109 11.11 3.60 3.07
C ASP A 109 10.63 4.95 3.58
N PRO A 110 9.76 4.92 4.60
CA PRO A 110 9.19 6.13 5.20
C PRO A 110 10.24 6.91 5.98
N ARG A 111 11.40 6.31 6.19
CA ARG A 111 12.48 6.95 6.93
C ARG A 111 13.46 7.64 5.99
N THR A 112 13.85 6.93 4.93
CA THR A 112 14.79 7.48 3.94
C THR A 112 14.05 8.02 2.73
N GLY A 113 13.06 7.25 2.25
CA GLY A 113 12.30 7.68 1.10
C GLY A 113 12.97 7.31 -0.21
N GLN A 114 13.63 6.15 -0.23
CA GLN A 114 14.32 5.69 -1.43
C GLN A 114 13.72 4.38 -1.93
N LYS A 115 14.11 3.99 -3.14
CA LYS A 115 13.61 2.76 -3.75
C LYS A 115 14.35 1.54 -3.19
N LEU A 116 13.58 0.61 -2.62
CA LEU A 116 14.15 -0.60 -2.03
C LEU A 116 14.21 -1.72 -3.07
N VAL A 117 13.04 -2.09 -3.58
CA VAL A 117 12.95 -3.16 -4.58
C VAL A 117 12.07 -2.73 -5.75
N GLU A 118 12.09 -3.53 -6.82
CA GLU A 118 11.29 -3.24 -8.00
C GLU A 118 10.71 -4.52 -8.59
N TRP A 119 9.41 -4.49 -8.88
CA TRP A 119 8.74 -5.66 -9.45
C TRP A 119 7.71 -5.23 -10.50
N HIS A 120 7.89 -5.71 -11.72
CA HIS A 120 6.98 -5.39 -12.81
C HIS A 120 5.70 -6.22 -12.73
N GLN A 121 5.87 -7.54 -12.67
CA GLN A 121 4.73 -8.44 -12.59
C GLN A 121 4.75 -9.24 -11.28
N LEU A 122 3.57 -9.49 -10.73
CA LEU A 122 3.46 -10.24 -9.48
C LEU A 122 2.22 -11.13 -9.49
N ASP A 123 2.13 -12.03 -8.52
CA ASP A 123 0.99 -12.93 -8.41
C ASP A 123 0.76 -13.33 -6.96
N VAL A 124 -0.34 -14.04 -6.71
CA VAL A 124 -0.69 -14.49 -5.37
C VAL A 124 0.49 -15.19 -4.71
N SER A 125 1.13 -16.10 -5.45
CA SER A 125 2.26 -16.85 -4.93
C SER A 125 3.54 -16.01 -5.01
N SER A 126 3.82 -15.49 -6.19
CA SER A 126 5.02 -14.67 -6.41
C SER A 126 5.11 -13.56 -5.36
N PHE A 127 4.09 -12.72 -5.30
CA PHE A 127 4.06 -11.62 -4.35
C PHE A 127 4.53 -12.08 -2.97
N LEU A 128 3.78 -13.00 -2.37
CA LEU A 128 4.13 -13.51 -1.04
C LEU A 128 5.54 -14.06 -1.04
N ASP A 129 5.81 -15.02 -1.91
CA ASP A 129 7.13 -15.63 -2.00
C ASP A 129 8.22 -14.59 -1.80
N GLN A 130 8.07 -13.44 -2.45
CA GLN A 130 9.05 -12.37 -2.34
C GLN A 130 8.83 -11.56 -1.05
N VAL A 131 7.70 -10.89 -0.96
CA VAL A 131 7.38 -10.09 0.22
C VAL A 131 7.79 -10.81 1.50
N THR A 132 7.26 -12.01 1.70
CA THR A 132 7.57 -12.80 2.87
C THR A 132 9.08 -12.84 3.13
N GLY A 133 9.86 -12.96 2.05
CA GLY A 133 11.30 -13.00 2.19
C GLY A 133 11.89 -11.65 2.54
N PHE A 134 11.50 -10.62 1.79
CA PHE A 134 12.00 -9.27 2.03
C PHE A 134 11.87 -8.90 3.51
N LEU A 135 10.75 -9.28 4.11
CA LEU A 135 10.50 -8.98 5.52
C LEU A 135 11.64 -9.50 6.39
N GLY A 136 11.87 -10.82 6.34
CA GLY A 136 12.93 -11.42 7.12
C GLY A 136 14.30 -10.92 6.72
N GLU A 137 14.55 -10.86 5.41
CA GLU A 137 15.84 -10.40 4.90
C GLU A 137 16.23 -9.06 5.51
N HIS A 138 15.36 -8.07 5.35
CA HIS A 138 15.61 -6.74 5.90
C HIS A 138 15.07 -6.62 7.32
N GLY A 139 13.76 -6.77 7.46
CA GLY A 139 13.15 -6.68 8.78
C GLY A 139 12.24 -5.47 8.90
N GLN A 140 11.15 -5.62 9.64
CA GLN A 140 10.20 -4.54 9.84
C GLN A 140 10.85 -3.37 10.57
N LEU A 141 10.25 -2.19 10.46
CA LEU A 141 10.78 -0.99 11.10
C LEU A 141 10.90 -1.19 12.61
N ASP A 142 9.90 -1.86 13.19
CA ASP A 142 9.88 -2.12 14.62
C ASP A 142 10.63 -3.41 14.94
N GLY A 143 10.28 -4.49 14.24
CA GLY A 143 10.94 -5.76 14.47
C GLY A 143 11.06 -6.09 15.94
N LEU A 144 10.01 -6.69 16.50
CA LEU A 144 10.01 -7.06 17.92
C LEU A 144 10.86 -8.29 18.16
N SER A 145 10.81 -9.24 17.23
CA SER A 145 11.58 -10.46 17.34
C SER A 145 11.52 -11.02 18.77
N SER A 146 10.38 -10.85 19.41
CA SER A 146 10.20 -11.32 20.78
C SER A 146 10.54 -12.80 20.90
N SER A 147 9.96 -13.62 20.02
CA SER A 147 10.21 -15.05 20.02
C SER A 147 10.51 -15.55 18.62
N SER A 148 11.73 -16.08 18.44
CA SER A 148 12.15 -16.59 17.14
C SER A 148 11.14 -17.61 16.60
N GLY A 149 10.75 -18.55 17.44
CA GLY A 149 9.79 -19.56 17.04
C GLY A 149 9.32 -20.42 18.19
N PRO A 150 8.28 -19.96 18.89
CA PRO A 150 7.71 -20.68 20.03
C PRO A 150 6.99 -21.97 19.62
N SER A 151 6.35 -21.93 18.46
CA SER A 151 5.62 -23.07 17.95
C SER A 151 4.48 -23.46 18.89
N SER A 152 3.76 -22.46 19.38
CA SER A 152 2.64 -22.68 20.29
C SER A 152 1.49 -21.74 19.99
N GLY A 153 0.27 -22.26 20.03
CA GLY A 153 -0.91 -21.45 19.76
C GLY A 153 -2.10 -22.29 19.36
N GLY A 1 -30.13 34.80 40.11
CA GLY A 1 -30.95 34.57 38.93
C GLY A 1 -31.18 33.10 38.67
N SER A 2 -32.45 32.72 38.50
CA SER A 2 -32.81 31.33 38.25
C SER A 2 -34.04 31.25 37.36
N SER A 3 -33.88 30.64 36.18
CA SER A 3 -34.97 30.50 35.23
C SER A 3 -35.18 29.04 34.87
N GLY A 4 -36.30 28.48 35.32
CA GLY A 4 -36.61 27.09 35.03
C GLY A 4 -35.41 26.18 35.23
N SER A 5 -35.23 25.69 36.45
CA SER A 5 -34.11 24.81 36.76
C SER A 5 -33.82 23.86 35.60
N SER A 6 -34.87 23.22 35.10
CA SER A 6 -34.74 22.28 33.99
C SER A 6 -35.97 22.31 33.09
N GLY A 7 -35.75 22.40 31.78
CA GLY A 7 -36.86 22.43 30.85
C GLY A 7 -36.42 22.10 29.43
N ILE A 8 -35.99 20.86 29.22
CA ILE A 8 -35.55 20.42 27.90
C ILE A 8 -36.09 19.03 27.58
N ASP A 9 -36.09 18.70 26.29
CA ASP A 9 -36.59 17.40 25.85
C ASP A 9 -35.68 16.81 24.78
N LYS A 10 -34.89 15.81 25.15
CA LYS A 10 -33.97 15.16 24.22
C LYS A 10 -33.88 13.67 24.51
N LYS A 11 -33.79 12.87 23.45
CA LYS A 11 -33.69 11.41 23.58
C LYS A 11 -32.43 10.90 22.91
N LEU A 12 -31.41 10.60 23.71
CA LEU A 12 -30.15 10.10 23.19
C LEU A 12 -29.58 9.01 24.11
N THR A 13 -29.35 7.83 23.55
CA THR A 13 -28.80 6.72 24.31
C THR A 13 -27.55 6.15 23.64
N THR A 14 -26.42 6.30 24.31
CA THR A 14 -25.15 5.81 23.78
C THR A 14 -24.15 5.53 24.90
N LEU A 15 -23.62 4.32 24.94
CA LEU A 15 -22.66 3.93 25.96
C LEU A 15 -21.25 3.83 25.37
N ALA A 16 -21.17 3.91 24.05
CA ALA A 16 -19.89 3.82 23.36
C ALA A 16 -20.03 4.21 21.89
N ASP A 17 -18.89 4.44 21.23
CA ASP A 17 -18.88 4.82 19.82
C ASP A 17 -17.91 3.96 19.03
N LEU A 18 -18.02 4.02 17.70
CA LEU A 18 -17.16 3.24 16.83
C LEU A 18 -15.68 3.46 17.18
N PHE A 19 -14.93 2.37 17.27
CA PHE A 19 -13.52 2.44 17.61
C PHE A 19 -12.73 3.10 16.49
N ARG A 20 -12.80 2.52 15.29
CA ARG A 20 -12.09 3.06 14.14
C ARG A 20 -12.94 2.93 12.87
N PRO A 21 -12.71 3.84 11.92
CA PRO A 21 -13.45 3.86 10.64
C PRO A 21 -13.07 2.68 9.75
N PRO A 22 -13.90 2.41 8.73
CA PRO A 22 -13.68 1.32 7.79
C PRO A 22 -12.49 1.58 6.86
N ILE A 23 -11.85 2.73 7.05
CA ILE A 23 -10.70 3.10 6.23
C ILE A 23 -9.42 2.50 6.81
N ASP A 24 -9.56 1.50 7.66
CA ASP A 24 -8.42 0.84 8.27
C ASP A 24 -7.38 0.46 7.21
N LEU A 25 -7.78 -0.36 6.26
CA LEU A 25 -6.89 -0.80 5.19
C LEU A 25 -6.67 0.33 4.17
N MET A 26 -7.70 1.13 3.95
CA MET A 26 -7.61 2.24 3.02
C MET A 26 -6.76 3.38 3.59
N HIS A 27 -6.12 4.14 2.70
CA HIS A 27 -5.28 5.25 3.13
C HIS A 27 -5.30 6.37 2.09
N LYS A 28 -5.97 7.46 2.43
CA LYS A 28 -6.06 8.61 1.52
C LYS A 28 -5.09 9.71 1.93
N GLY A 29 -5.00 10.75 1.11
CA GLY A 29 -4.11 11.86 1.40
C GLY A 29 -2.95 11.94 0.44
N SER A 30 -2.06 12.90 0.67
CA SER A 30 -0.90 13.09 -0.20
C SER A 30 0.14 11.99 0.04
N PHE A 31 0.84 11.62 -1.03
CA PHE A 31 1.87 10.59 -0.94
C PHE A 31 2.75 10.79 0.30
N GLU A 32 3.22 12.01 0.48
CA GLU A 32 4.08 12.34 1.62
C GLU A 32 3.39 11.96 2.93
N THR A 33 2.11 12.28 3.05
CA THR A 33 1.35 11.97 4.25
C THR A 33 1.53 10.52 4.66
N ALA A 34 1.34 9.62 3.72
CA ALA A 34 1.49 8.19 3.99
C ALA A 34 2.81 7.91 4.70
N LYS A 35 3.90 8.38 4.12
CA LYS A 35 5.23 8.18 4.69
C LYS A 35 5.22 8.50 6.19
N GLU A 36 4.81 9.71 6.54
CA GLU A 36 4.75 10.13 7.93
C GLU A 36 4.25 9.01 8.82
N CYS A 37 3.10 8.45 8.47
CA CYS A 37 2.51 7.36 9.24
C CYS A 37 3.48 6.18 9.36
N GLY A 38 3.99 5.74 8.22
CA GLY A 38 4.92 4.63 8.22
C GLY A 38 5.86 4.65 9.41
N GLN A 39 6.25 5.85 9.83
CA GLN A 39 7.15 6.00 10.96
C GLN A 39 6.44 5.66 12.27
N MET A 40 5.45 6.48 12.63
CA MET A 40 4.70 6.25 13.86
C MET A 40 4.22 4.81 13.96
N GLN A 41 3.70 4.29 12.85
CA GLN A 41 3.20 2.93 12.81
C GLN A 41 4.36 1.93 12.73
N ASN A 42 5.49 2.38 12.19
CA ASN A 42 6.66 1.53 12.05
C ASN A 42 6.39 0.39 11.08
N LYS A 43 5.75 0.71 9.96
CA LYS A 43 5.44 -0.29 8.94
C LYS A 43 5.87 0.18 7.57
N TRP A 44 6.36 -0.76 6.75
CA TRP A 44 6.81 -0.44 5.40
C TRP A 44 5.69 0.23 4.61
N LEU A 45 6.06 0.83 3.48
CA LEU A 45 5.10 1.51 2.63
C LEU A 45 4.92 0.77 1.30
N MET A 46 3.69 0.38 1.00
CA MET A 46 3.39 -0.32 -0.24
C MET A 46 2.54 0.53 -1.17
N ILE A 47 3.09 0.86 -2.34
CA ILE A 47 2.38 1.67 -3.32
C ILE A 47 2.03 0.86 -4.55
N ASN A 48 0.81 1.04 -5.04
CA ASN A 48 0.34 0.33 -6.22
C ASN A 48 -0.45 1.25 -7.14
N ILE A 49 0.04 1.41 -8.37
CA ILE A 49 -0.62 2.27 -9.35
C ILE A 49 -1.57 1.46 -10.22
N GLN A 50 -2.83 1.88 -10.25
CA GLN A 50 -3.84 1.19 -11.06
C GLN A 50 -4.14 1.97 -12.34
N ASN A 51 -4.20 1.25 -13.46
CA ASN A 51 -4.48 1.88 -14.74
C ASN A 51 -5.96 2.15 -14.91
N VAL A 52 -6.31 3.34 -15.39
CA VAL A 52 -7.70 3.72 -15.60
C VAL A 52 -8.47 2.59 -16.28
N GLN A 53 -7.82 1.92 -17.22
CA GLN A 53 -8.45 0.82 -17.94
C GLN A 53 -7.40 -0.13 -18.50
N ASP A 54 -7.40 -1.37 -18.01
CA ASP A 54 -6.46 -2.38 -18.46
C ASP A 54 -6.94 -3.78 -18.10
N PHE A 55 -6.41 -4.78 -18.79
CA PHE A 55 -6.79 -6.17 -18.55
C PHE A 55 -5.89 -6.80 -17.51
N ALA A 56 -4.60 -6.57 -17.62
CA ALA A 56 -3.63 -7.11 -16.68
C ALA A 56 -3.92 -6.64 -15.26
N CYS A 57 -4.39 -5.41 -15.12
CA CYS A 57 -4.71 -4.85 -13.82
C CYS A 57 -5.88 -5.60 -13.17
N GLN A 58 -6.98 -5.71 -13.90
CA GLN A 58 -8.16 -6.40 -13.40
C GLN A 58 -7.85 -7.87 -13.10
N CYS A 59 -6.94 -8.44 -13.89
CA CYS A 59 -6.56 -9.84 -13.70
C CYS A 59 -5.77 -10.01 -12.41
N LEU A 60 -5.03 -8.98 -12.02
CA LEU A 60 -4.22 -9.02 -10.81
C LEU A 60 -5.12 -8.99 -9.57
N ASN A 61 -5.85 -7.89 -9.41
CA ASN A 61 -6.75 -7.74 -8.27
C ASN A 61 -7.68 -8.93 -8.13
N ARG A 62 -7.78 -9.71 -9.21
CA ARG A 62 -8.64 -10.89 -9.21
C ARG A 62 -8.38 -11.77 -7.98
N ASP A 63 -7.16 -12.27 -7.88
CA ASP A 63 -6.78 -13.12 -6.75
C ASP A 63 -5.66 -12.47 -5.94
N VAL A 64 -4.83 -11.68 -6.60
CA VAL A 64 -3.73 -11.01 -5.93
C VAL A 64 -4.22 -10.06 -4.85
N TRP A 65 -4.90 -9.00 -5.27
CA TRP A 65 -5.44 -8.01 -4.33
C TRP A 65 -6.80 -8.46 -3.81
N SER A 66 -7.10 -9.74 -3.95
CA SER A 66 -8.36 -10.30 -3.49
C SER A 66 -8.16 -11.22 -2.29
N ASN A 67 -6.94 -11.75 -2.17
CA ASN A 67 -6.62 -12.65 -1.07
C ASN A 67 -6.38 -11.86 0.22
N GLU A 68 -7.11 -12.23 1.27
CA GLU A 68 -6.97 -11.56 2.56
C GLU A 68 -5.52 -11.54 3.02
N ALA A 69 -4.85 -12.67 2.90
CA ALA A 69 -3.45 -12.79 3.30
C ALA A 69 -2.60 -11.70 2.65
N VAL A 70 -3.08 -11.17 1.53
CA VAL A 70 -2.38 -10.12 0.81
C VAL A 70 -2.65 -8.75 1.43
N LYS A 71 -3.92 -8.37 1.44
CA LYS A 71 -4.32 -7.08 2.00
C LYS A 71 -3.94 -6.99 3.48
N ASN A 72 -4.27 -8.03 4.23
CA ASN A 72 -3.95 -8.07 5.65
C ASN A 72 -2.46 -7.85 5.90
N ILE A 73 -1.65 -8.22 4.91
CA ILE A 73 -0.20 -8.07 5.01
C ILE A 73 0.23 -6.66 4.58
N ILE A 74 -0.32 -6.20 3.46
CA ILE A 74 0.00 -4.88 2.94
C ILE A 74 -0.56 -3.78 3.84
N ARG A 75 -1.34 -4.18 4.84
CA ARG A 75 -1.95 -3.24 5.77
C ARG A 75 -1.21 -3.24 7.11
N GLU A 76 -0.75 -4.41 7.51
CA GLU A 76 -0.03 -4.56 8.78
C GLU A 76 1.47 -4.36 8.57
N HIS A 77 2.08 -5.24 7.79
CA HIS A 77 3.51 -5.15 7.51
C HIS A 77 3.83 -3.92 6.68
N PHE A 78 2.95 -3.62 5.72
CA PHE A 78 3.14 -2.47 4.85
C PHE A 78 1.94 -1.53 4.91
N ILE A 79 2.04 -0.41 4.22
CA ILE A 79 0.96 0.57 4.19
C ILE A 79 0.25 0.57 2.83
N PHE A 80 -0.96 0.02 2.81
CA PHE A 80 -1.75 -0.04 1.58
C PHE A 80 -1.96 1.36 1.00
N TRP A 81 -1.43 1.57 -0.20
CA TRP A 81 -1.56 2.86 -0.87
C TRP A 81 -1.82 2.68 -2.37
N GLN A 82 -3.06 2.89 -2.78
CA GLN A 82 -3.43 2.74 -4.19
C GLN A 82 -3.99 4.04 -4.74
N VAL A 83 -3.37 4.54 -5.81
CA VAL A 83 -3.81 5.78 -6.43
C VAL A 83 -3.72 5.68 -7.95
N TYR A 84 -4.78 6.13 -8.63
CA TYR A 84 -4.82 6.09 -10.09
C TYR A 84 -3.95 7.19 -10.69
N HIS A 85 -3.13 6.82 -11.66
CA HIS A 85 -2.25 7.77 -12.32
C HIS A 85 -3.01 9.02 -12.77
N ASP A 86 -4.22 8.81 -13.27
CA ASP A 86 -5.06 9.92 -13.72
C ASP A 86 -5.18 10.99 -12.64
N SER A 87 -5.59 10.57 -11.45
CA SER A 87 -5.75 11.50 -10.33
C SER A 87 -4.47 12.28 -10.08
N GLU A 88 -4.61 13.49 -9.53
CA GLU A 88 -3.46 14.33 -9.25
C GLU A 88 -2.35 13.54 -8.58
N GLU A 89 -2.61 13.08 -7.36
CA GLU A 89 -1.64 12.29 -6.61
C GLU A 89 -0.88 11.33 -7.53
N GLY A 90 -1.61 10.73 -8.47
CA GLY A 90 -0.99 9.80 -9.39
C GLY A 90 -0.11 10.49 -10.41
N GLN A 91 -0.67 11.46 -11.11
CA GLN A 91 0.07 12.21 -12.13
C GLN A 91 1.48 12.50 -11.66
N ARG A 92 1.60 13.01 -10.44
CA ARG A 92 2.90 13.35 -9.87
C ARG A 92 3.76 12.10 -9.70
N TYR A 93 3.14 11.03 -9.20
CA TYR A 93 3.85 9.77 -9.01
C TYR A 93 4.71 9.42 -10.22
N ILE A 94 4.11 9.51 -11.40
CA ILE A 94 4.81 9.21 -12.64
C ILE A 94 6.20 9.85 -12.65
N GLN A 95 6.24 11.16 -12.49
CA GLN A 95 7.50 11.90 -12.49
C GLN A 95 8.37 11.47 -11.31
N PHE A 96 7.75 11.31 -10.14
CA PHE A 96 8.46 10.91 -8.94
C PHE A 96 9.60 9.94 -9.28
N TYR A 97 9.24 8.78 -9.81
CA TYR A 97 10.23 7.77 -10.18
C TYR A 97 10.29 7.60 -11.70
N LYS A 98 9.71 8.55 -12.41
CA LYS A 98 9.70 8.51 -13.88
C LYS A 98 9.08 7.21 -14.38
N LEU A 99 8.01 6.78 -13.72
CA LEU A 99 7.32 5.55 -14.09
C LEU A 99 6.75 5.66 -15.51
N GLY A 100 6.73 4.53 -16.22
CA GLY A 100 6.22 4.52 -17.57
C GLY A 100 5.83 3.14 -18.03
N ASP A 101 5.29 2.33 -17.12
CA ASP A 101 4.89 0.97 -17.44
C ASP A 101 3.97 0.41 -16.37
N PHE A 102 3.20 -0.61 -16.72
CA PHE A 102 2.27 -1.23 -15.78
C PHE A 102 2.09 -2.71 -16.10
N PRO A 103 1.76 -3.51 -15.07
CA PRO A 103 1.58 -2.99 -13.71
C PRO A 103 2.90 -2.55 -13.08
N TYR A 104 2.81 -1.73 -12.04
CA TYR A 104 3.99 -1.23 -11.35
C TYR A 104 3.81 -1.33 -9.84
N VAL A 105 4.68 -2.11 -9.20
CA VAL A 105 4.62 -2.29 -7.76
C VAL A 105 6.03 -2.32 -7.15
N SER A 106 6.28 -1.41 -6.22
CA SER A 106 7.58 -1.32 -5.56
C SER A 106 7.43 -0.90 -4.11
N ILE A 107 8.41 -1.26 -3.28
CA ILE A 107 8.39 -0.93 -1.87
C ILE A 107 9.20 0.34 -1.59
N LEU A 108 8.69 1.18 -0.69
CA LEU A 108 9.37 2.41 -0.33
C LEU A 108 9.58 2.50 1.17
N ASP A 109 10.54 3.33 1.58
CA ASP A 109 10.84 3.51 3.00
C ASP A 109 10.36 4.87 3.49
N PRO A 110 9.41 4.86 4.43
CA PRO A 110 8.84 6.09 5.00
C PRO A 110 9.84 6.83 5.88
N ARG A 111 11.03 6.26 6.03
CA ARG A 111 12.08 6.87 6.84
C ARG A 111 13.00 7.73 5.98
N THR A 112 13.65 7.10 5.01
CA THR A 112 14.57 7.80 4.12
C THR A 112 13.82 8.46 2.97
N GLY A 113 12.88 7.73 2.38
CA GLY A 113 12.11 8.26 1.28
C GLY A 113 12.62 7.79 -0.08
N GLN A 114 13.22 6.60 -0.09
CA GLN A 114 13.75 6.04 -1.33
C GLN A 114 13.17 4.65 -1.59
N LYS A 115 13.20 4.23 -2.84
CA LYS A 115 12.68 2.92 -3.23
C LYS A 115 13.61 1.81 -2.76
N LEU A 116 13.03 0.69 -2.34
CA LEU A 116 13.80 -0.45 -1.87
C LEU A 116 13.96 -1.49 -2.97
N VAL A 117 12.87 -2.19 -3.27
CA VAL A 117 12.89 -3.22 -4.31
C VAL A 117 12.08 -2.79 -5.52
N GLU A 118 12.11 -3.60 -6.57
CA GLU A 118 11.38 -3.30 -7.80
C GLU A 118 10.74 -4.56 -8.37
N TRP A 119 9.43 -4.52 -8.58
CA TRP A 119 8.70 -5.65 -9.13
C TRP A 119 7.72 -5.21 -10.21
N HIS A 120 7.81 -5.82 -11.39
CA HIS A 120 6.93 -5.47 -12.50
C HIS A 120 5.71 -6.39 -12.52
N GLN A 121 5.95 -7.70 -12.37
CA GLN A 121 4.87 -8.68 -12.37
C GLN A 121 4.85 -9.47 -11.07
N LEU A 122 3.67 -9.66 -10.51
CA LEU A 122 3.50 -10.40 -9.26
C LEU A 122 2.30 -11.32 -9.34
N ASP A 123 2.22 -12.26 -8.39
CA ASP A 123 1.11 -13.20 -8.34
C ASP A 123 0.79 -13.59 -6.89
N VAL A 124 -0.29 -14.34 -6.72
CA VAL A 124 -0.70 -14.77 -5.38
C VAL A 124 0.42 -15.52 -4.68
N SER A 125 1.00 -16.48 -5.38
CA SER A 125 2.09 -17.28 -4.81
C SER A 125 3.40 -16.49 -4.81
N SER A 126 3.83 -16.05 -5.98
CA SER A 126 5.06 -15.28 -6.11
C SER A 126 5.10 -14.14 -5.10
N PHE A 127 4.06 -13.30 -5.12
CA PHE A 127 3.97 -12.17 -4.21
C PHE A 127 4.36 -12.58 -2.79
N LEU A 128 3.54 -13.41 -2.18
CA LEU A 128 3.80 -13.88 -0.82
C LEU A 128 5.22 -14.41 -0.68
N ASP A 129 5.61 -15.28 -1.61
CA ASP A 129 6.95 -15.85 -1.60
C ASP A 129 8.01 -14.77 -1.42
N GLN A 130 7.88 -13.69 -2.18
CA GLN A 130 8.83 -12.58 -2.11
C GLN A 130 8.66 -11.81 -0.81
N VAL A 131 7.50 -11.16 -0.66
CA VAL A 131 7.21 -10.39 0.54
C VAL A 131 7.71 -11.09 1.79
N THR A 132 7.18 -12.28 2.05
CA THR A 132 7.58 -13.05 3.22
C THR A 132 9.10 -13.12 3.34
N GLY A 133 9.76 -13.53 2.26
CA GLY A 133 11.21 -13.63 2.27
C GLY A 133 11.88 -12.30 2.56
N PHE A 134 11.28 -11.21 2.06
CA PHE A 134 11.82 -9.88 2.26
C PHE A 134 11.74 -9.47 3.73
N LEU A 135 10.57 -9.68 4.33
CA LEU A 135 10.35 -9.33 5.72
C LEU A 135 11.38 -10.01 6.62
N GLY A 136 11.69 -11.27 6.31
CA GLY A 136 12.65 -12.01 7.10
C GLY A 136 14.09 -11.67 6.73
N GLU A 137 14.29 -11.30 5.47
CA GLU A 137 15.62 -10.94 4.99
C GLU A 137 16.04 -9.56 5.49
N HIS A 138 15.28 -8.54 5.09
CA HIS A 138 15.57 -7.17 5.50
C HIS A 138 15.13 -6.93 6.94
N GLY A 139 13.82 -6.95 7.17
CA GLY A 139 13.28 -6.73 8.49
C GLY A 139 12.52 -5.43 8.61
N GLN A 140 11.41 -5.45 9.35
CA GLN A 140 10.59 -4.27 9.53
C GLN A 140 11.36 -3.18 10.28
N LEU A 141 10.80 -1.98 10.29
CA LEU A 141 11.43 -0.85 10.98
C LEU A 141 11.69 -1.18 12.44
N ASP A 142 12.44 -0.31 13.12
CA ASP A 142 12.75 -0.50 14.52
C ASP A 142 11.51 -0.29 15.39
N GLY A 143 11.29 -1.23 16.31
CA GLY A 143 10.13 -1.13 17.19
C GLY A 143 8.97 -1.97 16.71
N LEU A 144 8.80 -3.15 17.31
CA LEU A 144 7.72 -4.05 16.93
C LEU A 144 6.63 -4.05 18.00
N SER A 145 5.41 -4.42 17.60
CA SER A 145 4.28 -4.47 18.52
C SER A 145 4.48 -5.57 19.56
N SER A 146 4.68 -6.79 19.10
CA SER A 146 4.88 -7.93 19.99
C SER A 146 5.89 -8.90 19.41
N SER A 147 6.87 -9.29 20.24
CA SER A 147 7.91 -10.22 19.80
C SER A 147 7.39 -11.65 19.77
N SER A 148 8.06 -12.49 19.00
CA SER A 148 7.65 -13.89 18.88
C SER A 148 8.32 -14.75 19.95
N GLY A 149 7.53 -15.59 20.61
CA GLY A 149 8.06 -16.45 21.65
C GLY A 149 9.22 -17.31 21.16
N PRO A 150 9.98 -17.87 22.11
CA PRO A 150 11.13 -18.72 21.79
C PRO A 150 10.71 -20.06 21.19
N SER A 151 9.41 -20.24 21.01
CA SER A 151 8.87 -21.48 20.45
C SER A 151 7.84 -21.19 19.37
N SER A 152 7.52 -22.21 18.58
CA SER A 152 6.54 -22.06 17.51
C SER A 152 5.19 -21.62 18.06
N GLY A 153 4.66 -22.40 19.01
CA GLY A 153 3.38 -22.08 19.60
C GLY A 153 2.72 -23.29 20.24
N GLY A 1 -8.62 36.97 17.40
CA GLY A 1 -8.17 35.77 18.07
C GLY A 1 -9.30 35.04 18.78
N SER A 2 -9.66 33.87 18.27
CA SER A 2 -10.75 33.09 18.86
C SER A 2 -10.43 31.60 18.81
N SER A 3 -10.77 30.88 19.87
CA SER A 3 -10.51 29.45 19.94
C SER A 3 -11.34 28.69 18.91
N GLY A 4 -12.63 29.01 18.86
CA GLY A 4 -13.51 28.35 17.90
C GLY A 4 -13.43 26.84 18.00
N SER A 5 -14.35 26.25 18.76
CA SER A 5 -14.37 24.80 18.94
C SER A 5 -15.75 24.24 18.60
N SER A 6 -15.86 22.92 18.60
CA SER A 6 -17.12 22.25 18.28
C SER A 6 -18.02 22.19 19.50
N GLY A 7 -17.45 21.76 20.63
CA GLY A 7 -18.22 21.65 21.86
C GLY A 7 -19.65 21.25 21.61
N ILE A 8 -19.85 20.05 21.09
CA ILE A 8 -21.20 19.56 20.81
C ILE A 8 -21.74 18.74 21.98
N ASP A 9 -20.84 18.06 22.69
CA ASP A 9 -21.24 17.26 23.84
C ASP A 9 -22.35 16.29 23.47
N LYS A 10 -22.17 15.60 22.33
CA LYS A 10 -23.16 14.64 21.86
C LYS A 10 -23.35 13.52 22.87
N LYS A 11 -24.58 13.02 22.98
CA LYS A 11 -24.90 11.95 23.90
C LYS A 11 -26.12 11.16 23.43
N LEU A 12 -25.94 9.87 23.21
CA LEU A 12 -27.03 9.01 22.76
C LEU A 12 -26.83 7.57 23.25
N THR A 13 -27.83 6.73 23.00
CA THR A 13 -27.76 5.33 23.41
C THR A 13 -26.50 4.66 22.87
N THR A 14 -25.89 3.81 23.70
CA THR A 14 -24.68 3.10 23.32
C THR A 14 -25.00 1.98 22.33
N LEU A 15 -24.43 2.07 21.13
CA LEU A 15 -24.65 1.06 20.10
C LEU A 15 -23.47 0.98 19.14
N ALA A 16 -22.66 -0.06 19.29
CA ALA A 16 -21.49 -0.24 18.43
C ALA A 16 -21.82 -1.16 17.25
N ASP A 17 -22.07 -2.43 17.54
CA ASP A 17 -22.39 -3.41 16.51
C ASP A 17 -21.33 -3.40 15.42
N LEU A 18 -20.09 -3.14 15.81
CA LEU A 18 -18.98 -3.10 14.85
C LEU A 18 -17.84 -4.02 15.32
N PHE A 19 -17.31 -4.81 14.40
CA PHE A 19 -16.23 -5.72 14.70
C PHE A 19 -14.95 -5.34 13.95
N ARG A 20 -15.12 -4.89 12.71
CA ARG A 20 -13.99 -4.48 11.89
C ARG A 20 -14.37 -3.32 10.97
N PRO A 21 -13.44 -2.37 10.80
CA PRO A 21 -13.65 -1.19 9.96
C PRO A 21 -13.70 -1.55 8.47
N PRO A 22 -14.68 -0.97 7.76
CA PRO A 22 -14.85 -1.21 6.32
C PRO A 22 -13.73 -0.58 5.49
N ILE A 23 -12.81 0.09 6.16
CA ILE A 23 -11.70 0.74 5.49
C ILE A 23 -11.16 -0.12 4.35
N ASP A 24 -11.31 -1.43 4.49
CA ASP A 24 -10.86 -2.38 3.47
C ASP A 24 -9.41 -2.09 3.09
N LEU A 25 -8.60 -1.72 4.07
CA LEU A 25 -7.19 -1.43 3.84
C LEU A 25 -7.04 -0.19 2.95
N MET A 26 -7.84 0.83 3.24
CA MET A 26 -7.79 2.07 2.47
C MET A 26 -6.88 3.09 3.14
N HIS A 27 -5.74 3.37 2.50
CA HIS A 27 -4.79 4.34 3.04
C HIS A 27 -4.62 5.53 2.10
N LYS A 28 -5.56 5.68 1.18
CA LYS A 28 -5.52 6.79 0.22
C LYS A 28 -5.84 8.11 0.90
N GLY A 29 -5.15 9.16 0.47
CA GLY A 29 -5.36 10.49 1.04
C GLY A 29 -4.30 11.48 0.62
N SER A 30 -3.37 11.76 1.53
CA SER A 30 -2.30 12.71 1.25
C SER A 30 -0.99 11.98 0.97
N PHE A 31 -0.28 12.43 -0.06
CA PHE A 31 0.99 11.82 -0.43
C PHE A 31 1.94 11.77 0.76
N GLU A 32 2.02 12.88 1.50
CA GLU A 32 2.90 12.95 2.66
C GLU A 32 2.44 11.99 3.75
N THR A 33 1.16 12.05 4.09
CA THR A 33 0.60 11.18 5.11
C THR A 33 0.95 9.72 4.86
N ALA A 34 0.66 9.25 3.66
CA ALA A 34 0.95 7.87 3.29
C ALA A 34 2.28 7.41 3.87
N LYS A 35 3.34 8.17 3.57
CA LYS A 35 4.66 7.85 4.07
C LYS A 35 4.75 8.05 5.59
N GLU A 36 4.26 9.19 6.05
CA GLU A 36 4.28 9.50 7.48
C GLU A 36 3.93 8.27 8.31
N CYS A 37 2.73 7.75 8.08
CA CYS A 37 2.26 6.56 8.82
C CYS A 37 3.38 5.53 8.94
N GLY A 38 3.83 5.02 7.81
CA GLY A 38 4.89 4.03 7.80
C GLY A 38 5.93 4.29 8.87
N GLN A 39 6.29 5.56 9.02
CA GLN A 39 7.29 5.95 10.02
C GLN A 39 6.74 5.80 11.43
N MET A 40 5.55 6.34 11.65
CA MET A 40 4.92 6.27 12.97
C MET A 40 4.57 4.83 13.33
N GLN A 41 3.72 4.21 12.51
CA GLN A 41 3.30 2.83 12.74
C GLN A 41 4.45 1.86 12.45
N ASN A 42 5.59 2.41 12.06
CA ASN A 42 6.76 1.59 11.75
C ASN A 42 6.41 0.50 10.75
N LYS A 43 5.71 0.89 9.68
CA LYS A 43 5.31 -0.05 8.64
C LYS A 43 5.84 0.39 7.28
N TRP A 44 6.07 -0.58 6.40
CA TRP A 44 6.57 -0.29 5.06
C TRP A 44 5.47 0.30 4.18
N LEU A 45 5.85 0.76 3.01
CA LEU A 45 4.90 1.36 2.07
C LEU A 45 4.86 0.57 0.76
N MET A 46 3.66 0.22 0.32
CA MET A 46 3.49 -0.53 -0.91
C MET A 46 2.77 0.31 -1.96
N ILE A 47 3.49 0.65 -3.02
CA ILE A 47 2.93 1.47 -4.10
C ILE A 47 2.48 0.59 -5.26
N ASN A 48 1.36 0.96 -5.88
CA ASN A 48 0.82 0.22 -7.01
C ASN A 48 0.05 1.14 -7.96
N ILE A 49 0.61 1.34 -9.16
CA ILE A 49 -0.02 2.19 -10.15
C ILE A 49 -0.90 1.38 -11.09
N GLN A 50 -2.21 1.68 -11.09
CA GLN A 50 -3.14 0.98 -11.94
C GLN A 50 -3.62 1.88 -13.09
N ASN A 51 -3.41 1.41 -14.32
CA ASN A 51 -3.81 2.16 -15.49
C ASN A 51 -5.22 1.78 -15.94
N VAL A 52 -6.17 2.70 -15.77
CA VAL A 52 -7.55 2.46 -16.15
C VAL A 52 -7.64 1.63 -17.42
N GLN A 53 -6.75 1.94 -18.38
CA GLN A 53 -6.72 1.23 -19.65
C GLN A 53 -6.27 -0.21 -19.46
N ASP A 54 -5.01 -0.38 -19.06
CA ASP A 54 -4.45 -1.72 -18.83
C ASP A 54 -5.28 -2.50 -17.82
N PHE A 55 -5.72 -3.68 -18.21
CA PHE A 55 -6.53 -4.53 -17.34
C PHE A 55 -5.65 -5.36 -16.41
N ALA A 56 -4.60 -5.95 -16.98
CA ALA A 56 -3.68 -6.77 -16.20
C ALA A 56 -3.55 -6.25 -14.77
N CYS A 57 -3.56 -4.93 -14.62
CA CYS A 57 -3.46 -4.31 -13.31
C CYS A 57 -4.57 -4.77 -12.40
N GLN A 58 -5.81 -4.60 -12.85
CA GLN A 58 -6.97 -5.00 -12.06
C GLN A 58 -6.98 -6.51 -11.81
N CYS A 59 -6.45 -7.25 -12.77
CA CYS A 59 -6.39 -8.71 -12.66
C CYS A 59 -5.77 -9.13 -11.32
N LEU A 60 -4.90 -8.27 -10.79
CA LEU A 60 -4.25 -8.56 -9.52
C LEU A 60 -5.22 -8.40 -8.35
N ASN A 61 -5.87 -7.24 -8.29
CA ASN A 61 -6.82 -6.96 -7.22
C ASN A 61 -7.86 -8.07 -7.13
N ARG A 62 -7.93 -8.90 -8.15
CA ARG A 62 -8.88 -10.01 -8.19
C ARG A 62 -8.55 -11.04 -7.11
N ASP A 63 -7.33 -11.57 -7.16
CA ASP A 63 -6.89 -12.56 -6.20
C ASP A 63 -5.71 -12.06 -5.39
N VAL A 64 -4.82 -11.31 -6.05
CA VAL A 64 -3.64 -10.76 -5.39
C VAL A 64 -4.03 -9.91 -4.18
N TRP A 65 -4.62 -8.76 -4.45
CA TRP A 65 -5.05 -7.86 -3.38
C TRP A 65 -6.40 -8.28 -2.81
N SER A 66 -6.77 -9.53 -3.07
CA SER A 66 -8.04 -10.06 -2.58
C SER A 66 -7.82 -11.12 -1.52
N ASN A 67 -6.77 -11.92 -1.71
CA ASN A 67 -6.44 -12.99 -0.77
C ASN A 67 -6.23 -12.43 0.64
N GLU A 68 -7.17 -12.73 1.53
CA GLU A 68 -7.08 -12.26 2.91
C GLU A 68 -5.63 -12.17 3.37
N ALA A 69 -4.92 -13.29 3.27
CA ALA A 69 -3.52 -13.35 3.67
C ALA A 69 -2.77 -12.09 3.25
N VAL A 70 -2.75 -11.83 1.95
CA VAL A 70 -2.07 -10.67 1.41
C VAL A 70 -2.43 -9.41 2.19
N LYS A 71 -3.72 -9.14 2.31
CA LYS A 71 -4.20 -7.98 3.03
C LYS A 71 -3.63 -7.94 4.45
N ASN A 72 -3.73 -9.06 5.16
CA ASN A 72 -3.22 -9.16 6.51
C ASN A 72 -1.73 -8.80 6.56
N ILE A 73 -1.08 -8.88 5.41
CA ILE A 73 0.34 -8.57 5.32
C ILE A 73 0.57 -7.09 5.00
N ILE A 74 -0.19 -6.59 4.02
CA ILE A 74 -0.09 -5.19 3.62
C ILE A 74 -0.86 -4.28 4.56
N ARG A 75 -1.29 -4.84 5.69
CA ARG A 75 -2.06 -4.08 6.67
C ARG A 75 -1.24 -3.87 7.95
N GLU A 76 -0.37 -4.83 8.25
CA GLU A 76 0.47 -4.75 9.43
C GLU A 76 1.92 -4.46 9.06
N HIS A 77 2.36 -5.03 7.95
CA HIS A 77 3.73 -4.83 7.48
C HIS A 77 3.83 -3.61 6.57
N PHE A 78 3.15 -3.68 5.43
CA PHE A 78 3.15 -2.60 4.47
C PHE A 78 1.83 -1.82 4.52
N ILE A 79 1.74 -0.77 3.72
CA ILE A 79 0.54 0.07 3.67
C ILE A 79 -0.09 0.05 2.28
N PHE A 80 -1.33 -0.40 2.20
CA PHE A 80 -2.04 -0.46 0.93
C PHE A 80 -2.23 0.94 0.34
N TRP A 81 -1.59 1.18 -0.80
CA TRP A 81 -1.67 2.47 -1.47
C TRP A 81 -1.79 2.30 -2.98
N GLN A 82 -3.00 2.49 -3.49
CA GLN A 82 -3.24 2.36 -4.93
C GLN A 82 -3.81 3.65 -5.51
N VAL A 83 -3.20 4.15 -6.56
CA VAL A 83 -3.64 5.37 -7.22
C VAL A 83 -3.54 5.26 -8.74
N TYR A 84 -4.43 5.97 -9.43
CA TYR A 84 -4.44 5.94 -10.89
C TYR A 84 -3.44 6.95 -11.45
N HIS A 85 -3.05 6.75 -12.71
CA HIS A 85 -2.11 7.64 -13.38
C HIS A 85 -2.82 8.88 -13.91
N ASP A 86 -4.03 9.12 -13.43
CA ASP A 86 -4.82 10.28 -13.85
C ASP A 86 -4.95 11.28 -12.72
N SER A 87 -5.11 10.78 -11.50
CA SER A 87 -5.26 11.63 -10.33
C SER A 87 -4.03 12.52 -10.15
N GLU A 88 -4.13 13.47 -9.22
CA GLU A 88 -3.03 14.38 -8.93
C GLU A 88 -1.78 13.61 -8.49
N GLU A 89 -1.90 12.89 -7.39
CA GLU A 89 -0.79 12.10 -6.87
C GLU A 89 -0.15 11.25 -7.97
N GLY A 90 -0.99 10.53 -8.70
CA GLY A 90 -0.49 9.68 -9.77
C GLY A 90 0.38 10.44 -10.74
N GLN A 91 -0.12 11.56 -11.24
CA GLN A 91 0.62 12.38 -12.20
C GLN A 91 2.04 12.66 -11.69
N ARG A 92 2.15 12.98 -10.40
CA ARG A 92 3.44 13.27 -9.80
C ARG A 92 4.29 12.01 -9.72
N TYR A 93 3.80 11.01 -9.01
CA TYR A 93 4.51 9.74 -8.85
C TYR A 93 5.27 9.39 -10.13
N ILE A 94 4.56 9.39 -11.25
CA ILE A 94 5.17 9.06 -12.54
C ILE A 94 6.57 9.63 -12.64
N GLN A 95 6.69 10.95 -12.47
CA GLN A 95 7.97 11.62 -12.55
C GLN A 95 8.92 11.11 -11.46
N PHE A 96 8.38 10.96 -10.25
CA PHE A 96 9.18 10.47 -9.13
C PHE A 96 10.20 9.43 -9.58
N TYR A 97 9.70 8.32 -10.11
CA TYR A 97 10.56 7.24 -10.59
C TYR A 97 10.50 7.13 -12.11
N LYS A 98 9.99 8.17 -12.75
CA LYS A 98 9.87 8.19 -14.20
C LYS A 98 9.16 6.93 -14.71
N LEU A 99 8.10 6.54 -14.01
CA LEU A 99 7.33 5.35 -14.38
C LEU A 99 6.83 5.46 -15.82
N GLY A 100 6.57 4.32 -16.44
CA GLY A 100 6.09 4.31 -17.81
C GLY A 100 5.37 3.02 -18.16
N ASP A 101 5.81 1.92 -17.57
CA ASP A 101 5.20 0.62 -17.82
C ASP A 101 4.22 0.25 -16.72
N PHE A 102 3.46 -0.82 -16.94
CA PHE A 102 2.48 -1.27 -15.97
C PHE A 102 2.23 -2.77 -16.10
N PRO A 103 1.84 -3.41 -14.99
CA PRO A 103 1.65 -2.72 -13.71
C PRO A 103 2.97 -2.27 -13.10
N TYR A 104 2.89 -1.55 -11.98
CA TYR A 104 4.09 -1.05 -11.29
C TYR A 104 3.99 -1.28 -9.80
N VAL A 105 5.02 -1.90 -9.23
CA VAL A 105 5.05 -2.18 -7.80
C VAL A 105 6.46 -2.01 -7.23
N SER A 106 6.57 -1.29 -6.12
CA SER A 106 7.85 -1.05 -5.48
C SER A 106 7.68 -0.71 -4.01
N ILE A 107 8.60 -1.20 -3.18
CA ILE A 107 8.55 -0.94 -1.75
C ILE A 107 9.47 0.21 -1.36
N LEU A 108 8.87 1.34 -0.98
CA LEU A 108 9.63 2.52 -0.58
C LEU A 108 9.69 2.64 0.93
N ASP A 109 10.73 3.28 1.43
CA ASP A 109 10.90 3.47 2.88
C ASP A 109 10.37 4.83 3.30
N PRO A 110 9.43 4.82 4.27
CA PRO A 110 8.81 6.05 4.78
C PRO A 110 9.79 6.88 5.61
N ARG A 111 10.90 6.27 6.00
CA ARG A 111 11.92 6.95 6.80
C ARG A 111 12.80 7.83 5.91
N THR A 112 13.43 7.21 4.92
CA THR A 112 14.31 7.92 4.00
C THR A 112 13.58 8.29 2.71
N GLY A 113 12.85 7.32 2.16
CA GLY A 113 12.12 7.55 0.92
C GLY A 113 12.88 7.10 -0.30
N GLN A 114 13.62 6.00 -0.17
CA GLN A 114 14.40 5.46 -1.27
C GLN A 114 13.89 4.09 -1.68
N LYS A 115 13.97 3.80 -2.97
CA LYS A 115 13.51 2.52 -3.51
C LYS A 115 14.45 1.39 -3.10
N LEU A 116 13.93 0.45 -2.33
CA LEU A 116 14.73 -0.69 -1.87
C LEU A 116 14.59 -1.87 -2.81
N VAL A 117 13.35 -2.14 -3.22
CA VAL A 117 13.08 -3.26 -4.14
C VAL A 117 12.14 -2.82 -5.25
N GLU A 118 12.14 -3.59 -6.35
CA GLU A 118 11.29 -3.29 -7.49
C GLU A 118 10.74 -4.57 -8.11
N TRP A 119 9.42 -4.67 -8.16
CA TRP A 119 8.76 -5.85 -8.72
C TRP A 119 7.79 -5.45 -9.83
N HIS A 120 8.09 -5.88 -11.05
CA HIS A 120 7.24 -5.57 -12.20
C HIS A 120 5.90 -6.28 -12.08
N GLN A 121 5.94 -7.60 -11.92
CA GLN A 121 4.72 -8.39 -11.81
C GLN A 121 4.79 -9.32 -10.59
N LEU A 122 3.65 -9.49 -9.93
CA LEU A 122 3.57 -10.35 -8.75
C LEU A 122 2.37 -11.28 -8.83
N ASP A 123 2.41 -12.35 -8.02
CA ASP A 123 1.32 -13.31 -8.01
C ASP A 123 0.95 -13.69 -6.57
N VAL A 124 -0.17 -14.39 -6.43
CA VAL A 124 -0.62 -14.82 -5.10
C VAL A 124 0.44 -15.63 -4.38
N SER A 125 1.08 -16.55 -5.11
CA SER A 125 2.12 -17.39 -4.54
C SER A 125 3.45 -16.65 -4.50
N SER A 126 3.92 -16.22 -5.66
CA SER A 126 5.19 -15.51 -5.76
C SER A 126 5.25 -14.37 -4.76
N PHE A 127 4.26 -13.49 -4.82
CA PHE A 127 4.19 -12.34 -3.91
C PHE A 127 4.57 -12.75 -2.50
N LEU A 128 3.83 -13.69 -1.93
CA LEU A 128 4.09 -14.16 -0.58
C LEU A 128 5.56 -14.55 -0.42
N ASP A 129 6.00 -15.50 -1.23
CA ASP A 129 7.38 -15.97 -1.18
C ASP A 129 8.35 -14.79 -1.03
N GLN A 130 8.14 -13.75 -1.83
CA GLN A 130 8.99 -12.57 -1.79
C GLN A 130 8.77 -11.79 -0.50
N VAL A 131 7.55 -11.33 -0.29
CA VAL A 131 7.21 -10.57 0.91
C VAL A 131 7.77 -11.24 2.16
N THR A 132 7.35 -12.48 2.39
CA THR A 132 7.81 -13.23 3.56
C THR A 132 9.33 -13.19 3.66
N GLY A 133 10.01 -13.42 2.55
CA GLY A 133 11.46 -13.40 2.54
C GLY A 133 12.03 -12.04 2.88
N PHE A 134 11.43 -11.00 2.33
CA PHE A 134 11.88 -9.63 2.57
C PHE A 134 11.83 -9.30 4.06
N LEU A 135 10.65 -9.45 4.65
CA LEU A 135 10.46 -9.17 6.07
C LEU A 135 11.41 -10.00 6.92
N GLY A 136 11.45 -11.30 6.67
CA GLY A 136 12.33 -12.19 7.42
C GLY A 136 13.79 -11.82 7.27
N GLU A 137 14.16 -11.37 6.07
CA GLU A 137 15.54 -10.99 5.79
C GLU A 137 15.88 -9.67 6.47
N HIS A 138 15.17 -8.62 6.10
CA HIS A 138 15.40 -7.29 6.68
C HIS A 138 14.73 -7.17 8.04
N GLY A 139 13.40 -7.20 8.06
CA GLY A 139 12.68 -7.10 9.31
C GLY A 139 11.97 -5.77 9.45
N GLN A 140 11.11 -5.65 10.47
CA GLN A 140 10.37 -4.43 10.71
C GLN A 140 11.31 -3.23 10.84
N LEU A 141 10.76 -2.04 10.70
CA LEU A 141 11.54 -0.81 10.79
C LEU A 141 12.34 -0.78 12.10
N ASP A 142 13.16 0.24 12.26
CA ASP A 142 13.98 0.40 13.46
C ASP A 142 13.22 1.15 14.54
N GLY A 143 12.84 2.39 14.23
CA GLY A 143 12.12 3.21 15.19
C GLY A 143 10.67 2.79 15.33
N LEU A 144 10.31 2.28 16.50
CA LEU A 144 8.95 1.82 16.76
C LEU A 144 8.41 2.45 18.04
N SER A 145 7.28 3.13 17.93
CA SER A 145 6.65 3.77 19.07
C SER A 145 5.15 3.97 18.85
N SER A 146 4.36 3.80 19.90
CA SER A 146 2.92 3.95 19.81
C SER A 146 2.44 5.10 20.70
N SER A 147 1.85 6.11 20.07
CA SER A 147 1.35 7.27 20.79
C SER A 147 -0.17 7.24 20.88
N SER A 148 -0.81 6.79 19.80
CA SER A 148 -2.27 6.71 19.75
C SER A 148 -2.81 5.80 20.86
N GLY A 149 -4.13 5.74 20.98
CA GLY A 149 -4.74 4.90 22.00
C GLY A 149 -4.75 3.43 21.61
N PRO A 150 -4.95 2.55 22.60
CA PRO A 150 -4.97 1.11 22.38
C PRO A 150 -6.23 0.67 21.61
N SER A 151 -6.04 0.31 20.35
CA SER A 151 -7.14 -0.12 19.51
C SER A 151 -6.72 -1.29 18.62
N SER A 152 -7.70 -2.09 18.21
CA SER A 152 -7.43 -3.25 17.36
C SER A 152 -7.36 -2.85 15.90
N GLY A 153 -8.38 -2.13 15.43
CA GLY A 153 -8.41 -1.69 14.05
C GLY A 153 -9.15 -0.37 13.88
N GLY A 1 -31.16 46.19 -25.15
CA GLY A 1 -31.35 45.82 -23.77
C GLY A 1 -30.58 44.58 -23.38
N SER A 2 -30.19 44.50 -22.11
CA SER A 2 -29.45 43.35 -21.61
C SER A 2 -29.71 43.13 -20.13
N SER A 3 -29.44 41.92 -19.66
CA SER A 3 -29.65 41.57 -18.26
C SER A 3 -28.98 40.23 -17.91
N GLY A 4 -28.98 39.89 -16.63
CA GLY A 4 -28.37 38.65 -16.20
C GLY A 4 -28.58 38.39 -14.72
N SER A 5 -28.27 37.17 -14.28
CA SER A 5 -28.42 36.80 -12.88
C SER A 5 -27.70 35.49 -12.58
N SER A 6 -27.63 35.14 -11.31
CA SER A 6 -26.97 33.91 -10.89
C SER A 6 -27.26 33.60 -9.42
N GLY A 7 -27.18 32.33 -9.07
CA GLY A 7 -27.45 31.92 -7.70
C GLY A 7 -28.04 30.52 -7.62
N ILE A 8 -27.18 29.51 -7.55
CA ILE A 8 -27.62 28.13 -7.48
C ILE A 8 -26.89 27.39 -6.36
N ASP A 9 -27.64 26.58 -5.61
CA ASP A 9 -27.06 25.81 -4.51
C ASP A 9 -27.93 24.61 -4.18
N LYS A 10 -27.30 23.52 -3.76
CA LYS A 10 -28.01 22.29 -3.41
C LYS A 10 -27.19 21.43 -2.47
N LYS A 11 -27.87 20.58 -1.71
CA LYS A 11 -27.19 19.70 -0.76
C LYS A 11 -27.61 18.24 -0.97
N LEU A 12 -26.64 17.37 -1.17
CA LEU A 12 -26.92 15.95 -1.40
C LEU A 12 -25.76 15.10 -0.90
N THR A 13 -26.05 14.17 0.00
CA THR A 13 -25.03 13.28 0.55
C THR A 13 -25.54 11.84 0.62
N THR A 14 -24.91 10.97 -0.18
CA THR A 14 -25.30 9.56 -0.21
C THR A 14 -24.08 8.66 -0.07
N LEU A 15 -23.91 8.09 1.12
CA LEU A 15 -22.78 7.20 1.38
C LEU A 15 -23.26 5.86 1.93
N ALA A 16 -22.42 4.84 1.81
CA ALA A 16 -22.76 3.51 2.29
C ALA A 16 -21.82 3.09 3.42
N ASP A 17 -22.31 2.22 4.31
CA ASP A 17 -21.51 1.73 5.42
C ASP A 17 -20.85 0.40 5.08
N LEU A 18 -21.67 -0.57 4.70
CA LEU A 18 -21.17 -1.90 4.35
C LEU A 18 -20.98 -2.03 2.84
N PHE A 19 -21.97 -1.56 2.08
CA PHE A 19 -21.91 -1.63 0.63
C PHE A 19 -20.56 -1.14 0.12
N ARG A 20 -20.07 -0.05 0.68
CA ARG A 20 -18.79 0.52 0.29
C ARG A 20 -17.67 -0.49 0.49
N PRO A 21 -16.57 -0.31 -0.26
CA PRO A 21 -15.40 -1.20 -0.18
C PRO A 21 -14.65 -1.05 1.14
N PRO A 22 -13.70 -1.96 1.38
CA PRO A 22 -12.89 -1.95 2.60
C PRO A 22 -11.91 -0.77 2.64
N ILE A 23 -12.40 0.38 3.07
CA ILE A 23 -11.57 1.58 3.16
C ILE A 23 -10.36 1.35 4.06
N ASP A 24 -10.54 0.49 5.06
CA ASP A 24 -9.46 0.17 5.99
C ASP A 24 -8.11 0.17 5.29
N LEU A 25 -8.01 -0.62 4.22
CA LEU A 25 -6.77 -0.71 3.46
C LEU A 25 -6.34 0.66 2.95
N MET A 26 -7.20 1.27 2.13
CA MET A 26 -6.91 2.59 1.57
C MET A 26 -6.56 3.58 2.66
N HIS A 27 -5.55 4.40 2.41
CA HIS A 27 -5.12 5.40 3.38
C HIS A 27 -5.56 6.80 2.95
N LYS A 28 -6.00 7.59 3.91
CA LYS A 28 -6.44 8.95 3.63
C LYS A 28 -5.37 9.97 3.99
N GLY A 29 -5.56 11.22 3.57
CA GLY A 29 -4.60 12.26 3.86
C GLY A 29 -3.95 12.82 2.60
N SER A 30 -2.69 12.44 2.36
CA SER A 30 -1.97 12.91 1.19
C SER A 30 -0.92 11.90 0.76
N PHE A 31 -0.51 11.99 -0.51
CA PHE A 31 0.49 11.07 -1.05
C PHE A 31 1.71 10.99 -0.13
N GLU A 32 2.25 12.15 0.25
CA GLU A 32 3.41 12.20 1.12
C GLU A 32 3.09 11.62 2.49
N THR A 33 1.89 11.93 2.99
CA THR A 33 1.46 11.44 4.30
C THR A 33 1.73 9.94 4.44
N ALA A 34 1.36 9.18 3.42
CA ALA A 34 1.57 7.73 3.43
C ALA A 34 2.91 7.38 4.05
N LYS A 35 3.96 8.08 3.64
CA LYS A 35 5.29 7.84 4.16
C LYS A 35 5.32 7.97 5.69
N GLU A 36 4.81 9.09 6.19
CA GLU A 36 4.77 9.34 7.62
C GLU A 36 4.26 8.11 8.37
N CYS A 37 3.03 7.71 8.06
CA CYS A 37 2.43 6.55 8.71
C CYS A 37 3.43 5.40 8.83
N GLY A 38 4.06 5.07 7.71
CA GLY A 38 5.04 3.98 7.70
C GLY A 38 5.92 4.01 8.93
N GLN A 39 6.26 5.20 9.41
CA GLN A 39 7.11 5.34 10.58
C GLN A 39 6.37 4.92 11.84
N MET A 40 5.23 5.57 12.10
CA MET A 40 4.42 5.26 13.27
C MET A 40 4.37 3.75 13.52
N GLN A 41 3.70 3.04 12.63
CA GLN A 41 3.58 1.59 12.75
C GLN A 41 4.89 0.89 12.41
N ASN A 42 5.80 1.64 11.79
CA ASN A 42 7.10 1.10 11.40
C ASN A 42 6.95 0.04 10.31
N LYS A 43 6.19 0.37 9.27
CA LYS A 43 5.96 -0.55 8.16
C LYS A 43 6.37 0.09 6.84
N TRP A 44 7.07 -0.67 6.01
CA TRP A 44 7.52 -0.19 4.72
C TRP A 44 6.36 0.40 3.92
N LEU A 45 6.68 1.19 2.90
CA LEU A 45 5.67 1.82 2.07
C LEU A 45 5.49 1.04 0.76
N MET A 46 4.30 0.48 0.58
CA MET A 46 4.00 -0.29 -0.62
C MET A 46 3.09 0.50 -1.56
N ILE A 47 3.67 1.06 -2.60
CA ILE A 47 2.91 1.85 -3.57
C ILE A 47 2.25 0.94 -4.61
N ASN A 48 0.99 1.23 -4.92
CA ASN A 48 0.24 0.44 -5.89
C ASN A 48 -0.49 1.35 -6.88
N ILE A 49 -0.08 1.29 -8.14
CA ILE A 49 -0.69 2.12 -9.18
C ILE A 49 -1.63 1.28 -10.04
N GLN A 50 -2.87 1.74 -10.18
CA GLN A 50 -3.87 1.05 -10.99
C GLN A 50 -3.90 1.60 -12.41
N ASN A 51 -4.16 0.73 -13.37
CA ASN A 51 -4.22 1.13 -14.78
C ASN A 51 -5.63 0.92 -15.33
N VAL A 52 -6.25 2.01 -15.78
CA VAL A 52 -7.59 1.96 -16.33
C VAL A 52 -7.58 1.29 -17.71
N GLN A 53 -6.43 1.31 -18.37
CA GLN A 53 -6.30 0.70 -19.68
C GLN A 53 -5.80 -0.74 -19.57
N ASP A 54 -4.56 -0.89 -19.15
CA ASP A 54 -3.96 -2.22 -18.99
C ASP A 54 -4.77 -3.07 -18.03
N PHE A 55 -5.55 -4.00 -18.58
CA PHE A 55 -6.38 -4.88 -17.77
C PHE A 55 -5.53 -5.81 -16.93
N ALA A 56 -4.42 -6.28 -17.50
CA ALA A 56 -3.51 -7.17 -16.79
C ALA A 56 -3.28 -6.70 -15.36
N CYS A 57 -3.39 -5.40 -15.15
CA CYS A 57 -3.20 -4.82 -13.81
C CYS A 57 -4.38 -5.15 -12.90
N GLN A 58 -5.58 -4.80 -13.35
CA GLN A 58 -6.79 -5.05 -12.57
C GLN A 58 -6.99 -6.55 -12.36
N CYS A 59 -6.62 -7.33 -13.36
CA CYS A 59 -6.77 -8.78 -13.29
C CYS A 59 -6.29 -9.31 -11.95
N LEU A 60 -5.06 -8.97 -11.57
CA LEU A 60 -4.48 -9.41 -10.32
C LEU A 60 -5.45 -9.17 -9.16
N ASN A 61 -5.96 -7.94 -9.07
CA ASN A 61 -6.91 -7.59 -8.01
C ASN A 61 -7.93 -8.69 -7.80
N ARG A 62 -8.17 -9.48 -8.85
CA ARG A 62 -9.14 -10.57 -8.78
C ARG A 62 -8.94 -11.38 -7.50
N ASP A 63 -7.76 -11.99 -7.36
CA ASP A 63 -7.46 -12.79 -6.19
C ASP A 63 -6.28 -12.20 -5.42
N VAL A 64 -5.39 -11.53 -6.14
CA VAL A 64 -4.22 -10.91 -5.53
C VAL A 64 -4.62 -9.88 -4.48
N TRP A 65 -5.21 -8.78 -4.95
CA TRP A 65 -5.65 -7.71 -4.06
C TRP A 65 -7.01 -8.02 -3.46
N SER A 66 -7.40 -9.29 -3.52
CA SER A 66 -8.68 -9.72 -2.98
C SER A 66 -8.49 -10.61 -1.74
N ASN A 67 -7.40 -11.36 -1.73
CA ASN A 67 -7.10 -12.25 -0.61
C ASN A 67 -7.00 -11.47 0.68
N GLU A 68 -7.60 -11.99 1.74
CA GLU A 68 -7.58 -11.33 3.05
C GLU A 68 -6.16 -11.28 3.60
N ALA A 69 -5.43 -12.38 3.45
CA ALA A 69 -4.05 -12.46 3.93
C ALA A 69 -3.21 -11.32 3.37
N VAL A 70 -3.19 -11.20 2.04
CA VAL A 70 -2.43 -10.14 1.39
C VAL A 70 -2.74 -8.77 1.98
N LYS A 71 -4.03 -8.50 2.16
CA LYS A 71 -4.46 -7.22 2.72
C LYS A 71 -3.98 -7.07 4.15
N ASN A 72 -4.27 -8.07 4.98
CA ASN A 72 -3.85 -8.04 6.38
C ASN A 72 -2.34 -7.85 6.50
N ILE A 73 -1.63 -8.09 5.40
CA ILE A 73 -0.18 -7.93 5.38
C ILE A 73 0.22 -6.56 4.85
N ILE A 74 -0.35 -6.19 3.71
CA ILE A 74 -0.06 -4.89 3.10
C ILE A 74 -0.78 -3.77 3.83
N ARG A 75 -1.34 -4.08 5.00
CA ARG A 75 -2.05 -3.08 5.79
C ARG A 75 -1.39 -2.89 7.15
N GLU A 76 -0.74 -3.94 7.64
CA GLU A 76 -0.05 -3.89 8.93
C GLU A 76 1.46 -3.94 8.74
N HIS A 77 1.91 -4.74 7.79
CA HIS A 77 3.33 -4.89 7.51
C HIS A 77 3.79 -3.85 6.48
N PHE A 78 2.83 -3.26 5.77
CA PHE A 78 3.14 -2.26 4.76
C PHE A 78 2.00 -1.25 4.62
N ILE A 79 2.30 -0.10 4.05
CA ILE A 79 1.31 0.95 3.86
C ILE A 79 0.54 0.75 2.56
N PHE A 80 -0.76 0.55 2.67
CA PHE A 80 -1.61 0.36 1.50
C PHE A 80 -2.03 1.69 0.89
N TRP A 81 -1.54 1.97 -0.32
CA TRP A 81 -1.86 3.22 -1.00
C TRP A 81 -2.12 2.97 -2.48
N GLN A 82 -3.37 3.19 -2.91
CA GLN A 82 -3.75 2.98 -4.29
C GLN A 82 -4.33 4.26 -4.89
N VAL A 83 -3.88 4.60 -6.09
CA VAL A 83 -4.35 5.80 -6.78
C VAL A 83 -4.30 5.63 -8.29
N TYR A 84 -5.13 6.38 -9.00
CA TYR A 84 -5.16 6.32 -10.45
C TYR A 84 -4.20 7.32 -11.06
N HIS A 85 -3.23 6.81 -11.83
CA HIS A 85 -2.24 7.67 -12.47
C HIS A 85 -2.88 8.95 -12.99
N ASP A 86 -4.03 8.81 -13.66
CA ASP A 86 -4.74 9.96 -14.20
C ASP A 86 -4.82 11.09 -13.18
N SER A 87 -5.31 10.77 -11.99
CA SER A 87 -5.44 11.76 -10.93
C SER A 87 -4.11 12.46 -10.67
N GLU A 88 -4.18 13.67 -10.14
CA GLU A 88 -2.98 14.45 -9.84
C GLU A 88 -1.99 13.62 -9.03
N GLU A 89 -2.43 13.16 -7.87
CA GLU A 89 -1.59 12.36 -6.99
C GLU A 89 -0.78 11.34 -7.79
N GLY A 90 -1.47 10.52 -8.56
CA GLY A 90 -0.81 9.52 -9.37
C GLY A 90 0.30 10.10 -10.23
N GLN A 91 -0.04 11.11 -11.03
CA GLN A 91 0.93 11.76 -11.90
C GLN A 91 2.22 12.05 -11.14
N ARG A 92 2.11 12.82 -10.05
CA ARG A 92 3.28 13.17 -9.26
C ARG A 92 4.21 11.97 -9.09
N TYR A 93 3.69 10.89 -8.54
CA TYR A 93 4.49 9.68 -8.33
C TYR A 93 5.23 9.29 -9.60
N ILE A 94 4.50 9.16 -10.70
CA ILE A 94 5.08 8.79 -11.97
C ILE A 94 6.38 9.54 -12.22
N GLN A 95 6.36 10.85 -12.00
CA GLN A 95 7.54 11.68 -12.19
C GLN A 95 8.63 11.32 -11.19
N PHE A 96 8.22 11.09 -9.94
CA PHE A 96 9.16 10.74 -8.88
C PHE A 96 10.30 9.90 -9.43
N TYR A 97 9.98 8.71 -9.93
CA TYR A 97 10.98 7.81 -10.48
C TYR A 97 10.82 7.67 -11.99
N LYS A 98 10.06 8.59 -12.58
CA LYS A 98 9.83 8.58 -14.02
C LYS A 98 9.26 7.24 -14.47
N LEU A 99 8.33 6.71 -13.70
CA LEU A 99 7.70 5.43 -14.01
C LEU A 99 7.13 5.44 -15.43
N GLY A 100 7.15 4.27 -16.07
CA GLY A 100 6.65 4.17 -17.43
C GLY A 100 6.30 2.75 -17.80
N ASP A 101 5.69 2.02 -16.87
CA ASP A 101 5.31 0.63 -17.11
C ASP A 101 4.21 0.21 -16.14
N PHE A 102 3.39 -0.75 -16.57
CA PHE A 102 2.30 -1.25 -15.74
C PHE A 102 1.99 -2.71 -16.07
N PRO A 103 1.59 -3.48 -15.05
CA PRO A 103 1.47 -2.98 -13.68
C PRO A 103 2.82 -2.66 -13.05
N TYR A 104 2.83 -1.74 -12.09
CA TYR A 104 4.05 -1.34 -11.42
C TYR A 104 3.88 -1.40 -9.91
N VAL A 105 4.83 -2.04 -9.23
CA VAL A 105 4.79 -2.17 -7.78
C VAL A 105 6.19 -2.19 -7.19
N SER A 106 6.44 -1.28 -6.24
CA SER A 106 7.74 -1.20 -5.60
C SER A 106 7.60 -0.78 -4.13
N ILE A 107 8.63 -1.06 -3.34
CA ILE A 107 8.62 -0.73 -1.92
C ILE A 107 9.53 0.47 -1.63
N LEU A 108 8.98 1.46 -0.94
CA LEU A 108 9.74 2.67 -0.60
C LEU A 108 9.96 2.76 0.90
N ASP A 109 10.93 3.58 1.31
CA ASP A 109 11.24 3.76 2.72
C ASP A 109 10.84 5.15 3.19
N PRO A 110 9.96 5.21 4.19
CA PRO A 110 9.48 6.48 4.75
C PRO A 110 10.57 7.23 5.53
N ARG A 111 11.62 6.50 5.89
CA ARG A 111 12.73 7.09 6.63
C ARG A 111 13.69 7.80 5.69
N THR A 112 14.14 7.10 4.66
CA THR A 112 15.06 7.67 3.68
C THR A 112 14.33 8.17 2.45
N GLY A 113 13.43 7.35 1.93
CA GLY A 113 12.67 7.72 0.75
C GLY A 113 13.31 7.21 -0.54
N GLN A 114 13.92 6.03 -0.46
CA GLN A 114 14.57 5.44 -1.62
C GLN A 114 13.92 4.10 -1.97
N LYS A 115 14.08 3.69 -3.23
CA LYS A 115 13.52 2.42 -3.69
C LYS A 115 14.31 1.24 -3.12
N LEU A 116 13.59 0.30 -2.51
CA LEU A 116 14.22 -0.88 -1.93
C LEU A 116 14.13 -2.07 -2.88
N VAL A 117 12.96 -2.23 -3.50
CA VAL A 117 12.73 -3.33 -4.43
C VAL A 117 11.85 -2.89 -5.59
N GLU A 118 11.79 -3.72 -6.62
CA GLU A 118 10.97 -3.42 -7.80
C GLU A 118 10.34 -4.69 -8.36
N TRP A 119 9.03 -4.65 -8.56
CA TRP A 119 8.30 -5.80 -9.09
C TRP A 119 7.31 -5.37 -10.17
N HIS A 120 7.37 -6.03 -11.33
CA HIS A 120 6.48 -5.71 -12.43
C HIS A 120 5.21 -6.55 -12.37
N GLN A 121 5.39 -7.87 -12.22
CA GLN A 121 4.26 -8.78 -12.15
C GLN A 121 4.31 -9.62 -10.88
N LEU A 122 3.15 -9.85 -10.28
CA LEU A 122 3.07 -10.63 -9.05
C LEU A 122 1.84 -11.54 -9.06
N ASP A 123 1.74 -12.43 -8.08
CA ASP A 123 0.62 -13.34 -7.98
C ASP A 123 0.27 -13.60 -6.51
N VAL A 124 -0.92 -14.15 -6.28
CA VAL A 124 -1.38 -14.46 -4.93
C VAL A 124 -0.28 -15.13 -4.11
N SER A 125 0.33 -16.15 -4.69
CA SER A 125 1.40 -16.89 -4.03
C SER A 125 2.73 -16.15 -4.15
N SER A 126 3.17 -15.96 -5.38
CA SER A 126 4.44 -15.27 -5.64
C SER A 126 4.58 -14.05 -4.74
N PHE A 127 3.59 -13.16 -4.79
CA PHE A 127 3.60 -11.95 -4.00
C PHE A 127 4.00 -12.26 -2.55
N LEU A 128 3.26 -13.15 -1.91
CA LEU A 128 3.54 -13.53 -0.53
C LEU A 128 4.96 -14.06 -0.39
N ASP A 129 5.25 -15.17 -1.08
CA ASP A 129 6.58 -15.76 -1.03
C ASP A 129 7.66 -14.70 -1.03
N GLN A 130 7.52 -13.72 -1.93
CA GLN A 130 8.49 -12.63 -2.03
C GLN A 130 8.40 -11.70 -0.84
N VAL A 131 7.26 -11.04 -0.69
CA VAL A 131 7.03 -10.11 0.41
C VAL A 131 7.30 -10.78 1.75
N THR A 132 6.51 -11.79 2.07
CA THR A 132 6.67 -12.52 3.32
C THR A 132 8.14 -12.72 3.67
N GLY A 133 8.90 -13.26 2.73
CA GLY A 133 10.31 -13.47 2.95
C GLY A 133 11.08 -12.19 3.14
N PHE A 134 10.90 -11.25 2.22
CA PHE A 134 11.59 -9.96 2.28
C PHE A 134 11.59 -9.42 3.70
N LEU A 135 10.44 -9.53 4.37
CA LEU A 135 10.31 -9.05 5.75
C LEU A 135 11.45 -9.57 6.62
N GLY A 136 11.72 -10.87 6.54
CA GLY A 136 12.78 -11.46 7.32
C GLY A 136 14.16 -11.20 6.74
N GLU A 137 14.24 -11.22 5.41
CA GLU A 137 15.50 -10.99 4.72
C GLU A 137 16.07 -9.62 5.10
N HIS A 138 15.30 -8.57 4.87
CA HIS A 138 15.73 -7.21 5.19
C HIS A 138 15.41 -6.87 6.65
N GLY A 139 14.13 -6.82 6.97
CA GLY A 139 13.72 -6.50 8.33
C GLY A 139 12.89 -5.23 8.40
N GLN A 140 12.11 -5.10 9.46
CA GLN A 140 11.27 -3.92 9.64
C GLN A 140 12.10 -2.65 9.57
N LEU A 141 11.42 -1.52 9.34
CA LEU A 141 12.10 -0.23 9.24
C LEU A 141 13.31 -0.18 10.17
N ASP A 142 13.09 -0.54 11.43
CA ASP A 142 14.17 -0.54 12.42
C ASP A 142 14.78 -1.93 12.56
N GLY A 143 13.96 -2.90 12.95
CA GLY A 143 14.43 -4.26 13.11
C GLY A 143 14.61 -4.63 14.57
N LEU A 144 13.78 -5.56 15.06
CA LEU A 144 13.85 -6.01 16.44
C LEU A 144 14.79 -7.21 16.58
N SER A 145 14.49 -8.27 15.82
CA SER A 145 15.31 -9.48 15.87
C SER A 145 16.22 -9.56 14.65
N SER A 146 17.46 -9.99 14.88
CA SER A 146 18.44 -10.11 13.81
C SER A 146 19.11 -11.48 13.83
N SER A 147 19.77 -11.83 12.73
CA SER A 147 20.45 -13.12 12.62
C SER A 147 21.84 -12.94 12.01
N SER A 148 22.58 -14.05 11.92
CA SER A 148 23.92 -14.02 11.35
C SER A 148 23.91 -13.48 9.92
N GLY A 149 23.10 -14.11 9.07
CA GLY A 149 23.00 -13.68 7.69
C GLY A 149 22.93 -14.84 6.73
N PRO A 150 21.71 -15.33 6.48
CA PRO A 150 21.48 -16.46 5.56
C PRO A 150 21.75 -16.09 4.11
N SER A 151 22.51 -16.93 3.41
CA SER A 151 22.84 -16.68 2.01
C SER A 151 21.63 -17.00 1.12
N SER A 152 21.07 -15.96 0.51
CA SER A 152 19.92 -16.11 -0.37
C SER A 152 20.10 -17.34 -1.28
N GLY A 153 21.24 -17.40 -1.95
CA GLY A 153 21.51 -18.51 -2.85
C GLY A 153 22.93 -19.05 -2.70
N GLY A 1 11.73 24.90 -7.54
CA GLY A 1 10.75 25.03 -6.49
C GLY A 1 11.25 24.51 -5.16
N SER A 2 10.75 23.34 -4.76
CA SER A 2 11.15 22.74 -3.49
C SER A 2 10.76 23.62 -2.31
N SER A 3 9.55 24.17 -2.37
CA SER A 3 9.05 25.05 -1.32
C SER A 3 8.42 24.23 -0.19
N GLY A 4 8.08 24.91 0.91
CA GLY A 4 7.47 24.24 2.04
C GLY A 4 6.42 25.08 2.72
N SER A 5 5.96 24.63 3.88
CA SER A 5 4.94 25.35 4.63
C SER A 5 4.88 24.86 6.08
N SER A 6 4.40 25.72 6.97
CA SER A 6 4.30 25.38 8.38
C SER A 6 2.87 25.56 8.88
N GLY A 7 2.61 25.08 10.10
CA GLY A 7 1.28 25.19 10.66
C GLY A 7 0.58 23.86 10.80
N ILE A 8 0.18 23.51 12.01
CA ILE A 8 -0.49 22.25 12.27
C ILE A 8 -1.53 22.40 13.38
N ASP A 9 -2.80 22.28 13.02
CA ASP A 9 -3.89 22.40 13.98
C ASP A 9 -5.15 21.72 13.46
N LYS A 10 -5.56 20.65 14.14
CA LYS A 10 -6.74 19.89 13.75
C LYS A 10 -7.46 19.35 14.98
N LYS A 11 -8.60 19.96 15.32
CA LYS A 11 -9.39 19.54 16.46
C LYS A 11 -10.84 19.27 16.06
N LEU A 12 -11.41 18.20 16.60
CA LEU A 12 -12.79 17.84 16.30
C LEU A 12 -13.74 18.33 17.40
N THR A 13 -13.37 18.06 18.64
CA THR A 13 -14.18 18.48 19.78
C THR A 13 -15.66 18.18 19.54
N THR A 14 -15.93 17.03 18.93
CA THR A 14 -17.31 16.63 18.64
C THR A 14 -17.49 15.13 18.83
N LEU A 15 -18.62 14.75 19.44
CA LEU A 15 -18.92 13.35 19.68
C LEU A 15 -20.00 12.85 18.73
N ALA A 16 -19.62 11.94 17.83
CA ALA A 16 -20.57 11.39 16.87
C ALA A 16 -20.07 10.04 16.33
N ASP A 17 -21.00 9.19 15.94
CA ASP A 17 -20.66 7.89 15.40
C ASP A 17 -19.66 8.01 14.25
N LEU A 18 -19.25 6.87 13.71
CA LEU A 18 -18.29 6.84 12.60
C LEU A 18 -18.95 7.35 11.32
N PHE A 19 -20.10 6.78 10.99
CA PHE A 19 -20.82 7.17 9.78
C PHE A 19 -19.92 7.08 8.56
N ARG A 20 -19.01 6.12 8.56
CA ARG A 20 -18.09 5.94 7.46
C ARG A 20 -17.89 4.45 7.17
N PRO A 21 -17.55 4.13 5.91
CA PRO A 21 -17.32 2.75 5.47
C PRO A 21 -16.05 2.16 6.06
N PRO A 22 -15.87 0.84 5.90
CA PRO A 22 -14.70 0.13 6.41
C PRO A 22 -13.43 0.49 5.66
N ILE A 23 -12.77 1.56 6.09
CA ILE A 23 -11.54 2.01 5.45
C ILE A 23 -10.32 1.65 6.29
N ASP A 24 -10.51 0.72 7.22
CA ASP A 24 -9.42 0.28 8.10
C ASP A 24 -8.16 -0.04 7.29
N LEU A 25 -8.35 -0.74 6.18
CA LEU A 25 -7.23 -1.10 5.32
C LEU A 25 -6.83 0.05 4.41
N MET A 26 -7.82 0.61 3.71
CA MET A 26 -7.58 1.72 2.81
C MET A 26 -7.03 2.94 3.56
N HIS A 27 -5.83 3.37 3.19
CA HIS A 27 -5.19 4.50 3.84
C HIS A 27 -5.74 5.82 3.28
N LYS A 28 -6.40 6.58 4.14
CA LYS A 28 -6.98 7.86 3.75
C LYS A 28 -5.95 8.98 3.86
N GLY A 29 -5.78 9.72 2.76
CA GLY A 29 -4.82 10.82 2.76
C GLY A 29 -4.01 10.87 1.47
N SER A 30 -2.98 11.71 1.46
CA SER A 30 -2.13 11.85 0.29
C SER A 30 -0.87 11.02 0.42
N PHE A 31 -0.06 11.00 -0.63
CA PHE A 31 1.19 10.24 -0.64
C PHE A 31 2.14 10.75 0.44
N GLU A 32 2.26 12.07 0.54
CA GLU A 32 3.15 12.68 1.53
C GLU A 32 3.06 11.94 2.86
N THR A 33 1.87 11.91 3.44
CA THR A 33 1.67 11.22 4.71
C THR A 33 2.07 9.77 4.63
N ALA A 34 1.65 9.09 3.57
CA ALA A 34 1.97 7.69 3.37
C ALA A 34 3.39 7.39 3.81
N LYS A 35 4.27 8.39 3.75
CA LYS A 35 5.65 8.23 4.14
C LYS A 35 5.82 8.44 5.64
N GLU A 36 5.25 9.52 6.15
CA GLU A 36 5.34 9.84 7.57
C GLU A 36 4.71 8.72 8.42
N CYS A 37 3.56 8.23 7.97
CA CYS A 37 2.86 7.16 8.68
C CYS A 37 3.79 5.96 8.89
N GLY A 38 4.42 5.51 7.81
CA GLY A 38 5.32 4.37 7.90
C GLY A 38 6.24 4.45 9.10
N GLN A 39 6.72 5.66 9.39
CA GLN A 39 7.62 5.86 10.52
C GLN A 39 6.85 5.86 11.84
N MET A 40 5.70 6.52 11.85
CA MET A 40 4.87 6.60 13.04
C MET A 40 4.61 5.20 13.62
N GLN A 41 3.98 4.36 12.82
CA GLN A 41 3.67 2.99 13.24
C GLN A 41 4.82 2.05 12.92
N ASN A 42 5.89 2.59 12.36
CA ASN A 42 7.07 1.80 12.01
C ASN A 42 6.68 0.69 11.04
N LYS A 43 5.86 1.02 10.06
CA LYS A 43 5.42 0.05 9.05
C LYS A 43 5.88 0.46 7.66
N TRP A 44 6.33 -0.52 6.88
CA TRP A 44 6.80 -0.26 5.52
C TRP A 44 5.70 0.39 4.68
N LEU A 45 6.02 0.71 3.44
CA LEU A 45 5.07 1.32 2.54
C LEU A 45 4.92 0.51 1.25
N MET A 46 3.69 0.44 0.74
CA MET A 46 3.42 -0.31 -0.48
C MET A 46 2.62 0.53 -1.47
N ILE A 47 3.13 0.64 -2.69
CA ILE A 47 2.47 1.42 -3.73
C ILE A 47 1.90 0.52 -4.81
N ASN A 48 0.72 0.88 -5.31
CA ASN A 48 0.07 0.10 -6.36
C ASN A 48 -0.72 1.01 -7.30
N ILE A 49 -0.24 1.12 -8.54
CA ILE A 49 -0.89 1.95 -9.54
C ILE A 49 -1.89 1.15 -10.37
N GLN A 50 -3.07 1.70 -10.58
CA GLN A 50 -4.10 1.04 -11.36
C GLN A 50 -4.44 1.83 -12.61
N ASN A 51 -4.59 1.12 -13.73
CA ASN A 51 -4.92 1.76 -15.00
C ASN A 51 -6.40 1.61 -15.32
N VAL A 52 -7.13 2.72 -15.24
CA VAL A 52 -8.56 2.72 -15.53
C VAL A 52 -8.84 2.20 -16.93
N GLN A 53 -7.91 2.46 -17.85
CA GLN A 53 -8.06 2.01 -19.23
C GLN A 53 -7.80 0.52 -19.36
N ASP A 54 -6.54 0.13 -19.16
CA ASP A 54 -6.15 -1.28 -19.25
C ASP A 54 -6.93 -2.12 -18.24
N PHE A 55 -6.71 -3.42 -18.27
CA PHE A 55 -7.40 -4.34 -17.37
C PHE A 55 -6.41 -5.03 -16.44
N ALA A 56 -5.22 -5.31 -16.95
CA ALA A 56 -4.18 -5.97 -16.17
C ALA A 56 -4.21 -5.52 -14.72
N CYS A 57 -4.48 -4.22 -14.51
CA CYS A 57 -4.54 -3.66 -13.17
C CYS A 57 -5.61 -4.35 -12.34
N GLN A 58 -6.78 -4.53 -12.93
CA GLN A 58 -7.90 -5.18 -12.24
C GLN A 58 -7.66 -6.69 -12.11
N CYS A 59 -7.02 -7.27 -13.13
CA CYS A 59 -6.73 -8.69 -13.12
C CYS A 59 -5.87 -9.07 -11.92
N LEU A 60 -4.96 -8.18 -11.55
CA LEU A 60 -4.08 -8.42 -10.42
C LEU A 60 -4.85 -8.37 -9.09
N ASN A 61 -5.44 -7.22 -8.80
CA ASN A 61 -6.21 -7.05 -7.57
C ASN A 61 -7.23 -8.17 -7.41
N ARG A 62 -7.57 -8.82 -8.52
CA ARG A 62 -8.54 -9.91 -8.50
C ARG A 62 -8.28 -10.84 -7.32
N ASP A 63 -7.11 -11.46 -7.31
CA ASP A 63 -6.74 -12.38 -6.23
C ASP A 63 -5.51 -11.88 -5.49
N VAL A 64 -4.62 -11.21 -6.21
CA VAL A 64 -3.41 -10.67 -5.61
C VAL A 64 -3.73 -9.70 -4.48
N TRP A 65 -4.28 -8.55 -4.84
CA TRP A 65 -4.63 -7.53 -3.85
C TRP A 65 -6.01 -7.82 -3.25
N SER A 66 -6.47 -9.05 -3.41
CA SER A 66 -7.78 -9.44 -2.89
C SER A 66 -7.63 -10.45 -1.76
N ASN A 67 -6.65 -11.33 -1.89
CA ASN A 67 -6.40 -12.35 -0.87
C ASN A 67 -6.23 -11.71 0.51
N GLU A 68 -7.22 -11.94 1.38
CA GLU A 68 -7.17 -11.39 2.73
C GLU A 68 -5.76 -11.41 3.28
N ALA A 69 -5.15 -12.58 3.28
CA ALA A 69 -3.79 -12.75 3.79
C ALA A 69 -2.88 -11.63 3.30
N VAL A 70 -2.95 -11.36 1.99
CA VAL A 70 -2.13 -10.31 1.39
C VAL A 70 -2.46 -8.95 1.99
N LYS A 71 -3.75 -8.70 2.19
CA LYS A 71 -4.20 -7.43 2.76
C LYS A 71 -3.68 -7.26 4.19
N ASN A 72 -3.81 -8.32 4.99
CA ASN A 72 -3.36 -8.28 6.38
C ASN A 72 -1.87 -8.01 6.45
N ILE A 73 -1.15 -8.41 5.41
CA ILE A 73 0.30 -8.21 5.36
C ILE A 73 0.65 -6.83 4.81
N ILE A 74 -0.05 -6.43 3.76
CA ILE A 74 0.18 -5.12 3.14
C ILE A 74 -0.37 -4.00 4.02
N ARG A 75 -1.22 -4.36 4.97
CA ARG A 75 -1.82 -3.38 5.87
C ARG A 75 -0.99 -3.25 7.15
N GLU A 76 -0.42 -4.37 7.60
CA GLU A 76 0.39 -4.37 8.81
C GLU A 76 1.86 -4.10 8.49
N HIS A 77 2.50 -5.04 7.82
CA HIS A 77 3.90 -4.91 7.45
C HIS A 77 4.12 -3.64 6.62
N PHE A 78 3.19 -3.38 5.70
CA PHE A 78 3.29 -2.20 4.84
C PHE A 78 2.02 -1.35 4.95
N ILE A 79 2.03 -0.21 4.25
CA ILE A 79 0.88 0.68 4.26
C ILE A 79 0.07 0.57 2.98
N PHE A 80 -1.11 -0.03 3.08
CA PHE A 80 -1.98 -0.20 1.93
C PHE A 80 -2.23 1.13 1.23
N TRP A 81 -1.71 1.25 0.02
CA TRP A 81 -1.87 2.48 -0.76
C TRP A 81 -2.09 2.16 -2.23
N GLN A 82 -3.19 2.67 -2.79
CA GLN A 82 -3.53 2.44 -4.18
C GLN A 82 -4.26 3.64 -4.78
N VAL A 83 -3.72 4.19 -5.86
CA VAL A 83 -4.32 5.34 -6.51
C VAL A 83 -4.19 5.24 -8.03
N TYR A 84 -5.17 5.78 -8.75
CA TYR A 84 -5.17 5.74 -10.20
C TYR A 84 -4.12 6.70 -10.77
N HIS A 85 -3.69 6.43 -11.99
CA HIS A 85 -2.69 7.26 -12.65
C HIS A 85 -3.28 8.61 -13.03
N ASP A 86 -4.39 8.58 -13.76
CA ASP A 86 -5.06 9.80 -14.20
C ASP A 86 -5.20 10.78 -13.04
N SER A 87 -5.57 10.26 -11.87
CA SER A 87 -5.76 11.09 -10.69
C SER A 87 -4.46 11.81 -10.33
N GLU A 88 -4.58 13.07 -9.92
CA GLU A 88 -3.43 13.87 -9.55
C GLU A 88 -2.40 13.03 -8.78
N GLU A 89 -2.85 12.42 -7.68
CA GLU A 89 -1.96 11.59 -6.87
C GLU A 89 -1.07 10.72 -7.75
N GLY A 90 -1.68 10.00 -8.69
CA GLY A 90 -0.92 9.14 -9.57
C GLY A 90 -0.05 9.92 -10.54
N GLN A 91 -0.56 11.06 -11.00
CA GLN A 91 0.18 11.90 -11.93
C GLN A 91 1.58 12.20 -11.40
N ARG A 92 1.64 12.74 -10.19
CA ARG A 92 2.92 13.08 -9.56
C ARG A 92 3.80 11.83 -9.42
N TYR A 93 3.25 10.81 -8.79
CA TYR A 93 3.99 9.56 -8.58
C TYR A 93 4.77 9.18 -9.84
N ILE A 94 4.13 9.33 -10.99
CA ILE A 94 4.78 9.00 -12.26
C ILE A 94 6.18 9.59 -12.34
N GLN A 95 6.27 10.91 -12.22
CA GLN A 95 7.55 11.60 -12.28
C GLN A 95 8.50 11.07 -11.22
N PHE A 96 7.98 10.88 -10.00
CA PHE A 96 8.79 10.38 -8.91
C PHE A 96 9.77 9.31 -9.39
N TYR A 97 9.24 8.20 -9.88
CA TYR A 97 10.07 7.10 -10.38
C TYR A 97 10.04 7.04 -11.90
N LYS A 98 9.49 8.10 -12.52
CA LYS A 98 9.41 8.17 -13.97
C LYS A 98 8.69 6.94 -14.53
N LEU A 99 7.58 6.57 -13.91
CA LEU A 99 6.81 5.42 -14.36
C LEU A 99 6.49 5.51 -15.85
N GLY A 100 6.26 4.36 -16.47
CA GLY A 100 5.94 4.33 -17.88
C GLY A 100 5.24 3.06 -18.30
N ASP A 101 5.55 1.96 -17.62
CA ASP A 101 4.94 0.67 -17.91
C ASP A 101 4.01 0.24 -16.79
N PHE A 102 3.11 -0.69 -17.11
CA PHE A 102 2.15 -1.19 -16.13
C PHE A 102 1.94 -2.70 -16.29
N PRO A 103 1.58 -3.37 -15.19
CA PRO A 103 1.40 -2.71 -13.89
C PRO A 103 2.72 -2.24 -13.29
N TYR A 104 2.62 -1.51 -12.18
CA TYR A 104 3.81 -0.99 -11.52
C TYR A 104 3.71 -1.18 -10.00
N VAL A 105 4.76 -1.76 -9.42
CA VAL A 105 4.79 -2.00 -7.98
C VAL A 105 6.20 -1.84 -7.43
N SER A 106 6.31 -1.16 -6.28
CA SER A 106 7.61 -0.93 -5.66
C SER A 106 7.44 -0.67 -4.17
N ILE A 107 8.39 -1.15 -3.38
CA ILE A 107 8.36 -0.96 -1.93
C ILE A 107 9.15 0.26 -1.51
N LEU A 108 8.46 1.27 -0.99
CA LEU A 108 9.11 2.50 -0.55
C LEU A 108 9.43 2.44 0.94
N ASP A 109 10.36 3.28 1.37
CA ASP A 109 10.76 3.33 2.78
C ASP A 109 10.39 4.67 3.40
N PRO A 110 9.59 4.62 4.48
CA PRO A 110 9.15 5.82 5.19
C PRO A 110 10.29 6.50 5.94
N ARG A 111 11.36 5.75 6.18
CA ARG A 111 12.52 6.27 6.90
C ARG A 111 13.35 7.18 6.00
N THR A 112 13.90 6.60 4.94
CA THR A 112 14.72 7.35 3.99
C THR A 112 13.86 8.06 2.95
N GLY A 113 12.85 7.35 2.46
CA GLY A 113 11.97 7.94 1.46
C GLY A 113 12.41 7.63 0.04
N GLN A 114 12.97 6.44 -0.16
CA GLN A 114 13.44 6.02 -1.47
C GLN A 114 12.88 4.66 -1.86
N LYS A 115 13.19 4.21 -3.07
CA LYS A 115 12.72 2.92 -3.55
C LYS A 115 13.67 1.80 -3.11
N LEU A 116 13.13 0.85 -2.35
CA LEU A 116 13.93 -0.28 -1.87
C LEU A 116 14.01 -1.38 -2.92
N VAL A 117 12.85 -1.77 -3.44
CA VAL A 117 12.79 -2.81 -4.46
C VAL A 117 11.72 -2.50 -5.51
N GLU A 118 11.92 -3.00 -6.72
CA GLU A 118 10.98 -2.77 -7.81
C GLU A 118 10.56 -4.09 -8.44
N TRP A 119 9.25 -4.31 -8.54
CA TRP A 119 8.71 -5.53 -9.12
C TRP A 119 7.78 -5.21 -10.29
N HIS A 120 8.00 -5.88 -11.41
CA HIS A 120 7.17 -5.67 -12.60
C HIS A 120 5.89 -6.51 -12.54
N GLN A 121 6.07 -7.82 -12.46
CA GLN A 121 4.92 -8.73 -12.39
C GLN A 121 4.83 -9.39 -11.02
N LEU A 122 3.62 -9.78 -10.64
CA LEU A 122 3.40 -10.42 -9.34
C LEU A 122 2.18 -11.33 -9.39
N ASP A 123 2.01 -12.15 -8.37
CA ASP A 123 0.88 -13.07 -8.29
C ASP A 123 0.48 -13.31 -6.84
N VAL A 124 -0.64 -14.01 -6.65
CA VAL A 124 -1.13 -14.32 -5.31
C VAL A 124 -0.10 -15.10 -4.51
N SER A 125 0.44 -16.15 -5.12
CA SER A 125 1.45 -16.98 -4.46
C SER A 125 2.83 -16.36 -4.57
N SER A 126 3.17 -15.87 -5.76
CA SER A 126 4.45 -15.26 -6.00
C SER A 126 4.67 -14.05 -5.09
N PHE A 127 3.69 -13.15 -5.06
CA PHE A 127 3.77 -11.96 -4.23
C PHE A 127 4.23 -12.31 -2.82
N LEU A 128 3.43 -13.10 -2.11
CA LEU A 128 3.76 -13.51 -0.75
C LEU A 128 5.20 -14.02 -0.67
N ASP A 129 5.53 -14.95 -1.56
CA ASP A 129 6.88 -15.52 -1.59
C ASP A 129 7.93 -14.42 -1.44
N GLN A 130 7.88 -13.44 -2.32
CA GLN A 130 8.83 -12.32 -2.29
C GLN A 130 8.67 -11.51 -1.02
N VAL A 131 7.46 -11.00 -0.81
CA VAL A 131 7.17 -10.18 0.37
C VAL A 131 7.80 -10.80 1.62
N THR A 132 7.36 -12.01 1.95
CA THR A 132 7.88 -12.71 3.12
C THR A 132 9.39 -12.74 3.13
N GLY A 133 9.98 -13.02 1.97
CA GLY A 133 11.43 -13.07 1.86
C GLY A 133 12.10 -11.81 2.37
N PHE A 134 11.51 -10.67 2.04
CA PHE A 134 12.06 -9.39 2.46
C PHE A 134 12.08 -9.27 3.98
N LEU A 135 10.91 -9.40 4.59
CA LEU A 135 10.79 -9.31 6.05
C LEU A 135 11.77 -10.27 6.72
N GLY A 136 11.86 -11.48 6.20
CA GLY A 136 12.76 -12.47 6.77
C GLY A 136 14.20 -11.98 6.81
N GLU A 137 14.60 -11.24 5.79
CA GLU A 137 15.96 -10.72 5.71
C GLU A 137 16.08 -9.41 6.49
N HIS A 138 15.34 -8.40 6.07
CA HIS A 138 15.36 -7.11 6.74
C HIS A 138 14.62 -7.15 8.07
N GLY A 139 13.30 -7.37 7.99
CA GLY A 139 12.50 -7.44 9.20
C GLY A 139 11.58 -6.25 9.35
N GLN A 140 11.33 -5.85 10.58
CA GLN A 140 10.45 -4.72 10.86
C GLN A 140 11.26 -3.48 11.25
N LEU A 141 10.57 -2.36 11.45
CA LEU A 141 11.24 -1.12 11.83
C LEU A 141 11.48 -1.07 13.33
N ASP A 142 10.41 -1.21 14.11
CA ASP A 142 10.52 -1.18 15.56
C ASP A 142 11.29 0.05 16.03
N GLY A 143 10.92 1.22 15.49
CA GLY A 143 11.59 2.45 15.87
C GLY A 143 11.12 2.97 17.22
N LEU A 144 11.26 4.27 17.43
CA LEU A 144 10.86 4.90 18.67
C LEU A 144 9.41 4.55 19.01
N SER A 145 9.14 4.34 20.30
CA SER A 145 7.80 4.00 20.75
C SER A 145 7.45 4.75 22.03
N SER A 146 6.56 5.74 21.90
CA SER A 146 6.14 6.54 23.05
C SER A 146 5.31 5.72 24.03
N SER A 147 4.25 5.11 23.52
CA SER A 147 3.37 4.28 24.34
C SER A 147 3.24 2.88 23.76
N SER A 148 3.18 1.89 24.65
CA SER A 148 3.07 0.49 24.22
C SER A 148 1.62 0.01 24.33
N GLY A 149 1.03 -0.31 23.18
CA GLY A 149 -0.34 -0.78 23.17
C GLY A 149 -0.45 -2.24 22.81
N PRO A 150 -1.60 -2.63 22.24
CA PRO A 150 -1.86 -4.02 21.84
C PRO A 150 -1.00 -4.44 20.64
N SER A 151 -0.28 -5.54 20.80
CA SER A 151 0.58 -6.05 19.73
C SER A 151 -0.22 -6.89 18.74
N SER A 152 -0.86 -7.94 19.24
CA SER A 152 -1.65 -8.83 18.40
C SER A 152 -2.91 -8.13 17.91
N GLY A 153 -3.62 -8.76 16.98
CA GLY A 153 -4.83 -8.18 16.45
C GLY A 153 -6.06 -9.02 16.76
N GLY A 1 -42.76 39.61 13.86
CA GLY A 1 -42.28 38.34 14.38
C GLY A 1 -40.84 38.39 14.81
N SER A 2 -40.59 38.23 16.11
CA SER A 2 -39.24 38.28 16.65
C SER A 2 -38.35 37.23 15.97
N SER A 3 -38.82 35.98 15.97
CA SER A 3 -38.07 34.89 15.36
C SER A 3 -36.75 34.65 16.09
N GLY A 4 -36.81 34.68 17.43
CA GLY A 4 -35.63 34.47 18.23
C GLY A 4 -35.70 33.18 19.05
N SER A 5 -34.56 32.52 19.19
CA SER A 5 -34.50 31.28 19.95
C SER A 5 -33.07 30.95 20.35
N SER A 6 -32.92 29.99 21.26
CA SER A 6 -31.60 29.59 21.74
C SER A 6 -31.63 28.17 22.31
N GLY A 7 -30.47 27.69 22.72
CA GLY A 7 -30.39 26.34 23.28
C GLY A 7 -29.25 25.54 22.69
N ILE A 8 -28.34 25.08 23.56
CA ILE A 8 -27.19 24.30 23.12
C ILE A 8 -27.04 23.04 23.96
N ASP A 9 -27.14 21.88 23.31
CA ASP A 9 -27.02 20.60 24.00
C ASP A 9 -26.63 19.50 23.02
N LYS A 10 -25.58 18.76 23.34
CA LYS A 10 -25.10 17.67 22.49
C LYS A 10 -24.65 16.49 23.33
N LYS A 11 -25.49 15.45 23.39
CA LYS A 11 -25.17 14.26 24.16
C LYS A 11 -25.97 13.06 23.65
N LEU A 12 -25.27 11.96 23.38
CA LEU A 12 -25.92 10.75 22.89
C LEU A 12 -25.15 9.51 23.31
N THR A 13 -25.80 8.36 23.25
CA THR A 13 -25.16 7.10 23.61
C THR A 13 -25.88 5.91 22.96
N THR A 14 -25.15 5.17 22.14
CA THR A 14 -25.71 4.01 21.45
C THR A 14 -24.60 3.12 20.88
N LEU A 15 -24.89 1.83 20.79
CA LEU A 15 -23.92 0.88 20.26
C LEU A 15 -24.56 -0.04 19.24
N ALA A 16 -23.90 -0.23 18.10
CA ALA A 16 -24.41 -1.09 17.05
C ALA A 16 -23.34 -1.37 15.99
N ASP A 17 -23.61 -2.35 15.14
CA ASP A 17 -22.66 -2.71 14.09
C ASP A 17 -22.24 -1.49 13.28
N LEU A 18 -21.04 -1.54 12.73
CA LEU A 18 -20.51 -0.44 11.94
C LEU A 18 -21.24 -0.32 10.61
N PHE A 19 -21.81 0.85 10.33
CA PHE A 19 -22.54 1.08 9.10
C PHE A 19 -21.58 1.15 7.91
N ARG A 20 -20.59 2.03 7.99
CA ARG A 20 -19.62 2.20 6.93
C ARG A 20 -18.79 0.92 6.75
N PRO A 21 -18.26 0.73 5.53
CA PRO A 21 -17.44 -0.45 5.21
C PRO A 21 -16.09 -0.44 5.91
N PRO A 22 -15.38 -1.58 5.87
CA PRO A 22 -14.08 -1.72 6.50
C PRO A 22 -12.99 -0.92 5.79
N ILE A 23 -12.80 0.32 6.22
CA ILE A 23 -11.79 1.19 5.61
C ILE A 23 -10.41 0.90 6.18
N ASP A 24 -10.27 -0.24 6.83
CA ASP A 24 -9.00 -0.65 7.41
C ASP A 24 -7.86 -0.51 6.39
N LEU A 25 -8.08 -1.04 5.20
CA LEU A 25 -7.07 -0.98 4.14
C LEU A 25 -7.01 0.42 3.54
N MET A 26 -8.11 0.88 2.97
CA MET A 26 -8.18 2.20 2.38
C MET A 26 -7.70 3.27 3.35
N HIS A 27 -6.59 3.91 3.03
CA HIS A 27 -6.03 4.96 3.88
C HIS A 27 -6.29 6.34 3.29
N LYS A 28 -6.68 7.28 4.14
CA LYS A 28 -6.96 8.64 3.71
C LYS A 28 -5.83 9.58 4.11
N GLY A 29 -5.54 10.56 3.24
CA GLY A 29 -4.48 11.50 3.51
C GLY A 29 -3.55 11.69 2.33
N SER A 30 -2.93 12.86 2.24
CA SER A 30 -2.02 13.16 1.15
C SER A 30 -0.84 12.19 1.14
N PHE A 31 -0.34 11.89 -0.05
CA PHE A 31 0.78 10.97 -0.21
C PHE A 31 1.85 11.23 0.86
N GLU A 32 2.27 12.48 0.98
CA GLU A 32 3.28 12.86 1.96
C GLU A 32 3.00 12.20 3.31
N THR A 33 1.72 12.07 3.64
CA THR A 33 1.32 11.47 4.91
C THR A 33 1.78 10.02 4.99
N ALA A 34 1.44 9.23 3.98
CA ALA A 34 1.81 7.82 3.93
C ALA A 34 3.23 7.62 4.48
N LYS A 35 4.18 8.38 3.94
CA LYS A 35 5.57 8.29 4.36
C LYS A 35 5.70 8.58 5.86
N GLU A 36 5.15 9.72 6.28
CA GLU A 36 5.21 10.12 7.68
C GLU A 36 4.69 9.00 8.58
N CYS A 37 3.56 8.41 8.20
CA CYS A 37 2.96 7.33 8.97
C CYS A 37 3.91 6.14 9.09
N GLY A 38 4.50 5.76 7.96
CA GLY A 38 5.42 4.64 7.95
C GLY A 38 6.38 4.66 9.13
N GLN A 39 6.89 5.85 9.44
CA GLN A 39 7.83 6.01 10.56
C GLN A 39 7.11 5.79 11.90
N MET A 40 6.20 6.71 12.22
CA MET A 40 5.45 6.61 13.47
C MET A 40 4.89 5.21 13.67
N GLN A 41 4.07 4.77 12.72
CA GLN A 41 3.46 3.44 12.80
C GLN A 41 4.53 2.35 12.64
N ASN A 42 5.76 2.76 12.35
CA ASN A 42 6.86 1.81 12.18
C ASN A 42 6.47 0.72 11.18
N LYS A 43 5.90 1.13 10.05
CA LYS A 43 5.49 0.19 9.01
C LYS A 43 5.96 0.66 7.64
N TRP A 44 6.49 -0.27 6.86
CA TRP A 44 6.97 0.05 5.51
C TRP A 44 5.88 0.71 4.69
N LEU A 45 6.26 1.19 3.50
CA LEU A 45 5.31 1.85 2.61
C LEU A 45 5.20 1.10 1.28
N MET A 46 3.96 0.87 0.85
CA MET A 46 3.71 0.16 -0.41
C MET A 46 2.72 0.93 -1.28
N ILE A 47 3.13 1.24 -2.50
CA ILE A 47 2.27 1.97 -3.43
C ILE A 47 1.94 1.12 -4.65
N ASN A 48 0.75 1.34 -5.22
CA ASN A 48 0.32 0.60 -6.40
C ASN A 48 -0.54 1.48 -7.30
N ILE A 49 -0.17 1.55 -8.58
CA ILE A 49 -0.91 2.35 -9.54
C ILE A 49 -1.87 1.49 -10.35
N GLN A 50 -3.17 1.63 -10.07
CA GLN A 50 -4.19 0.87 -10.77
C GLN A 50 -4.39 1.39 -12.18
N ASN A 51 -4.42 0.48 -13.15
CA ASN A 51 -4.59 0.86 -14.55
C ASN A 51 -6.05 0.68 -14.97
N VAL A 52 -6.69 1.79 -15.34
CA VAL A 52 -8.09 1.76 -15.77
C VAL A 52 -8.21 1.30 -17.21
N GLN A 53 -7.22 1.66 -18.03
CA GLN A 53 -7.22 1.28 -19.44
C GLN A 53 -6.76 -0.15 -19.61
N ASP A 54 -5.56 -0.45 -19.12
CA ASP A 54 -5.01 -1.80 -19.22
C ASP A 54 -5.89 -2.81 -18.49
N PHE A 55 -5.81 -4.06 -18.92
CA PHE A 55 -6.60 -5.13 -18.31
C PHE A 55 -5.79 -5.87 -17.25
N ALA A 56 -4.51 -6.08 -17.54
CA ALA A 56 -3.63 -6.77 -16.61
C ALA A 56 -4.02 -6.51 -15.16
N CYS A 57 -4.06 -5.23 -14.80
CA CYS A 57 -4.42 -4.82 -13.44
C CYS A 57 -5.61 -5.63 -12.94
N GLN A 58 -6.69 -5.62 -13.70
CA GLN A 58 -7.90 -6.35 -13.33
C GLN A 58 -7.57 -7.80 -13.00
N CYS A 59 -7.18 -8.57 -14.02
CA CYS A 59 -6.84 -9.97 -13.83
C CYS A 59 -6.08 -10.18 -12.54
N LEU A 60 -5.13 -9.29 -12.27
CA LEU A 60 -4.31 -9.37 -11.05
C LEU A 60 -5.18 -9.29 -9.81
N ASN A 61 -5.88 -8.16 -9.67
CA ASN A 61 -6.75 -7.95 -8.52
C ASN A 61 -7.70 -9.13 -8.32
N ARG A 62 -7.94 -9.87 -9.40
CA ARG A 62 -8.83 -11.03 -9.36
C ARG A 62 -8.57 -11.86 -8.10
N ASP A 63 -7.36 -12.39 -7.99
CA ASP A 63 -6.97 -13.21 -6.85
C ASP A 63 -5.83 -12.56 -6.07
N VAL A 64 -4.93 -11.90 -6.79
CA VAL A 64 -3.79 -11.24 -6.17
C VAL A 64 -4.23 -10.30 -5.06
N TRP A 65 -4.90 -9.22 -5.44
CA TRP A 65 -5.39 -8.24 -4.48
C TRP A 65 -6.70 -8.69 -3.85
N SER A 66 -7.00 -9.99 -3.98
CA SER A 66 -8.23 -10.54 -3.44
C SER A 66 -7.95 -11.38 -2.20
N ASN A 67 -6.74 -11.95 -2.15
CA ASN A 67 -6.34 -12.78 -1.01
C ASN A 67 -6.23 -11.94 0.26
N GLU A 68 -6.90 -12.40 1.31
CA GLU A 68 -6.87 -11.70 2.60
C GLU A 68 -5.47 -11.73 3.21
N ALA A 69 -4.75 -12.80 2.94
CA ALA A 69 -3.39 -12.96 3.47
C ALA A 69 -2.47 -11.87 2.93
N VAL A 70 -2.64 -11.53 1.65
CA VAL A 70 -1.83 -10.51 1.01
C VAL A 70 -2.19 -9.12 1.52
N LYS A 71 -3.47 -8.91 1.78
CA LYS A 71 -3.95 -7.62 2.27
C LYS A 71 -3.47 -7.37 3.70
N ASN A 72 -3.82 -8.28 4.61
CA ASN A 72 -3.42 -8.16 6.01
C ASN A 72 -1.93 -7.83 6.12
N ILE A 73 -1.16 -8.27 5.13
CA ILE A 73 0.28 -8.03 5.12
C ILE A 73 0.59 -6.63 4.59
N ILE A 74 0.06 -6.30 3.43
CA ILE A 74 0.28 -5.00 2.82
C ILE A 74 -0.22 -3.87 3.73
N ARG A 75 -1.13 -4.22 4.63
CA ARG A 75 -1.69 -3.24 5.57
C ARG A 75 -0.86 -3.19 6.85
N GLU A 76 -0.47 -4.35 7.34
CA GLU A 76 0.33 -4.43 8.57
C GLU A 76 1.80 -4.13 8.28
N HIS A 77 2.44 -5.05 7.55
CA HIS A 77 3.85 -4.90 7.21
C HIS A 77 4.09 -3.58 6.47
N PHE A 78 3.13 -3.20 5.63
CA PHE A 78 3.25 -1.96 4.85
C PHE A 78 1.97 -1.13 5.00
N ILE A 79 2.00 0.06 4.42
CA ILE A 79 0.85 0.97 4.48
C ILE A 79 0.10 0.99 3.16
N PHE A 80 -1.07 0.35 3.13
CA PHE A 80 -1.88 0.30 1.93
C PHE A 80 -2.12 1.69 1.36
N TRP A 81 -1.56 1.96 0.19
CA TRP A 81 -1.71 3.25 -0.46
C TRP A 81 -1.92 3.09 -1.96
N GLN A 82 -3.17 3.24 -2.40
CA GLN A 82 -3.50 3.11 -3.81
C GLN A 82 -4.07 4.42 -4.35
N VAL A 83 -3.72 4.74 -5.59
CA VAL A 83 -4.21 5.96 -6.24
C VAL A 83 -4.15 5.84 -7.76
N TYR A 84 -5.26 6.14 -8.41
CA TYR A 84 -5.35 6.06 -9.86
C TYR A 84 -4.25 6.90 -10.52
N HIS A 85 -3.94 6.59 -11.77
CA HIS A 85 -2.92 7.32 -12.50
C HIS A 85 -3.37 8.75 -12.79
N ASP A 86 -4.63 8.90 -13.21
CA ASP A 86 -5.18 10.21 -13.52
C ASP A 86 -5.13 11.12 -12.30
N SER A 87 -5.57 10.60 -11.16
CA SER A 87 -5.59 11.38 -9.92
C SER A 87 -4.22 11.99 -9.65
N GLU A 88 -4.20 13.27 -9.32
CA GLU A 88 -2.96 13.98 -9.04
C GLU A 88 -1.95 13.05 -8.37
N GLU A 89 -2.34 12.47 -7.24
CA GLU A 89 -1.47 11.56 -6.50
C GLU A 89 -0.73 10.62 -7.46
N GLY A 90 -1.49 9.88 -8.26
CA GLY A 90 -0.90 8.95 -9.20
C GLY A 90 0.21 9.59 -10.02
N GLN A 91 -0.08 10.76 -10.58
CA GLN A 91 0.90 11.48 -11.39
C GLN A 91 2.21 11.68 -10.63
N ARG A 92 2.09 11.96 -9.33
CA ARG A 92 3.26 12.17 -8.49
C ARG A 92 4.19 10.96 -8.54
N TYR A 93 3.63 9.78 -8.30
CA TYR A 93 4.41 8.54 -8.31
C TYR A 93 5.08 8.33 -9.67
N ILE A 94 4.34 8.64 -10.73
CA ILE A 94 4.87 8.49 -12.09
C ILE A 94 6.09 9.37 -12.30
N GLN A 95 5.92 10.67 -12.07
CA GLN A 95 7.02 11.62 -12.24
C GLN A 95 8.18 11.30 -11.30
N PHE A 96 7.86 10.76 -10.13
CA PHE A 96 8.87 10.40 -9.15
C PHE A 96 10.03 9.66 -9.80
N TYR A 97 9.75 8.50 -10.37
CA TYR A 97 10.76 7.71 -11.04
C TYR A 97 10.53 7.65 -12.55
N LYS A 98 9.64 8.51 -13.03
CA LYS A 98 9.32 8.57 -14.44
C LYS A 98 8.83 7.21 -14.94
N LEU A 99 7.95 6.58 -14.16
CA LEU A 99 7.40 5.28 -14.53
C LEU A 99 6.74 5.33 -15.90
N GLY A 100 6.70 4.18 -16.57
CA GLY A 100 6.09 4.13 -17.88
C GLY A 100 5.72 2.71 -18.29
N ASP A 101 5.25 1.92 -17.33
CA ASP A 101 4.87 0.54 -17.58
C ASP A 101 3.92 0.03 -16.50
N PHE A 102 3.27 -1.11 -16.77
CA PHE A 102 2.35 -1.70 -15.82
C PHE A 102 2.21 -3.19 -16.05
N PRO A 103 1.90 -3.94 -14.98
CA PRO A 103 1.69 -3.35 -13.65
C PRO A 103 2.99 -2.84 -13.03
N TYR A 104 2.86 -2.02 -11.99
CA TYR A 104 4.02 -1.46 -11.32
C TYR A 104 3.85 -1.54 -9.81
N VAL A 105 4.85 -2.09 -9.14
CA VAL A 105 4.83 -2.22 -7.68
C VAL A 105 6.23 -2.13 -7.09
N SER A 106 6.46 -1.10 -6.27
CA SER A 106 7.77 -0.90 -5.65
C SER A 106 7.60 -0.45 -4.20
N ILE A 107 8.61 -0.75 -3.39
CA ILE A 107 8.59 -0.37 -1.98
C ILE A 107 9.49 0.82 -1.71
N LEU A 108 9.03 1.73 -0.86
CA LEU A 108 9.80 2.92 -0.51
C LEU A 108 10.08 2.97 0.99
N ASP A 109 11.06 3.79 1.37
CA ASP A 109 11.42 3.93 2.78
C ASP A 109 10.90 5.25 3.34
N PRO A 110 10.05 5.16 4.37
CA PRO A 110 9.47 6.33 5.03
C PRO A 110 10.50 7.13 5.82
N ARG A 111 11.77 6.73 5.72
CA ARG A 111 12.84 7.39 6.43
C ARG A 111 13.74 8.16 5.45
N THR A 112 13.92 7.59 4.26
CA THR A 112 14.75 8.21 3.25
C THR A 112 13.92 8.72 2.08
N GLY A 113 12.89 7.97 1.72
CA GLY A 113 12.02 8.35 0.62
C GLY A 113 12.54 7.89 -0.72
N GLN A 114 13.19 6.73 -0.73
CA GLN A 114 13.73 6.17 -1.96
C GLN A 114 13.16 4.78 -2.23
N LYS A 115 13.47 4.24 -3.41
CA LYS A 115 12.98 2.92 -3.80
C LYS A 115 13.91 1.82 -3.28
N LEU A 116 13.31 0.78 -2.71
CA LEU A 116 14.09 -0.34 -2.17
C LEU A 116 14.19 -1.47 -3.19
N VAL A 117 13.08 -2.17 -3.41
CA VAL A 117 13.05 -3.27 -4.36
C VAL A 117 12.22 -2.91 -5.59
N GLU A 118 12.15 -3.84 -6.54
CA GLU A 118 11.40 -3.61 -7.77
C GLU A 118 10.85 -4.92 -8.32
N TRP A 119 9.54 -4.96 -8.54
CA TRP A 119 8.88 -6.16 -9.06
C TRP A 119 7.87 -5.80 -10.14
N HIS A 120 8.13 -6.27 -11.36
CA HIS A 120 7.24 -5.99 -12.48
C HIS A 120 6.11 -7.01 -12.53
N GLN A 121 6.45 -8.28 -12.35
CA GLN A 121 5.45 -9.34 -12.37
C GLN A 121 5.15 -9.85 -10.96
N LEU A 122 3.89 -9.76 -10.56
CA LEU A 122 3.48 -10.20 -9.24
C LEU A 122 2.27 -11.13 -9.33
N ASP A 123 2.08 -11.94 -8.29
CA ASP A 123 0.95 -12.87 -8.25
C ASP A 123 0.67 -13.33 -6.82
N VAL A 124 -0.42 -14.06 -6.64
CA VAL A 124 -0.81 -14.55 -5.33
C VAL A 124 0.37 -15.19 -4.61
N SER A 125 1.00 -16.16 -5.27
CA SER A 125 2.15 -16.85 -4.70
C SER A 125 3.41 -15.99 -4.79
N SER A 126 3.77 -15.63 -6.02
CA SER A 126 4.97 -14.81 -6.25
C SER A 126 5.08 -13.71 -5.19
N PHE A 127 3.99 -12.99 -4.99
CA PHE A 127 3.96 -11.91 -4.00
C PHE A 127 4.44 -12.39 -2.64
N LEU A 128 3.76 -13.39 -2.10
CA LEU A 128 4.12 -13.95 -0.80
C LEU A 128 5.55 -14.47 -0.81
N ASP A 129 5.81 -15.50 -1.61
CA ASP A 129 7.13 -16.08 -1.72
C ASP A 129 8.21 -15.02 -1.60
N GLN A 130 8.08 -13.95 -2.39
CA GLN A 130 9.04 -12.87 -2.37
C GLN A 130 8.94 -12.07 -1.08
N VAL A 131 7.80 -11.42 -0.88
CA VAL A 131 7.57 -10.62 0.32
C VAL A 131 8.05 -11.35 1.57
N THR A 132 7.43 -12.49 1.85
CA THR A 132 7.79 -13.29 3.02
C THR A 132 9.30 -13.28 3.25
N GLY A 133 10.05 -13.57 2.20
CA GLY A 133 11.49 -13.59 2.30
C GLY A 133 12.07 -12.22 2.55
N PHE A 134 11.95 -11.33 1.57
CA PHE A 134 12.47 -9.97 1.69
C PHE A 134 12.32 -9.45 3.12
N LEU A 135 11.09 -9.52 3.64
CA LEU A 135 10.82 -9.05 4.99
C LEU A 135 11.75 -9.73 5.99
N GLY A 136 11.95 -11.02 5.83
CA GLY A 136 12.82 -11.77 6.73
C GLY A 136 14.28 -11.41 6.54
N GLU A 137 14.68 -11.19 5.30
CA GLU A 137 16.07 -10.85 4.99
C GLU A 137 16.51 -9.62 5.78
N HIS A 138 15.76 -8.53 5.64
CA HIS A 138 16.07 -7.30 6.36
C HIS A 138 15.30 -7.20 7.67
N GLY A 139 13.98 -7.17 7.57
CA GLY A 139 13.15 -7.08 8.75
C GLY A 139 12.19 -5.90 8.70
N GLN A 140 11.72 -5.47 9.87
CA GLN A 140 10.79 -4.35 9.96
C GLN A 140 11.54 -3.02 9.87
N LEU A 141 10.78 -1.92 9.82
CA LEU A 141 11.37 -0.59 9.74
C LEU A 141 12.39 -0.37 10.84
N ASP A 142 13.23 0.64 10.68
CA ASP A 142 14.26 0.95 11.67
C ASP A 142 13.63 1.44 12.97
N GLY A 143 12.46 2.07 12.85
CA GLY A 143 11.77 2.59 14.03
C GLY A 143 11.65 1.54 15.11
N LEU A 144 10.46 0.95 15.23
CA LEU A 144 10.21 -0.07 16.25
C LEU A 144 10.60 0.43 17.63
N SER A 145 10.26 1.67 17.92
CA SER A 145 10.59 2.28 19.22
C SER A 145 9.40 2.16 20.17
N SER A 146 9.68 1.72 21.40
CA SER A 146 8.65 1.56 22.41
C SER A 146 7.94 2.88 22.67
N SER A 147 6.72 3.01 22.17
CA SER A 147 5.94 4.23 22.35
C SER A 147 5.56 4.43 23.81
N SER A 148 5.99 5.54 24.38
CA SER A 148 5.71 5.85 25.79
C SER A 148 4.26 6.31 25.95
N GLY A 149 3.57 5.71 26.91
CA GLY A 149 2.18 6.07 27.16
C GLY A 149 1.23 4.89 27.03
N PRO A 150 0.36 4.73 28.03
CA PRO A 150 -0.61 3.63 28.05
C PRO A 150 -1.70 3.80 26.99
N SER A 151 -2.41 2.72 26.71
CA SER A 151 -3.47 2.73 25.70
C SER A 151 -4.84 2.56 26.36
N SER A 152 -5.83 3.29 25.86
CA SER A 152 -7.19 3.22 26.39
C SER A 152 -8.19 2.92 25.29
N GLY A 153 -9.39 2.48 25.69
CA GLY A 153 -10.43 2.18 24.72
C GLY A 153 -11.73 2.88 25.01
N GLY A 1 -43.02 31.99 -36.13
CA GLY A 1 -42.29 31.52 -34.98
C GLY A 1 -43.04 31.75 -33.68
N SER A 2 -43.48 30.66 -33.05
CA SER A 2 -44.22 30.74 -31.80
C SER A 2 -44.20 29.40 -31.06
N SER A 3 -44.51 29.46 -29.77
CA SER A 3 -44.51 28.25 -28.95
C SER A 3 -43.14 27.59 -28.93
N GLY A 4 -42.09 28.41 -28.83
CA GLY A 4 -40.74 27.88 -28.81
C GLY A 4 -40.05 28.11 -27.48
N SER A 5 -40.36 27.25 -26.50
CA SER A 5 -39.78 27.37 -25.17
C SER A 5 -39.36 26.00 -24.64
N SER A 6 -38.11 25.90 -24.19
CA SER A 6 -37.59 24.64 -23.66
C SER A 6 -36.40 24.89 -22.76
N GLY A 7 -36.00 23.86 -22.01
CA GLY A 7 -34.87 23.99 -21.11
C GLY A 7 -35.29 23.99 -19.65
N ILE A 8 -36.03 22.97 -19.25
CA ILE A 8 -36.50 22.86 -17.87
C ILE A 8 -36.36 21.43 -17.36
N ASP A 9 -35.78 21.28 -16.18
CA ASP A 9 -35.59 19.97 -15.57
C ASP A 9 -35.59 20.06 -14.04
N LYS A 10 -35.99 18.98 -13.39
CA LYS A 10 -36.03 18.94 -11.93
C LYS A 10 -35.71 17.54 -11.42
N LYS A 11 -34.59 17.43 -10.71
CA LYS A 11 -34.16 16.15 -10.16
C LYS A 11 -33.42 16.34 -8.84
N LEU A 12 -33.70 15.48 -7.87
CA LEU A 12 -33.06 15.54 -6.57
C LEU A 12 -32.92 14.16 -5.94
N THR A 13 -31.70 13.77 -5.62
CA THR A 13 -31.44 12.47 -5.02
C THR A 13 -30.17 12.50 -4.18
N THR A 14 -29.89 11.39 -3.50
CA THR A 14 -28.70 11.29 -2.66
C THR A 14 -27.43 11.55 -3.47
N LEU A 15 -26.56 12.40 -2.94
CA LEU A 15 -25.31 12.73 -3.60
C LEU A 15 -24.11 12.23 -2.81
N ALA A 16 -24.38 11.72 -1.61
CA ALA A 16 -23.31 11.19 -0.76
C ALA A 16 -23.88 10.22 0.28
N ASP A 17 -23.40 8.98 0.24
CA ASP A 17 -23.85 7.97 1.18
C ASP A 17 -23.06 8.03 2.49
N LEU A 18 -21.75 7.89 2.38
CA LEU A 18 -20.88 7.94 3.55
C LEU A 18 -20.01 9.19 3.54
N PHE A 19 -20.04 9.95 4.63
CA PHE A 19 -19.26 11.17 4.75
C PHE A 19 -17.81 10.91 4.36
N ARG A 20 -17.14 10.05 5.12
CA ARG A 20 -15.75 9.73 4.85
C ARG A 20 -15.43 8.30 5.30
N PRO A 21 -14.63 7.59 4.49
CA PRO A 21 -14.23 6.21 4.78
C PRO A 21 -13.26 6.12 5.96
N PRO A 22 -13.38 5.04 6.75
CA PRO A 22 -12.53 4.82 7.92
C PRO A 22 -11.09 4.50 7.53
N ILE A 23 -10.83 4.43 6.22
CA ILE A 23 -9.50 4.14 5.73
C ILE A 23 -8.81 3.09 6.60
N ASP A 24 -9.60 2.18 7.16
CA ASP A 24 -9.06 1.12 8.00
C ASP A 24 -7.87 0.45 7.35
N LEU A 25 -8.05 0.02 6.10
CA LEU A 25 -6.97 -0.65 5.36
C LEU A 25 -6.57 0.19 4.14
N MET A 26 -7.48 1.03 3.66
CA MET A 26 -7.22 1.87 2.51
C MET A 26 -6.60 3.20 2.95
N HIS A 27 -5.81 3.81 2.06
CA HIS A 27 -5.17 5.08 2.35
C HIS A 27 -5.14 5.97 1.12
N LYS A 28 -6.03 6.96 1.09
CA LYS A 28 -6.11 7.89 -0.03
C LYS A 28 -5.63 9.28 0.37
N GLY A 29 -4.92 9.35 1.50
CA GLY A 29 -4.41 10.63 1.97
C GLY A 29 -3.37 11.22 1.05
N SER A 30 -2.66 12.23 1.53
CA SER A 30 -1.63 12.89 0.74
C SER A 30 -0.36 12.04 0.67
N PHE A 31 0.26 12.01 -0.50
CA PHE A 31 1.48 11.23 -0.69
C PHE A 31 2.34 11.24 0.57
N GLU A 32 2.64 12.44 1.06
CA GLU A 32 3.45 12.58 2.27
C GLU A 32 2.93 11.69 3.39
N THR A 33 1.61 11.64 3.54
CA THR A 33 0.99 10.83 4.57
C THR A 33 1.55 9.41 4.56
N ALA A 34 1.43 8.74 3.42
CA ALA A 34 1.92 7.38 3.28
C ALA A 34 3.25 7.20 4.01
N LYS A 35 4.25 7.96 3.61
CA LYS A 35 5.56 7.88 4.23
C LYS A 35 5.48 8.16 5.73
N GLU A 36 4.79 9.24 6.09
CA GLU A 36 4.64 9.61 7.49
C GLU A 36 4.18 8.42 8.32
N CYS A 37 3.08 7.79 7.89
CA CYS A 37 2.54 6.64 8.60
C CYS A 37 3.60 5.57 8.80
N GLY A 38 4.32 5.26 7.73
CA GLY A 38 5.37 4.25 7.81
C GLY A 38 6.29 4.46 8.99
N GLN A 39 6.58 5.73 9.29
CA GLN A 39 7.46 6.06 10.40
C GLN A 39 6.73 5.94 11.73
N MET A 40 5.71 6.76 11.91
CA MET A 40 4.92 6.75 13.15
C MET A 40 4.56 5.32 13.54
N GLN A 41 4.15 4.54 12.55
CA GLN A 41 3.76 3.15 12.79
C GLN A 41 4.99 2.24 12.77
N ASN A 42 6.06 2.70 12.15
CA ASN A 42 7.29 1.92 12.07
C ASN A 42 7.10 0.70 11.18
N LYS A 43 6.48 0.91 10.02
CA LYS A 43 6.24 -0.18 9.08
C LYS A 43 6.66 0.23 7.67
N TRP A 44 6.77 -0.77 6.80
CA TRP A 44 7.17 -0.51 5.41
C TRP A 44 6.01 0.07 4.61
N LEU A 45 6.34 0.73 3.50
CA LEU A 45 5.33 1.32 2.64
C LEU A 45 5.10 0.49 1.39
N MET A 46 3.89 0.55 0.84
CA MET A 46 3.56 -0.19 -0.37
C MET A 46 2.59 0.60 -1.24
N ILE A 47 3.09 1.08 -2.38
CA ILE A 47 2.27 1.85 -3.31
C ILE A 47 1.88 1.01 -4.52
N ASN A 48 0.67 1.23 -5.01
CA ASN A 48 0.18 0.50 -6.18
C ASN A 48 -0.78 1.36 -7.00
N ILE A 49 -0.56 1.40 -8.31
CA ILE A 49 -1.39 2.17 -9.20
C ILE A 49 -2.52 1.33 -9.78
N GLN A 50 -3.74 1.86 -9.74
CA GLN A 50 -4.91 1.16 -10.26
C GLN A 50 -5.37 1.76 -11.58
N ASN A 51 -5.60 0.90 -12.57
CA ASN A 51 -6.04 1.35 -13.89
C ASN A 51 -7.54 1.62 -13.89
N VAL A 52 -7.97 2.58 -14.71
CA VAL A 52 -9.38 2.92 -14.81
C VAL A 52 -9.98 2.40 -16.11
N GLN A 53 -9.15 2.33 -17.15
CA GLN A 53 -9.61 1.83 -18.45
C GLN A 53 -8.93 0.52 -18.80
N ASP A 54 -7.65 0.40 -18.45
CA ASP A 54 -6.89 -0.81 -18.73
C ASP A 54 -7.43 -1.99 -17.92
N PHE A 55 -7.02 -3.20 -18.31
CA PHE A 55 -7.46 -4.40 -17.62
C PHE A 55 -6.30 -5.06 -16.88
N ALA A 56 -5.11 -4.95 -17.45
CA ALA A 56 -3.91 -5.53 -16.85
C ALA A 56 -4.01 -5.53 -15.33
N CYS A 57 -4.34 -4.37 -14.76
CA CYS A 57 -4.46 -4.24 -13.32
C CYS A 57 -5.52 -5.18 -12.76
N GLN A 58 -6.74 -5.06 -13.28
CA GLN A 58 -7.84 -5.91 -12.83
C GLN A 58 -7.36 -7.34 -12.56
N CYS A 59 -6.87 -8.00 -13.60
CA CYS A 59 -6.38 -9.37 -13.47
C CYS A 59 -5.58 -9.53 -12.17
N LEU A 60 -4.61 -8.65 -11.97
CA LEU A 60 -3.77 -8.70 -10.78
C LEU A 60 -4.62 -8.61 -9.51
N ASN A 61 -5.22 -7.45 -9.28
CA ASN A 61 -6.05 -7.23 -8.12
C ASN A 61 -7.10 -8.34 -7.98
N ARG A 62 -7.40 -8.98 -9.09
CA ARG A 62 -8.38 -10.06 -9.11
C ARG A 62 -8.19 -10.99 -7.91
N ASP A 63 -7.02 -11.63 -7.85
CA ASP A 63 -6.71 -12.55 -6.76
C ASP A 63 -5.50 -12.05 -5.97
N VAL A 64 -4.60 -11.35 -6.65
CA VAL A 64 -3.41 -10.82 -6.01
C VAL A 64 -3.76 -9.85 -4.88
N TRP A 65 -4.30 -8.69 -5.26
CA TRP A 65 -4.69 -7.67 -4.29
C TRP A 65 -6.09 -7.95 -3.75
N SER A 66 -6.57 -9.18 -3.95
CA SER A 66 -7.89 -9.56 -3.49
C SER A 66 -7.80 -10.53 -2.31
N ASN A 67 -6.81 -11.40 -2.35
CA ASN A 67 -6.61 -12.39 -1.29
C ASN A 67 -6.56 -11.71 0.07
N GLU A 68 -7.40 -12.17 0.99
CA GLU A 68 -7.44 -11.61 2.34
C GLU A 68 -6.06 -11.61 2.98
N ALA A 69 -5.39 -12.75 2.93
CA ALA A 69 -4.04 -12.88 3.50
C ALA A 69 -3.14 -11.74 3.04
N VAL A 70 -3.09 -11.52 1.73
CA VAL A 70 -2.26 -10.46 1.17
C VAL A 70 -2.57 -9.12 1.81
N LYS A 71 -3.86 -8.81 1.92
CA LYS A 71 -4.30 -7.55 2.53
C LYS A 71 -3.86 -7.47 3.98
N ASN A 72 -4.29 -8.44 4.78
CA ASN A 72 -3.94 -8.47 6.20
C ASN A 72 -2.45 -8.23 6.40
N ILE A 73 -1.66 -8.62 5.41
CA ILE A 73 -0.21 -8.45 5.48
C ILE A 73 0.20 -7.06 4.98
N ILE A 74 -0.38 -6.66 3.86
CA ILE A 74 -0.07 -5.35 3.28
C ILE A 74 -0.61 -4.22 4.16
N ARG A 75 -1.39 -4.59 5.17
CA ARG A 75 -1.96 -3.61 6.09
C ARG A 75 -1.14 -3.52 7.37
N GLU A 76 -0.62 -4.65 7.81
CA GLU A 76 0.19 -4.70 9.03
C GLU A 76 1.66 -4.48 8.72
N HIS A 77 2.26 -5.42 7.99
CA HIS A 77 3.67 -5.31 7.63
C HIS A 77 3.92 -4.07 6.79
N PHE A 78 3.06 -3.83 5.81
CA PHE A 78 3.19 -2.67 4.94
C PHE A 78 1.96 -1.77 5.04
N ILE A 79 2.01 -0.63 4.34
CA ILE A 79 0.90 0.31 4.35
C ILE A 79 0.22 0.38 2.98
N PHE A 80 -0.95 -0.24 2.88
CA PHE A 80 -1.70 -0.24 1.63
C PHE A 80 -1.93 1.18 1.13
N TRP A 81 -1.31 1.51 -0.01
CA TRP A 81 -1.46 2.83 -0.59
C TRP A 81 -1.75 2.74 -2.09
N GLN A 82 -2.99 3.03 -2.46
CA GLN A 82 -3.40 2.98 -3.87
C GLN A 82 -3.97 4.32 -4.32
N VAL A 83 -3.66 4.71 -5.55
CA VAL A 83 -4.14 5.97 -6.10
C VAL A 83 -4.19 5.92 -7.62
N TYR A 84 -5.31 6.35 -8.19
CA TYR A 84 -5.48 6.36 -9.63
C TYR A 84 -4.36 7.15 -10.31
N HIS A 85 -4.05 6.78 -11.54
CA HIS A 85 -3.00 7.45 -12.30
C HIS A 85 -3.43 8.87 -12.67
N ASP A 86 -4.69 9.02 -13.07
CA ASP A 86 -5.22 10.33 -13.45
C ASP A 86 -4.99 11.35 -12.34
N SER A 87 -5.22 10.93 -11.11
CA SER A 87 -5.05 11.81 -9.96
C SER A 87 -3.67 12.46 -9.97
N GLU A 88 -3.56 13.63 -9.34
CA GLU A 88 -2.30 14.35 -9.29
C GLU A 88 -1.19 13.47 -8.71
N GLU A 89 -1.53 12.68 -7.69
CA GLU A 89 -0.56 11.79 -7.06
C GLU A 89 -0.04 10.76 -8.06
N GLY A 90 -0.96 10.13 -8.78
CA GLY A 90 -0.56 9.13 -9.76
C GLY A 90 0.49 9.65 -10.73
N GLN A 91 0.20 10.79 -11.36
CA GLN A 91 1.12 11.38 -12.31
C GLN A 91 2.51 11.58 -11.68
N ARG A 92 2.53 12.26 -10.54
CA ARG A 92 3.78 12.52 -9.83
C ARG A 92 4.53 11.23 -9.56
N TYR A 93 3.83 10.23 -9.03
CA TYR A 93 4.44 8.94 -8.72
C TYR A 93 5.16 8.38 -9.94
N ILE A 94 4.55 8.51 -11.11
CA ILE A 94 5.14 8.01 -12.34
C ILE A 94 6.50 8.66 -12.59
N GLN A 95 6.57 9.98 -12.42
CA GLN A 95 7.82 10.70 -12.62
C GLN A 95 8.80 10.45 -11.48
N PHE A 96 8.26 10.09 -10.32
CA PHE A 96 9.09 9.82 -9.15
C PHE A 96 10.27 8.92 -9.52
N TYR A 97 9.97 7.65 -9.79
CA TYR A 97 11.01 6.69 -10.15
C TYR A 97 10.85 6.23 -11.59
N LYS A 98 10.07 6.98 -12.36
CA LYS A 98 9.83 6.65 -13.77
C LYS A 98 9.08 5.33 -13.89
N LEU A 99 8.01 5.18 -13.11
CA LEU A 99 7.20 3.97 -13.13
C LEU A 99 7.21 3.35 -14.53
N GLY A 100 7.06 4.18 -15.55
CA GLY A 100 7.05 3.70 -16.92
C GLY A 100 5.66 3.25 -17.36
N ASP A 101 5.19 2.15 -16.80
CA ASP A 101 3.88 1.61 -17.14
C ASP A 101 3.39 0.65 -16.06
N PHE A 102 2.17 0.14 -16.23
CA PHE A 102 1.59 -0.79 -15.28
C PHE A 102 1.47 -2.19 -15.88
N PRO A 103 1.31 -3.19 -15.00
CA PRO A 103 1.25 -2.98 -13.55
C PRO A 103 2.59 -2.55 -12.97
N TYR A 104 2.55 -1.71 -11.94
CA TYR A 104 3.77 -1.23 -11.30
C TYR A 104 3.62 -1.25 -9.78
N VAL A 105 4.53 -1.96 -9.12
CA VAL A 105 4.52 -2.05 -7.67
C VAL A 105 5.93 -2.10 -7.10
N SER A 106 6.15 -1.36 -6.02
CA SER A 106 7.46 -1.31 -5.38
C SER A 106 7.33 -0.95 -3.91
N ILE A 107 8.44 -1.05 -3.17
CA ILE A 107 8.45 -0.73 -1.75
C ILE A 107 9.45 0.37 -1.45
N LEU A 108 8.97 1.46 -0.88
CA LEU A 108 9.83 2.60 -0.53
C LEU A 108 10.05 2.66 0.98
N ASP A 109 11.12 3.34 1.39
CA ASP A 109 11.45 3.48 2.80
C ASP A 109 10.90 4.81 3.34
N PRO A 110 10.05 4.70 4.37
CA PRO A 110 9.44 5.89 5.01
C PRO A 110 10.45 6.70 5.80
N ARG A 111 11.64 6.14 5.98
CA ARG A 111 12.71 6.81 6.73
C ARG A 111 13.56 7.67 5.80
N THR A 112 14.12 7.03 4.77
CA THR A 112 14.97 7.74 3.81
C THR A 112 14.18 8.15 2.58
N GLY A 113 13.32 7.25 2.10
CA GLY A 113 12.52 7.54 0.93
C GLY A 113 13.20 7.16 -0.36
N GLN A 114 13.98 6.08 -0.32
CA GLN A 114 14.70 5.61 -1.50
C GLN A 114 14.17 4.24 -1.95
N LYS A 115 14.10 4.06 -3.26
CA LYS A 115 13.62 2.80 -3.82
C LYS A 115 14.57 1.66 -3.49
N LEU A 116 14.08 0.70 -2.70
CA LEU A 116 14.89 -0.45 -2.31
C LEU A 116 14.62 -1.64 -3.22
N VAL A 117 13.35 -1.87 -3.51
CA VAL A 117 12.95 -2.98 -4.38
C VAL A 117 11.95 -2.52 -5.43
N GLU A 118 11.73 -3.37 -6.43
CA GLU A 118 10.80 -3.04 -7.51
C GLU A 118 10.22 -4.32 -8.12
N TRP A 119 8.91 -4.34 -8.32
CA TRP A 119 8.23 -5.49 -8.90
C TRP A 119 7.24 -5.06 -9.96
N HIS A 120 7.50 -5.43 -11.21
CA HIS A 120 6.62 -5.08 -12.32
C HIS A 120 5.44 -6.04 -12.39
N GLN A 121 5.73 -7.33 -12.40
CA GLN A 121 4.69 -8.36 -12.47
C GLN A 121 4.70 -9.23 -11.22
N LEU A 122 3.67 -9.09 -10.40
CA LEU A 122 3.56 -9.86 -9.17
C LEU A 122 2.46 -10.92 -9.29
N ASP A 123 2.36 -11.79 -8.29
CA ASP A 123 1.36 -12.84 -8.28
C ASP A 123 1.00 -13.24 -6.86
N VAL A 124 -0.05 -14.04 -6.72
CA VAL A 124 -0.50 -14.49 -5.40
C VAL A 124 0.62 -15.20 -4.65
N SER A 125 1.12 -16.28 -5.23
CA SER A 125 2.20 -17.05 -4.61
C SER A 125 3.49 -16.24 -4.59
N SER A 126 3.87 -15.70 -5.74
CA SER A 126 5.09 -14.92 -5.85
C SER A 126 5.12 -13.81 -4.79
N PHE A 127 4.12 -12.93 -4.85
CA PHE A 127 4.03 -11.82 -3.89
C PHE A 127 4.35 -12.29 -2.48
N LEU A 128 3.59 -13.28 -2.00
CA LEU A 128 3.79 -13.82 -0.67
C LEU A 128 5.21 -14.35 -0.50
N ASP A 129 5.56 -15.34 -1.30
CA ASP A 129 6.90 -15.93 -1.23
C ASP A 129 7.96 -14.85 -1.06
N GLN A 130 7.89 -13.82 -1.90
CA GLN A 130 8.85 -12.73 -1.84
C GLN A 130 8.68 -11.93 -0.56
N VAL A 131 7.52 -11.29 -0.40
CA VAL A 131 7.24 -10.50 0.79
C VAL A 131 7.75 -11.19 2.05
N THR A 132 7.25 -12.40 2.29
CA THR A 132 7.65 -13.16 3.47
C THR A 132 9.17 -13.19 3.61
N GLY A 133 9.86 -13.45 2.50
CA GLY A 133 11.31 -13.50 2.52
C GLY A 133 11.93 -12.19 2.96
N PHE A 134 11.44 -11.09 2.39
CA PHE A 134 11.96 -9.76 2.71
C PHE A 134 11.74 -9.45 4.19
N LEU A 135 10.52 -9.70 4.66
CA LEU A 135 10.18 -9.44 6.06
C LEU A 135 11.04 -10.26 6.99
N GLY A 136 11.19 -11.54 6.69
CA GLY A 136 12.00 -12.42 7.51
C GLY A 136 13.48 -12.13 7.39
N GLU A 137 13.90 -11.71 6.21
CA GLU A 137 15.31 -11.40 5.96
C GLU A 137 15.68 -10.06 6.59
N HIS A 138 15.04 -8.99 6.15
CA HIS A 138 15.31 -7.65 6.66
C HIS A 138 14.56 -7.42 7.98
N GLY A 139 13.24 -7.34 7.88
CA GLY A 139 12.42 -7.11 9.06
C GLY A 139 11.81 -5.72 9.09
N GLN A 140 10.58 -5.64 9.61
CA GLN A 140 9.88 -4.36 9.68
C GLN A 140 10.68 -3.35 10.49
N LEU A 141 10.27 -2.08 10.42
CA LEU A 141 10.96 -1.02 11.14
C LEU A 141 10.73 -1.15 12.65
N ASP A 142 11.73 -0.75 13.43
CA ASP A 142 11.64 -0.83 14.88
C ASP A 142 11.80 0.56 15.51
N GLY A 143 11.03 0.81 16.56
CA GLY A 143 11.10 2.10 17.23
C GLY A 143 10.25 2.14 18.50
N LEU A 144 9.00 2.54 18.35
CA LEU A 144 8.09 2.62 19.48
C LEU A 144 7.26 1.34 19.62
N SER A 145 7.35 0.71 20.79
CA SER A 145 6.61 -0.53 21.04
C SER A 145 5.12 -0.25 21.18
N SER A 146 4.35 -0.68 20.18
CA SER A 146 2.90 -0.47 20.19
C SER A 146 2.17 -1.81 20.26
N SER A 147 1.55 -2.08 21.40
CA SER A 147 0.81 -3.33 21.59
C SER A 147 -0.69 -3.10 21.45
N SER A 148 -1.27 -3.69 20.41
CA SER A 148 -2.70 -3.55 20.15
C SER A 148 -3.25 -4.80 19.45
N GLY A 149 -4.30 -5.37 20.03
CA GLY A 149 -4.91 -6.56 19.45
C GLY A 149 -4.30 -7.84 19.99
N PRO A 150 -5.09 -8.60 20.76
CA PRO A 150 -4.64 -9.86 21.35
C PRO A 150 -4.44 -10.96 20.30
N SER A 151 -4.08 -12.15 20.76
CA SER A 151 -3.85 -13.27 19.86
C SER A 151 -5.16 -13.96 19.51
N SER A 152 -5.58 -13.83 18.26
CA SER A 152 -6.82 -14.44 17.80
C SER A 152 -6.59 -15.88 17.35
N GLY A 153 -5.66 -16.07 16.43
CA GLY A 153 -5.35 -17.41 15.94
C GLY A 153 -4.00 -17.89 16.41
N GLY A 1 5.78 28.52 -4.54
CA GLY A 1 5.83 29.01 -3.16
C GLY A 1 5.06 28.11 -2.22
N SER A 2 4.43 28.71 -1.22
CA SER A 2 3.66 27.96 -0.24
C SER A 2 2.19 27.85 -0.65
N SER A 3 1.82 26.68 -1.15
CA SER A 3 0.45 26.43 -1.59
C SER A 3 -0.54 27.19 -0.71
N GLY A 4 -0.43 26.99 0.60
CA GLY A 4 -1.32 27.65 1.54
C GLY A 4 -0.63 28.06 2.82
N SER A 5 -1.08 27.50 3.94
CA SER A 5 -0.51 27.81 5.24
C SER A 5 -0.43 26.57 6.11
N SER A 6 0.51 26.57 7.05
CA SER A 6 0.69 25.43 7.95
C SER A 6 -0.49 25.31 8.92
N GLY A 7 -0.60 24.16 9.56
CA GLY A 7 -1.68 23.94 10.51
C GLY A 7 -3.03 23.82 9.83
N ILE A 8 -3.95 23.12 10.49
CA ILE A 8 -5.29 22.94 9.94
C ILE A 8 -6.22 24.07 10.35
N ASP A 9 -6.24 24.38 11.64
CA ASP A 9 -7.08 25.44 12.16
C ASP A 9 -8.55 25.14 11.93
N LYS A 10 -8.94 23.89 12.20
CA LYS A 10 -10.32 23.46 12.02
C LYS A 10 -10.73 22.47 13.10
N LYS A 11 -11.71 22.86 13.91
CA LYS A 11 -12.20 22.00 14.98
C LYS A 11 -13.71 22.12 15.14
N LEU A 12 -14.35 21.02 15.51
CA LEU A 12 -15.80 21.00 15.69
C LEU A 12 -16.23 19.83 16.58
N THR A 13 -17.39 19.97 17.21
CA THR A 13 -17.91 18.93 18.09
C THR A 13 -19.21 18.35 17.54
N THR A 14 -19.26 17.03 17.44
CA THR A 14 -20.45 16.34 16.93
C THR A 14 -20.57 14.94 17.51
N LEU A 15 -21.71 14.31 17.28
CA LEU A 15 -21.96 12.97 17.78
C LEU A 15 -21.03 11.96 17.11
N ALA A 16 -20.85 10.81 17.75
CA ALA A 16 -20.00 9.75 17.21
C ALA A 16 -20.83 8.57 16.70
N ASP A 17 -20.88 8.42 15.39
CA ASP A 17 -21.64 7.33 14.77
C ASP A 17 -20.94 5.99 14.99
N LEU A 18 -19.67 5.92 14.61
CA LEU A 18 -18.90 4.69 14.77
C LEU A 18 -17.55 4.99 15.41
N PHE A 19 -17.09 4.07 16.26
CA PHE A 19 -15.82 4.23 16.95
C PHE A 19 -14.67 4.33 15.94
N ARG A 20 -14.67 3.44 14.96
CA ARG A 20 -13.63 3.43 13.94
C ARG A 20 -14.21 3.06 12.57
N PRO A 21 -13.79 3.80 11.54
CA PRO A 21 -14.24 3.56 10.17
C PRO A 21 -13.72 2.25 9.59
N PRO A 22 -14.50 1.66 8.67
CA PRO A 22 -14.12 0.39 8.02
C PRO A 22 -12.96 0.55 7.07
N ILE A 23 -12.38 1.75 7.04
CA ILE A 23 -11.25 2.03 6.16
C ILE A 23 -9.95 1.49 6.75
N ASP A 24 -10.07 0.69 7.81
CA ASP A 24 -8.92 0.09 8.46
C ASP A 24 -7.85 -0.30 7.43
N LEU A 25 -8.29 -0.93 6.34
CA LEU A 25 -7.38 -1.35 5.29
C LEU A 25 -7.27 -0.28 4.20
N MET A 26 -8.40 0.09 3.63
CA MET A 26 -8.43 1.10 2.57
C MET A 26 -7.92 2.44 3.10
N HIS A 27 -6.80 2.90 2.55
CA HIS A 27 -6.22 4.17 2.97
C HIS A 27 -6.29 5.20 1.84
N LYS A 28 -7.01 6.29 2.10
CA LYS A 28 -7.17 7.35 1.11
C LYS A 28 -7.08 8.73 1.77
N GLY A 29 -6.13 9.53 1.33
CA GLY A 29 -5.96 10.87 1.89
C GLY A 29 -5.06 11.73 1.03
N SER A 30 -3.75 11.53 1.16
CA SER A 30 -2.78 12.30 0.41
C SER A 30 -1.57 11.45 0.04
N PHE A 31 -0.63 12.05 -0.70
CA PHE A 31 0.57 11.33 -1.12
C PHE A 31 1.65 11.41 -0.05
N GLU A 32 1.85 12.61 0.50
CA GLU A 32 2.85 12.82 1.53
C GLU A 32 2.59 11.92 2.74
N THR A 33 1.36 11.92 3.20
CA THR A 33 0.98 11.10 4.36
C THR A 33 1.48 9.67 4.20
N ALA A 34 1.01 8.99 3.16
CA ALA A 34 1.42 7.61 2.91
C ALA A 34 2.88 7.39 3.30
N LYS A 35 3.69 8.43 3.17
CA LYS A 35 5.10 8.35 3.51
C LYS A 35 5.33 8.77 4.96
N GLU A 36 4.61 9.78 5.40
CA GLU A 36 4.75 10.28 6.77
C GLU A 36 4.34 9.19 7.78
N CYS A 37 3.22 8.54 7.51
CA CYS A 37 2.73 7.49 8.39
C CYS A 37 3.78 6.39 8.58
N GLY A 38 4.30 5.88 7.48
CA GLY A 38 5.32 4.85 7.55
C GLY A 38 6.25 5.03 8.73
N GLN A 39 6.61 6.27 9.01
CA GLN A 39 7.51 6.57 10.11
C GLN A 39 6.84 6.28 11.45
N MET A 40 5.82 7.07 11.78
CA MET A 40 5.09 6.90 13.03
C MET A 40 4.72 5.43 13.24
N GLN A 41 4.05 4.85 12.26
CA GLN A 41 3.62 3.45 12.34
C GLN A 41 4.82 2.52 12.21
N ASN A 42 5.88 3.01 11.59
CA ASN A 42 7.10 2.22 11.39
C ASN A 42 6.81 1.00 10.53
N LYS A 43 6.13 1.22 9.42
CA LYS A 43 5.80 0.13 8.49
C LYS A 43 6.14 0.51 7.06
N TRP A 44 6.45 -0.49 6.25
CA TRP A 44 6.79 -0.26 4.85
C TRP A 44 5.62 0.38 4.09
N LEU A 45 5.89 0.78 2.85
CA LEU A 45 4.87 1.42 2.03
C LEU A 45 4.67 0.65 0.73
N MET A 46 3.52 -0.02 0.61
CA MET A 46 3.21 -0.80 -0.59
C MET A 46 2.16 -0.08 -1.44
N ILE A 47 2.58 0.41 -2.60
CA ILE A 47 1.68 1.12 -3.50
C ILE A 47 1.52 0.36 -4.82
N ASN A 48 0.39 0.58 -5.48
CA ASN A 48 0.11 -0.08 -6.74
C ASN A 48 -0.63 0.86 -7.70
N ILE A 49 0.05 1.25 -8.77
CA ILE A 49 -0.54 2.15 -9.77
C ILE A 49 -1.44 1.39 -10.73
N GLN A 50 -2.73 1.74 -10.73
CA GLN A 50 -3.70 1.09 -11.60
C GLN A 50 -4.13 2.03 -12.72
N ASN A 51 -4.03 1.55 -13.96
CA ASN A 51 -4.41 2.34 -15.12
C ASN A 51 -5.89 2.17 -15.43
N VAL A 52 -6.50 3.20 -16.02
CA VAL A 52 -7.90 3.17 -16.37
C VAL A 52 -8.14 2.39 -17.66
N GLN A 53 -7.13 2.40 -18.53
CA GLN A 53 -7.21 1.69 -19.80
C GLN A 53 -6.66 0.28 -19.68
N ASP A 54 -5.56 0.15 -18.95
CA ASP A 54 -4.93 -1.16 -18.75
C ASP A 54 -5.87 -2.12 -18.05
N PHE A 55 -6.12 -3.27 -18.68
CA PHE A 55 -7.01 -4.27 -18.12
C PHE A 55 -6.27 -5.15 -17.10
N ALA A 56 -5.07 -5.56 -17.46
CA ALA A 56 -4.26 -6.40 -16.58
C ALA A 56 -4.52 -6.07 -15.11
N CYS A 57 -4.40 -4.79 -14.76
CA CYS A 57 -4.63 -4.36 -13.39
C CYS A 57 -5.80 -5.11 -12.76
N GLN A 58 -6.96 -5.05 -13.42
CA GLN A 58 -8.15 -5.72 -12.92
C GLN A 58 -7.80 -7.09 -12.34
N CYS A 59 -7.23 -7.96 -13.17
CA CYS A 59 -6.85 -9.29 -12.73
C CYS A 59 -6.20 -9.25 -11.35
N LEU A 60 -5.21 -8.39 -11.20
CA LEU A 60 -4.50 -8.24 -9.93
C LEU A 60 -5.48 -8.05 -8.78
N ASN A 61 -6.17 -6.91 -8.78
CA ASN A 61 -7.15 -6.60 -7.74
C ASN A 61 -8.17 -7.73 -7.60
N ARG A 62 -8.17 -8.63 -8.57
CA ARG A 62 -9.11 -9.77 -8.55
C ARG A 62 -8.76 -10.72 -7.41
N ASP A 63 -7.55 -11.27 -7.45
CA ASP A 63 -7.10 -12.21 -6.42
C ASP A 63 -5.90 -11.65 -5.68
N VAL A 64 -5.02 -10.98 -6.40
CA VAL A 64 -3.82 -10.40 -5.80
C VAL A 64 -4.18 -9.47 -4.65
N TRP A 65 -4.77 -8.33 -4.98
CA TRP A 65 -5.15 -7.35 -3.96
C TRP A 65 -6.48 -7.73 -3.32
N SER A 66 -6.89 -8.99 -3.52
CA SER A 66 -8.15 -9.47 -2.96
C SER A 66 -7.89 -10.51 -1.87
N ASN A 67 -6.86 -11.32 -2.07
CA ASN A 67 -6.50 -12.35 -1.11
C ASN A 67 -6.31 -11.76 0.28
N GLU A 68 -7.11 -12.22 1.24
CA GLU A 68 -7.03 -11.74 2.61
C GLU A 68 -5.58 -11.70 3.09
N ALA A 69 -4.88 -12.82 2.92
CA ALA A 69 -3.49 -12.91 3.33
C ALA A 69 -2.69 -11.70 2.89
N VAL A 70 -2.78 -11.37 1.60
CA VAL A 70 -2.07 -10.22 1.05
C VAL A 70 -2.47 -8.94 1.76
N LYS A 71 -3.78 -8.77 1.98
CA LYS A 71 -4.30 -7.59 2.65
C LYS A 71 -3.75 -7.47 4.07
N ASN A 72 -3.85 -8.56 4.83
CA ASN A 72 -3.35 -8.58 6.20
C ASN A 72 -1.88 -8.20 6.25
N ILE A 73 -1.16 -8.49 5.18
CA ILE A 73 0.26 -8.18 5.09
C ILE A 73 0.48 -6.72 4.67
N ILE A 74 -0.24 -6.31 3.64
CA ILE A 74 -0.12 -4.94 3.13
C ILE A 74 -0.76 -3.94 4.09
N ARG A 75 -1.42 -4.46 5.12
CA ARG A 75 -2.07 -3.61 6.11
C ARG A 75 -1.27 -3.56 7.40
N GLU A 76 -0.58 -4.67 7.71
CA GLU A 76 0.23 -4.75 8.92
C GLU A 76 1.68 -4.45 8.62
N HIS A 77 2.23 -5.11 7.61
CA HIS A 77 3.62 -4.92 7.22
C HIS A 77 3.78 -3.63 6.42
N PHE A 78 2.98 -3.50 5.37
CA PHE A 78 3.04 -2.32 4.51
C PHE A 78 1.79 -1.46 4.69
N ILE A 79 1.75 -0.33 3.99
CA ILE A 79 0.61 0.58 4.06
C ILE A 79 -0.25 0.49 2.81
N PHE A 80 -1.40 -0.17 2.93
CA PHE A 80 -2.31 -0.33 1.81
C PHE A 80 -2.64 1.03 1.19
N TRP A 81 -2.05 1.29 0.02
CA TRP A 81 -2.27 2.56 -0.67
C TRP A 81 -2.33 2.34 -2.18
N GLN A 82 -3.51 2.59 -2.76
CA GLN A 82 -3.69 2.42 -4.20
C GLN A 82 -4.22 3.70 -4.84
N VAL A 83 -3.52 4.20 -5.84
CA VAL A 83 -3.91 5.42 -6.53
C VAL A 83 -3.71 5.29 -8.04
N TYR A 84 -4.35 6.18 -8.79
CA TYR A 84 -4.25 6.16 -10.25
C TYR A 84 -3.10 7.07 -10.72
N HIS A 85 -2.62 6.82 -11.93
CA HIS A 85 -1.54 7.62 -12.50
C HIS A 85 -1.98 9.06 -12.72
N ASP A 86 -3.16 9.23 -13.33
CA ASP A 86 -3.70 10.55 -13.61
C ASP A 86 -3.82 11.36 -12.31
N SER A 87 -4.41 10.75 -11.29
CA SER A 87 -4.60 11.41 -10.01
C SER A 87 -3.28 11.98 -9.49
N GLU A 88 -3.29 13.26 -9.14
CA GLU A 88 -2.10 13.92 -8.63
C GLU A 88 -1.23 12.94 -7.84
N GLU A 89 -1.89 12.07 -7.08
CA GLU A 89 -1.18 11.09 -6.27
C GLU A 89 -0.21 10.27 -7.12
N GLY A 90 -0.76 9.63 -8.15
CA GLY A 90 0.06 8.81 -9.03
C GLY A 90 1.25 9.59 -9.61
N GLN A 91 0.98 10.80 -10.08
CA GLN A 91 2.02 11.64 -10.66
C GLN A 91 3.23 11.70 -9.74
N ARG A 92 3.02 12.21 -8.53
CA ARG A 92 4.11 12.33 -7.56
C ARG A 92 4.89 11.02 -7.46
N TYR A 93 4.22 9.91 -7.72
CA TYR A 93 4.85 8.60 -7.66
C TYR A 93 5.82 8.40 -8.83
N ILE A 94 5.32 8.61 -10.04
CA ILE A 94 6.14 8.46 -11.23
C ILE A 94 7.35 9.38 -11.19
N GLN A 95 7.25 10.46 -10.41
CA GLN A 95 8.33 11.41 -10.29
C GLN A 95 9.68 10.72 -10.34
N PHE A 96 9.97 9.91 -9.32
CA PHE A 96 11.24 9.18 -9.25
C PHE A 96 11.08 7.78 -9.82
N TYR A 97 9.94 7.15 -9.54
CA TYR A 97 9.67 5.80 -10.02
C TYR A 97 9.84 5.72 -11.54
N LYS A 98 9.38 6.75 -12.23
CA LYS A 98 9.48 6.79 -13.68
C LYS A 98 8.71 5.64 -14.33
N LEU A 99 7.62 5.24 -13.69
CA LEU A 99 6.79 4.16 -14.20
C LEU A 99 6.41 4.38 -15.65
N GLY A 100 6.16 3.30 -16.37
CA GLY A 100 5.79 3.40 -17.77
C GLY A 100 4.77 2.36 -18.19
N ASP A 101 4.77 1.23 -17.49
CA ASP A 101 3.84 0.15 -17.80
C ASP A 101 3.12 -0.32 -16.53
N PHE A 102 2.15 -1.20 -16.70
CA PHE A 102 1.38 -1.72 -15.58
C PHE A 102 1.09 -3.22 -15.76
N PRO A 103 0.83 -3.91 -14.64
CA PRO A 103 0.81 -3.30 -13.31
C PRO A 103 2.21 -2.89 -12.85
N TYR A 104 2.26 -1.99 -11.87
CA TYR A 104 3.54 -1.52 -11.34
C TYR A 104 3.49 -1.45 -9.82
N VAL A 105 4.35 -2.23 -9.17
CA VAL A 105 4.41 -2.25 -7.71
C VAL A 105 5.85 -2.28 -7.22
N SER A 106 6.12 -1.57 -6.14
CA SER A 106 7.47 -1.52 -5.57
C SER A 106 7.42 -1.13 -4.09
N ILE A 107 8.51 -1.41 -3.38
CA ILE A 107 8.59 -1.09 -1.97
C ILE A 107 9.31 0.23 -1.73
N LEU A 108 8.66 1.15 -1.03
CA LEU A 108 9.24 2.45 -0.74
C LEU A 108 9.45 2.63 0.76
N ASP A 109 10.57 3.25 1.12
CA ASP A 109 10.89 3.49 2.52
C ASP A 109 10.54 4.91 2.93
N PRO A 110 9.73 5.04 3.99
CA PRO A 110 9.30 6.35 4.50
C PRO A 110 10.44 7.13 5.14
N ARG A 111 11.48 6.41 5.56
CA ARG A 111 12.64 7.04 6.19
C ARG A 111 13.42 7.88 5.19
N THR A 112 13.88 7.23 4.12
CA THR A 112 14.64 7.91 3.09
C THR A 112 13.73 8.37 1.94
N GLY A 113 12.85 7.48 1.51
CA GLY A 113 11.94 7.81 0.43
C GLY A 113 12.52 7.48 -0.93
N GLN A 114 13.26 6.37 -1.01
CA GLN A 114 13.88 5.95 -2.27
C GLN A 114 13.50 4.51 -2.59
N LYS A 115 13.09 4.28 -3.83
CA LYS A 115 12.70 2.94 -4.27
C LYS A 115 13.86 1.95 -4.09
N LEU A 116 13.73 1.07 -3.11
CA LEU A 116 14.75 0.08 -2.82
C LEU A 116 14.66 -1.08 -3.81
N VAL A 117 13.46 -1.64 -3.94
CA VAL A 117 13.24 -2.76 -4.86
C VAL A 117 12.11 -2.45 -5.83
N GLU A 118 12.23 -2.98 -7.06
CA GLU A 118 11.22 -2.77 -8.08
C GLU A 118 10.74 -4.10 -8.65
N TRP A 119 9.43 -4.23 -8.82
CA TRP A 119 8.84 -5.45 -9.36
C TRP A 119 7.83 -5.12 -10.45
N HIS A 120 8.13 -5.54 -11.68
CA HIS A 120 7.24 -5.30 -12.82
C HIS A 120 6.10 -6.31 -12.83
N GLN A 121 6.45 -7.59 -12.87
CA GLN A 121 5.44 -8.65 -12.89
C GLN A 121 5.23 -9.22 -11.49
N LEU A 122 3.98 -9.23 -11.05
CA LEU A 122 3.64 -9.75 -9.73
C LEU A 122 2.47 -10.73 -9.81
N ASP A 123 2.35 -11.60 -8.81
CA ASP A 123 1.28 -12.58 -8.77
C ASP A 123 0.95 -12.96 -7.33
N VAL A 124 -0.16 -13.68 -7.16
CA VAL A 124 -0.60 -14.10 -5.83
C VAL A 124 0.47 -14.96 -5.16
N SER A 125 0.98 -15.94 -5.89
CA SER A 125 2.00 -16.84 -5.36
C SER A 125 3.36 -16.14 -5.29
N SER A 126 3.73 -15.48 -6.38
CA SER A 126 5.00 -14.77 -6.45
C SER A 126 5.07 -13.68 -5.37
N PHE A 127 4.12 -12.76 -5.41
CA PHE A 127 4.08 -11.67 -4.43
C PHE A 127 4.53 -12.15 -3.06
N LEU A 128 3.82 -13.14 -2.52
CA LEU A 128 4.15 -13.69 -1.21
C LEU A 128 5.60 -14.16 -1.17
N ASP A 129 5.96 -15.02 -2.11
CA ASP A 129 7.33 -15.54 -2.18
C ASP A 129 8.35 -14.44 -1.93
N GLN A 130 8.33 -13.42 -2.78
CA GLN A 130 9.26 -12.30 -2.65
C GLN A 130 9.00 -11.53 -1.36
N VAL A 131 7.82 -10.95 -1.25
CA VAL A 131 7.44 -10.19 -0.07
C VAL A 131 7.90 -10.89 1.21
N THR A 132 7.30 -12.05 1.50
CA THR A 132 7.64 -12.81 2.68
C THR A 132 9.14 -12.76 2.95
N GLY A 133 9.93 -13.05 1.93
CA GLY A 133 11.38 -13.04 2.08
C GLY A 133 11.91 -11.66 2.40
N PHE A 134 11.61 -10.69 1.54
CA PHE A 134 12.07 -9.32 1.73
C PHE A 134 11.90 -8.90 3.18
N LEU A 135 10.76 -9.24 3.77
CA LEU A 135 10.47 -8.90 5.16
C LEU A 135 11.42 -9.64 6.11
N GLY A 136 11.62 -10.92 5.85
CA GLY A 136 12.49 -11.71 6.69
C GLY A 136 13.93 -11.22 6.66
N GLU A 137 14.40 -10.83 5.47
CA GLU A 137 15.75 -10.34 5.31
C GLU A 137 15.90 -8.93 5.88
N HIS A 138 15.10 -8.01 5.36
CA HIS A 138 15.14 -6.62 5.83
C HIS A 138 14.57 -6.50 7.23
N GLY A 139 13.32 -6.93 7.39
CA GLY A 139 12.67 -6.86 8.69
C GLY A 139 11.76 -5.65 8.82
N GLN A 140 11.34 -5.37 10.05
CA GLN A 140 10.45 -4.23 10.31
C GLN A 140 11.26 -2.97 10.61
N LEU A 141 10.78 -1.83 10.13
CA LEU A 141 11.44 -0.56 10.35
C LEU A 141 12.08 -0.52 11.74
N ASP A 142 11.30 -0.88 12.75
CA ASP A 142 11.78 -0.88 14.14
C ASP A 142 12.31 -2.26 14.52
N GLY A 143 13.03 -2.33 15.64
CA GLY A 143 13.58 -3.59 16.10
C GLY A 143 13.35 -3.81 17.57
N LEU A 144 12.10 -3.64 18.01
CA LEU A 144 11.76 -3.84 19.41
C LEU A 144 10.31 -4.27 19.57
N SER A 145 10.09 -5.35 20.31
CA SER A 145 8.76 -5.88 20.53
C SER A 145 8.00 -5.04 21.56
N SER A 146 6.75 -4.69 21.24
CA SER A 146 5.93 -3.89 22.13
C SER A 146 4.45 -4.16 21.90
N SER A 147 3.84 -4.89 22.83
CA SER A 147 2.42 -5.22 22.72
C SER A 147 1.84 -5.58 24.09
N SER A 148 0.53 -5.78 24.13
CA SER A 148 -0.15 -6.13 25.39
C SER A 148 0.68 -7.12 26.19
N GLY A 149 1.20 -8.14 25.51
CA GLY A 149 2.00 -9.15 26.18
C GLY A 149 2.55 -10.18 25.21
N PRO A 150 3.69 -9.87 24.59
CA PRO A 150 4.34 -10.76 23.63
C PRO A 150 4.94 -11.99 24.30
N SER A 151 4.73 -12.11 25.60
CA SER A 151 5.25 -13.24 26.37
C SER A 151 4.43 -14.50 26.09
N SER A 152 4.97 -15.65 26.49
CA SER A 152 4.29 -16.93 26.28
C SER A 152 3.01 -17.00 27.10
N GLY A 153 2.14 -17.94 26.74
CA GLY A 153 0.88 -18.09 27.45
C GLY A 153 -0.30 -17.58 26.64
N GLY A 1 9.79 -19.11 -18.96
CA GLY A 1 8.62 -19.19 -19.82
C GLY A 1 7.61 -20.20 -19.33
N SER A 2 6.46 -20.26 -20.00
CA SER A 2 5.40 -21.19 -19.63
C SER A 2 4.55 -21.56 -20.85
N SER A 3 4.05 -22.79 -20.86
CA SER A 3 3.21 -23.26 -21.96
C SER A 3 1.85 -23.73 -21.45
N GLY A 4 0.87 -23.77 -22.34
CA GLY A 4 -0.46 -24.20 -21.96
C GLY A 4 -0.93 -25.40 -22.77
N SER A 5 -1.01 -25.24 -24.08
CA SER A 5 -1.45 -26.31 -24.96
C SER A 5 -2.81 -26.85 -24.51
N SER A 6 -3.71 -25.95 -24.14
CA SER A 6 -5.04 -26.33 -23.70
C SER A 6 -6.11 -25.51 -24.41
N GLY A 7 -7.37 -25.84 -24.16
CA GLY A 7 -8.47 -25.13 -24.77
C GLY A 7 -9.66 -24.98 -23.86
N ILE A 8 -9.47 -24.28 -22.74
CA ILE A 8 -10.54 -24.08 -21.77
C ILE A 8 -10.56 -22.63 -21.27
N ASP A 9 -11.56 -21.88 -21.70
CA ASP A 9 -11.69 -20.49 -21.31
C ASP A 9 -13.10 -20.19 -20.81
N LYS A 10 -13.21 -19.39 -19.76
CA LYS A 10 -14.50 -19.03 -19.19
C LYS A 10 -14.52 -17.57 -18.75
N LYS A 11 -15.67 -16.94 -18.87
CA LYS A 11 -15.82 -15.54 -18.47
C LYS A 11 -17.17 -15.30 -17.80
N LEU A 12 -17.21 -14.34 -16.87
CA LEU A 12 -18.43 -14.02 -16.15
C LEU A 12 -18.31 -12.66 -15.45
N THR A 13 -19.45 -12.06 -15.15
CA THR A 13 -19.47 -10.77 -14.47
C THR A 13 -19.10 -10.91 -13.00
N THR A 14 -17.96 -10.34 -12.63
CA THR A 14 -17.50 -10.41 -11.24
C THR A 14 -17.43 -9.02 -10.62
N LEU A 15 -17.04 -8.04 -11.43
CA LEU A 15 -16.93 -6.65 -10.96
C LEU A 15 -18.30 -6.12 -10.52
N ALA A 16 -18.36 -5.59 -9.31
CA ALA A 16 -19.59 -5.04 -8.78
C ALA A 16 -19.33 -3.87 -7.85
N ASP A 17 -19.87 -2.71 -8.17
CA ASP A 17 -19.70 -1.51 -7.36
C ASP A 17 -20.08 -1.79 -5.91
N LEU A 18 -19.06 -1.91 -5.05
CA LEU A 18 -19.30 -2.17 -3.63
C LEU A 18 -20.28 -1.16 -3.04
N PHE A 19 -20.58 -1.32 -1.76
CA PHE A 19 -21.50 -0.42 -1.07
C PHE A 19 -20.75 0.53 -0.14
N ARG A 20 -19.65 0.04 0.43
CA ARG A 20 -18.83 0.84 1.34
C ARG A 20 -17.37 0.81 0.92
N PRO A 21 -16.68 1.96 1.11
CA PRO A 21 -15.26 2.09 0.76
C PRO A 21 -14.36 1.28 1.69
N PRO A 22 -13.28 0.72 1.13
CA PRO A 22 -12.32 -0.08 1.89
C PRO A 22 -11.50 0.77 2.86
N ILE A 23 -12.00 1.97 3.16
CA ILE A 23 -11.31 2.87 4.08
C ILE A 23 -10.59 2.10 5.18
N ASP A 24 -11.23 1.04 5.67
CA ASP A 24 -10.65 0.22 6.72
C ASP A 24 -9.25 -0.25 6.34
N LEU A 25 -9.12 -0.79 5.14
CA LEU A 25 -7.84 -1.27 4.65
C LEU A 25 -7.03 -0.14 4.02
N MET A 26 -7.72 0.81 3.42
CA MET A 26 -7.07 1.95 2.78
C MET A 26 -7.00 3.13 3.74
N HIS A 27 -5.77 3.52 4.11
CA HIS A 27 -5.57 4.64 5.02
C HIS A 27 -6.14 5.93 4.43
N LYS A 28 -6.21 6.97 5.26
CA LYS A 28 -6.72 8.26 4.81
C LYS A 28 -5.95 8.76 3.60
N GLY A 29 -6.68 9.07 2.53
CA GLY A 29 -6.06 9.56 1.32
C GLY A 29 -5.07 10.69 1.58
N SER A 30 -3.81 10.46 1.24
CA SER A 30 -2.77 11.45 1.45
C SER A 30 -1.50 11.07 0.70
N PHE A 31 -0.69 12.08 0.37
CA PHE A 31 0.55 11.85 -0.35
C PHE A 31 1.76 12.10 0.54
N GLU A 32 1.66 13.11 1.41
CA GLU A 32 2.73 13.45 2.33
C GLU A 32 2.61 12.67 3.63
N THR A 33 1.37 12.48 4.08
CA THR A 33 1.12 11.74 5.31
C THR A 33 1.38 10.25 5.13
N ALA A 34 1.00 9.72 3.97
CA ALA A 34 1.19 8.31 3.68
C ALA A 34 2.58 7.85 4.11
N LYS A 35 3.60 8.51 3.58
CA LYS A 35 4.98 8.17 3.91
C LYS A 35 5.25 8.34 5.41
N GLU A 36 4.79 9.46 5.96
CA GLU A 36 4.99 9.75 7.37
C GLU A 36 4.54 8.56 8.23
N CYS A 37 3.29 8.15 8.05
CA CYS A 37 2.75 7.02 8.81
C CYS A 37 3.78 5.91 8.94
N GLY A 38 4.38 5.53 7.82
CA GLY A 38 5.37 4.47 7.83
C GLY A 38 6.43 4.69 8.89
N GLN A 39 6.83 5.93 9.08
CA GLN A 39 7.85 6.27 10.06
C GLN A 39 7.37 5.96 11.48
N MET A 40 6.35 6.69 11.93
CA MET A 40 5.79 6.49 13.25
C MET A 40 5.45 5.02 13.49
N GLN A 41 4.54 4.49 12.67
CA GLN A 41 4.12 3.11 12.79
C GLN A 41 5.30 2.16 12.60
N ASN A 42 6.35 2.65 11.93
CA ASN A 42 7.54 1.85 11.68
C ASN A 42 7.22 0.65 10.80
N LYS A 43 6.46 0.89 9.74
CA LYS A 43 6.07 -0.17 8.82
C LYS A 43 6.45 0.19 7.38
N TRP A 44 6.45 -0.80 6.51
CA TRP A 44 6.80 -0.59 5.11
C TRP A 44 5.66 0.12 4.37
N LEU A 45 5.97 0.68 3.21
CA LEU A 45 4.98 1.39 2.41
C LEU A 45 4.78 0.70 1.07
N MET A 46 3.68 -0.05 0.95
CA MET A 46 3.37 -0.77 -0.28
C MET A 46 2.43 0.06 -1.16
N ILE A 47 2.85 0.33 -2.38
CA ILE A 47 2.05 1.11 -3.32
C ILE A 47 1.81 0.33 -4.61
N ASN A 48 0.67 0.58 -5.25
CA ASN A 48 0.32 -0.09 -6.49
C ASN A 48 -0.42 0.86 -7.44
N ILE A 49 0.19 1.12 -8.59
CA ILE A 49 -0.40 2.01 -9.58
C ILE A 49 -1.45 1.27 -10.42
N GLN A 50 -2.67 1.79 -10.40
CA GLN A 50 -3.76 1.19 -11.17
C GLN A 50 -3.82 1.76 -12.57
N ASN A 51 -4.15 0.91 -13.54
CA ASN A 51 -4.24 1.33 -14.93
C ASN A 51 -5.66 1.18 -15.46
N VAL A 52 -6.27 2.31 -15.85
CA VAL A 52 -7.63 2.30 -16.36
C VAL A 52 -7.69 1.70 -17.76
N GLN A 53 -6.59 1.83 -18.50
CA GLN A 53 -6.50 1.32 -19.85
C GLN A 53 -6.07 -0.15 -19.86
N ASP A 54 -4.95 -0.43 -19.18
CA ASP A 54 -4.43 -1.79 -19.10
C ASP A 54 -5.42 -2.71 -18.40
N PHE A 55 -5.51 -3.94 -18.88
CA PHE A 55 -6.42 -4.92 -18.31
C PHE A 55 -5.74 -5.74 -17.22
N ALA A 56 -4.47 -6.08 -17.45
CA ALA A 56 -3.70 -6.86 -16.50
C ALA A 56 -4.10 -6.52 -15.06
N CYS A 57 -4.01 -5.23 -14.73
CA CYS A 57 -4.36 -4.77 -13.39
C CYS A 57 -5.55 -5.54 -12.84
N GLN A 58 -6.63 -5.56 -13.60
CA GLN A 58 -7.85 -6.27 -13.18
C GLN A 58 -7.53 -7.68 -12.74
N CYS A 59 -7.09 -8.51 -13.69
CA CYS A 59 -6.75 -9.90 -13.39
C CYS A 59 -5.89 -10.00 -12.13
N LEU A 60 -4.93 -9.09 -12.00
CA LEU A 60 -4.04 -9.07 -10.85
C LEU A 60 -4.83 -8.92 -9.55
N ASN A 61 -5.46 -7.76 -9.38
CA ASN A 61 -6.25 -7.50 -8.18
C ASN A 61 -7.27 -8.61 -7.95
N ARG A 62 -7.58 -9.36 -9.00
CA ARG A 62 -8.53 -10.45 -8.91
C ARG A 62 -8.31 -11.27 -7.65
N ASP A 63 -7.14 -11.87 -7.55
CA ASP A 63 -6.79 -12.69 -6.39
C ASP A 63 -5.59 -12.11 -5.64
N VAL A 64 -4.66 -11.53 -6.40
CA VAL A 64 -3.47 -10.93 -5.81
C VAL A 64 -3.84 -9.89 -4.76
N TRP A 65 -4.40 -8.78 -5.21
CA TRP A 65 -4.79 -7.70 -4.31
C TRP A 65 -6.16 -7.99 -3.70
N SER A 66 -6.60 -9.24 -3.78
CA SER A 66 -7.89 -9.63 -3.24
C SER A 66 -7.72 -10.66 -2.12
N ASN A 67 -6.63 -11.43 -2.20
CA ASN A 67 -6.36 -12.45 -1.20
C ASN A 67 -6.26 -11.84 0.20
N GLU A 68 -7.19 -12.20 1.06
CA GLU A 68 -7.21 -11.69 2.43
C GLU A 68 -5.81 -11.75 3.05
N ALA A 69 -5.20 -12.93 3.02
CA ALA A 69 -3.87 -13.11 3.58
C ALA A 69 -2.92 -12.02 3.12
N VAL A 70 -3.06 -11.62 1.86
CA VAL A 70 -2.22 -10.57 1.29
C VAL A 70 -2.58 -9.21 1.85
N LYS A 71 -3.87 -8.88 1.78
CA LYS A 71 -4.36 -7.60 2.28
C LYS A 71 -3.97 -7.40 3.75
N ASN A 72 -4.20 -8.43 4.56
CA ASN A 72 -3.88 -8.36 5.97
C ASN A 72 -2.40 -8.05 6.18
N ILE A 73 -1.57 -8.50 5.25
CA ILE A 73 -0.13 -8.26 5.33
C ILE A 73 0.22 -6.87 4.82
N ILE A 74 -0.40 -6.48 3.72
CA ILE A 74 -0.16 -5.16 3.13
C ILE A 74 -0.71 -4.05 4.01
N ARG A 75 -1.56 -4.43 4.96
CA ARG A 75 -2.17 -3.46 5.87
C ARG A 75 -1.39 -3.38 7.18
N GLU A 76 -0.86 -4.52 7.62
CA GLU A 76 -0.10 -4.58 8.87
C GLU A 76 1.37 -4.32 8.61
N HIS A 77 2.01 -5.24 7.89
CA HIS A 77 3.44 -5.10 7.57
C HIS A 77 3.68 -3.88 6.70
N PHE A 78 2.76 -3.60 5.79
CA PHE A 78 2.88 -2.46 4.90
C PHE A 78 1.64 -1.55 5.00
N ILE A 79 1.67 -0.45 4.27
CA ILE A 79 0.56 0.50 4.27
C ILE A 79 -0.19 0.47 2.94
N PHE A 80 -1.35 -0.18 2.93
CA PHE A 80 -2.15 -0.27 1.72
C PHE A 80 -2.49 1.12 1.18
N TRP A 81 -1.84 1.49 0.09
CA TRP A 81 -2.07 2.79 -0.54
C TRP A 81 -2.05 2.68 -2.05
N GLN A 82 -3.24 2.69 -2.66
CA GLN A 82 -3.35 2.59 -4.11
C GLN A 82 -3.87 3.89 -4.70
N VAL A 83 -3.35 4.27 -5.86
CA VAL A 83 -3.77 5.49 -6.54
C VAL A 83 -3.61 5.37 -8.05
N TYR A 84 -4.40 6.15 -8.78
CA TYR A 84 -4.35 6.12 -10.24
C TYR A 84 -3.34 7.14 -10.77
N HIS A 85 -2.86 6.90 -11.99
CA HIS A 85 -1.89 7.79 -12.61
C HIS A 85 -2.53 9.12 -12.97
N ASP A 86 -3.75 9.07 -13.49
CA ASP A 86 -4.48 10.27 -13.89
C ASP A 86 -4.54 11.27 -12.72
N SER A 87 -4.85 10.77 -11.54
CA SER A 87 -4.94 11.61 -10.35
C SER A 87 -3.61 12.31 -10.07
N GLU A 88 -3.67 13.37 -9.27
CA GLU A 88 -2.47 14.13 -8.93
C GLU A 88 -1.41 13.23 -8.30
N GLU A 89 -1.77 12.57 -7.21
CA GLU A 89 -0.87 11.67 -6.51
C GLU A 89 0.02 10.91 -7.50
N GLY A 90 -0.63 10.25 -8.46
CA GLY A 90 0.11 9.48 -9.46
C GLY A 90 1.04 10.35 -10.27
N GLN A 91 0.48 11.32 -10.99
CA GLN A 91 1.27 12.22 -11.82
C GLN A 91 2.62 12.51 -11.17
N ARG A 92 2.61 12.73 -9.87
CA ARG A 92 3.83 13.02 -9.13
C ARG A 92 4.64 11.74 -8.88
N TYR A 93 3.97 10.72 -8.35
CA TYR A 93 4.63 9.45 -8.07
C TYR A 93 5.39 8.95 -9.29
N ILE A 94 4.82 9.17 -10.47
CA ILE A 94 5.45 8.74 -11.71
C ILE A 94 6.76 9.48 -11.95
N GLN A 95 6.66 10.79 -12.18
CA GLN A 95 7.84 11.61 -12.42
C GLN A 95 8.90 11.37 -11.35
N PHE A 96 8.45 11.08 -10.13
CA PHE A 96 9.36 10.83 -9.02
C PHE A 96 10.35 9.73 -9.36
N TYR A 97 9.83 8.57 -9.75
CA TYR A 97 10.67 7.44 -10.11
C TYR A 97 10.81 7.32 -11.61
N LYS A 98 10.26 8.28 -12.33
CA LYS A 98 10.32 8.29 -13.80
C LYS A 98 9.64 7.05 -14.37
N LEU A 99 8.59 6.59 -13.70
CA LEU A 99 7.85 5.42 -14.15
C LEU A 99 7.38 5.58 -15.59
N GLY A 100 7.15 4.46 -16.26
CA GLY A 100 6.71 4.49 -17.65
C GLY A 100 6.21 3.15 -18.14
N ASP A 101 5.64 2.37 -17.22
CA ASP A 101 5.13 1.04 -17.56
C ASP A 101 4.12 0.57 -16.52
N PHE A 102 3.37 -0.47 -16.86
CA PHE A 102 2.37 -1.02 -15.95
C PHE A 102 2.03 -2.47 -16.34
N PRO A 103 1.63 -3.26 -15.33
CA PRO A 103 1.51 -2.79 -13.95
C PRO A 103 2.87 -2.51 -13.31
N TYR A 104 2.87 -1.70 -12.26
CA TYR A 104 4.10 -1.36 -11.57
C TYR A 104 3.91 -1.42 -10.06
N VAL A 105 4.74 -2.21 -9.39
CA VAL A 105 4.66 -2.35 -7.94
C VAL A 105 6.04 -2.57 -7.33
N SER A 106 6.31 -1.87 -6.24
CA SER A 106 7.60 -1.98 -5.56
C SER A 106 7.50 -1.51 -4.11
N ILE A 107 8.52 -1.82 -3.32
CA ILE A 107 8.54 -1.43 -1.92
C ILE A 107 9.31 -0.13 -1.72
N LEU A 108 8.66 0.86 -1.13
CA LEU A 108 9.28 2.15 -0.88
C LEU A 108 9.46 2.38 0.61
N ASP A 109 10.54 3.09 0.97
CA ASP A 109 10.83 3.39 2.37
C ASP A 109 10.26 4.74 2.76
N PRO A 110 9.39 4.75 3.78
CA PRO A 110 8.76 5.97 4.28
C PRO A 110 9.75 6.89 4.99
N ARG A 111 10.94 6.36 5.26
CA ARG A 111 11.97 7.13 5.95
C ARG A 111 12.90 7.81 4.93
N THR A 112 13.80 7.03 4.35
CA THR A 112 14.74 7.55 3.36
C THR A 112 14.04 7.93 2.07
N GLY A 113 12.99 7.17 1.73
CA GLY A 113 12.25 7.45 0.51
C GLY A 113 12.91 6.85 -0.72
N GLN A 114 13.87 5.96 -0.49
CA GLN A 114 14.58 5.32 -1.59
C GLN A 114 13.97 3.96 -1.93
N LYS A 115 13.99 3.61 -3.21
CA LYS A 115 13.43 2.34 -3.66
C LYS A 115 14.33 1.18 -3.26
N LEU A 116 13.73 0.15 -2.66
CA LEU A 116 14.48 -1.03 -2.22
C LEU A 116 14.42 -2.12 -3.28
N VAL A 117 13.20 -2.52 -3.65
CA VAL A 117 13.02 -3.56 -4.65
C VAL A 117 12.13 -3.08 -5.78
N GLU A 118 11.91 -3.94 -6.77
CA GLU A 118 11.08 -3.60 -7.93
C GLU A 118 10.47 -4.85 -8.54
N TRP A 119 9.15 -4.83 -8.72
CA TRP A 119 8.44 -5.97 -9.30
C TRP A 119 7.46 -5.51 -10.37
N HIS A 120 7.45 -6.21 -11.50
CA HIS A 120 6.56 -5.87 -12.61
C HIS A 120 5.29 -6.72 -12.56
N GLN A 121 5.47 -8.04 -12.53
CA GLN A 121 4.34 -8.96 -12.48
C GLN A 121 4.38 -9.81 -11.22
N LEU A 122 3.46 -9.53 -10.29
CA LEU A 122 3.40 -10.27 -9.04
C LEU A 122 2.30 -11.34 -9.10
N ASP A 123 2.45 -12.36 -8.27
CA ASP A 123 1.48 -13.46 -8.22
C ASP A 123 1.05 -13.74 -6.78
N VAL A 124 -0.04 -14.48 -6.64
CA VAL A 124 -0.56 -14.83 -5.32
C VAL A 124 0.51 -15.49 -4.46
N SER A 125 1.28 -16.39 -5.07
CA SER A 125 2.34 -17.10 -4.36
C SER A 125 3.63 -16.29 -4.38
N SER A 126 4.07 -15.91 -5.58
CA SER A 126 5.30 -15.13 -5.73
C SER A 126 5.28 -13.91 -4.82
N PHE A 127 4.18 -13.19 -4.83
CA PHE A 127 4.04 -11.99 -4.00
C PHE A 127 4.20 -12.32 -2.52
N LEU A 128 3.44 -13.31 -2.06
CA LEU A 128 3.51 -13.72 -0.67
C LEU A 128 4.91 -14.20 -0.30
N ASP A 129 5.57 -14.86 -1.24
CA ASP A 129 6.92 -15.37 -1.03
C ASP A 129 7.93 -14.23 -1.00
N GLN A 130 7.74 -13.25 -1.88
CA GLN A 130 8.63 -12.10 -1.95
C GLN A 130 8.48 -11.21 -0.73
N VAL A 131 7.23 -10.91 -0.38
CA VAL A 131 6.95 -10.06 0.78
C VAL A 131 7.34 -10.76 2.08
N THR A 132 6.61 -11.82 2.41
CA THR A 132 6.89 -12.58 3.64
C THR A 132 8.36 -12.94 3.73
N GLY A 133 8.92 -13.44 2.63
CA GLY A 133 10.32 -13.81 2.62
C GLY A 133 11.25 -12.64 2.80
N PHE A 134 10.90 -11.51 2.18
CA PHE A 134 11.72 -10.30 2.28
C PHE A 134 11.76 -9.80 3.72
N LEU A 135 10.62 -9.83 4.39
CA LEU A 135 10.52 -9.38 5.78
C LEU A 135 11.54 -10.10 6.66
N GLY A 136 11.63 -11.42 6.49
CA GLY A 136 12.57 -12.20 7.27
C GLY A 136 14.01 -11.97 6.85
N GLU A 137 14.24 -11.95 5.55
CA GLU A 137 15.59 -11.75 5.01
C GLU A 137 16.09 -10.34 5.34
N HIS A 138 15.39 -9.33 4.84
CA HIS A 138 15.77 -7.94 5.07
C HIS A 138 15.48 -7.54 6.52
N GLY A 139 14.24 -7.76 6.96
CA GLY A 139 13.86 -7.43 8.31
C GLY A 139 12.71 -6.43 8.35
N GLN A 140 12.43 -5.91 9.54
CA GLN A 140 11.35 -4.93 9.71
C GLN A 140 11.89 -3.61 10.25
N LEU A 141 11.26 -2.52 9.84
CA LEU A 141 11.67 -1.19 10.27
C LEU A 141 12.02 -1.19 11.76
N ASP A 142 11.11 -1.68 12.58
CA ASP A 142 11.32 -1.75 14.02
C ASP A 142 12.69 -2.34 14.35
N GLY A 143 13.02 -3.44 13.68
CA GLY A 143 14.30 -4.09 13.91
C GLY A 143 15.40 -3.10 14.22
N LEU A 144 16.16 -3.37 15.28
CA LEU A 144 17.24 -2.50 15.69
C LEU A 144 18.57 -2.94 15.07
N SER A 145 18.98 -4.16 15.42
CA SER A 145 20.23 -4.71 14.89
C SER A 145 20.42 -4.33 13.43
N SER A 146 19.37 -4.50 12.64
CA SER A 146 19.43 -4.18 11.21
C SER A 146 18.63 -2.91 10.91
N SER A 147 19.27 -1.95 10.26
CA SER A 147 18.63 -0.70 9.92
C SER A 147 19.45 0.07 8.89
N SER A 148 18.82 1.06 8.25
CA SER A 148 19.49 1.87 7.24
C SER A 148 20.40 2.90 7.89
N GLY A 149 21.63 3.01 7.39
CA GLY A 149 22.58 3.96 7.94
C GLY A 149 22.60 5.26 7.16
N PRO A 150 22.85 6.37 7.87
CA PRO A 150 22.91 7.70 7.26
C PRO A 150 24.14 7.88 6.37
N SER A 151 24.91 6.82 6.23
CA SER A 151 26.12 6.86 5.40
C SER A 151 25.84 7.54 4.07
N SER A 152 24.79 7.09 3.39
CA SER A 152 24.42 7.66 2.10
C SER A 152 22.94 8.07 2.09
N GLY A 153 22.69 9.32 1.69
CA GLY A 153 21.33 9.81 1.65
C GLY A 153 20.92 10.25 0.25
N GLY A 1 12.52 -22.12 -27.59
CA GLY A 1 11.66 -23.29 -27.57
C GLY A 1 10.38 -23.08 -28.35
N SER A 2 9.34 -23.83 -27.99
CA SER A 2 8.05 -23.72 -28.66
C SER A 2 7.29 -22.48 -28.19
N SER A 3 6.38 -22.00 -29.03
CA SER A 3 5.59 -20.83 -28.70
C SER A 3 4.13 -21.20 -28.46
N GLY A 4 3.40 -20.32 -27.78
CA GLY A 4 1.99 -20.59 -27.51
C GLY A 4 1.71 -20.74 -26.03
N SER A 5 0.53 -20.31 -25.60
CA SER A 5 0.14 -20.40 -24.20
C SER A 5 -1.29 -20.92 -24.06
N SER A 6 -1.47 -21.94 -23.24
CA SER A 6 -2.78 -22.53 -23.02
C SER A 6 -3.29 -22.21 -21.62
N GLY A 7 -4.30 -21.34 -21.54
CA GLY A 7 -4.85 -20.97 -20.25
C GLY A 7 -5.84 -21.99 -19.73
N ILE A 8 -5.87 -22.17 -18.42
CA ILE A 8 -6.77 -23.13 -17.79
C ILE A 8 -7.79 -22.43 -16.89
N ASP A 9 -9.05 -22.85 -16.99
CA ASP A 9 -10.12 -22.26 -16.19
C ASP A 9 -10.12 -22.84 -14.78
N LYS A 10 -10.61 -22.05 -13.83
CA LYS A 10 -10.66 -22.49 -12.44
C LYS A 10 -12.10 -22.42 -11.91
N LYS A 11 -12.56 -23.52 -11.32
CA LYS A 11 -13.91 -23.58 -10.77
C LYS A 11 -13.92 -23.15 -9.30
N LEU A 12 -14.77 -22.19 -8.98
CA LEU A 12 -14.89 -21.69 -7.61
C LEU A 12 -16.31 -21.25 -7.31
N THR A 13 -16.90 -21.87 -6.29
CA THR A 13 -18.27 -21.53 -5.89
C THR A 13 -18.34 -21.17 -4.41
N THR A 14 -18.53 -19.88 -4.13
CA THR A 14 -18.61 -19.40 -2.76
C THR A 14 -19.20 -18.00 -2.70
N LEU A 15 -19.76 -17.64 -1.56
CA LEU A 15 -20.36 -16.32 -1.38
C LEU A 15 -19.51 -15.47 -0.44
N ALA A 16 -19.93 -14.22 -0.24
CA ALA A 16 -19.20 -13.30 0.62
C ALA A 16 -20.11 -12.75 1.72
N ASP A 17 -19.52 -12.45 2.87
CA ASP A 17 -20.29 -11.90 4.00
C ASP A 17 -20.13 -10.39 4.09
N LEU A 18 -18.94 -9.90 3.76
CA LEU A 18 -18.67 -8.47 3.80
C LEU A 18 -19.33 -7.75 2.62
N PHE A 19 -19.95 -6.61 2.90
CA PHE A 19 -20.63 -5.83 1.88
C PHE A 19 -19.99 -4.46 1.73
N ARG A 20 -19.57 -3.88 2.85
CA ARG A 20 -18.94 -2.56 2.84
C ARG A 20 -17.57 -2.62 2.18
N PRO A 21 -17.13 -1.48 1.62
CA PRO A 21 -15.84 -1.37 0.94
C PRO A 21 -14.66 -1.46 1.92
N PRO A 22 -13.55 -2.03 1.45
CA PRO A 22 -12.34 -2.19 2.25
C PRO A 22 -11.66 -0.85 2.54
N ILE A 23 -12.37 0.24 2.30
CA ILE A 23 -11.84 1.58 2.53
C ILE A 23 -10.95 1.60 3.78
N ASP A 24 -11.30 0.78 4.76
CA ASP A 24 -10.55 0.70 6.00
C ASP A 24 -9.11 0.28 5.73
N LEU A 25 -8.94 -0.76 4.93
CA LEU A 25 -7.62 -1.28 4.59
C LEU A 25 -6.76 -0.20 3.97
N MET A 26 -7.36 0.58 3.06
CA MET A 26 -6.65 1.65 2.39
C MET A 26 -6.28 2.76 3.37
N HIS A 27 -5.60 3.79 2.87
CA HIS A 27 -5.19 4.92 3.70
C HIS A 27 -6.02 6.15 3.38
N LYS A 28 -5.85 7.20 4.18
CA LYS A 28 -6.59 8.45 3.97
C LYS A 28 -5.67 9.66 4.15
N GLY A 29 -6.06 10.78 3.57
CA GLY A 29 -5.26 11.99 3.68
C GLY A 29 -4.58 12.36 2.38
N SER A 30 -3.33 12.79 2.47
CA SER A 30 -2.57 13.19 1.29
C SER A 30 -1.30 12.35 1.15
N PHE A 31 -0.73 12.35 -0.04
CA PHE A 31 0.50 11.59 -0.30
C PHE A 31 1.43 11.64 0.90
N GLU A 32 1.69 12.84 1.39
CA GLU A 32 2.57 13.03 2.54
C GLU A 32 2.15 12.12 3.70
N THR A 33 0.92 12.29 4.15
CA THR A 33 0.40 11.48 5.25
C THR A 33 0.77 10.02 5.10
N ALA A 34 0.66 9.51 3.87
CA ALA A 34 0.98 8.12 3.59
C ALA A 34 2.40 7.78 4.05
N LYS A 35 3.36 8.61 3.65
CA LYS A 35 4.75 8.41 4.02
C LYS A 35 4.95 8.59 5.52
N GLU A 36 4.37 9.67 6.05
CA GLU A 36 4.48 9.97 7.48
C GLU A 36 4.16 8.74 8.32
N CYS A 37 2.97 8.17 8.10
CA CYS A 37 2.54 6.99 8.83
C CYS A 37 3.66 5.96 8.92
N GLY A 38 4.27 5.65 7.78
CA GLY A 38 5.35 4.69 7.75
C GLY A 38 6.35 4.89 8.87
N GLN A 39 6.59 6.16 9.21
CA GLN A 39 7.54 6.48 10.27
C GLN A 39 6.96 6.14 11.64
N MET A 40 5.92 6.87 12.04
CA MET A 40 5.28 6.65 13.33
C MET A 40 4.90 5.18 13.49
N GLN A 41 4.14 4.66 12.53
CA GLN A 41 3.71 3.27 12.58
C GLN A 41 4.90 2.33 12.42
N ASN A 42 5.97 2.82 11.82
CA ASN A 42 7.17 2.02 11.61
C ASN A 42 6.87 0.83 10.70
N LYS A 43 6.20 1.09 9.59
CA LYS A 43 5.86 0.04 8.64
C LYS A 43 6.24 0.44 7.22
N TRP A 44 6.53 -0.55 6.38
CA TRP A 44 6.91 -0.30 4.99
C TRP A 44 5.77 0.35 4.22
N LEU A 45 6.09 0.97 3.09
CA LEU A 45 5.10 1.62 2.26
C LEU A 45 4.91 0.89 0.94
N MET A 46 3.70 0.39 0.71
CA MET A 46 3.39 -0.33 -0.52
C MET A 46 2.68 0.57 -1.51
N ILE A 47 3.28 0.74 -2.69
CA ILE A 47 2.70 1.58 -3.73
C ILE A 47 2.13 0.74 -4.86
N ASN A 48 0.89 1.01 -5.23
CA ASN A 48 0.23 0.27 -6.30
C ASN A 48 -0.51 1.22 -7.23
N ILE A 49 -0.13 1.22 -8.51
CA ILE A 49 -0.76 2.09 -9.50
C ILE A 49 -1.84 1.33 -10.27
N GLN A 50 -3.01 1.94 -10.37
CA GLN A 50 -4.13 1.32 -11.09
C GLN A 50 -4.39 2.05 -12.41
N ASN A 51 -4.18 1.34 -13.52
CA ASN A 51 -4.40 1.92 -14.84
C ASN A 51 -5.86 1.78 -15.27
N VAL A 52 -6.54 2.91 -15.39
CA VAL A 52 -7.94 2.92 -15.78
C VAL A 52 -8.12 2.29 -17.16
N GLN A 53 -7.11 2.42 -18.00
CA GLN A 53 -7.16 1.87 -19.35
C GLN A 53 -6.77 0.39 -19.35
N ASP A 54 -5.54 0.11 -18.94
CA ASP A 54 -5.04 -1.26 -18.89
C ASP A 54 -5.79 -2.07 -17.84
N PHE A 55 -5.78 -3.39 -17.99
CA PHE A 55 -6.46 -4.27 -17.05
C PHE A 55 -5.45 -5.20 -16.35
N ALA A 56 -4.33 -5.45 -17.01
CA ALA A 56 -3.29 -6.31 -16.46
C ALA A 56 -3.00 -5.96 -15.00
N CYS A 57 -3.39 -4.75 -14.60
CA CYS A 57 -3.16 -4.29 -13.23
C CYS A 57 -4.36 -4.64 -12.34
N GLN A 58 -5.55 -4.20 -12.75
CA GLN A 58 -6.75 -4.46 -11.98
C GLN A 58 -6.99 -5.97 -11.84
N CYS A 59 -6.73 -6.71 -12.91
CA CYS A 59 -6.90 -8.16 -12.89
C CYS A 59 -6.31 -8.77 -11.64
N LEU A 60 -5.25 -8.16 -11.13
CA LEU A 60 -4.58 -8.65 -9.93
C LEU A 60 -5.54 -8.61 -8.73
N ASN A 61 -6.26 -7.51 -8.59
CA ASN A 61 -7.21 -7.35 -7.48
C ASN A 61 -8.13 -8.56 -7.38
N ARG A 62 -8.15 -9.37 -8.44
CA ARG A 62 -8.98 -10.57 -8.46
C ARG A 62 -8.54 -11.56 -7.38
N ASP A 63 -7.32 -12.05 -7.51
CA ASP A 63 -6.78 -13.02 -6.56
C ASP A 63 -5.55 -12.44 -5.85
N VAL A 64 -4.73 -11.71 -6.60
CA VAL A 64 -3.53 -11.11 -6.05
C VAL A 64 -3.82 -10.37 -4.76
N TRP A 65 -4.49 -9.23 -4.87
CA TRP A 65 -4.83 -8.42 -3.70
C TRP A 65 -5.95 -9.07 -2.90
N SER A 66 -6.99 -9.52 -3.61
CA SER A 66 -8.12 -10.16 -2.96
C SER A 66 -7.66 -11.13 -1.87
N ASN A 67 -6.52 -11.78 -2.10
CA ASN A 67 -5.96 -12.72 -1.15
C ASN A 67 -5.79 -12.08 0.22
N GLU A 68 -6.63 -12.48 1.17
CA GLU A 68 -6.58 -11.95 2.52
C GLU A 68 -5.14 -11.92 3.04
N ALA A 69 -4.47 -13.07 2.97
CA ALA A 69 -3.09 -13.18 3.42
C ALA A 69 -2.24 -12.03 2.89
N VAL A 70 -2.36 -11.77 1.59
CA VAL A 70 -1.60 -10.69 0.96
C VAL A 70 -2.01 -9.33 1.51
N LYS A 71 -3.31 -9.14 1.67
CA LYS A 71 -3.83 -7.88 2.20
C LYS A 71 -3.36 -7.65 3.64
N ASN A 72 -3.77 -8.54 4.54
CA ASN A 72 -3.39 -8.44 5.93
C ASN A 72 -1.92 -8.04 6.08
N ILE A 73 -1.11 -8.45 5.10
CA ILE A 73 0.31 -8.15 5.12
C ILE A 73 0.57 -6.73 4.62
N ILE A 74 -0.01 -6.40 3.46
CA ILE A 74 0.16 -5.08 2.88
C ILE A 74 -0.42 -3.99 3.78
N ARG A 75 -1.26 -4.41 4.74
CA ARG A 75 -1.88 -3.47 5.67
C ARG A 75 -1.09 -3.41 6.97
N GLU A 76 -0.71 -4.58 7.49
CA GLU A 76 0.04 -4.65 8.74
C GLU A 76 1.52 -4.32 8.49
N HIS A 77 2.19 -5.16 7.72
CA HIS A 77 3.60 -4.95 7.42
C HIS A 77 3.80 -3.69 6.58
N PHE A 78 2.94 -3.49 5.59
CA PHE A 78 3.02 -2.33 4.73
C PHE A 78 1.76 -1.46 4.85
N ILE A 79 1.74 -0.36 4.12
CA ILE A 79 0.60 0.55 4.15
C ILE A 79 -0.16 0.51 2.84
N PHE A 80 -1.29 -0.19 2.85
CA PHE A 80 -2.13 -0.31 1.65
C PHE A 80 -2.54 1.06 1.14
N TRP A 81 -1.97 1.45 0.00
CA TRP A 81 -2.28 2.75 -0.60
C TRP A 81 -2.39 2.63 -2.12
N GLN A 82 -3.61 2.80 -2.63
CA GLN A 82 -3.86 2.71 -4.06
C GLN A 82 -4.33 4.05 -4.62
N VAL A 83 -3.69 4.51 -5.69
CA VAL A 83 -4.05 5.77 -6.31
C VAL A 83 -3.99 5.67 -7.83
N TYR A 84 -4.88 6.39 -8.50
CA TYR A 84 -4.94 6.38 -9.95
C TYR A 84 -3.78 7.17 -10.55
N HIS A 85 -3.36 6.79 -11.76
CA HIS A 85 -2.27 7.47 -12.44
C HIS A 85 -2.74 8.76 -13.10
N ASP A 86 -3.94 9.19 -12.72
CA ASP A 86 -4.51 10.42 -13.28
C ASP A 86 -4.62 11.50 -12.20
N SER A 87 -4.89 11.09 -10.97
CA SER A 87 -5.02 12.03 -9.86
C SER A 87 -3.67 12.70 -9.56
N GLU A 88 -3.72 13.73 -8.72
CA GLU A 88 -2.51 14.45 -8.34
C GLU A 88 -1.44 13.50 -7.81
N GLU A 89 -1.79 12.77 -6.76
CA GLU A 89 -0.86 11.83 -6.14
C GLU A 89 -0.16 10.99 -7.21
N GLY A 90 -0.94 10.23 -7.98
CA GLY A 90 -0.38 9.40 -9.03
C GLY A 90 0.62 10.14 -9.89
N GLN A 91 0.18 11.24 -10.49
CA GLN A 91 1.04 12.05 -11.34
C GLN A 91 2.44 12.20 -10.73
N ARG A 92 2.47 12.58 -9.45
CA ARG A 92 3.74 12.76 -8.76
C ARG A 92 4.57 11.48 -8.81
N TYR A 93 4.03 10.41 -8.26
CA TYR A 93 4.72 9.12 -8.23
C TYR A 93 5.44 8.86 -9.55
N ILE A 94 4.67 8.90 -10.64
CA ILE A 94 5.24 8.68 -11.98
C ILE A 94 6.51 9.48 -12.18
N GLN A 95 6.40 10.80 -12.07
CA GLN A 95 7.54 11.68 -12.23
C GLN A 95 8.68 11.29 -11.30
N PHE A 96 8.33 10.89 -10.08
CA PHE A 96 9.31 10.48 -9.09
C PHE A 96 10.41 9.64 -9.72
N TYR A 97 10.03 8.50 -10.28
CA TYR A 97 10.99 7.61 -10.93
C TYR A 97 10.76 7.56 -12.44
N LYS A 98 10.00 8.52 -12.94
CA LYS A 98 9.71 8.60 -14.37
C LYS A 98 9.08 7.29 -14.86
N LEU A 99 8.19 6.72 -14.07
CA LEU A 99 7.53 5.48 -14.43
C LEU A 99 6.81 5.61 -15.76
N GLY A 100 6.61 4.48 -16.43
CA GLY A 100 5.93 4.49 -17.72
C GLY A 100 5.65 3.10 -18.24
N ASP A 101 5.29 2.19 -17.34
CA ASP A 101 4.99 0.81 -17.71
C ASP A 101 4.14 0.13 -16.65
N PHE A 102 3.43 -0.91 -17.05
CA PHE A 102 2.56 -1.65 -16.14
C PHE A 102 2.49 -3.13 -16.51
N PRO A 103 2.23 -3.99 -15.52
CA PRO A 103 2.03 -3.56 -14.14
C PRO A 103 3.31 -3.04 -13.50
N TYR A 104 3.16 -2.13 -12.53
CA TYR A 104 4.30 -1.56 -11.83
C TYR A 104 4.06 -1.50 -10.34
N VAL A 105 5.00 -2.06 -9.57
CA VAL A 105 4.88 -2.08 -8.12
C VAL A 105 6.25 -2.01 -7.45
N SER A 106 6.42 -1.05 -6.54
CA SER A 106 7.69 -0.88 -5.85
C SER A 106 7.46 -0.49 -4.39
N ILE A 107 8.45 -0.75 -3.55
CA ILE A 107 8.35 -0.43 -2.13
C ILE A 107 9.31 0.70 -1.76
N LEU A 108 8.78 1.75 -1.16
CA LEU A 108 9.59 2.90 -0.75
C LEU A 108 9.74 2.94 0.77
N ASP A 109 10.78 3.62 1.24
CA ASP A 109 11.03 3.75 2.67
C ASP A 109 10.49 5.07 3.21
N PRO A 110 9.69 5.00 4.28
CA PRO A 110 9.10 6.19 4.90
C PRO A 110 10.15 7.04 5.61
N ARG A 111 11.37 6.54 5.69
CA ARG A 111 12.46 7.26 6.35
C ARG A 111 13.28 8.04 5.33
N THR A 112 13.74 7.34 4.30
CA THR A 112 14.54 7.97 3.25
C THR A 112 13.68 8.42 2.08
N GLY A 113 12.77 7.55 1.66
CA GLY A 113 11.89 7.87 0.55
C GLY A 113 12.47 7.48 -0.79
N GLN A 114 13.17 6.34 -0.81
CA GLN A 114 13.77 5.84 -2.04
C GLN A 114 13.25 4.46 -2.39
N LYS A 115 13.64 3.96 -3.56
CA LYS A 115 13.22 2.64 -4.01
C LYS A 115 14.06 1.54 -3.36
N LEU A 116 13.39 0.63 -2.66
CA LEU A 116 14.07 -0.47 -2.00
C LEU A 116 14.08 -1.71 -2.87
N VAL A 117 12.95 -2.01 -3.49
CA VAL A 117 12.83 -3.17 -4.36
C VAL A 117 11.96 -2.87 -5.57
N GLU A 118 12.27 -3.49 -6.70
CA GLU A 118 11.52 -3.29 -7.92
C GLU A 118 10.95 -4.61 -8.45
N TRP A 119 9.64 -4.67 -8.59
CA TRP A 119 8.98 -5.87 -9.08
C TRP A 119 7.95 -5.54 -10.15
N HIS A 120 8.08 -6.16 -11.32
CA HIS A 120 7.17 -5.93 -12.42
C HIS A 120 6.00 -6.91 -12.38
N GLN A 121 6.32 -8.20 -12.29
CA GLN A 121 5.30 -9.24 -12.23
C GLN A 121 5.03 -9.67 -10.80
N LEU A 122 3.76 -9.57 -10.39
CA LEU A 122 3.37 -9.95 -9.04
C LEU A 122 2.23 -10.97 -9.07
N ASP A 123 2.55 -12.21 -8.70
CA ASP A 123 1.56 -13.28 -8.69
C ASP A 123 1.30 -13.75 -7.26
N VAL A 124 0.09 -14.26 -7.02
CA VAL A 124 -0.28 -14.75 -5.69
C VAL A 124 0.85 -15.55 -5.06
N SER A 125 1.53 -16.34 -5.87
CA SER A 125 2.64 -17.16 -5.39
C SER A 125 3.92 -16.34 -5.32
N SER A 126 4.36 -15.85 -6.47
CA SER A 126 5.58 -15.05 -6.56
C SER A 126 5.53 -13.88 -5.58
N PHE A 127 4.56 -13.01 -5.76
CA PHE A 127 4.39 -11.84 -4.88
C PHE A 127 4.78 -12.19 -3.45
N LEU A 128 4.03 -13.10 -2.84
CA LEU A 128 4.30 -13.51 -1.47
C LEU A 128 5.73 -14.03 -1.32
N ASP A 129 6.05 -15.08 -2.06
CA ASP A 129 7.39 -15.67 -2.01
C ASP A 129 8.45 -14.58 -1.88
N GLN A 130 8.33 -13.54 -2.69
CA GLN A 130 9.28 -12.43 -2.66
C GLN A 130 9.09 -11.58 -1.40
N VAL A 131 7.91 -10.99 -1.28
CA VAL A 131 7.59 -10.15 -0.12
C VAL A 131 7.83 -10.90 1.18
N THR A 132 7.07 -11.96 1.40
CA THR A 132 7.21 -12.76 2.61
C THR A 132 8.66 -12.82 3.07
N GLY A 133 9.54 -13.27 2.19
CA GLY A 133 10.94 -13.37 2.52
C GLY A 133 11.57 -12.02 2.82
N PHE A 134 11.39 -11.07 1.89
CA PHE A 134 11.94 -9.73 2.06
C PHE A 134 11.89 -9.30 3.53
N LEU A 135 10.71 -9.46 4.14
CA LEU A 135 10.54 -9.08 5.54
C LEU A 135 11.43 -9.92 6.45
N GLY A 136 11.48 -11.21 6.18
CA GLY A 136 12.30 -12.10 6.99
C GLY A 136 13.75 -11.67 7.05
N GLU A 137 14.27 -11.20 5.91
CA GLU A 137 15.66 -10.75 5.84
C GLU A 137 15.79 -9.35 6.42
N HIS A 138 15.10 -8.39 5.83
CA HIS A 138 15.15 -7.00 6.28
C HIS A 138 14.48 -6.86 7.64
N GLY A 139 13.22 -7.25 7.72
CA GLY A 139 12.48 -7.16 8.97
C GLY A 139 11.39 -6.10 8.93
N GLN A 140 11.41 -5.19 9.88
CA GLN A 140 10.42 -4.12 9.96
C GLN A 140 10.92 -2.86 9.26
N LEU A 141 11.93 -2.23 9.84
CA LEU A 141 12.50 -1.02 9.29
C LEU A 141 13.92 -0.80 9.80
N ASP A 142 14.68 0.04 9.09
CA ASP A 142 16.05 0.34 9.47
C ASP A 142 16.90 -0.94 9.52
N GLY A 143 16.57 -1.88 8.64
CA GLY A 143 17.30 -3.14 8.60
C GLY A 143 18.36 -3.15 7.52
N LEU A 144 19.55 -3.67 7.86
CA LEU A 144 20.65 -3.74 6.91
C LEU A 144 21.56 -4.93 7.22
N SER A 145 22.30 -5.37 6.21
CA SER A 145 23.21 -6.49 6.38
C SER A 145 24.24 -6.54 5.24
N SER A 146 25.38 -7.15 5.52
CA SER A 146 26.45 -7.26 4.53
C SER A 146 27.27 -8.53 4.74
N SER A 147 27.62 -9.20 3.65
CA SER A 147 28.40 -10.42 3.72
C SER A 147 27.66 -11.50 4.51
N SER A 148 26.36 -11.60 4.27
CA SER A 148 25.53 -12.59 4.96
C SER A 148 24.68 -13.38 3.98
N GLY A 149 24.21 -14.54 4.41
CA GLY A 149 23.39 -15.37 3.55
C GLY A 149 22.29 -16.09 4.31
N PRO A 150 21.05 -15.61 4.15
CA PRO A 150 19.88 -16.19 4.82
C PRO A 150 19.53 -17.58 4.27
N SER A 151 19.90 -18.61 5.02
CA SER A 151 19.63 -19.99 4.60
C SER A 151 18.19 -20.37 4.92
N SER A 152 17.71 -19.96 6.09
CA SER A 152 16.36 -20.26 6.52
C SER A 152 16.08 -21.75 6.42
N GLY A 153 17.05 -22.56 6.81
CA GLY A 153 16.90 -24.01 6.76
C GLY A 153 17.50 -24.61 5.51
N GLY A 1 -16.87 -46.30 -29.72
CA GLY A 1 -16.85 -44.86 -29.88
C GLY A 1 -17.02 -44.14 -28.55
N SER A 2 -16.44 -42.94 -28.45
CA SER A 2 -16.53 -42.16 -27.23
C SER A 2 -16.30 -40.67 -27.53
N SER A 3 -16.96 -39.81 -26.75
CA SER A 3 -16.83 -38.37 -26.93
C SER A 3 -17.21 -37.64 -25.65
N GLY A 4 -16.70 -36.41 -25.52
CA GLY A 4 -16.99 -35.62 -24.34
C GLY A 4 -16.82 -34.13 -24.58
N SER A 5 -17.07 -33.32 -23.55
CA SER A 5 -16.94 -31.87 -23.66
C SER A 5 -16.93 -31.22 -22.28
N SER A 6 -16.41 -30.01 -22.22
CA SER A 6 -16.33 -29.27 -20.95
C SER A 6 -16.58 -27.79 -21.17
N GLY A 7 -16.80 -27.07 -20.08
CA GLY A 7 -17.06 -25.64 -20.17
C GLY A 7 -16.45 -24.87 -19.02
N ILE A 8 -16.57 -23.55 -19.07
CA ILE A 8 -16.02 -22.69 -18.02
C ILE A 8 -16.95 -21.52 -17.73
N ASP A 9 -17.65 -21.60 -16.61
CA ASP A 9 -18.58 -20.54 -16.21
C ASP A 9 -18.73 -20.50 -14.69
N LYS A 10 -19.40 -19.45 -14.20
CA LYS A 10 -19.62 -19.30 -12.77
C LYS A 10 -20.65 -20.29 -12.26
N LYS A 11 -20.22 -21.18 -11.37
CA LYS A 11 -21.10 -22.18 -10.79
C LYS A 11 -21.41 -21.87 -9.34
N LEU A 12 -20.42 -21.35 -8.62
CA LEU A 12 -20.58 -21.01 -7.21
C LEU A 12 -21.77 -20.06 -7.02
N THR A 13 -22.54 -20.32 -5.97
CA THR A 13 -23.71 -19.49 -5.67
C THR A 13 -24.06 -19.55 -4.18
N THR A 14 -24.03 -18.40 -3.53
CA THR A 14 -24.34 -18.32 -2.11
C THR A 14 -24.77 -16.91 -1.72
N LEU A 15 -25.66 -16.82 -0.73
CA LEU A 15 -26.16 -15.53 -0.27
C LEU A 15 -25.01 -14.61 0.10
N ALA A 16 -24.90 -13.49 -0.60
CA ALA A 16 -23.84 -12.51 -0.35
C ALA A 16 -23.96 -11.93 1.06
N ASP A 17 -22.87 -11.99 1.83
CA ASP A 17 -22.87 -11.47 3.19
C ASP A 17 -22.52 -9.98 3.19
N LEU A 18 -21.29 -9.66 2.83
CA LEU A 18 -20.83 -8.28 2.80
C LEU A 18 -20.85 -7.73 1.37
N PHE A 19 -21.19 -6.46 1.24
CA PHE A 19 -21.25 -5.81 -0.07
C PHE A 19 -20.24 -4.66 -0.15
N ARG A 20 -20.09 -3.94 0.95
CA ARG A 20 -19.17 -2.81 1.00
C ARG A 20 -17.72 -3.29 1.15
N PRO A 21 -16.79 -2.58 0.50
CA PRO A 21 -15.37 -2.92 0.55
C PRO A 21 -14.75 -2.66 1.91
N PRO A 22 -13.65 -3.37 2.21
CA PRO A 22 -12.95 -3.23 3.49
C PRO A 22 -12.24 -1.89 3.61
N ILE A 23 -12.96 -0.88 4.10
CA ILE A 23 -12.39 0.45 4.26
C ILE A 23 -11.10 0.40 5.09
N ASP A 24 -10.99 -0.61 5.94
CA ASP A 24 -9.81 -0.77 6.78
C ASP A 24 -8.54 -0.64 5.95
N LEU A 25 -8.53 -1.29 4.79
CA LEU A 25 -7.37 -1.25 3.90
C LEU A 25 -7.12 0.16 3.39
N MET A 26 -8.16 0.78 2.85
CA MET A 26 -8.06 2.14 2.32
C MET A 26 -7.49 3.09 3.37
N HIS A 27 -6.25 3.52 3.16
CA HIS A 27 -5.60 4.44 4.10
C HIS A 27 -6.13 5.86 3.92
N LYS A 28 -5.77 6.73 4.86
CA LYS A 28 -6.20 8.12 4.81
C LYS A 28 -6.20 8.65 3.37
N GLY A 29 -5.10 8.38 2.67
CA GLY A 29 -5.00 8.84 1.28
C GLY A 29 -4.10 10.05 1.14
N SER A 30 -2.88 9.95 1.67
CA SER A 30 -1.92 11.05 1.59
C SER A 30 -0.53 10.55 1.23
N PHE A 31 0.07 11.18 0.23
CA PHE A 31 1.40 10.80 -0.23
C PHE A 31 2.45 11.12 0.83
N GLU A 32 2.36 12.31 1.40
CA GLU A 32 3.30 12.75 2.42
C GLU A 32 3.13 11.93 3.70
N THR A 33 1.88 11.81 4.15
CA THR A 33 1.58 11.05 5.37
C THR A 33 2.07 9.62 5.26
N ALA A 34 1.79 8.98 4.13
CA ALA A 34 2.20 7.61 3.90
C ALA A 34 3.62 7.36 4.43
N LYS A 35 4.54 8.26 4.11
CA LYS A 35 5.91 8.15 4.56
C LYS A 35 6.02 8.47 6.05
N GLU A 36 5.38 9.55 6.47
CA GLU A 36 5.41 9.96 7.88
C GLU A 36 4.91 8.83 8.77
N CYS A 37 3.65 8.45 8.61
CA CYS A 37 3.06 7.40 9.41
C CYS A 37 3.97 6.18 9.47
N GLY A 38 4.46 5.74 8.32
CA GLY A 38 5.34 4.59 8.27
C GLY A 38 6.28 4.53 9.46
N GLN A 39 6.75 5.69 9.91
CA GLN A 39 7.65 5.77 11.05
C GLN A 39 6.93 5.41 12.35
N MET A 40 5.95 6.23 12.71
CA MET A 40 5.18 6.01 13.93
C MET A 40 4.58 4.61 13.94
N GLN A 41 3.88 4.27 12.86
CA GLN A 41 3.24 2.96 12.74
C GLN A 41 4.30 1.85 12.69
N ASN A 42 5.52 2.22 12.31
CA ASN A 42 6.61 1.25 12.22
C ASN A 42 6.31 0.19 11.17
N LYS A 43 5.81 0.63 10.02
CA LYS A 43 5.47 -0.28 8.94
C LYS A 43 5.99 0.25 7.60
N TRP A 44 6.40 -0.67 6.73
CA TRP A 44 6.93 -0.29 5.42
C TRP A 44 5.86 0.42 4.59
N LEU A 45 6.24 0.84 3.39
CA LEU A 45 5.32 1.54 2.49
C LEU A 45 5.25 0.85 1.14
N MET A 46 4.08 0.35 0.78
CA MET A 46 3.89 -0.32 -0.50
C MET A 46 2.89 0.44 -1.37
N ILE A 47 3.40 1.13 -2.38
CA ILE A 47 2.56 1.90 -3.29
C ILE A 47 2.23 1.09 -4.54
N ASN A 48 0.97 1.15 -4.96
CA ASN A 48 0.52 0.43 -6.15
C ASN A 48 -0.27 1.35 -7.08
N ILE A 49 0.24 1.53 -8.29
CA ILE A 49 -0.41 2.38 -9.28
C ILE A 49 -1.34 1.57 -10.17
N GLN A 50 -2.65 1.76 -9.98
CA GLN A 50 -3.64 1.05 -10.77
C GLN A 50 -3.98 1.82 -12.04
N ASN A 51 -3.67 1.21 -13.19
CA ASN A 51 -3.94 1.84 -14.48
C ASN A 51 -5.44 1.96 -14.73
N VAL A 52 -5.87 3.10 -15.25
CA VAL A 52 -7.29 3.32 -15.54
C VAL A 52 -7.94 2.06 -16.08
N GLN A 53 -7.21 1.33 -16.92
CA GLN A 53 -7.72 0.10 -17.51
C GLN A 53 -8.17 -0.88 -16.42
N ASP A 54 -9.48 -1.07 -16.32
CA ASP A 54 -10.05 -1.98 -15.33
C ASP A 54 -10.04 -3.42 -15.83
N PHE A 55 -9.23 -3.66 -16.87
CA PHE A 55 -9.13 -5.00 -17.45
C PHE A 55 -7.85 -5.70 -16.99
N ALA A 56 -6.80 -4.91 -16.77
CA ALA A 56 -5.52 -5.45 -16.32
C ALA A 56 -5.48 -5.59 -14.81
N CYS A 57 -5.56 -4.46 -14.12
CA CYS A 57 -5.54 -4.47 -12.65
C CYS A 57 -6.55 -5.47 -12.09
N GLN A 58 -7.70 -5.57 -12.76
CA GLN A 58 -8.75 -6.48 -12.32
C GLN A 58 -8.25 -7.93 -12.30
N CYS A 59 -7.39 -8.26 -13.26
CA CYS A 59 -6.84 -9.61 -13.36
C CYS A 59 -6.16 -10.01 -12.06
N LEU A 60 -5.29 -9.13 -11.55
CA LEU A 60 -4.57 -9.41 -10.31
C LEU A 60 -5.51 -9.32 -9.12
N ASN A 61 -6.19 -8.19 -8.98
CA ASN A 61 -7.13 -7.98 -7.87
C ASN A 61 -8.03 -9.19 -7.69
N ARG A 62 -8.12 -10.02 -8.73
CA ARG A 62 -8.95 -11.22 -8.69
C ARG A 62 -8.51 -12.15 -7.55
N ASP A 63 -7.28 -12.65 -7.66
CA ASP A 63 -6.75 -13.55 -6.63
C ASP A 63 -5.52 -12.93 -5.97
N VAL A 64 -4.70 -12.25 -6.76
CA VAL A 64 -3.49 -11.62 -6.25
C VAL A 64 -3.78 -10.82 -4.98
N TRP A 65 -4.49 -9.72 -5.14
CA TRP A 65 -4.84 -8.86 -4.00
C TRP A 65 -5.98 -9.48 -3.19
N SER A 66 -7.03 -9.92 -3.88
CA SER A 66 -8.18 -10.53 -3.22
C SER A 66 -7.74 -11.41 -2.06
N ASN A 67 -6.60 -12.06 -2.23
CA ASN A 67 -6.05 -12.94 -1.20
C ASN A 67 -5.97 -12.21 0.14
N GLU A 68 -6.88 -12.55 1.06
CA GLU A 68 -6.91 -11.92 2.38
C GLU A 68 -5.51 -11.87 2.97
N ALA A 69 -4.85 -13.03 3.06
CA ALA A 69 -3.51 -13.11 3.61
C ALA A 69 -2.62 -12.02 3.03
N VAL A 70 -2.75 -11.77 1.74
CA VAL A 70 -1.95 -10.74 1.07
C VAL A 70 -2.34 -9.35 1.55
N LYS A 71 -3.61 -9.17 1.89
CA LYS A 71 -4.09 -7.88 2.38
C LYS A 71 -3.62 -7.62 3.80
N ASN A 72 -3.97 -8.53 4.70
CA ASN A 72 -3.58 -8.40 6.11
C ASN A 72 -2.09 -8.09 6.23
N ILE A 73 -1.35 -8.38 5.18
CA ILE A 73 0.09 -8.13 5.18
C ILE A 73 0.40 -6.72 4.68
N ILE A 74 -0.05 -6.41 3.47
CA ILE A 74 0.16 -5.10 2.89
C ILE A 74 -0.38 -3.99 3.78
N ARG A 75 -1.29 -4.36 4.68
CA ARG A 75 -1.90 -3.40 5.60
C ARG A 75 -1.05 -3.25 6.86
N GLU A 76 -0.50 -4.36 7.33
CA GLU A 76 0.32 -4.36 8.54
C GLU A 76 1.79 -4.10 8.19
N HIS A 77 2.41 -5.07 7.52
CA HIS A 77 3.81 -4.95 7.12
C HIS A 77 4.05 -3.66 6.36
N PHE A 78 3.10 -3.29 5.50
CA PHE A 78 3.21 -2.07 4.71
C PHE A 78 1.97 -1.21 4.86
N ILE A 79 1.98 -0.04 4.22
CA ILE A 79 0.86 0.87 4.29
C ILE A 79 0.08 0.89 2.97
N PHE A 80 -1.09 0.26 2.97
CA PHE A 80 -1.93 0.20 1.77
C PHE A 80 -2.16 1.59 1.20
N TRP A 81 -1.59 1.85 0.03
CA TRP A 81 -1.74 3.15 -0.62
C TRP A 81 -1.87 2.99 -2.12
N GLN A 82 -3.10 3.11 -2.62
CA GLN A 82 -3.37 2.97 -4.05
C GLN A 82 -3.88 4.30 -4.63
N VAL A 83 -3.35 4.66 -5.79
CA VAL A 83 -3.74 5.89 -6.47
C VAL A 83 -3.52 5.81 -7.97
N TYR A 84 -4.55 6.09 -8.74
CA TYR A 84 -4.47 6.05 -10.19
C TYR A 84 -3.44 7.05 -10.70
N HIS A 85 -3.00 6.85 -11.94
CA HIS A 85 -2.02 7.74 -12.56
C HIS A 85 -2.65 9.08 -12.93
N ASP A 86 -3.84 9.02 -13.52
CA ASP A 86 -4.56 10.23 -13.93
C ASP A 86 -4.58 11.25 -12.78
N SER A 87 -4.90 10.77 -11.59
CA SER A 87 -4.96 11.64 -10.41
C SER A 87 -3.63 12.35 -10.19
N GLU A 88 -3.64 13.31 -9.27
CA GLU A 88 -2.43 14.07 -8.96
C GLU A 88 -1.35 13.15 -8.38
N GLU A 89 -1.64 12.56 -7.23
CA GLU A 89 -0.69 11.67 -6.57
C GLU A 89 0.02 10.80 -7.60
N GLY A 90 -0.75 10.13 -8.43
CA GLY A 90 -0.17 9.26 -9.45
C GLY A 90 0.82 9.98 -10.33
N GLN A 91 0.37 11.06 -10.97
CA GLN A 91 1.23 11.84 -11.84
C GLN A 91 2.60 12.07 -11.22
N ARG A 92 2.60 12.62 -10.01
CA ARG A 92 3.85 12.90 -9.30
C ARG A 92 4.73 11.65 -9.25
N TYR A 93 4.17 10.55 -8.77
CA TYR A 93 4.91 9.29 -8.68
C TYR A 93 5.76 9.07 -9.93
N ILE A 94 5.15 9.26 -11.09
CA ILE A 94 5.86 9.09 -12.35
C ILE A 94 7.12 9.94 -12.41
N GLN A 95 6.98 11.21 -12.04
CA GLN A 95 8.12 12.13 -12.05
C GLN A 95 9.17 11.71 -11.02
N PHE A 96 8.79 10.77 -10.16
CA PHE A 96 9.69 10.28 -9.11
C PHE A 96 10.77 9.38 -9.71
N TYR A 97 10.34 8.24 -10.24
CA TYR A 97 11.28 7.29 -10.84
C TYR A 97 11.09 7.22 -12.36
N LYS A 98 10.45 8.23 -12.91
CA LYS A 98 10.20 8.30 -14.34
C LYS A 98 9.53 7.01 -14.83
N LEU A 99 8.51 6.57 -14.11
CA LEU A 99 7.79 5.35 -14.48
C LEU A 99 7.16 5.48 -15.86
N GLY A 100 6.96 4.35 -16.53
CA GLY A 100 6.36 4.36 -17.85
C GLY A 100 5.79 3.02 -18.24
N ASP A 101 5.17 2.34 -17.28
CA ASP A 101 4.58 1.02 -17.54
C ASP A 101 3.58 0.66 -16.44
N PHE A 102 2.62 -0.19 -16.78
CA PHE A 102 1.61 -0.62 -15.82
C PHE A 102 1.09 -2.02 -16.17
N PRO A 103 0.64 -2.75 -15.15
CA PRO A 103 0.64 -2.26 -13.76
C PRO A 103 2.05 -2.15 -13.19
N TYR A 104 2.19 -1.36 -12.13
CA TYR A 104 3.48 -1.17 -11.49
C TYR A 104 3.36 -1.26 -9.97
N VAL A 105 4.39 -1.82 -9.34
CA VAL A 105 4.40 -1.97 -7.89
C VAL A 105 5.82 -1.89 -7.34
N SER A 106 5.97 -1.19 -6.21
CA SER A 106 7.27 -1.03 -5.58
C SER A 106 7.12 -0.71 -4.10
N ILE A 107 8.24 -0.72 -3.38
CA ILE A 107 8.24 -0.43 -1.95
C ILE A 107 9.26 0.64 -1.61
N LEU A 108 8.88 1.56 -0.72
CA LEU A 108 9.76 2.63 -0.30
C LEU A 108 10.01 2.59 1.21
N ASP A 109 11.04 3.28 1.65
CA ASP A 109 11.39 3.33 3.06
C ASP A 109 10.92 4.63 3.70
N PRO A 110 10.24 4.51 4.86
CA PRO A 110 9.73 5.68 5.59
C PRO A 110 10.84 6.52 6.20
N ARG A 111 12.06 5.98 6.19
CA ARG A 111 13.21 6.69 6.74
C ARG A 111 13.95 7.46 5.66
N THR A 112 14.28 6.78 4.57
CA THR A 112 14.99 7.40 3.46
C THR A 112 14.03 7.82 2.35
N GLY A 113 13.08 6.94 2.04
CA GLY A 113 12.11 7.21 1.00
C GLY A 113 12.64 6.91 -0.39
N GLN A 114 13.43 5.84 -0.50
CA GLN A 114 14.00 5.44 -1.77
C GLN A 114 13.37 4.15 -2.28
N LYS A 115 13.69 3.78 -3.51
CA LYS A 115 13.15 2.56 -4.11
C LYS A 115 13.80 1.33 -3.50
N LEU A 116 13.04 0.59 -2.70
CA LEU A 116 13.54 -0.62 -2.05
C LEU A 116 13.57 -1.79 -3.04
N VAL A 117 12.44 -2.06 -3.67
CA VAL A 117 12.33 -3.15 -4.63
C VAL A 117 11.53 -2.72 -5.86
N GLU A 118 11.50 -3.58 -6.87
CA GLU A 118 10.77 -3.29 -8.10
C GLU A 118 10.08 -4.54 -8.63
N TRP A 119 8.75 -4.48 -8.74
CA TRP A 119 7.98 -5.61 -9.23
C TRP A 119 6.99 -5.16 -10.30
N HIS A 120 7.00 -5.84 -11.44
CA HIS A 120 6.10 -5.51 -12.54
C HIS A 120 4.87 -6.41 -12.52
N GLN A 121 5.10 -7.72 -12.52
CA GLN A 121 4.01 -8.69 -12.51
C GLN A 121 4.10 -9.59 -11.29
N LEU A 122 3.19 -9.41 -10.35
CA LEU A 122 3.17 -10.21 -9.13
C LEU A 122 1.99 -11.18 -9.13
N ASP A 123 2.22 -12.38 -8.61
CA ASP A 123 1.17 -13.40 -8.55
C ASP A 123 0.95 -13.87 -7.12
N VAL A 124 -0.07 -14.70 -6.92
CA VAL A 124 -0.39 -15.21 -5.60
C VAL A 124 0.81 -15.92 -4.98
N SER A 125 1.42 -16.83 -5.76
CA SER A 125 2.58 -17.57 -5.29
C SER A 125 3.83 -16.70 -5.28
N SER A 126 4.10 -16.05 -6.42
CA SER A 126 5.25 -15.19 -6.55
C SER A 126 5.24 -14.09 -5.49
N PHE A 127 4.20 -13.27 -5.51
CA PHE A 127 4.06 -12.17 -4.56
C PHE A 127 4.43 -12.63 -3.15
N LEU A 128 3.60 -13.50 -2.59
CA LEU A 128 3.85 -14.02 -1.25
C LEU A 128 5.33 -14.31 -1.03
N ASP A 129 5.90 -15.12 -1.91
CA ASP A 129 7.31 -15.47 -1.82
C ASP A 129 8.18 -14.22 -1.75
N GLN A 130 7.97 -13.30 -2.68
CA GLN A 130 8.73 -12.06 -2.73
C GLN A 130 8.63 -11.31 -1.40
N VAL A 131 7.41 -11.11 -0.93
CA VAL A 131 7.18 -10.41 0.33
C VAL A 131 7.79 -11.17 1.50
N THR A 132 7.28 -12.37 1.75
CA THR A 132 7.76 -13.21 2.86
C THR A 132 9.29 -13.18 2.91
N GLY A 133 9.92 -13.37 1.76
CA GLY A 133 11.37 -13.37 1.70
C GLY A 133 11.96 -11.99 1.88
N PHE A 134 11.32 -10.99 1.27
CA PHE A 134 11.79 -9.62 1.36
C PHE A 134 11.85 -9.15 2.82
N LEU A 135 10.77 -9.40 3.55
CA LEU A 135 10.71 -9.02 4.96
C LEU A 135 11.92 -9.53 5.73
N GLY A 136 12.32 -10.76 5.44
CA GLY A 136 13.47 -11.34 6.10
C GLY A 136 14.78 -10.81 5.58
N GLU A 137 14.89 -10.71 4.26
CA GLU A 137 16.10 -10.20 3.62
C GLU A 137 16.60 -8.95 4.33
N HIS A 138 15.74 -7.94 4.42
CA HIS A 138 16.09 -6.68 5.06
C HIS A 138 15.75 -6.72 6.55
N GLY A 139 14.49 -7.04 6.85
CA GLY A 139 14.06 -7.10 8.23
C GLY A 139 13.02 -6.04 8.58
N GLN A 140 12.27 -6.28 9.64
CA GLN A 140 11.23 -5.34 10.07
C GLN A 140 11.85 -4.11 10.72
N LEU A 141 11.10 -3.02 10.74
CA LEU A 141 11.57 -1.77 11.35
C LEU A 141 11.86 -1.97 12.83
N ASP A 142 12.46 -0.95 13.45
CA ASP A 142 12.78 -1.01 14.87
C ASP A 142 11.57 -1.48 15.69
N GLY A 143 10.41 -0.87 15.42
CA GLY A 143 9.21 -1.24 16.13
C GLY A 143 9.05 -2.73 16.30
N LEU A 144 8.23 -3.14 17.25
CA LEU A 144 8.00 -4.56 17.50
C LEU A 144 7.13 -5.18 16.41
N SER A 145 6.97 -6.50 16.46
CA SER A 145 6.16 -7.21 15.48
C SER A 145 5.67 -8.55 16.04
N SER A 146 4.50 -8.98 15.57
CA SER A 146 3.91 -10.24 16.03
C SER A 146 3.55 -11.13 14.85
N SER A 147 3.40 -12.42 15.11
CA SER A 147 3.06 -13.38 14.07
C SER A 147 1.55 -13.60 14.01
N SER A 148 0.94 -13.20 12.89
CA SER A 148 -0.50 -13.34 12.70
C SER A 148 -0.80 -14.38 11.62
N GLY A 149 -1.61 -15.37 11.97
CA GLY A 149 -1.96 -16.41 11.02
C GLY A 149 -1.95 -17.79 11.64
N PRO A 150 -2.71 -18.73 11.03
CA PRO A 150 -2.80 -20.10 11.51
C PRO A 150 -1.50 -20.87 11.30
N SER A 151 -1.22 -21.81 12.20
CA SER A 151 -0.01 -22.62 12.11
C SER A 151 0.31 -22.97 10.66
N SER A 152 -0.66 -23.56 9.97
CA SER A 152 -0.49 -23.95 8.58
C SER A 152 -0.28 -22.72 7.70
N GLY A 153 -1.22 -21.78 7.77
CA GLY A 153 -1.14 -20.57 6.97
C GLY A 153 -1.63 -20.77 5.56
N GLY A 1 9.25 16.07 18.92
CA GLY A 1 8.00 16.51 18.34
C GLY A 1 6.81 16.22 19.24
N SER A 2 5.82 17.10 19.21
CA SER A 2 4.62 16.94 20.02
C SER A 2 3.36 16.98 19.16
N SER A 3 2.38 16.16 19.54
CA SER A 3 1.12 16.10 18.80
C SER A 3 -0.02 15.68 19.72
N GLY A 4 -1.25 15.83 19.23
CA GLY A 4 -2.41 15.47 20.02
C GLY A 4 -3.27 16.67 20.37
N SER A 5 -4.39 16.83 19.65
CA SER A 5 -5.28 17.94 19.90
C SER A 5 -6.41 17.54 20.85
N SER A 6 -7.12 16.48 20.51
CA SER A 6 -8.22 15.99 21.33
C SER A 6 -8.52 14.52 21.04
N GLY A 7 -9.24 13.87 21.94
CA GLY A 7 -9.57 12.48 21.76
C GLY A 7 -10.38 11.91 22.92
N ILE A 8 -11.65 12.30 22.99
CA ILE A 8 -12.53 11.83 24.06
C ILE A 8 -13.78 11.17 23.49
N ASP A 9 -14.06 9.95 23.94
CA ASP A 9 -15.23 9.22 23.47
C ASP A 9 -15.78 8.33 24.58
N LYS A 10 -16.98 8.66 25.06
CA LYS A 10 -17.62 7.90 26.12
C LYS A 10 -19.13 7.80 25.90
N LYS A 11 -19.61 6.59 25.66
CA LYS A 11 -21.03 6.37 25.43
C LYS A 11 -21.44 4.95 25.83
N LEU A 12 -22.65 4.81 26.36
CA LEU A 12 -23.16 3.51 26.78
C LEU A 12 -24.06 2.91 25.70
N THR A 13 -23.58 1.84 25.07
CA THR A 13 -24.33 1.17 24.03
C THR A 13 -23.81 -0.25 23.79
N THR A 14 -24.66 -1.10 23.24
CA THR A 14 -24.29 -2.48 22.96
C THR A 14 -22.88 -2.57 22.40
N LEU A 15 -22.65 -1.87 21.30
CA LEU A 15 -21.34 -1.86 20.65
C LEU A 15 -20.93 -3.28 20.22
N ALA A 16 -21.86 -3.98 19.59
CA ALA A 16 -21.61 -5.34 19.12
C ALA A 16 -20.32 -5.40 18.29
N ASP A 17 -19.45 -6.35 18.63
CA ASP A 17 -18.19 -6.52 17.91
C ASP A 17 -18.44 -6.93 16.47
N LEU A 18 -18.27 -5.99 15.54
CA LEU A 18 -18.47 -6.26 14.13
C LEU A 18 -17.58 -7.40 13.65
N PHE A 19 -18.19 -8.44 13.09
CA PHE A 19 -17.45 -9.60 12.60
C PHE A 19 -16.16 -9.16 11.91
N ARG A 20 -16.30 -8.38 10.84
CA ARG A 20 -15.16 -7.89 10.09
C ARG A 20 -15.36 -6.44 9.65
N PRO A 21 -14.34 -5.60 9.87
CA PRO A 21 -14.39 -4.19 9.50
C PRO A 21 -14.36 -3.98 7.98
N PRO A 22 -15.26 -3.13 7.48
CA PRO A 22 -15.35 -2.83 6.05
C PRO A 22 -14.16 -2.01 5.55
N ILE A 23 -13.19 -1.80 6.43
CA ILE A 23 -12.00 -1.04 6.08
C ILE A 23 -11.58 -1.30 4.63
N ASP A 24 -11.80 -2.54 4.18
CA ASP A 24 -11.44 -2.92 2.82
C ASP A 24 -10.00 -2.55 2.50
N LEU A 25 -9.12 -2.73 3.48
CA LEU A 25 -7.71 -2.41 3.30
C LEU A 25 -7.52 -0.93 2.98
N MET A 26 -8.37 -0.09 3.55
CA MET A 26 -8.30 1.35 3.33
C MET A 26 -7.13 1.96 4.11
N HIS A 27 -6.55 3.02 3.56
CA HIS A 27 -5.42 3.70 4.19
C HIS A 27 -5.78 5.14 4.53
N LYS A 28 -6.68 5.72 3.74
CA LYS A 28 -7.10 7.10 3.94
C LYS A 28 -5.91 8.01 4.20
N GLY A 29 -4.78 7.67 3.58
CA GLY A 29 -3.58 8.47 3.74
C GLY A 29 -3.06 9.03 2.44
N SER A 30 -2.98 10.35 2.35
CA SER A 30 -2.51 11.01 1.14
C SER A 30 -1.03 10.72 0.89
N PHE A 31 -0.48 11.29 -0.17
CA PHE A 31 0.92 11.09 -0.51
C PHE A 31 1.82 11.48 0.65
N GLU A 32 1.81 12.76 1.01
CA GLU A 32 2.62 13.26 2.11
C GLU A 32 2.36 12.46 3.39
N THR A 33 1.10 12.41 3.80
CA THR A 33 0.72 11.69 5.01
C THR A 33 1.24 10.25 4.98
N ALA A 34 1.08 9.60 3.83
CA ALA A 34 1.54 8.22 3.67
C ALA A 34 2.92 8.02 4.29
N LYS A 35 3.92 8.66 3.71
CA LYS A 35 5.29 8.56 4.21
C LYS A 35 5.34 8.79 5.72
N GLU A 36 4.58 9.77 6.18
CA GLU A 36 4.54 10.10 7.60
C GLU A 36 4.05 8.90 8.42
N CYS A 37 2.98 8.27 7.95
CA CYS A 37 2.42 7.11 8.64
C CYS A 37 3.47 6.02 8.81
N GLY A 38 3.94 5.48 7.69
CA GLY A 38 4.94 4.42 7.75
C GLY A 38 5.92 4.60 8.89
N GLN A 39 6.28 5.85 9.15
CA GLN A 39 7.22 6.17 10.23
C GLN A 39 6.62 5.82 11.59
N MET A 40 5.54 6.50 11.94
CA MET A 40 4.87 6.26 13.22
C MET A 40 4.37 4.83 13.32
N GLN A 41 3.64 4.38 12.29
CA GLN A 41 3.11 3.03 12.27
C GLN A 41 4.24 2.00 12.20
N ASN A 42 5.38 2.42 11.67
CA ASN A 42 6.54 1.54 11.55
C ASN A 42 6.25 0.39 10.59
N LYS A 43 5.70 0.72 9.43
CA LYS A 43 5.37 -0.28 8.42
C LYS A 43 5.80 0.19 7.03
N TRP A 44 6.12 -0.76 6.16
CA TRP A 44 6.55 -0.45 4.80
C TRP A 44 5.43 0.26 4.04
N LEU A 45 5.78 0.78 2.86
CA LEU A 45 4.80 1.48 2.03
C LEU A 45 4.70 0.84 0.64
N MET A 46 3.50 0.38 0.31
CA MET A 46 3.26 -0.25 -0.99
C MET A 46 2.59 0.72 -1.96
N ILE A 47 3.33 1.16 -2.97
CA ILE A 47 2.80 2.09 -3.96
C ILE A 47 2.22 1.34 -5.15
N ASN A 48 1.01 1.73 -5.55
CA ASN A 48 0.34 1.10 -6.69
C ASN A 48 -0.36 2.15 -7.56
N ILE A 49 -0.05 2.13 -8.84
CA ILE A 49 -0.65 3.07 -9.78
C ILE A 49 -1.87 2.46 -10.47
N GLN A 50 -3.06 2.90 -10.03
CA GLN A 50 -4.30 2.39 -10.60
C GLN A 50 -4.33 2.61 -12.11
N ASN A 51 -4.28 1.52 -12.87
CA ASN A 51 -4.31 1.60 -14.32
C ASN A 51 -5.72 1.89 -14.83
N VAL A 52 -5.83 2.89 -15.70
CA VAL A 52 -7.12 3.28 -16.27
C VAL A 52 -7.35 2.62 -17.62
N GLN A 53 -6.27 2.42 -18.37
CA GLN A 53 -6.36 1.80 -19.69
C GLN A 53 -6.00 0.31 -19.61
N ASP A 54 -4.88 0.01 -18.98
CA ASP A 54 -4.43 -1.36 -18.83
C ASP A 54 -5.33 -2.14 -17.87
N PHE A 55 -5.34 -3.46 -18.01
CA PHE A 55 -6.17 -4.31 -17.16
C PHE A 55 -5.30 -5.27 -16.35
N ALA A 56 -4.21 -5.72 -16.96
CA ALA A 56 -3.29 -6.64 -16.31
C ALA A 56 -3.14 -6.30 -14.83
N CYS A 57 -2.91 -5.02 -14.54
CA CYS A 57 -2.74 -4.56 -13.17
C CYS A 57 -3.95 -4.94 -12.31
N GLN A 58 -5.09 -4.32 -12.60
CA GLN A 58 -6.31 -4.59 -11.86
C GLN A 58 -6.55 -6.10 -11.73
N CYS A 59 -6.10 -6.85 -12.73
CA CYS A 59 -6.27 -8.29 -12.74
C CYS A 59 -5.69 -8.91 -11.47
N LEU A 60 -4.52 -8.45 -11.07
CA LEU A 60 -3.87 -8.95 -9.86
C LEU A 60 -4.79 -8.83 -8.65
N ASN A 61 -5.28 -7.62 -8.41
CA ASN A 61 -6.18 -7.38 -7.28
C ASN A 61 -7.20 -8.50 -7.15
N ARG A 62 -7.58 -9.09 -8.28
CA ARG A 62 -8.56 -10.18 -8.28
C ARG A 62 -8.29 -11.15 -7.14
N ASP A 63 -7.11 -11.77 -7.16
CA ASP A 63 -6.74 -12.73 -6.13
C ASP A 63 -5.50 -12.26 -5.37
N VAL A 64 -4.59 -11.61 -6.09
CA VAL A 64 -3.36 -11.10 -5.49
C VAL A 64 -3.66 -10.20 -4.29
N TRP A 65 -4.24 -9.04 -4.56
CA TRP A 65 -4.58 -8.09 -3.51
C TRP A 65 -5.93 -8.44 -2.87
N SER A 66 -6.36 -9.67 -3.09
CA SER A 66 -7.64 -10.14 -2.54
C SER A 66 -7.41 -11.22 -1.48
N ASN A 67 -6.39 -12.04 -1.69
CA ASN A 67 -6.06 -13.11 -0.76
C ASN A 67 -5.94 -12.58 0.66
N GLU A 68 -6.97 -12.82 1.48
CA GLU A 68 -6.97 -12.35 2.86
C GLU A 68 -5.57 -12.38 3.45
N ALA A 69 -4.95 -13.56 3.43
CA ALA A 69 -3.59 -13.71 3.95
C ALA A 69 -2.71 -12.53 3.56
N VAL A 70 -2.74 -12.18 2.27
CA VAL A 70 -1.94 -11.06 1.77
C VAL A 70 -2.44 -9.74 2.34
N LYS A 71 -3.75 -9.61 2.47
CA LYS A 71 -4.35 -8.38 3.00
C LYS A 71 -3.71 -7.99 4.32
N ASN A 72 -3.68 -8.92 5.27
CA ASN A 72 -3.09 -8.68 6.58
C ASN A 72 -1.64 -8.23 6.44
N ILE A 73 -1.03 -8.57 5.31
CA ILE A 73 0.37 -8.20 5.06
C ILE A 73 0.47 -6.80 4.49
N ILE A 74 -0.35 -6.52 3.49
CA ILE A 74 -0.35 -5.20 2.85
C ILE A 74 -0.92 -4.14 3.78
N ARG A 75 -1.44 -4.58 4.93
CA ARG A 75 -2.02 -3.67 5.91
C ARG A 75 -1.07 -3.48 7.10
N GLU A 76 -0.41 -4.57 7.49
CA GLU A 76 0.52 -4.52 8.61
C GLU A 76 1.95 -4.28 8.13
N HIS A 77 2.48 -5.24 7.38
CA HIS A 77 3.83 -5.13 6.85
C HIS A 77 3.97 -3.91 5.94
N PHE A 78 2.96 -3.68 5.11
CA PHE A 78 2.97 -2.54 4.19
C PHE A 78 1.70 -1.71 4.35
N ILE A 79 1.65 -0.58 3.66
CA ILE A 79 0.50 0.31 3.71
C ILE A 79 -0.20 0.39 2.36
N PHE A 80 -1.53 0.32 2.39
CA PHE A 80 -2.32 0.38 1.15
C PHE A 80 -2.32 1.79 0.59
N TRP A 81 -1.70 1.95 -0.58
CA TRP A 81 -1.62 3.24 -1.24
C TRP A 81 -1.93 3.13 -2.73
N GLN A 82 -3.14 3.53 -3.11
CA GLN A 82 -3.56 3.46 -4.51
C GLN A 82 -3.95 4.84 -5.02
N VAL A 83 -3.35 5.23 -6.15
CA VAL A 83 -3.63 6.53 -6.75
C VAL A 83 -3.74 6.42 -8.27
N TYR A 84 -4.77 7.03 -8.83
CA TYR A 84 -4.99 7.00 -10.27
C TYR A 84 -3.98 7.89 -10.99
N HIS A 85 -3.25 7.30 -11.94
CA HIS A 85 -2.26 8.04 -12.70
C HIS A 85 -2.74 9.45 -13.00
N ASP A 86 -4.02 9.58 -13.34
CA ASP A 86 -4.60 10.88 -13.65
C ASP A 86 -4.64 11.77 -12.41
N SER A 87 -5.07 11.19 -11.30
CA SER A 87 -5.16 11.94 -10.04
C SER A 87 -3.83 12.63 -9.73
N GLU A 88 -3.91 13.78 -9.06
CA GLU A 88 -2.73 14.53 -8.70
C GLU A 88 -1.67 13.62 -8.08
N GLU A 89 -2.01 13.01 -6.96
CA GLU A 89 -1.10 12.11 -6.26
C GLU A 89 -0.40 11.18 -7.24
N GLY A 90 -1.15 10.68 -8.21
CA GLY A 90 -0.59 9.79 -9.21
C GLY A 90 0.57 10.41 -9.95
N GLN A 91 0.28 11.43 -10.75
CA GLN A 91 1.32 12.10 -11.53
C GLN A 91 2.62 12.19 -10.75
N ARG A 92 2.52 12.56 -9.47
CA ARG A 92 3.69 12.68 -8.62
C ARG A 92 4.59 11.45 -8.75
N TYR A 93 4.01 10.28 -8.54
CA TYR A 93 4.76 9.03 -8.64
C TYR A 93 5.46 8.92 -9.98
N ILE A 94 4.69 9.03 -11.06
CA ILE A 94 5.23 8.94 -12.41
C ILE A 94 6.52 9.75 -12.54
N GLN A 95 6.51 10.95 -11.97
CA GLN A 95 7.68 11.83 -12.02
C GLN A 95 8.76 11.34 -11.07
N PHE A 96 8.34 10.84 -9.91
CA PHE A 96 9.29 10.33 -8.92
C PHE A 96 10.48 9.65 -9.58
N TYR A 97 10.22 8.50 -10.21
CA TYR A 97 11.26 7.75 -10.88
C TYR A 97 11.04 7.74 -12.39
N LYS A 98 10.22 8.67 -12.86
CA LYS A 98 9.92 8.77 -14.29
C LYS A 98 9.29 7.49 -14.81
N LEU A 99 8.42 6.90 -14.00
CA LEU A 99 7.74 5.66 -14.37
C LEU A 99 6.99 5.84 -15.69
N GLY A 100 6.74 4.72 -16.37
CA GLY A 100 6.03 4.77 -17.64
C GLY A 100 5.65 3.39 -18.14
N ASP A 101 5.15 2.55 -17.24
CA ASP A 101 4.76 1.20 -17.60
C ASP A 101 3.80 0.61 -16.55
N PHE A 102 3.17 -0.50 -16.90
CA PHE A 102 2.24 -1.16 -15.99
C PHE A 102 1.99 -2.61 -16.41
N PRO A 103 1.66 -3.45 -15.42
CA PRO A 103 1.53 -3.04 -14.03
C PRO A 103 2.87 -2.69 -13.40
N TYR A 104 2.82 -1.89 -12.34
CA TYR A 104 4.05 -1.48 -11.64
C TYR A 104 3.86 -1.56 -10.13
N VAL A 105 4.88 -2.07 -9.44
CA VAL A 105 4.83 -2.21 -7.99
C VAL A 105 6.21 -1.99 -7.37
N SER A 106 6.25 -1.27 -6.26
CA SER A 106 7.50 -0.99 -5.58
C SER A 106 7.26 -0.66 -4.11
N ILE A 107 8.21 -1.00 -3.26
CA ILE A 107 8.10 -0.73 -1.83
C ILE A 107 9.05 0.38 -1.40
N LEU A 108 8.49 1.43 -0.82
CA LEU A 108 9.28 2.58 -0.36
C LEU A 108 9.48 2.53 1.15
N ASP A 109 10.36 3.39 1.65
CA ASP A 109 10.64 3.44 3.08
C ASP A 109 10.21 4.79 3.66
N PRO A 110 9.35 4.75 4.68
CA PRO A 110 8.85 5.96 5.35
C PRO A 110 9.93 6.66 6.16
N ARG A 111 11.10 6.02 6.26
CA ARG A 111 12.21 6.59 7.01
C ARG A 111 13.19 7.30 6.08
N THR A 112 13.60 6.62 5.01
CA THR A 112 14.53 7.19 4.06
C THR A 112 13.79 7.79 2.86
N GLY A 113 12.80 7.05 2.37
CA GLY A 113 12.03 7.53 1.22
C GLY A 113 12.68 7.18 -0.10
N GLN A 114 13.27 5.99 -0.17
CA GLN A 114 13.93 5.53 -1.38
C GLN A 114 13.27 4.27 -1.93
N LYS A 115 13.74 3.81 -3.08
CA LYS A 115 13.20 2.60 -3.70
C LYS A 115 13.96 1.37 -3.25
N LEU A 116 13.31 0.54 -2.44
CA LEU A 116 13.93 -0.68 -1.94
C LEU A 116 13.86 -1.79 -2.98
N VAL A 117 12.64 -2.17 -3.35
CA VAL A 117 12.43 -3.22 -4.34
C VAL A 117 11.59 -2.73 -5.50
N GLU A 118 11.48 -3.55 -6.54
CA GLU A 118 10.70 -3.18 -7.73
C GLU A 118 10.22 -4.43 -8.45
N TRP A 119 8.90 -4.59 -8.54
CA TRP A 119 8.31 -5.73 -9.21
C TRP A 119 7.28 -5.29 -10.26
N HIS A 120 7.34 -5.90 -11.43
CA HIS A 120 6.42 -5.57 -12.51
C HIS A 120 5.22 -6.51 -12.51
N GLN A 121 5.49 -7.80 -12.64
CA GLN A 121 4.43 -8.80 -12.66
C GLN A 121 4.50 -9.69 -11.41
N LEU A 122 3.42 -9.69 -10.63
CA LEU A 122 3.36 -10.49 -9.41
C LEU A 122 2.13 -11.40 -9.42
N ASP A 123 2.13 -12.39 -8.55
CA ASP A 123 1.01 -13.32 -8.44
C ASP A 123 0.69 -13.62 -6.98
N VAL A 124 -0.42 -14.33 -6.77
CA VAL A 124 -0.85 -14.68 -5.41
C VAL A 124 0.28 -15.38 -4.65
N SER A 125 0.75 -16.50 -5.19
CA SER A 125 1.82 -17.25 -4.56
C SER A 125 3.15 -16.53 -4.69
N SER A 126 3.48 -16.12 -5.91
CA SER A 126 4.73 -15.41 -6.17
C SER A 126 4.93 -14.27 -5.18
N PHE A 127 3.89 -13.47 -4.99
CA PHE A 127 3.94 -12.35 -4.06
C PHE A 127 4.44 -12.80 -2.69
N LEU A 128 3.68 -13.68 -2.05
CA LEU A 128 4.04 -14.19 -0.73
C LEU A 128 5.49 -14.68 -0.71
N ASP A 129 5.84 -15.48 -1.71
CA ASP A 129 7.19 -16.02 -1.81
C ASP A 129 8.23 -14.92 -1.70
N GLN A 130 8.02 -13.84 -2.45
CA GLN A 130 8.94 -12.71 -2.45
C GLN A 130 8.82 -11.92 -1.14
N VAL A 131 7.64 -11.38 -0.89
CA VAL A 131 7.39 -10.60 0.32
C VAL A 131 8.02 -11.28 1.54
N THR A 132 7.58 -12.50 1.82
CA THR A 132 8.09 -13.25 2.96
C THR A 132 9.60 -13.13 3.07
N GLY A 133 10.30 -13.35 1.95
CA GLY A 133 11.74 -13.24 1.95
C GLY A 133 12.23 -11.90 2.44
N PHE A 134 11.87 -10.84 1.72
CA PHE A 134 12.28 -9.49 2.09
C PHE A 134 12.28 -9.31 3.61
N LEU A 135 11.13 -9.57 4.23
CA LEU A 135 10.98 -9.44 5.66
C LEU A 135 11.96 -10.37 6.39
N GLY A 136 11.96 -11.64 5.99
CA GLY A 136 12.85 -12.61 6.61
C GLY A 136 14.29 -12.18 6.59
N GLU A 137 14.70 -11.51 5.50
CA GLU A 137 16.07 -11.04 5.36
C GLU A 137 16.27 -9.73 6.12
N HIS A 138 15.54 -8.70 5.72
CA HIS A 138 15.64 -7.39 6.37
C HIS A 138 14.68 -7.29 7.54
N GLY A 139 13.39 -7.37 7.25
CA GLY A 139 12.39 -7.28 8.30
C GLY A 139 11.40 -6.16 8.08
N GLN A 140 10.83 -5.64 9.15
CA GLN A 140 9.86 -4.56 9.06
C GLN A 140 10.56 -3.21 8.96
N LEU A 141 11.21 -2.79 10.04
CA LEU A 141 11.93 -1.52 10.07
C LEU A 141 13.05 -1.55 11.09
N ASP A 142 13.86 -0.49 11.11
CA ASP A 142 14.98 -0.40 12.04
C ASP A 142 14.50 -0.50 13.48
N GLY A 143 15.32 -1.11 14.34
CA GLY A 143 14.96 -1.24 15.74
C GLY A 143 15.16 0.04 16.52
N LEU A 144 14.10 0.52 17.16
CA LEU A 144 14.18 1.74 17.95
C LEU A 144 14.65 1.44 19.37
N SER A 145 15.37 2.39 19.96
CA SER A 145 15.87 2.24 21.32
C SER A 145 14.97 2.94 22.33
N SER A 146 14.57 4.17 22.00
CA SER A 146 13.71 4.96 22.88
C SER A 146 12.42 4.20 23.17
N SER A 147 11.87 4.42 24.36
CA SER A 147 10.63 3.76 24.77
C SER A 147 9.43 4.38 24.06
N SER A 148 8.53 3.52 23.60
CA SER A 148 7.33 3.98 22.89
C SER A 148 6.07 3.51 23.61
N GLY A 149 5.20 4.46 23.94
CA GLY A 149 3.96 4.14 24.62
C GLY A 149 2.75 4.34 23.75
N PRO A 150 2.32 3.27 23.06
CA PRO A 150 1.16 3.31 22.17
C PRO A 150 -0.15 3.45 22.93
N SER A 151 -1.09 4.23 22.38
CA SER A 151 -2.37 4.45 23.01
C SER A 151 -3.28 3.23 22.86
N SER A 152 -3.96 2.85 23.94
CA SER A 152 -4.85 1.69 23.92
C SER A 152 -6.25 2.10 24.33
N GLY A 153 -7.20 1.95 23.40
CA GLY A 153 -8.58 2.31 23.69
C GLY A 153 -9.22 1.38 24.71
N GLY A 1 -5.13 -6.43 -36.88
CA GLY A 1 -5.49 -5.05 -37.10
C GLY A 1 -6.22 -4.43 -35.91
N SER A 2 -7.41 -4.95 -35.61
CA SER A 2 -8.20 -4.46 -34.51
C SER A 2 -8.44 -5.55 -33.47
N SER A 3 -8.52 -5.16 -32.20
CA SER A 3 -8.75 -6.10 -31.12
C SER A 3 -10.24 -6.30 -30.86
N GLY A 4 -10.98 -5.20 -30.84
CA GLY A 4 -12.41 -5.27 -30.60
C GLY A 4 -13.20 -4.35 -31.51
N SER A 5 -14.36 -4.80 -31.95
CA SER A 5 -15.21 -4.01 -32.83
C SER A 5 -15.71 -2.76 -32.13
N SER A 6 -16.18 -1.79 -32.91
CA SER A 6 -16.68 -0.54 -32.36
C SER A 6 -18.10 -0.71 -31.83
N GLY A 7 -18.33 -0.27 -30.60
CA GLY A 7 -19.64 -0.38 -29.99
C GLY A 7 -19.77 0.45 -28.73
N ILE A 8 -20.86 0.24 -28.00
CA ILE A 8 -21.10 0.97 -26.76
C ILE A 8 -20.98 0.06 -25.54
N ASP A 9 -19.99 0.31 -24.71
CA ASP A 9 -19.77 -0.48 -23.50
C ASP A 9 -19.14 0.36 -22.40
N LYS A 10 -19.77 0.37 -21.23
CA LYS A 10 -19.27 1.13 -20.10
C LYS A 10 -18.39 0.27 -19.20
N LYS A 11 -18.91 -0.90 -18.83
CA LYS A 11 -18.17 -1.83 -17.98
C LYS A 11 -18.85 -3.19 -17.95
N LEU A 12 -18.06 -4.23 -17.67
CA LEU A 12 -18.58 -5.59 -17.61
C LEU A 12 -18.21 -6.26 -16.29
N THR A 13 -19.21 -6.80 -15.61
CA THR A 13 -18.99 -7.47 -14.33
C THR A 13 -20.22 -8.26 -13.89
N THR A 14 -20.02 -9.24 -13.02
CA THR A 14 -21.12 -10.06 -12.52
C THR A 14 -22.08 -9.24 -11.68
N LEU A 15 -23.34 -9.19 -12.12
CA LEU A 15 -24.36 -8.44 -11.41
C LEU A 15 -24.61 -9.03 -10.02
N ALA A 16 -24.34 -8.25 -8.99
CA ALA A 16 -24.53 -8.69 -7.61
C ALA A 16 -24.89 -7.52 -6.71
N ASP A 17 -25.27 -7.83 -5.47
CA ASP A 17 -25.64 -6.81 -4.50
C ASP A 17 -24.41 -6.30 -3.75
N LEU A 18 -24.63 -5.34 -2.85
CA LEU A 18 -23.53 -4.77 -2.08
C LEU A 18 -23.62 -5.20 -0.62
N PHE A 19 -22.76 -6.13 -0.22
CA PHE A 19 -22.74 -6.62 1.15
C PHE A 19 -21.47 -6.18 1.87
N ARG A 20 -20.36 -6.16 1.15
CA ARG A 20 -19.08 -5.75 1.72
C ARG A 20 -18.62 -4.43 1.12
N PRO A 21 -17.99 -3.59 1.96
CA PRO A 21 -17.48 -2.28 1.54
C PRO A 21 -16.28 -2.39 0.60
N PRO A 22 -16.24 -1.52 -0.42
CA PRO A 22 -15.16 -1.50 -1.40
C PRO A 22 -13.85 -1.03 -0.81
N ILE A 23 -13.78 -0.97 0.52
CA ILE A 23 -12.58 -0.54 1.21
C ILE A 23 -11.32 -0.91 0.43
N ASP A 24 -11.29 -2.14 -0.08
CA ASP A 24 -10.15 -2.62 -0.85
C ASP A 24 -8.84 -2.16 -0.23
N LEU A 25 -8.74 -2.29 1.09
CA LEU A 25 -7.53 -1.89 1.81
C LEU A 25 -7.15 -0.45 1.46
N MET A 26 -8.14 0.43 1.40
CA MET A 26 -7.91 1.83 1.08
C MET A 26 -7.48 2.61 2.32
N HIS A 27 -6.60 3.58 2.15
CA HIS A 27 -6.12 4.40 3.25
C HIS A 27 -6.20 5.89 2.90
N LYS A 28 -5.89 6.73 3.88
CA LYS A 28 -5.93 8.18 3.68
C LYS A 28 -5.12 8.57 2.45
N GLY A 29 -5.80 9.10 1.43
CA GLY A 29 -5.14 9.51 0.22
C GLY A 29 -4.32 10.78 0.41
N SER A 30 -3.04 10.60 0.74
CA SER A 30 -2.14 11.74 0.96
C SER A 30 -0.69 11.32 0.77
N PHE A 31 0.04 12.09 -0.04
CA PHE A 31 1.44 11.80 -0.30
C PHE A 31 2.27 11.89 0.98
N GLU A 32 2.02 12.94 1.76
CA GLU A 32 2.74 13.15 3.02
C GLU A 32 2.39 12.06 4.03
N THR A 33 1.09 11.86 4.25
CA THR A 33 0.62 10.85 5.19
C THR A 33 1.19 9.49 4.87
N ALA A 34 0.95 9.03 3.64
CA ALA A 34 1.44 7.72 3.20
C ALA A 34 2.79 7.41 3.84
N LYS A 35 3.73 8.34 3.70
CA LYS A 35 5.07 8.17 4.26
C LYS A 35 5.04 8.29 5.78
N GLU A 36 4.36 9.32 6.28
CA GLU A 36 4.26 9.55 7.72
C GLU A 36 3.84 8.27 8.44
N CYS A 37 2.69 7.73 8.05
CA CYS A 37 2.16 6.52 8.67
C CYS A 37 3.27 5.52 8.92
N GLY A 38 4.07 5.25 7.89
CA GLY A 38 5.17 4.31 8.03
C GLY A 38 6.05 4.61 9.22
N GLN A 39 6.30 5.90 9.47
CA GLN A 39 7.14 6.31 10.58
C GLN A 39 6.47 5.96 11.92
N MET A 40 5.35 6.61 12.20
CA MET A 40 4.62 6.38 13.44
C MET A 40 4.29 4.89 13.60
N GLN A 41 3.61 4.33 12.60
CA GLN A 41 3.22 2.93 12.63
C GLN A 41 4.45 2.03 12.54
N ASN A 42 5.55 2.59 12.01
CA ASN A 42 6.78 1.83 11.85
C ASN A 42 6.59 0.65 10.91
N LYS A 43 5.97 0.91 9.76
CA LYS A 43 5.73 -0.12 8.77
C LYS A 43 6.14 0.34 7.38
N TRP A 44 6.45 -0.61 6.51
CA TRP A 44 6.87 -0.30 5.14
C TRP A 44 5.73 0.38 4.38
N LEU A 45 6.03 0.84 3.17
CA LEU A 45 5.03 1.50 2.33
C LEU A 45 4.87 0.78 1.00
N MET A 46 3.63 0.43 0.67
CA MET A 46 3.35 -0.27 -0.58
C MET A 46 2.45 0.59 -1.48
N ILE A 47 3.00 1.07 -2.58
CA ILE A 47 2.25 1.89 -3.52
C ILE A 47 1.96 1.14 -4.81
N ASN A 48 0.78 1.36 -5.38
CA ASN A 48 0.38 0.71 -6.61
C ASN A 48 -0.58 1.57 -7.41
N ILE A 49 -0.14 2.03 -8.58
CA ILE A 49 -0.97 2.87 -9.44
C ILE A 49 -1.94 2.03 -10.25
N GLN A 50 -3.23 2.23 -10.01
CA GLN A 50 -4.27 1.50 -10.73
C GLN A 50 -4.48 2.07 -12.13
N ASN A 51 -4.32 1.23 -13.14
CA ASN A 51 -4.50 1.65 -14.52
C ASN A 51 -5.97 1.79 -14.87
N VAL A 52 -6.32 2.89 -15.50
CA VAL A 52 -7.70 3.15 -15.89
C VAL A 52 -8.03 2.51 -17.24
N GLN A 53 -7.02 2.39 -18.09
CA GLN A 53 -7.19 1.79 -19.41
C GLN A 53 -6.75 0.33 -19.41
N ASP A 54 -5.61 0.06 -18.78
CA ASP A 54 -5.09 -1.29 -18.70
C ASP A 54 -5.74 -2.07 -17.57
N PHE A 55 -6.49 -3.11 -17.92
CA PHE A 55 -7.17 -3.93 -16.92
C PHE A 55 -6.20 -4.89 -16.25
N ALA A 56 -4.92 -4.73 -16.55
CA ALA A 56 -3.88 -5.58 -15.97
C ALA A 56 -4.02 -5.66 -14.45
N CYS A 57 -4.19 -4.51 -13.81
CA CYS A 57 -4.33 -4.46 -12.37
C CYS A 57 -5.51 -5.31 -11.90
N GLN A 58 -6.66 -5.11 -12.52
CA GLN A 58 -7.85 -5.87 -12.17
C GLN A 58 -7.52 -7.34 -11.93
N CYS A 59 -7.05 -8.01 -12.98
CA CYS A 59 -6.70 -9.42 -12.89
C CYS A 59 -6.12 -9.75 -11.52
N LEU A 60 -5.20 -8.91 -11.04
CA LEU A 60 -4.58 -9.10 -9.75
C LEU A 60 -5.60 -8.98 -8.62
N ASN A 61 -6.35 -7.88 -8.62
CA ASN A 61 -7.36 -7.64 -7.60
C ASN A 61 -8.29 -8.86 -7.47
N ARG A 62 -8.21 -9.76 -8.43
CA ARG A 62 -9.05 -10.95 -8.43
C ARG A 62 -8.58 -11.94 -7.35
N ASP A 63 -7.36 -12.42 -7.49
CA ASP A 63 -6.80 -13.37 -6.53
C ASP A 63 -5.56 -12.79 -5.85
N VAL A 64 -4.76 -12.06 -6.63
CA VAL A 64 -3.54 -11.46 -6.11
C VAL A 64 -3.82 -10.67 -4.83
N TRP A 65 -4.51 -9.53 -4.97
CA TRP A 65 -4.84 -8.70 -3.83
C TRP A 65 -5.99 -9.31 -3.03
N SER A 66 -7.02 -9.76 -3.73
CA SER A 66 -8.18 -10.36 -3.08
C SER A 66 -7.74 -11.28 -1.94
N ASN A 67 -6.63 -11.97 -2.14
CA ASN A 67 -6.11 -12.88 -1.13
C ASN A 67 -5.97 -12.18 0.22
N GLU A 68 -6.90 -12.49 1.14
CA GLU A 68 -6.89 -11.89 2.46
C GLU A 68 -5.47 -11.84 3.02
N ALA A 69 -4.79 -12.99 2.98
CA ALA A 69 -3.43 -13.08 3.49
C ALA A 69 -2.58 -11.91 3.00
N VAL A 70 -2.75 -11.56 1.72
CA VAL A 70 -1.99 -10.46 1.13
C VAL A 70 -2.42 -9.12 1.72
N LYS A 71 -3.72 -8.98 1.99
CA LYS A 71 -4.26 -7.75 2.54
C LYS A 71 -3.72 -7.52 3.96
N ASN A 72 -3.65 -8.59 4.74
CA ASN A 72 -3.16 -8.50 6.12
C ASN A 72 -1.68 -8.12 6.13
N ILE A 73 -0.97 -8.49 5.07
CA ILE A 73 0.45 -8.18 4.97
C ILE A 73 0.68 -6.76 4.46
N ILE A 74 -0.11 -6.36 3.47
CA ILE A 74 0.00 -5.03 2.90
C ILE A 74 -0.59 -3.98 3.83
N ARG A 75 -1.14 -4.43 4.95
CA ARG A 75 -1.74 -3.54 5.93
C ARG A 75 -0.90 -3.49 7.21
N GLU A 76 -0.31 -4.62 7.57
CA GLU A 76 0.52 -4.70 8.76
C GLU A 76 1.99 -4.45 8.43
N HIS A 77 2.52 -5.19 7.48
CA HIS A 77 3.91 -5.04 7.06
C HIS A 77 4.10 -3.78 6.24
N PHE A 78 3.15 -3.52 5.33
CA PHE A 78 3.22 -2.34 4.48
C PHE A 78 1.92 -1.53 4.57
N ILE A 79 1.91 -0.38 3.91
CA ILE A 79 0.74 0.49 3.92
C ILE A 79 0.08 0.53 2.55
N PHE A 80 -1.09 -0.08 2.45
CA PHE A 80 -1.83 -0.11 1.19
C PHE A 80 -2.16 1.30 0.71
N TRP A 81 -1.62 1.68 -0.44
CA TRP A 81 -1.87 3.01 -0.99
C TRP A 81 -2.03 2.94 -2.51
N GLN A 82 -3.27 3.10 -2.97
CA GLN A 82 -3.56 3.06 -4.40
C GLN A 82 -4.27 4.33 -4.85
N VAL A 83 -3.73 4.97 -5.88
CA VAL A 83 -4.32 6.20 -6.41
C VAL A 83 -4.22 6.24 -7.93
N TYR A 84 -5.33 6.61 -8.57
CA TYR A 84 -5.37 6.69 -10.03
C TYR A 84 -4.26 7.58 -10.56
N HIS A 85 -3.68 7.18 -11.68
CA HIS A 85 -2.59 7.94 -12.29
C HIS A 85 -3.08 9.32 -12.73
N ASP A 86 -4.24 9.37 -13.36
CA ASP A 86 -4.82 10.62 -13.82
C ASP A 86 -4.83 11.66 -12.70
N SER A 87 -5.26 11.24 -11.52
CA SER A 87 -5.31 12.13 -10.37
C SER A 87 -3.96 12.79 -10.12
N GLU A 88 -3.98 13.87 -9.33
CA GLU A 88 -2.74 14.59 -9.02
C GLU A 88 -1.71 13.67 -8.40
N GLU A 89 -2.06 13.06 -7.27
CA GLU A 89 -1.16 12.15 -6.58
C GLU A 89 -0.54 11.15 -7.54
N GLY A 90 -1.40 10.40 -8.24
CA GLY A 90 -0.92 9.42 -9.19
C GLY A 90 0.24 9.94 -10.02
N GLN A 91 -0.02 11.00 -10.79
CA GLN A 91 1.01 11.58 -11.64
C GLN A 91 2.35 11.64 -10.92
N ARG A 92 2.33 12.20 -9.70
CA ARG A 92 3.54 12.31 -8.90
C ARG A 92 4.32 11.00 -8.89
N TYR A 93 3.65 9.93 -8.47
CA TYR A 93 4.28 8.62 -8.42
C TYR A 93 5.07 8.32 -9.69
N ILE A 94 4.44 8.57 -10.83
CA ILE A 94 5.08 8.34 -12.12
C ILE A 94 6.46 9.00 -12.18
N GLN A 95 6.49 10.31 -12.04
CA GLN A 95 7.75 11.05 -12.07
C GLN A 95 8.72 10.53 -11.01
N PHE A 96 8.18 10.17 -9.84
CA PHE A 96 8.99 9.67 -8.76
C PHE A 96 9.99 8.62 -9.25
N TYR A 97 9.45 7.51 -9.77
CA TYR A 97 10.28 6.43 -10.28
C TYR A 97 10.29 6.42 -11.81
N LYS A 98 9.79 7.50 -12.40
CA LYS A 98 9.74 7.62 -13.85
C LYS A 98 9.07 6.41 -14.48
N LEU A 99 7.96 5.98 -13.89
CA LEU A 99 7.23 4.84 -14.38
C LEU A 99 6.85 5.02 -15.84
N GLY A 100 6.61 3.91 -16.54
CA GLY A 100 6.25 3.97 -17.95
C GLY A 100 5.39 2.80 -18.37
N ASP A 101 5.70 1.61 -17.85
CA ASP A 101 4.96 0.41 -18.18
C ASP A 101 4.09 -0.03 -17.01
N PHE A 102 3.31 -1.09 -17.23
CA PHE A 102 2.43 -1.61 -16.20
C PHE A 102 2.23 -3.12 -16.36
N PRO A 103 1.86 -3.79 -15.26
CA PRO A 103 1.65 -3.13 -13.96
C PRO A 103 2.96 -2.64 -13.35
N TYR A 104 2.84 -1.83 -12.29
CA TYR A 104 4.02 -1.29 -11.62
C TYR A 104 3.86 -1.39 -10.10
N VAL A 105 4.81 -2.07 -9.46
CA VAL A 105 4.78 -2.23 -8.01
C VAL A 105 6.18 -2.08 -7.41
N SER A 106 6.29 -1.23 -6.40
CA SER A 106 7.57 -0.98 -5.74
C SER A 106 7.37 -0.62 -4.28
N ILE A 107 8.34 -0.98 -3.44
CA ILE A 107 8.26 -0.70 -2.01
C ILE A 107 9.18 0.46 -1.64
N LEU A 108 8.58 1.53 -1.12
CA LEU A 108 9.34 2.70 -0.71
C LEU A 108 9.50 2.77 0.80
N ASP A 109 10.54 3.45 1.26
CA ASP A 109 10.80 3.58 2.69
C ASP A 109 10.22 4.88 3.23
N PRO A 110 9.34 4.75 4.24
CA PRO A 110 8.69 5.90 4.86
C PRO A 110 9.65 6.75 5.69
N ARG A 111 10.88 6.25 5.84
CA ARG A 111 11.90 6.95 6.59
C ARG A 111 12.79 7.78 5.68
N THR A 112 13.29 7.16 4.61
CA THR A 112 14.15 7.84 3.66
C THR A 112 13.38 8.21 2.40
N GLY A 113 12.46 7.35 2.00
CA GLY A 113 11.67 7.61 0.80
C GLY A 113 12.42 7.28 -0.47
N GLN A 114 13.22 6.21 -0.42
CA GLN A 114 13.99 5.79 -1.58
C GLN A 114 13.62 4.36 -1.99
N LYS A 115 13.41 4.15 -3.28
CA LYS A 115 13.06 2.84 -3.80
C LYS A 115 14.10 1.80 -3.40
N LEU A 116 13.68 0.79 -2.65
CA LEU A 116 14.58 -0.27 -2.21
C LEU A 116 14.47 -1.49 -3.12
N VAL A 117 13.24 -1.85 -3.48
CA VAL A 117 13.00 -3.00 -4.34
C VAL A 117 12.10 -2.62 -5.52
N GLU A 118 12.30 -3.29 -6.65
CA GLU A 118 11.51 -3.02 -7.84
C GLU A 118 11.03 -4.33 -8.47
N TRP A 119 9.73 -4.41 -8.73
CA TRP A 119 9.14 -5.61 -9.33
C TRP A 119 8.20 -5.24 -10.46
N HIS A 120 8.39 -5.85 -11.62
CA HIS A 120 7.56 -5.58 -12.79
C HIS A 120 6.29 -6.43 -12.75
N GLN A 121 6.47 -7.74 -12.59
CA GLN A 121 5.34 -8.66 -12.55
C GLN A 121 5.12 -9.18 -11.12
N LEU A 122 3.86 -9.42 -10.78
CA LEU A 122 3.52 -9.91 -9.45
C LEU A 122 2.37 -10.91 -9.52
N ASP A 123 2.25 -11.75 -8.50
CA ASP A 123 1.19 -12.75 -8.45
C ASP A 123 0.92 -13.18 -7.01
N VAL A 124 -0.18 -13.91 -6.81
CA VAL A 124 -0.54 -14.38 -5.48
C VAL A 124 0.67 -14.92 -4.74
N SER A 125 1.31 -15.92 -5.30
CA SER A 125 2.48 -16.53 -4.69
C SER A 125 3.70 -15.61 -4.82
N SER A 126 4.04 -15.27 -6.06
CA SER A 126 5.19 -14.41 -6.33
C SER A 126 5.29 -13.31 -5.27
N PHE A 127 4.21 -12.56 -5.09
CA PHE A 127 4.19 -11.47 -4.12
C PHE A 127 4.69 -11.96 -2.76
N LEU A 128 3.99 -12.93 -2.19
CA LEU A 128 4.35 -13.47 -0.89
C LEU A 128 5.81 -13.93 -0.88
N ASP A 129 6.16 -14.81 -1.82
CA ASP A 129 7.52 -15.32 -1.92
C ASP A 129 8.53 -14.19 -1.77
N GLN A 130 8.28 -13.08 -2.45
CA GLN A 130 9.18 -11.93 -2.39
C GLN A 130 9.09 -11.24 -1.03
N VAL A 131 7.88 -10.78 -0.69
CA VAL A 131 7.66 -10.10 0.59
C VAL A 131 8.30 -10.87 1.74
N THR A 132 7.83 -12.11 1.94
CA THR A 132 8.36 -12.95 3.01
C THR A 132 9.88 -12.89 3.07
N GLY A 133 10.51 -13.02 1.91
CA GLY A 133 11.96 -12.98 1.84
C GLY A 133 12.52 -11.64 2.27
N PHE A 134 11.91 -10.56 1.79
CA PHE A 134 12.35 -9.21 2.13
C PHE A 134 12.18 -8.94 3.62
N LEU A 135 10.96 -9.10 4.10
CA LEU A 135 10.66 -8.88 5.52
C LEU A 135 11.65 -9.60 6.42
N GLY A 136 11.90 -10.86 6.10
CA GLY A 136 12.84 -11.66 6.88
C GLY A 136 14.26 -11.14 6.76
N GLU A 137 14.65 -10.76 5.54
CA GLU A 137 16.01 -10.26 5.30
C GLU A 137 16.23 -8.93 6.03
N HIS A 138 15.42 -7.93 5.68
CA HIS A 138 15.54 -6.62 6.29
C HIS A 138 14.98 -6.63 7.72
N GLY A 139 13.68 -6.87 7.84
CA GLY A 139 13.04 -6.91 9.14
C GLY A 139 12.20 -5.67 9.40
N GLN A 140 11.43 -5.71 10.48
CA GLN A 140 10.58 -4.59 10.85
C GLN A 140 11.40 -3.32 11.06
N LEU A 141 10.80 -2.17 10.74
CA LEU A 141 11.48 -0.89 10.89
C LEU A 141 12.03 -0.73 12.30
N ASP A 142 12.98 0.18 12.46
CA ASP A 142 13.59 0.44 13.77
C ASP A 142 12.68 1.31 14.62
N GLY A 143 12.64 1.02 15.92
CA GLY A 143 11.79 1.78 16.83
C GLY A 143 10.78 0.92 17.55
N LEU A 144 10.87 0.88 18.87
CA LEU A 144 9.95 0.09 19.68
C LEU A 144 8.55 0.72 19.69
N SER A 145 7.55 -0.07 20.07
CA SER A 145 6.19 0.41 20.13
C SER A 145 5.35 -0.44 21.09
N SER A 146 4.66 0.24 22.01
CA SER A 146 3.83 -0.45 22.99
C SER A 146 2.65 -1.14 22.31
N SER A 147 2.26 -2.29 22.85
CA SER A 147 1.14 -3.05 22.31
C SER A 147 0.00 -3.13 23.31
N SER A 148 -1.21 -3.36 22.80
CA SER A 148 -2.39 -3.46 23.65
C SER A 148 -2.14 -4.41 24.81
N GLY A 149 -1.83 -5.66 24.50
CA GLY A 149 -1.57 -6.65 25.53
C GLY A 149 -1.97 -8.05 25.11
N PRO A 150 -1.26 -8.59 24.11
CA PRO A 150 -1.53 -9.93 23.59
C PRO A 150 -1.15 -11.03 24.58
N SER A 151 -0.69 -10.62 25.75
CA SER A 151 -0.29 -11.56 26.79
C SER A 151 -1.49 -12.31 27.35
N SER A 152 -1.50 -13.62 27.14
CA SER A 152 -2.61 -14.45 27.61
C SER A 152 -2.09 -15.79 28.16
N GLY A 153 -2.99 -16.59 28.70
CA GLY A 153 -2.61 -17.88 29.24
C GLY A 153 -3.66 -18.46 30.18
N GLY A 1 -55.56 27.76 43.09
CA GLY A 1 -55.28 27.57 41.67
C GLY A 1 -53.81 27.27 41.41
N SER A 2 -53.54 26.64 40.28
CA SER A 2 -52.17 26.28 39.92
C SER A 2 -52.01 26.19 38.40
N SER A 3 -50.77 26.06 37.95
CA SER A 3 -50.49 25.96 36.52
C SER A 3 -49.18 25.22 36.28
N GLY A 4 -49.16 24.37 35.26
CA GLY A 4 -47.97 23.60 34.94
C GLY A 4 -48.17 22.68 33.74
N SER A 5 -47.16 22.58 32.90
CA SER A 5 -47.22 21.74 31.71
C SER A 5 -45.83 21.45 31.16
N SER A 6 -45.73 20.44 30.30
CA SER A 6 -44.46 20.06 29.71
C SER A 6 -44.67 19.23 28.45
N GLY A 7 -43.57 18.89 27.79
CA GLY A 7 -43.66 18.08 26.57
C GLY A 7 -42.32 17.95 25.87
N ILE A 8 -41.36 17.35 26.54
CA ILE A 8 -40.03 17.15 25.97
C ILE A 8 -39.66 15.67 25.94
N ASP A 9 -39.11 15.24 24.81
CA ASP A 9 -38.70 13.85 24.64
C ASP A 9 -37.83 13.68 23.40
N LYS A 10 -37.34 12.46 23.19
CA LYS A 10 -36.50 12.17 22.04
C LYS A 10 -36.78 10.76 21.49
N LYS A 11 -36.58 10.59 20.20
CA LYS A 11 -36.81 9.29 19.57
C LYS A 11 -35.93 9.13 18.32
N LEU A 12 -35.52 7.90 18.05
CA LEU A 12 -34.69 7.62 16.89
C LEU A 12 -34.84 6.17 16.45
N THR A 13 -35.15 5.98 15.16
CA THR A 13 -35.33 4.64 14.61
C THR A 13 -34.74 4.54 13.21
N THR A 14 -33.73 3.69 13.05
CA THR A 14 -33.09 3.51 11.76
C THR A 14 -32.39 2.14 11.68
N LEU A 15 -32.29 1.62 10.47
CA LEU A 15 -31.65 0.32 10.25
C LEU A 15 -30.78 0.34 9.01
N ALA A 16 -29.58 -0.22 9.12
CA ALA A 16 -28.65 -0.27 7.99
C ALA A 16 -27.88 -1.59 7.97
N ASP A 17 -27.45 -2.00 6.78
CA ASP A 17 -26.71 -3.24 6.63
C ASP A 17 -25.33 -3.12 7.27
N LEU A 18 -24.48 -2.29 6.69
CA LEU A 18 -23.13 -2.09 7.20
C LEU A 18 -22.99 -0.72 7.86
N PHE A 19 -22.02 -0.60 8.77
CA PHE A 19 -21.79 0.65 9.47
C PHE A 19 -20.65 1.44 8.81
N ARG A 20 -19.53 0.77 8.59
CA ARG A 20 -18.36 1.39 7.97
C ARG A 20 -18.02 0.71 6.65
N PRO A 21 -17.58 1.53 5.67
CA PRO A 21 -17.21 1.03 4.35
C PRO A 21 -15.92 0.20 4.37
N PRO A 22 -15.61 -0.45 3.25
CA PRO A 22 -14.41 -1.29 3.12
C PRO A 22 -13.13 -0.46 3.11
N ILE A 23 -13.25 0.83 3.43
CA ILE A 23 -12.11 1.72 3.46
C ILE A 23 -11.01 1.18 4.37
N ASP A 24 -11.36 0.18 5.17
CA ASP A 24 -10.40 -0.43 6.08
C ASP A 24 -8.99 -0.43 5.48
N LEU A 25 -8.84 -1.12 4.34
CA LEU A 25 -7.56 -1.20 3.66
C LEU A 25 -7.13 0.17 3.16
N MET A 26 -8.02 0.83 2.43
CA MET A 26 -7.73 2.16 1.89
C MET A 26 -7.42 3.16 3.00
N HIS A 27 -6.17 3.62 3.05
CA HIS A 27 -5.75 4.58 4.06
C HIS A 27 -6.00 6.01 3.60
N LYS A 28 -6.99 6.66 4.21
CA LYS A 28 -7.32 8.04 3.86
C LYS A 28 -6.12 8.96 4.05
N GLY A 29 -6.14 10.10 3.36
CA GLY A 29 -5.05 11.04 3.47
C GLY A 29 -4.50 11.44 2.12
N SER A 30 -3.18 11.62 2.04
CA SER A 30 -2.53 12.01 0.80
C SER A 30 -1.22 11.23 0.60
N PHE A 31 -0.58 11.45 -0.54
CA PHE A 31 0.67 10.77 -0.85
C PHE A 31 1.73 11.06 0.20
N GLU A 32 1.90 12.34 0.52
CA GLU A 32 2.88 12.76 1.53
C GLU A 32 2.69 11.98 2.83
N THR A 33 1.44 11.80 3.22
CA THR A 33 1.12 11.07 4.44
C THR A 33 1.70 9.66 4.42
N ALA A 34 1.39 8.92 3.37
CA ALA A 34 1.89 7.55 3.22
C ALA A 34 3.32 7.43 3.73
N LYS A 35 4.08 8.52 3.62
CA LYS A 35 5.46 8.54 4.08
C LYS A 35 5.54 8.72 5.59
N GLU A 36 4.83 9.73 6.10
CA GLU A 36 4.81 10.00 7.53
C GLU A 36 4.24 8.83 8.30
N CYS A 37 3.11 8.31 7.83
CA CYS A 37 2.45 7.17 8.49
C CYS A 37 3.45 6.03 8.73
N GLY A 38 4.16 5.64 7.67
CA GLY A 38 5.12 4.57 7.79
C GLY A 38 5.98 4.69 9.04
N GLN A 39 6.35 5.93 9.37
CA GLN A 39 7.18 6.18 10.54
C GLN A 39 6.41 5.88 11.84
N MET A 40 5.38 6.68 12.09
CA MET A 40 4.57 6.51 13.29
C MET A 40 4.25 5.03 13.52
N GLN A 41 3.71 4.38 12.50
CA GLN A 41 3.37 2.97 12.59
C GLN A 41 4.60 2.09 12.43
N ASN A 42 5.65 2.67 11.84
CA ASN A 42 6.89 1.93 11.63
C ASN A 42 6.67 0.76 10.68
N LYS A 43 5.95 1.00 9.60
CA LYS A 43 5.66 -0.04 8.62
C LYS A 43 6.13 0.38 7.23
N TRP A 44 6.36 -0.60 6.36
CA TRP A 44 6.80 -0.33 5.00
C TRP A 44 5.71 0.38 4.20
N LEU A 45 6.06 0.86 3.01
CA LEU A 45 5.10 1.54 2.15
C LEU A 45 4.93 0.80 0.82
N MET A 46 3.71 0.33 0.58
CA MET A 46 3.41 -0.39 -0.65
C MET A 46 2.42 0.38 -1.51
N ILE A 47 2.87 0.81 -2.68
CA ILE A 47 2.02 1.56 -3.60
C ILE A 47 1.73 0.77 -4.87
N ASN A 48 0.52 0.92 -5.40
CA ASN A 48 0.14 0.21 -6.62
C ASN A 48 -0.68 1.13 -7.54
N ILE A 49 -0.09 1.49 -8.67
CA ILE A 49 -0.75 2.36 -9.64
C ILE A 49 -1.65 1.56 -10.56
N GLN A 50 -2.96 1.76 -10.43
CA GLN A 50 -3.93 1.06 -11.26
C GLN A 50 -4.09 1.74 -12.62
N ASN A 51 -4.68 1.03 -13.57
CA ASN A 51 -4.89 1.58 -14.90
C ASN A 51 -6.37 1.52 -15.29
N VAL A 52 -6.83 2.54 -16.00
CA VAL A 52 -8.22 2.60 -16.43
C VAL A 52 -8.42 1.89 -17.77
N GLN A 53 -7.34 1.76 -18.53
CA GLN A 53 -7.39 1.10 -19.83
C GLN A 53 -7.00 -0.36 -19.71
N ASP A 54 -5.77 -0.61 -19.29
CA ASP A 54 -5.28 -1.98 -19.14
C ASP A 54 -6.19 -2.79 -18.23
N PHE A 55 -6.31 -4.08 -18.51
CA PHE A 55 -7.16 -4.97 -17.73
C PHE A 55 -6.33 -5.77 -16.73
N ALA A 56 -5.09 -6.05 -17.08
CA ALA A 56 -4.20 -6.81 -16.22
C ALA A 56 -4.41 -6.43 -14.76
N CYS A 57 -4.33 -5.14 -14.46
CA CYS A 57 -4.51 -4.65 -13.10
C CYS A 57 -5.72 -5.31 -12.45
N GLN A 58 -6.85 -5.29 -13.15
CA GLN A 58 -8.09 -5.88 -12.64
C GLN A 58 -7.88 -7.34 -12.26
N CYS A 59 -7.66 -8.18 -13.25
CA CYS A 59 -7.44 -9.61 -13.02
C CYS A 59 -6.51 -9.83 -11.83
N LEU A 60 -5.47 -9.00 -11.74
CA LEU A 60 -4.51 -9.10 -10.65
C LEU A 60 -5.20 -8.93 -9.30
N ASN A 61 -5.70 -7.72 -9.04
CA ASN A 61 -6.38 -7.43 -7.78
C ASN A 61 -7.50 -8.42 -7.53
N ARG A 62 -7.92 -9.12 -8.59
CA ARG A 62 -9.00 -10.11 -8.47
C ARG A 62 -8.79 -11.00 -7.26
N ASP A 63 -7.69 -11.74 -7.25
CA ASP A 63 -7.37 -12.64 -6.15
C ASP A 63 -6.07 -12.23 -5.47
N VAL A 64 -5.11 -11.77 -6.27
CA VAL A 64 -3.82 -11.35 -5.74
C VAL A 64 -3.99 -10.34 -4.61
N TRP A 65 -4.45 -9.14 -4.96
CA TRP A 65 -4.67 -8.10 -3.97
C TRP A 65 -6.02 -8.27 -3.26
N SER A 66 -6.58 -9.47 -3.38
CA SER A 66 -7.86 -9.76 -2.75
C SER A 66 -7.70 -10.76 -1.61
N ASN A 67 -6.73 -11.66 -1.76
CA ASN A 67 -6.46 -12.67 -0.75
C ASN A 67 -6.19 -12.03 0.61
N GLU A 68 -7.17 -12.14 1.51
CA GLU A 68 -7.04 -11.57 2.85
C GLU A 68 -5.59 -11.65 3.33
N ALA A 69 -5.02 -12.84 3.26
CA ALA A 69 -3.63 -13.03 3.70
C ALA A 69 -2.74 -11.92 3.19
N VAL A 70 -2.85 -11.61 1.90
CA VAL A 70 -2.04 -10.56 1.29
C VAL A 70 -2.44 -9.18 1.81
N LYS A 71 -3.73 -9.03 2.13
CA LYS A 71 -4.25 -7.77 2.64
C LYS A 71 -3.70 -7.48 4.03
N ASN A 72 -3.89 -8.42 4.94
CA ASN A 72 -3.42 -8.26 6.32
C ASN A 72 -1.92 -7.96 6.34
N ILE A 73 -1.21 -8.45 5.33
CA ILE A 73 0.23 -8.23 5.24
C ILE A 73 0.54 -6.86 4.65
N ILE A 74 -0.17 -6.50 3.59
CA ILE A 74 0.03 -5.22 2.93
C ILE A 74 -0.51 -4.08 3.79
N ARG A 75 -1.37 -4.42 4.75
CA ARG A 75 -1.96 -3.43 5.64
C ARG A 75 -1.19 -3.34 6.95
N GLU A 76 -0.69 -4.48 7.41
CA GLU A 76 0.06 -4.53 8.66
C GLU A 76 1.54 -4.23 8.42
N HIS A 77 2.19 -5.10 7.64
CA HIS A 77 3.61 -4.93 7.33
C HIS A 77 3.82 -3.70 6.44
N PHE A 78 2.87 -3.45 5.54
CA PHE A 78 2.96 -2.32 4.64
C PHE A 78 1.72 -1.44 4.74
N ILE A 79 1.73 -0.32 4.03
CA ILE A 79 0.61 0.61 4.04
C ILE A 79 -0.15 0.58 2.72
N PHE A 80 -1.34 -0.04 2.73
CA PHE A 80 -2.15 -0.14 1.54
C PHE A 80 -2.50 1.24 0.99
N TRP A 81 -1.93 1.57 -0.17
CA TRP A 81 -2.18 2.86 -0.80
C TRP A 81 -2.31 2.72 -2.30
N GLN A 82 -3.54 2.85 -2.80
CA GLN A 82 -3.80 2.73 -4.23
C GLN A 82 -4.44 4.01 -4.77
N VAL A 83 -3.77 4.62 -5.75
CA VAL A 83 -4.27 5.84 -6.36
C VAL A 83 -4.10 5.82 -7.87
N TYR A 84 -5.14 6.21 -8.59
CA TYR A 84 -5.12 6.22 -10.05
C TYR A 84 -4.14 7.28 -10.56
N HIS A 85 -3.43 6.95 -11.64
CA HIS A 85 -2.46 7.86 -12.24
C HIS A 85 -3.12 9.19 -12.61
N ASP A 86 -4.23 9.09 -13.35
CA ASP A 86 -4.95 10.28 -13.78
C ASP A 86 -5.05 11.30 -12.66
N SER A 87 -5.31 10.81 -11.44
CA SER A 87 -5.43 11.68 -10.28
C SER A 87 -4.21 12.60 -10.15
N GLU A 88 -4.29 13.56 -9.24
CA GLU A 88 -3.20 14.49 -9.02
C GLU A 88 -2.03 13.82 -8.30
N GLU A 89 -2.35 13.02 -7.30
CA GLU A 89 -1.34 12.31 -6.52
C GLU A 89 -0.74 11.17 -7.34
N GLY A 90 -1.52 10.65 -8.28
CA GLY A 90 -1.06 9.55 -9.12
C GLY A 90 0.01 9.98 -10.09
N GLN A 91 -0.13 11.19 -10.62
CA GLN A 91 0.84 11.72 -11.58
C GLN A 91 2.20 11.93 -10.92
N ARG A 92 2.22 12.74 -9.86
CA ARG A 92 3.45 13.03 -9.15
C ARG A 92 4.35 11.78 -9.09
N TYR A 93 3.86 10.73 -8.44
CA TYR A 93 4.62 9.49 -8.32
C TYR A 93 5.42 9.21 -9.59
N ILE A 94 4.75 9.30 -10.73
CA ILE A 94 5.39 9.06 -12.01
C ILE A 94 6.75 9.75 -12.09
N GLN A 95 6.74 11.07 -11.95
CA GLN A 95 7.98 11.85 -12.00
C GLN A 95 9.00 11.31 -11.01
N PHE A 96 8.52 10.91 -9.83
CA PHE A 96 9.40 10.38 -8.79
C PHE A 96 10.47 9.48 -9.40
N TYR A 97 10.05 8.34 -9.95
CA TYR A 97 10.97 7.39 -10.56
C TYR A 97 10.79 7.36 -12.08
N LYS A 98 10.09 8.35 -12.61
CA LYS A 98 9.84 8.43 -14.04
C LYS A 98 9.14 7.18 -14.55
N LEU A 99 8.13 6.73 -13.81
CA LEU A 99 7.38 5.54 -14.18
C LEU A 99 6.70 5.73 -15.54
N GLY A 100 6.43 4.62 -16.21
CA GLY A 100 5.80 4.68 -17.52
C GLY A 100 5.37 3.31 -18.02
N ASP A 101 4.85 2.49 -17.11
CA ASP A 101 4.40 1.14 -17.47
C ASP A 101 3.51 0.56 -16.37
N PHE A 102 2.87 -0.56 -16.68
CA PHE A 102 1.98 -1.22 -15.72
C PHE A 102 1.74 -2.67 -16.12
N PRO A 103 1.46 -3.52 -15.12
CA PRO A 103 1.38 -3.10 -13.72
C PRO A 103 2.74 -2.73 -13.15
N TYR A 104 2.76 -1.84 -12.17
CA TYR A 104 3.99 -1.40 -11.54
C TYR A 104 3.86 -1.37 -10.03
N VAL A 105 4.72 -2.12 -9.34
CA VAL A 105 4.70 -2.18 -7.88
C VAL A 105 6.11 -2.25 -7.32
N SER A 106 6.36 -1.48 -6.26
CA SER A 106 7.68 -1.45 -5.62
C SER A 106 7.56 -1.00 -4.18
N ILE A 107 8.56 -1.36 -3.37
CA ILE A 107 8.58 -0.99 -1.97
C ILE A 107 9.42 0.26 -1.73
N LEU A 108 8.80 1.30 -1.19
CA LEU A 108 9.50 2.55 -0.92
C LEU A 108 9.76 2.71 0.57
N ASP A 109 10.81 3.47 0.91
CA ASP A 109 11.17 3.70 2.30
C ASP A 109 10.55 4.99 2.81
N PRO A 110 9.63 4.87 3.77
CA PRO A 110 8.93 6.02 4.36
C PRO A 110 9.86 6.87 5.24
N ARG A 111 11.06 6.34 5.48
CA ARG A 111 12.04 7.05 6.31
C ARG A 111 13.02 7.83 5.44
N THR A 112 13.90 7.11 4.75
CA THR A 112 14.89 7.73 3.89
C THR A 112 14.26 8.21 2.58
N GLY A 113 13.29 7.46 2.10
CA GLY A 113 12.61 7.83 0.86
C GLY A 113 13.21 7.15 -0.36
N GLN A 114 14.27 6.37 -0.13
CA GLN A 114 14.94 5.66 -1.21
C GLN A 114 14.21 4.36 -1.54
N LYS A 115 14.32 3.92 -2.79
CA LYS A 115 13.68 2.69 -3.23
C LYS A 115 14.44 1.47 -2.72
N LEU A 116 13.74 0.60 -2.00
CA LEU A 116 14.33 -0.61 -1.46
C LEU A 116 14.35 -1.73 -2.50
N VAL A 117 13.22 -1.92 -3.17
CA VAL A 117 13.12 -2.95 -4.19
C VAL A 117 12.16 -2.52 -5.30
N GLU A 118 12.17 -3.27 -6.40
CA GLU A 118 11.31 -2.97 -7.54
C GLU A 118 10.81 -4.24 -8.20
N TRP A 119 9.48 -4.37 -8.31
CA TRP A 119 8.88 -5.54 -8.92
C TRP A 119 7.91 -5.15 -10.03
N HIS A 120 8.01 -5.83 -11.17
CA HIS A 120 7.14 -5.53 -12.31
C HIS A 120 5.94 -6.47 -12.32
N GLN A 121 6.19 -7.75 -12.10
CA GLN A 121 5.13 -8.75 -12.08
C GLN A 121 5.03 -9.43 -10.72
N LEU A 122 3.81 -9.75 -10.31
CA LEU A 122 3.58 -10.40 -9.02
C LEU A 122 2.45 -11.42 -9.13
N ASP A 123 2.42 -12.35 -8.17
CA ASP A 123 1.39 -13.39 -8.16
C ASP A 123 1.00 -13.75 -6.72
N VAL A 124 -0.11 -14.45 -6.58
CA VAL A 124 -0.58 -14.87 -5.26
C VAL A 124 0.47 -15.66 -4.51
N SER A 125 1.12 -16.58 -5.22
CA SER A 125 2.16 -17.41 -4.62
C SER A 125 3.48 -16.65 -4.52
N SER A 126 3.95 -16.15 -5.66
CA SER A 126 5.19 -15.41 -5.72
C SER A 126 5.20 -14.27 -4.70
N PHE A 127 4.25 -13.34 -4.86
CA PHE A 127 4.15 -12.21 -3.96
C PHE A 127 4.26 -12.65 -2.51
N LEU A 128 3.42 -13.61 -2.12
CA LEU A 128 3.42 -14.12 -0.76
C LEU A 128 4.81 -14.62 -0.36
N ASP A 129 5.62 -14.97 -1.37
CA ASP A 129 6.96 -15.46 -1.13
C ASP A 129 7.95 -14.30 -1.03
N GLN A 130 8.03 -13.50 -2.07
CA GLN A 130 8.94 -12.36 -2.11
C GLN A 130 8.70 -11.44 -0.91
N VAL A 131 7.44 -11.30 -0.52
CA VAL A 131 7.08 -10.47 0.61
C VAL A 131 7.59 -11.04 1.92
N THR A 132 7.14 -12.25 2.24
CA THR A 132 7.56 -12.92 3.47
C THR A 132 9.07 -12.96 3.59
N GLY A 133 9.73 -13.39 2.52
CA GLY A 133 11.18 -13.47 2.52
C GLY A 133 11.84 -12.11 2.66
N PHE A 134 11.31 -11.11 1.95
CA PHE A 134 11.85 -9.76 1.99
C PHE A 134 11.78 -9.21 3.41
N LEU A 135 10.67 -9.48 4.09
CA LEU A 135 10.48 -9.00 5.46
C LEU A 135 11.59 -9.50 6.38
N GLY A 136 11.91 -10.80 6.27
CA GLY A 136 12.95 -11.38 7.08
C GLY A 136 14.32 -10.83 6.75
N GLU A 137 14.73 -10.97 5.49
CA GLU A 137 16.03 -10.48 5.06
C GLU A 137 16.30 -9.08 5.59
N HIS A 138 15.31 -8.20 5.46
CA HIS A 138 15.44 -6.83 5.93
C HIS A 138 15.02 -6.72 7.39
N GLY A 139 13.74 -6.95 7.64
CA GLY A 139 13.22 -6.87 9.00
C GLY A 139 12.43 -5.59 9.25
N GLN A 140 11.51 -5.65 10.20
CA GLN A 140 10.68 -4.50 10.53
C GLN A 140 11.55 -3.28 10.84
N LEU A 141 10.97 -2.10 10.68
CA LEU A 141 11.69 -0.86 10.94
C LEU A 141 12.26 -0.86 12.36
N ASP A 142 11.39 -0.93 13.35
CA ASP A 142 11.81 -0.94 14.74
C ASP A 142 13.11 -1.73 14.92
N GLY A 143 13.14 -2.93 14.34
CA GLY A 143 14.32 -3.77 14.44
C GLY A 143 15.60 -2.99 14.26
N LEU A 144 16.67 -3.43 14.92
CA LEU A 144 17.96 -2.76 14.84
C LEU A 144 18.69 -3.16 13.56
N SER A 145 18.77 -4.46 13.31
CA SER A 145 19.44 -4.97 12.12
C SER A 145 18.89 -4.32 10.86
N SER A 146 19.70 -3.49 10.21
CA SER A 146 19.28 -2.79 9.00
C SER A 146 20.32 -2.97 7.89
N SER A 147 19.85 -3.04 6.65
CA SER A 147 20.74 -3.20 5.51
C SER A 147 21.77 -2.07 5.45
N SER A 148 21.28 -0.84 5.31
CA SER A 148 22.15 0.32 5.24
C SER A 148 21.61 1.46 6.12
N GLY A 149 22.52 2.17 6.78
CA GLY A 149 22.12 3.26 7.64
C GLY A 149 21.98 2.85 9.09
N PRO A 150 22.68 3.56 9.98
CA PRO A 150 22.65 3.28 11.43
C PRO A 150 21.30 3.62 12.05
N SER A 151 20.80 2.72 12.89
CA SER A 151 19.51 2.93 13.56
C SER A 151 19.71 3.61 14.92
N SER A 152 19.04 4.74 15.11
CA SER A 152 19.15 5.49 16.36
C SER A 152 18.37 4.78 17.48
N GLY A 153 19.10 4.32 18.48
CA GLY A 153 18.47 3.64 19.60
C GLY A 153 19.41 3.44 20.77
#